data_9IKG
#
_entry.id   9IKG
#
_cell.length_a   182.700
_cell.length_b   205.100
_cell.length_c   177.600
_cell.angle_alpha   90.00
_cell.angle_beta   90.00
_cell.angle_gamma   90.00
#
_symmetry.space_group_name_H-M   'P 21 21 21'
#
loop_
_entity.id
_entity.type
_entity.pdbx_description
1 polymer 'Cytochrome c oxidase subunit 1'
2 polymer 'Cytochrome c oxidase subunit 2'
3 polymer 'Cytochrome c oxidase subunit 3'
4 polymer 'Cytochrome c oxidase subunit 4 isoform 1, mitochondrial'
5 polymer 'Cytochrome c oxidase subunit 5A'
6 polymer 'Cytochrome c oxidase subunit 5B, mitochondrial'
7 polymer 'Cytochrome c oxidase subunit 6A2, mitochondrial'
8 polymer 'Cytochrome c oxidase subunit 6B1'
9 polymer 'Cytochrome c oxidase subunit 6C'
10 polymer 'Cytochrome c oxidase subunit 7A1'
11 polymer 'Cytochrome c oxidase subunit 7B, mitochondrial'
12 polymer 'Cytochrome c oxidase subunit 7C, mitochondrial'
13 polymer 'Cytochrome c oxidase subunit 8B, mitochondrial'
14 non-polymer HEME-A
15 non-polymer 'COPPER (II) ION'
16 non-polymer 'MAGNESIUM ION'
17 non-polymer 'SODIUM ION'
18 non-polymer 'CARBON DIOXIDE'
19 non-polymer EICOSANE
20 non-polymer DECYL-BETA-D-MALTOPYRANOSIDE
21 non-polymer 1,2-ETHANEDIOL
22 non-polymer '(1R)-2-{[{[(2S)-2,3-DIHYDROXYPROPYL]OXY}(HYDROXY)PHOSPHORYL]OXY}-1-[(PALMITOYLOXY)METHYL]ETHYL (11E)-OCTADEC-11-ENOATE'
23 non-polymer 'DINUCLEAR COPPER ION'
24 non-polymer 'CHOLIC ACID'
25 non-polymer 'UNKNOWN ATOM OR ION'
26 non-polymer CARDIOLIPIN
27 non-polymer 'ZINC ION'
28 non-polymer '(1S)-2-{[(2-AMINOETHOXY)(HYDROXY)PHOSPHORYL]OXY}-1-[(STEAROYLOXY)METHYL]ETHYL (5E,8E,11E,14E)-ICOSA-5,8,11,14-TETRAENOATE'
29 water water
#
loop_
_entity_poly.entity_id
_entity_poly.type
_entity_poly.pdbx_seq_one_letter_code
_entity_poly.pdbx_strand_id
1 'polypeptide(L)'
;(FME)FINRWLFSTNHKDIGTLYLLFGAWAGMVGTALSLLIRAELGQPGTLLGDDQIYNVVVTAHAFVMIFFMVMPIMIG
GFGNWLVPLMIGAPDMAFPRMNNMSFWLLPPSFLLLLASSMVEAGAGTGWTVYPPLAGNLAHAGASVDLTIFSLHLAGVS
SILGAINFITTIINMKPPAMSQYQTPLFVWSVMITAVLLLLSLPVLAAGITMLLTDRNLNTTFFDPAGGGDPILYQHLFW
FFGHPEVYILILPGFGMISHIVTYYSGKKEPFGYMGMVWAMMSIGFLGFIVWAHHMFTVGMDVDTRAYFTSATMIIAIPT
GVKVFSWLATLHGGNIKWSPAMMWALGFIFLFTVGGLTGIVLANSSLDIVLHDTYYVVAHFHYVLSMGAVFAIMGGFVHW
FPLFSGYTLNDTWAKIHFAIMFVGVNMTFFPQHFLGLSGMPRRYSDYPDAYTMWNTISSMGSFISLTAVMLMVFIIWEAF
ASKREVLTVDLTTTNLEWLNGCPPPYHTFEEPTYVNLK
;
A,N
2 'polypeptide(L)'
;(FME)AYPMQLGFQDATSPIMEELLHFHDHTLMIVFLISSLVLYIISLMLTTKLTHTSTMDAQEVETIWTILPAIILILI
ALPSLRILYMMDEINNPSLTVKTMGHQWYWSYEYTDYEDLSFDSYMIPTSELKPGELRLLEVDNRVVLPMEMTIRMLVSS
EDVLHSWAVPSLGLKTDAIPGRLNQTTLMSSRPGLYYGQCSEICGSNHSFMPIVLELVPLKYFEKWSASML
;
B,O
3 'polypeptide(L)'
;MTHQTHAYHMVNPSPWPLTGALSALLMTSGLTMWFHFNSMTLLMIGLTTNMLTMYQWWRDVIRESTFQGHHTPAVQKGLR
YGMILFIISEVLFFTGFFWAFYHSSLAPTPELGGCWPPTGIHPLNPLEVPLLNTSVLLASGVSITWAHHSLMEGDRKHML
QALFITITLGVYFTLLQASEYYEAPFTISDGVYGSTFFVATGFHGLHVIIGSTFLIVCFFRQLKFHFTSNHHFGFEAAAW
YWHFVDVVWLFLYVSIYWWGS
;
C,P
4 'polypeptide(L)'
;AHGSVVKSEDYALPSYVDRRDYPLPDVAHVKNLSASQKALKEKEKASWSSLSIDEKVELYRLKFKESFAEMNRSTNEWKT
VVGAAMFFIGFTALLLIWEKHYVYGPIPHTFEEEWVAKQTKRMLDMKVAPIQGFSAKWDYDKNEWKK
;
D,Q
5 'polypeptide(L)'
;SHGSHETDEEFDARWVTYFNKPDIDAWELRKGMNTLVGYDLVPEPKIIDAALRACRRLNDFASAVRILEVVKDKAGPHKE
IYPYVIQELRPTLNELGISTPEELGLDKV
;
E,R
6 'polypeptide(L)'
;ASGGGVPTDEEQATGLEREVMLAARKGQDPYNILAPKATSGTKEDPNLVPSITNKRIVGCICEEDNSTVIWFWLHKGEAQ
RCPSCGTHYKLVPHQLAH
;
F,S
7 'polypeptide(L)'
;ASAAKGDHGGTGARTWRFLTFGLALPSVALCTLNSWLHSGHRERPAFIPYHHLRIRTKPFSWGDGNHTFFHNPRVNPLPT
GYEKP
;
G,T
8 'polypeptide(L)'
;AEDIQAKIKNYQTAPFDSRFPNQNQTRNCWQNYLDFHRCEKAMTAKGGDVSVCEWYRRVYKSLCPISWVSTWDDRRAEGT
FPGKI
;
H,U
9 'polypeptide(L)' STALAKPQMRGLLARRLRFHIVGAFMVSLGFATFYKFAVAEKRKKAYADFYRNYDSMKDFEEMRKAGIFQSAK I,V
10 'polypeptide(L)' FENRVAEKQKLFQEDNGLPVHLKGGATDNILYRVTMTLCLGGTLYSLYCLGWASFPHKK J,W
11 'polypeptide(L)' IHQKRAPDFHDKYGNAVLASGATFCVAVWVYMATQIGIEWNPSPVGRVTPKEWREQ K,X
12 'polypeptide(L)' SHYEEGPGKNIPFSVENKWRLLAMMTLFFGSGFAAPFFIVRHQLLKK L,Y
13 'polypeptide(L)' ITAKPAKTPTSPKEQAIGLSVTFLSFLLPAGWVLYHLDNYKKSSAA M,Z
#
# COMPACT_ATOMS: atom_id res chain seq x y z
N PHE A 2 -32.81 41.70 0.49
CA PHE A 2 -32.81 40.91 1.70
C PHE A 2 -32.56 39.43 1.39
N ILE A 3 -33.29 38.88 0.42
CA ILE A 3 -33.13 37.45 0.01
C ILE A 3 -31.72 37.26 -0.54
N ASN A 4 -31.23 38.15 -1.42
CA ASN A 4 -29.87 37.99 -2.00
C ASN A 4 -28.84 37.94 -0.87
N ARG A 5 -29.01 38.80 0.14
CA ARG A 5 -28.04 38.94 1.24
C ARG A 5 -28.11 37.76 2.23
N TRP A 6 -29.30 37.32 2.63
CA TRP A 6 -29.42 36.43 3.81
C TRP A 6 -29.78 34.99 3.45
N LEU A 7 -30.33 34.76 2.25
CA LEU A 7 -30.68 33.40 1.76
C LEU A 7 -29.64 32.94 0.72
N PHE A 8 -29.00 33.87 -0.01
CA PHE A 8 -28.06 33.57 -1.14
C PHE A 8 -26.63 34.01 -0.77
N SER A 9 -26.32 34.13 0.53
CA SER A 9 -25.01 34.67 0.97
C SER A 9 -23.85 33.88 0.36
N THR A 10 -22.78 34.61 0.03
CA THR A 10 -21.40 34.08 -0.19
C THR A 10 -20.40 34.87 0.68
N ASN A 11 -20.83 35.33 1.85
CA ASN A 11 -20.01 36.22 2.69
C ASN A 11 -19.77 35.54 4.04
N HIS A 12 -18.49 35.37 4.42
CA HIS A 12 -18.15 34.64 5.67
C HIS A 12 -18.76 35.30 6.91
N LYS A 13 -18.86 36.63 6.96
CA LYS A 13 -19.41 37.35 8.14
C LYS A 13 -20.92 37.09 8.26
N ASP A 14 -21.66 37.29 7.19
CA ASP A 14 -23.13 37.13 7.23
C ASP A 14 -23.45 35.67 7.53
N ILE A 15 -22.68 34.72 6.97
CA ILE A 15 -22.94 33.27 7.26
C ILE A 15 -22.60 32.99 8.76
N GLY A 16 -21.50 33.53 9.26
CA GLY A 16 -21.20 33.47 10.69
C GLY A 16 -22.37 33.98 11.53
N THR A 17 -22.93 35.12 11.13
CA THR A 17 -24.10 35.70 11.85
C THR A 17 -25.30 34.74 11.79
N LEU A 18 -25.59 34.15 10.64
CA LEU A 18 -26.67 33.15 10.51
C LEU A 18 -26.43 32.00 11.50
N TYR A 19 -25.20 31.49 11.57
CA TYR A 19 -24.86 30.38 12.50
C TYR A 19 -25.07 30.78 13.97
N LEU A 20 -24.65 31.99 14.35
CA LEU A 20 -24.81 32.46 15.76
C LEU A 20 -26.32 32.56 16.09
N LEU A 21 -27.13 33.10 15.19
CA LEU A 21 -28.60 33.21 15.42
C LEU A 21 -29.22 31.81 15.56
N PHE A 22 -28.85 30.90 14.67
CA PHE A 22 -29.32 29.49 14.68
C PHE A 22 -28.92 28.83 16.01
N GLY A 23 -27.65 28.96 16.36
CA GLY A 23 -27.15 28.31 17.59
C GLY A 23 -27.79 28.87 18.85
N ALA A 24 -28.07 30.17 18.88
CA ALA A 24 -28.72 30.80 20.06
C ALA A 24 -30.15 30.25 20.20
N TRP A 25 -30.89 30.14 19.08
CA TRP A 25 -32.26 29.59 19.03
C TRP A 25 -32.22 28.12 19.48
N ALA A 26 -31.26 27.34 18.95
CA ALA A 26 -31.04 25.94 19.37
C ALA A 26 -30.78 25.88 20.89
N GLY A 27 -29.96 26.79 21.42
CA GLY A 27 -29.66 26.80 22.87
C GLY A 27 -30.93 26.98 23.69
N MET A 28 -31.90 27.76 23.19
CA MET A 28 -33.17 27.92 23.93
C MET A 28 -33.92 26.57 23.93
N VAL A 29 -33.96 25.87 22.80
CA VAL A 29 -34.63 24.55 22.72
C VAL A 29 -33.93 23.58 23.67
N GLY A 30 -32.61 23.54 23.60
CA GLY A 30 -31.85 22.56 24.42
C GLY A 30 -32.01 22.86 25.90
N THR A 31 -32.06 24.13 26.27
CA THR A 31 -32.28 24.56 27.67
C THR A 31 -33.68 24.11 28.15
N ALA A 32 -34.74 24.36 27.37
CA ALA A 32 -36.10 23.94 27.71
C ALA A 32 -36.11 22.41 27.95
N LEU A 33 -35.47 21.64 27.06
CA LEU A 33 -35.43 20.18 27.19
C LEU A 33 -34.75 19.83 28.53
N SER A 34 -33.65 20.52 28.86
CA SER A 34 -32.86 20.28 30.10
C SER A 34 -33.72 20.56 31.33
N LEU A 35 -34.56 21.60 31.27
CA LEU A 35 -35.41 21.98 32.41
C LEU A 35 -36.51 20.91 32.59
N LEU A 36 -37.04 20.33 31.51
CA LEU A 36 -38.04 19.24 31.58
C LEU A 36 -37.39 18.00 32.24
N ILE A 37 -36.17 17.66 31.85
CA ILE A 37 -35.42 16.58 32.52
C ILE A 37 -35.42 16.85 34.02
N ARG A 38 -34.94 18.03 34.41
CA ARG A 38 -34.75 18.30 35.85
C ARG A 38 -36.10 18.47 36.57
N ALA A 39 -37.17 18.85 35.87
CA ALA A 39 -38.51 18.94 36.48
C ALA A 39 -39.02 17.52 36.80
N GLU A 40 -38.82 16.56 35.90
CA GLU A 40 -39.21 15.14 36.13
C GLU A 40 -38.47 14.61 37.36
N LEU A 41 -37.22 15.02 37.54
CA LEU A 41 -36.35 14.47 38.61
C LEU A 41 -36.36 15.34 39.89
N GLY A 42 -37.08 16.45 39.90
CA GLY A 42 -36.97 17.42 40.99
C GLY A 42 -37.71 17.02 42.24
N GLN A 43 -38.62 16.06 42.15
CA GLN A 43 -39.14 15.35 43.33
C GLN A 43 -39.34 13.89 42.95
N PRO A 44 -39.33 13.00 43.95
CA PRO A 44 -39.55 11.58 43.72
C PRO A 44 -40.95 11.36 43.15
N GLY A 45 -41.11 10.35 42.31
CA GLY A 45 -42.40 10.05 41.65
C GLY A 45 -42.32 10.43 40.20
N THR A 46 -43.46 10.51 39.54
CA THR A 46 -43.52 10.78 38.10
C THR A 46 -44.15 12.17 37.93
N LEU A 47 -43.57 12.98 37.05
CA LEU A 47 -44.16 14.27 36.62
C LEU A 47 -44.92 14.06 35.31
N LEU A 48 -44.25 13.54 34.29
CA LEU A 48 -44.86 13.44 32.94
C LEU A 48 -45.79 12.24 32.89
N GLY A 49 -45.61 11.25 33.76
CA GLY A 49 -46.42 10.00 33.76
C GLY A 49 -46.20 9.20 32.49
N ASP A 50 -45.09 9.39 31.78
CA ASP A 50 -44.87 8.73 30.48
C ASP A 50 -43.37 8.73 30.23
N ASP A 51 -42.72 7.63 30.60
CA ASP A 51 -41.25 7.59 30.57
C ASP A 51 -40.73 7.51 29.12
N GLN A 52 -41.56 7.08 28.16
CA GLN A 52 -41.15 7.18 26.73
C GLN A 52 -40.92 8.68 26.46
N ILE A 53 -41.80 9.55 26.96
CA ILE A 53 -41.64 11.00 26.67
C ILE A 53 -40.39 11.48 27.40
N TYR A 54 -40.14 11.03 28.62
CA TYR A 54 -38.90 11.42 29.33
C TYR A 54 -37.68 11.04 28.46
N ASN A 55 -37.67 9.82 27.91
CA ASN A 55 -36.48 9.32 27.16
C ASN A 55 -36.33 10.15 25.86
N VAL A 56 -37.44 10.56 25.26
CA VAL A 56 -37.44 11.40 24.04
C VAL A 56 -36.84 12.76 24.39
N VAL A 57 -37.24 13.31 25.54
CA VAL A 57 -36.72 14.63 26.01
C VAL A 57 -35.20 14.53 26.25
N VAL A 58 -34.75 13.46 26.90
CA VAL A 58 -33.29 13.29 27.17
C VAL A 58 -32.54 13.22 25.82
N THR A 59 -33.04 12.41 24.90
CA THR A 59 -32.37 12.15 23.59
C THR A 59 -32.29 13.49 22.82
N ALA A 60 -33.41 14.21 22.73
CA ALA A 60 -33.46 15.48 21.97
C ALA A 60 -32.55 16.52 22.62
N HIS A 61 -32.55 16.58 23.95
CA HIS A 61 -31.69 17.53 24.69
C HIS A 61 -30.24 17.42 24.16
N ALA A 62 -29.70 16.21 24.10
CA ALA A 62 -28.28 15.98 23.71
C ALA A 62 -28.08 16.38 22.25
N PHE A 63 -28.95 15.91 21.35
CA PHE A 63 -28.78 16.18 19.90
C PHE A 63 -28.80 17.69 19.67
N VAL A 64 -29.74 18.37 20.28
CA VAL A 64 -29.89 19.86 20.11
C VAL A 64 -28.63 20.52 20.67
N MET A 65 -28.23 20.16 21.88
CA MET A 65 -27.09 20.90 22.51
C MET A 65 -25.82 20.67 21.68
N ILE A 66 -25.61 19.46 21.17
CA ILE A 66 -24.33 19.09 20.49
C ILE A 66 -24.36 19.59 19.03
N PHE A 67 -25.39 19.17 18.28
CA PHE A 67 -25.41 19.38 16.80
C PHE A 67 -25.97 20.75 16.43
N PHE A 68 -26.85 21.36 17.23
CA PHE A 68 -27.51 22.62 16.81
C PHE A 68 -27.05 23.81 17.64
N MET A 69 -26.48 23.61 18.84
CA MET A 69 -25.99 24.74 19.66
C MET A 69 -24.47 24.80 19.57
N VAL A 70 -23.75 23.83 20.14
CA VAL A 70 -22.26 24.00 20.25
C VAL A 70 -21.60 24.02 18.87
N MET A 71 -21.80 23.01 18.01
CA MET A 71 -20.99 22.97 16.77
C MET A 71 -21.33 24.18 15.89
N PRO A 72 -22.60 24.55 15.65
CA PRO A 72 -22.86 25.72 14.81
C PRO A 72 -22.26 27.01 15.39
N ILE A 73 -22.36 27.22 16.70
CA ILE A 73 -21.82 28.46 17.31
C ILE A 73 -20.30 28.45 17.15
N MET A 74 -19.62 27.36 17.54
CA MET A 74 -18.15 27.42 17.63
C MET A 74 -17.54 27.45 16.22
N ILE A 75 -17.97 26.54 15.36
CA ILE A 75 -17.33 26.33 14.03
C ILE A 75 -18.02 27.24 13.00
N GLY A 76 -19.35 27.12 12.88
CA GLY A 76 -20.10 27.94 11.93
C GLY A 76 -20.06 29.43 12.24
N GLY A 77 -20.16 29.79 13.51
CA GLY A 77 -20.32 31.19 13.93
C GLY A 77 -18.97 31.85 14.14
N PHE A 78 -18.28 31.52 15.24
CA PHE A 78 -16.94 32.08 15.49
C PHE A 78 -15.98 31.70 14.35
N GLY A 79 -16.02 30.43 13.88
CA GLY A 79 -15.09 30.00 12.81
C GLY A 79 -15.25 30.86 11.57
N ASN A 80 -16.48 31.01 11.05
CA ASN A 80 -16.71 31.80 9.82
C ASN A 80 -16.37 33.29 10.05
N TRP A 81 -16.77 33.84 11.19
CA TRP A 81 -16.47 35.27 11.48
C TRP A 81 -14.96 35.49 11.58
N LEU A 82 -14.27 34.67 12.37
CA LEU A 82 -12.91 35.03 12.82
C LEU A 82 -11.81 34.47 11.91
N VAL A 83 -11.96 33.28 11.37
CA VAL A 83 -10.82 32.60 10.71
C VAL A 83 -10.31 33.46 9.54
N PRO A 84 -11.17 33.89 8.58
CA PRO A 84 -10.69 34.70 7.46
C PRO A 84 -10.05 35.99 7.96
N LEU A 85 -10.66 36.65 8.96
CA LEU A 85 -10.11 37.92 9.48
C LEU A 85 -8.75 37.66 10.09
N MET A 86 -8.58 36.55 10.80
CA MET A 86 -7.32 36.29 11.54
C MET A 86 -6.17 35.96 10.59
N ILE A 87 -6.45 35.53 9.36
CA ILE A 87 -5.37 35.25 8.36
C ILE A 87 -5.39 36.28 7.22
N GLY A 88 -6.17 37.33 7.32
CA GLY A 88 -6.22 38.37 6.30
C GLY A 88 -6.75 37.87 4.97
N ALA A 89 -7.62 36.87 4.99
CA ALA A 89 -8.22 36.30 3.77
C ALA A 89 -9.51 37.05 3.43
N PRO A 90 -9.85 37.16 2.14
CA PRO A 90 -11.04 37.92 1.71
C PRO A 90 -12.39 37.22 1.97
N ASP A 91 -12.34 35.91 2.16
CA ASP A 91 -13.50 35.06 2.49
C ASP A 91 -12.97 33.64 2.71
N MET A 92 -13.88 32.69 2.81
CA MET A 92 -13.56 31.24 2.81
C MET A 92 -13.20 30.75 1.37
N ALA A 93 -12.48 29.63 1.26
CA ALA A 93 -12.09 29.07 -0.03
C ALA A 93 -13.37 28.83 -0.88
N PHE A 94 -14.48 28.36 -0.29
CA PHE A 94 -15.69 27.88 -1.03
C PHE A 94 -16.88 28.62 -0.47
N PRO A 95 -16.98 29.93 -0.78
CA PRO A 95 -17.92 30.81 -0.12
C PRO A 95 -19.38 30.45 -0.42
N ARG A 96 -19.65 29.76 -1.55
CA ARG A 96 -21.04 29.32 -1.89
C ARG A 96 -21.32 27.98 -1.18
N MET A 97 -20.38 27.05 -1.21
CA MET A 97 -20.56 25.77 -0.45
C MET A 97 -20.73 26.10 1.05
N ASN A 98 -20.06 27.14 1.55
CA ASN A 98 -20.18 27.57 2.97
C ASN A 98 -21.68 27.84 3.32
N ASN A 99 -22.40 28.49 2.43
CA ASN A 99 -23.83 28.81 2.61
C ASN A 99 -24.63 27.51 2.69
N MET A 100 -24.25 26.46 1.97
CA MET A 100 -25.00 25.19 2.02
C MET A 100 -24.75 24.50 3.36
N SER A 101 -23.53 24.57 3.90
CA SER A 101 -23.29 24.06 5.28
C SER A 101 -24.30 24.71 6.24
N PHE A 102 -24.50 26.01 6.11
CA PHE A 102 -25.48 26.69 6.99
C PHE A 102 -26.88 26.17 6.69
N TRP A 103 -27.34 26.22 5.43
CA TRP A 103 -28.76 25.97 5.17
C TRP A 103 -29.15 24.49 5.34
N LEU A 104 -28.19 23.58 5.43
CA LEU A 104 -28.51 22.18 5.80
C LEU A 104 -29.00 22.07 7.24
N LEU A 105 -28.70 23.04 8.10
CA LEU A 105 -28.99 22.83 9.54
C LEU A 105 -30.48 23.09 9.83
N PRO A 106 -31.18 24.13 9.29
CA PRO A 106 -32.62 24.21 9.60
C PRO A 106 -33.37 22.94 9.24
N PRO A 107 -33.19 22.37 8.03
CA PRO A 107 -33.82 21.09 7.70
C PRO A 107 -33.40 19.94 8.63
N SER A 108 -32.10 19.82 8.99
CA SER A 108 -31.66 18.81 9.98
C SER A 108 -32.49 18.99 11.26
N PHE A 109 -32.65 20.22 11.71
CA PHE A 109 -33.37 20.51 12.99
C PHE A 109 -34.85 20.14 12.80
N LEU A 110 -35.40 20.48 11.65
CA LEU A 110 -36.80 20.13 11.36
C LEU A 110 -37.02 18.60 11.40
N LEU A 111 -36.08 17.81 10.89
CA LEU A 111 -36.21 16.34 10.93
C LEU A 111 -36.14 15.86 12.39
N LEU A 112 -35.30 16.48 13.23
CA LEU A 112 -35.25 16.08 14.65
C LEU A 112 -36.59 16.45 15.33
N LEU A 113 -37.10 17.63 15.08
N LEU A 113 -37.11 17.67 15.08
CA LEU A 113 -38.37 18.02 15.77
CA LEU A 113 -38.46 18.10 15.55
C LEU A 113 -39.53 17.17 15.17
C LEU A 113 -39.43 16.98 15.18
N ALA A 114 -39.46 16.69 13.90
CA ALA A 114 -40.44 15.76 13.30
C ALA A 114 -40.38 14.40 14.02
N SER A 115 -39.18 13.89 14.30
N SER A 115 -39.19 13.89 14.28
CA SER A 115 -38.97 12.62 15.04
CA SER A 115 -38.97 12.63 15.02
C SER A 115 -39.77 12.64 16.35
C SER A 115 -39.75 12.64 16.35
N SER A 116 -39.80 13.79 17.04
CA SER A 116 -40.37 13.92 18.40
C SER A 116 -41.90 14.06 18.33
N MET A 117 -42.42 14.38 17.15
N MET A 117 -42.43 14.43 17.17
CA MET A 117 -43.84 14.76 16.93
CA MET A 117 -43.87 14.73 16.98
C MET A 117 -44.61 13.58 16.34
C MET A 117 -44.59 13.49 16.46
N VAL A 118 -43.93 12.70 15.61
CA VAL A 118 -44.57 11.51 14.99
C VAL A 118 -44.46 10.34 15.98
N GLU A 119 -45.42 9.40 15.91
CA GLU A 119 -45.44 8.17 16.75
C GLU A 119 -45.16 8.59 18.21
N ALA A 120 -44.21 7.94 18.89
CA ALA A 120 -43.91 8.18 20.32
C ALA A 120 -42.48 8.74 20.48
N GLY A 121 -41.93 9.30 19.41
CA GLY A 121 -40.57 9.86 19.43
C GLY A 121 -39.49 8.80 19.44
N ALA A 122 -38.24 9.23 19.37
CA ALA A 122 -37.06 8.38 19.51
C ALA A 122 -36.54 8.51 20.95
N GLY A 123 -36.97 7.59 21.82
CA GLY A 123 -36.56 7.53 23.22
C GLY A 123 -35.40 6.57 23.35
N THR A 124 -34.28 6.89 22.69
CA THR A 124 -33.16 5.92 22.49
C THR A 124 -31.90 6.25 23.29
N GLY A 125 -31.81 7.47 23.79
CA GLY A 125 -30.52 8.11 24.14
C GLY A 125 -29.83 8.62 22.86
N TRP A 126 -28.92 9.59 22.97
CA TRP A 126 -28.27 10.17 21.77
C TRP A 126 -27.31 9.19 21.07
N THR A 127 -27.02 8.06 21.70
CA THR A 127 -26.21 6.94 21.16
C THR A 127 -27.01 6.10 20.14
N VAL A 128 -28.34 6.08 20.28
CA VAL A 128 -29.25 5.40 19.32
C VAL A 128 -28.83 3.91 19.17
N TYR A 129 -28.51 3.21 20.28
CA TYR A 129 -28.10 1.78 20.24
C TYR A 129 -29.24 0.89 19.76
N PRO A 130 -28.98 -0.03 18.81
CA PRO A 130 -29.89 -1.16 18.58
C PRO A 130 -29.64 -2.18 19.69
N PRO A 131 -30.59 -3.09 19.98
CA PRO A 131 -31.90 -3.16 19.30
C PRO A 131 -33.00 -2.19 19.77
N LEU A 132 -32.79 -1.42 20.85
CA LEU A 132 -33.80 -0.41 21.30
C LEU A 132 -34.18 0.52 20.13
N ALA A 133 -33.21 0.94 19.31
CA ALA A 133 -33.42 1.88 18.18
C ALA A 133 -33.87 1.12 16.91
N GLY A 134 -34.03 -0.21 17.02
CA GLY A 134 -34.42 -1.06 15.89
C GLY A 134 -35.90 -0.98 15.58
N ASN A 135 -36.31 -1.65 14.51
CA ASN A 135 -37.71 -1.53 13.99
C ASN A 135 -38.76 -2.32 14.81
N LEU A 136 -38.34 -3.09 15.83
N LEU A 136 -38.37 -3.07 15.86
CA LEU A 136 -39.27 -3.83 16.75
CA LEU A 136 -39.36 -3.79 16.71
C LEU A 136 -39.52 -2.94 17.96
C LEU A 136 -39.53 -3.04 18.04
N ALA A 137 -38.47 -2.55 18.68
CA ALA A 137 -38.58 -1.78 19.94
C ALA A 137 -38.82 -0.28 19.66
N HIS A 138 -38.56 0.20 18.44
CA HIS A 138 -38.90 1.57 18.02
C HIS A 138 -39.48 1.51 16.59
N ALA A 139 -40.59 0.80 16.45
CA ALA A 139 -41.34 0.71 15.17
C ALA A 139 -41.77 2.12 14.73
N GLY A 140 -41.72 2.40 13.45
CA GLY A 140 -42.24 3.67 12.90
C GLY A 140 -41.15 4.69 12.61
N ALA A 141 -41.56 5.89 12.21
CA ALA A 141 -40.69 6.87 11.53
C ALA A 141 -39.69 7.56 12.47
N SER A 142 -39.90 7.59 13.78
CA SER A 142 -39.13 8.49 14.70
C SER A 142 -37.62 8.26 14.57
N VAL A 143 -37.15 7.02 14.67
CA VAL A 143 -35.68 6.80 14.64
C VAL A 143 -35.16 7.12 13.24
N ASP A 144 -35.94 6.86 12.17
CA ASP A 144 -35.43 7.14 10.81
C ASP A 144 -35.30 8.66 10.62
N LEU A 145 -36.23 9.44 11.18
CA LEU A 145 -36.15 10.92 11.10
C LEU A 145 -34.91 11.38 11.86
N THR A 146 -34.56 10.71 12.97
CA THR A 146 -33.35 11.05 13.76
C THR A 146 -32.09 10.72 12.93
N ILE A 147 -32.08 9.57 12.28
CA ILE A 147 -30.94 9.17 11.40
C ILE A 147 -30.78 10.23 10.31
N PHE A 148 -31.87 10.62 9.65
CA PHE A 148 -31.78 11.59 8.55
C PHE A 148 -31.34 12.96 9.06
N SER A 149 -31.77 13.35 10.26
CA SER A 149 -31.30 14.61 10.89
C SER A 149 -29.76 14.57 10.99
N LEU A 150 -29.24 13.46 11.49
CA LEU A 150 -27.78 13.28 11.64
C LEU A 150 -27.08 13.28 10.27
N HIS A 151 -27.66 12.67 9.25
CA HIS A 151 -27.09 12.65 7.87
C HIS A 151 -26.91 14.09 7.39
N LEU A 152 -27.94 14.93 7.52
CA LEU A 152 -27.85 16.32 7.03
C LEU A 152 -26.86 17.11 7.90
N ALA A 153 -26.91 16.97 9.21
CA ALA A 153 -25.91 17.66 10.06
C ALA A 153 -24.51 17.17 9.69
N GLY A 154 -24.36 15.88 9.40
CA GLY A 154 -23.06 15.28 9.01
C GLY A 154 -22.54 15.87 7.70
N VAL A 155 -23.39 15.96 6.68
CA VAL A 155 -22.95 16.55 5.41
C VAL A 155 -22.54 18.01 5.67
N SER A 156 -23.36 18.75 6.42
CA SER A 156 -23.07 20.16 6.75
C SER A 156 -21.63 20.27 7.27
N SER A 157 -21.28 19.47 8.28
CA SER A 157 -19.99 19.61 9.00
C SER A 157 -18.85 19.03 8.16
N ILE A 158 -19.07 17.99 7.36
CA ILE A 158 -18.02 17.47 6.45
C ILE A 158 -17.66 18.56 5.43
N LEU A 159 -18.63 19.12 4.73
CA LEU A 159 -18.33 20.18 3.73
C LEU A 159 -17.70 21.38 4.46
N GLY A 160 -18.18 21.71 5.68
CA GLY A 160 -17.58 22.79 6.49
C GLY A 160 -16.11 22.49 6.80
N ALA A 161 -15.79 21.26 7.17
CA ALA A 161 -14.40 20.83 7.48
C ALA A 161 -13.53 21.00 6.23
N ILE A 162 -14.04 20.58 5.06
CA ILE A 162 -13.28 20.73 3.79
C ILE A 162 -12.98 22.23 3.57
N ASN A 163 -13.97 23.06 3.84
CA ASN A 163 -13.87 24.52 3.64
C ASN A 163 -12.78 25.09 4.59
N PHE A 164 -12.87 24.78 5.86
CA PHE A 164 -11.93 25.36 6.86
C PHE A 164 -10.52 24.86 6.59
N ILE A 165 -10.33 23.58 6.31
CA ILE A 165 -8.94 23.05 6.10
C ILE A 165 -8.36 23.77 4.87
N THR A 166 -9.14 23.84 3.77
CA THR A 166 -8.66 24.45 2.52
C THR A 166 -8.33 25.93 2.78
N THR A 167 -9.22 26.65 3.47
CA THR A 167 -9.04 28.09 3.72
C THR A 167 -7.74 28.30 4.51
N ILE A 168 -7.58 27.54 5.59
CA ILE A 168 -6.46 27.73 6.55
C ILE A 168 -5.14 27.33 5.88
N ILE A 169 -5.14 26.28 5.06
CA ILE A 169 -3.90 25.83 4.35
C ILE A 169 -3.56 26.82 3.22
N ASN A 170 -4.56 27.22 2.45
CA ASN A 170 -4.32 27.81 1.09
C ASN A 170 -4.38 29.34 1.12
N MET A 171 -4.98 29.98 2.14
CA MET A 171 -5.39 31.41 1.96
C MET A 171 -4.74 32.33 3.00
N LYS A 172 -3.60 31.94 3.56
CA LYS A 172 -2.83 32.81 4.45
C LYS A 172 -1.96 33.73 3.60
N PRO A 173 -1.47 34.86 4.11
CA PRO A 173 -0.45 35.63 3.39
C PRO A 173 0.69 34.70 3.02
N PRO A 174 1.28 34.87 1.82
CA PRO A 174 2.34 33.99 1.38
C PRO A 174 3.53 33.95 2.34
N ALA A 175 3.83 35.01 3.08
CA ALA A 175 4.96 34.98 4.05
C ALA A 175 4.58 34.22 5.33
N MET A 176 3.28 34.04 5.61
CA MET A 176 2.81 33.47 6.90
C MET A 176 2.91 31.94 6.87
N SER A 177 3.76 31.34 7.70
CA SER A 177 3.78 29.86 7.81
C SER A 177 2.60 29.42 8.71
N GLN A 178 2.36 28.12 8.77
CA GLN A 178 1.36 27.59 9.72
C GLN A 178 1.77 28.00 11.16
N TYR A 179 3.06 28.18 11.43
CA TYR A 179 3.52 28.52 12.80
C TYR A 179 3.46 30.02 13.05
N GLN A 180 2.79 30.78 12.18
CA GLN A 180 2.50 32.22 12.42
C GLN A 180 0.98 32.47 12.37
N THR A 181 0.18 31.43 12.52
CA THR A 181 -1.29 31.61 12.55
C THR A 181 -1.72 31.58 14.00
N PRO A 182 -2.76 32.35 14.36
CA PRO A 182 -3.24 32.34 15.72
C PRO A 182 -3.79 30.97 16.16
N LEU A 183 -3.74 30.72 17.47
CA LEU A 183 -4.19 29.45 18.08
C LEU A 183 -5.68 29.17 17.76
N PHE A 184 -6.54 30.18 17.65
CA PHE A 184 -7.95 29.89 17.32
C PHE A 184 -8.00 29.22 15.95
N VAL A 185 -7.17 29.70 15.02
CA VAL A 185 -7.13 29.17 13.63
C VAL A 185 -6.60 27.74 13.68
N TRP A 186 -5.55 27.47 14.47
CA TRP A 186 -5.10 26.07 14.68
C TRP A 186 -6.25 25.22 15.21
N SER A 187 -6.98 25.71 16.20
CA SER A 187 -8.02 24.92 16.90
C SER A 187 -9.13 24.56 15.88
N VAL A 188 -9.43 25.46 14.95
CA VAL A 188 -10.48 25.18 13.93
C VAL A 188 -9.92 24.18 12.90
N MET A 189 -8.68 24.32 12.47
CA MET A 189 -8.10 23.35 11.48
C MET A 189 -8.11 21.92 12.06
N ILE A 190 -7.67 21.76 13.31
CA ILE A 190 -7.62 20.43 13.99
C ILE A 190 -9.06 19.88 14.17
N THR A 191 -9.99 20.72 14.62
CA THR A 191 -11.40 20.31 14.74
C THR A 191 -11.89 19.81 13.36
N ALA A 192 -11.59 20.55 12.30
CA ALA A 192 -12.05 20.20 10.94
C ALA A 192 -11.46 18.85 10.50
N VAL A 193 -10.19 18.59 10.84
CA VAL A 193 -9.60 17.28 10.50
C VAL A 193 -10.36 16.17 11.25
N LEU A 194 -10.64 16.37 12.53
CA LEU A 194 -11.42 15.38 13.32
C LEU A 194 -12.81 15.16 12.68
N LEU A 195 -13.49 16.21 12.27
CA LEU A 195 -14.83 16.08 11.65
C LEU A 195 -14.72 15.29 10.34
N LEU A 196 -13.71 15.61 9.52
CA LEU A 196 -13.51 15.01 8.19
C LEU A 196 -13.38 13.48 8.33
N LEU A 197 -12.64 13.02 9.35
CA LEU A 197 -12.35 11.59 9.52
C LEU A 197 -13.45 10.86 10.29
N SER A 198 -14.10 11.52 11.25
CA SER A 198 -14.98 10.85 12.23
C SER A 198 -16.42 10.80 11.66
N LEU A 199 -16.91 11.88 11.08
CA LEU A 199 -18.34 11.90 10.67
C LEU A 199 -18.67 10.83 9.64
N PRO A 200 -17.79 10.51 8.68
CA PRO A 200 -18.12 9.46 7.71
C PRO A 200 -18.31 8.08 8.36
N VAL A 201 -17.65 7.84 9.50
CA VAL A 201 -17.79 6.55 10.19
C VAL A 201 -19.16 6.54 10.88
N LEU A 202 -19.56 7.63 11.52
CA LEU A 202 -20.94 7.76 12.03
C LEU A 202 -21.93 7.52 10.87
N ALA A 203 -21.72 8.19 9.74
CA ALA A 203 -22.62 8.06 8.56
C ALA A 203 -22.76 6.59 8.16
N ALA A 204 -21.66 5.85 8.17
CA ALA A 204 -21.70 4.42 7.79
C ALA A 204 -22.54 3.67 8.83
N GLY A 205 -22.26 3.89 10.11
CA GLY A 205 -22.99 3.19 11.19
C GLY A 205 -24.50 3.47 11.18
N ILE A 206 -24.90 4.74 11.08
CA ILE A 206 -26.34 5.08 11.16
C ILE A 206 -27.03 4.64 9.86
N THR A 207 -26.30 4.60 8.74
CA THR A 207 -26.82 4.04 7.47
C THR A 207 -27.12 2.55 7.65
N MET A 208 -26.21 1.80 8.27
N MET A 208 -26.24 1.80 8.32
CA MET A 208 -26.42 0.38 8.61
CA MET A 208 -26.42 0.37 8.58
C MET A 208 -27.67 0.26 9.49
C MET A 208 -27.60 0.19 9.56
N LEU A 209 -27.82 1.13 10.49
CA LEU A 209 -29.03 1.10 11.34
C LEU A 209 -30.29 1.34 10.48
N LEU A 210 -30.21 2.30 9.57
CA LEU A 210 -31.33 2.60 8.64
C LEU A 210 -31.72 1.34 7.81
N THR A 211 -30.73 0.65 7.23
CA THR A 211 -30.94 -0.55 6.40
C THR A 211 -31.44 -1.69 7.30
N ASP A 212 -30.94 -1.82 8.54
CA ASP A 212 -31.49 -2.87 9.44
C ASP A 212 -32.97 -2.59 9.70
N ARG A 213 -33.35 -1.30 9.80
CA ARG A 213 -34.73 -0.90 10.15
C ARG A 213 -35.65 -1.02 8.91
N ASN A 214 -35.13 -0.88 7.68
CA ASN A 214 -36.01 -0.70 6.47
C ASN A 214 -35.72 -1.64 5.31
N LEU A 215 -34.54 -2.25 5.22
CA LEU A 215 -34.19 -3.09 4.03
C LEU A 215 -33.84 -4.52 4.47
N ASN A 216 -34.13 -4.90 5.71
CA ASN A 216 -33.97 -6.30 6.19
C ASN A 216 -32.49 -6.70 6.20
N THR A 217 -31.57 -5.75 6.38
CA THR A 217 -30.17 -6.07 6.71
C THR A 217 -30.14 -6.50 8.17
N THR A 218 -29.01 -7.06 8.57
CA THR A 218 -28.85 -7.60 9.93
C THR A 218 -27.45 -7.30 10.44
N PHE A 219 -26.92 -6.13 10.15
CA PHE A 219 -25.59 -5.69 10.69
C PHE A 219 -25.54 -5.85 12.21
N PHE A 220 -26.63 -5.51 12.89
CA PHE A 220 -26.67 -5.36 14.36
C PHE A 220 -27.65 -6.39 14.96
N ASP A 221 -28.16 -7.31 14.15
CA ASP A 221 -29.21 -8.28 14.53
C ASP A 221 -28.59 -9.68 14.61
N PRO A 222 -28.43 -10.25 15.82
CA PRO A 222 -27.85 -11.59 15.94
C PRO A 222 -28.57 -12.67 15.14
N ALA A 223 -29.88 -12.53 14.89
CA ALA A 223 -30.64 -13.53 14.10
C ALA A 223 -30.00 -13.68 12.71
N GLY A 224 -29.41 -12.61 12.11
CA GLY A 224 -28.71 -12.70 10.81
C GLY A 224 -27.22 -12.89 10.95
N GLY A 225 -26.68 -13.06 12.17
CA GLY A 225 -25.21 -13.11 12.41
C GLY A 225 -24.61 -11.72 12.70
N GLY A 226 -25.45 -10.69 12.90
CA GLY A 226 -25.02 -9.33 13.27
C GLY A 226 -24.70 -9.24 14.76
N ASP A 227 -24.36 -8.03 15.20
CA ASP A 227 -23.85 -7.78 16.56
C ASP A 227 -24.17 -6.36 16.94
N PRO A 228 -25.04 -6.14 17.96
CA PRO A 228 -25.27 -4.81 18.50
C PRO A 228 -23.97 -4.10 18.87
N ILE A 229 -22.95 -4.84 19.29
CA ILE A 229 -21.72 -4.18 19.76
C ILE A 229 -20.97 -3.55 18.57
N LEU A 230 -21.12 -4.10 17.36
CA LEU A 230 -20.51 -3.43 16.17
C LEU A 230 -21.04 -1.98 16.05
N TYR A 231 -22.35 -1.73 16.23
CA TYR A 231 -22.89 -0.35 16.17
C TYR A 231 -22.13 0.52 17.17
N GLN A 232 -21.93 0.02 18.37
CA GLN A 232 -21.31 0.80 19.47
C GLN A 232 -19.88 1.20 19.05
N HIS A 233 -19.10 0.29 18.47
CA HIS A 233 -17.75 0.64 17.97
C HIS A 233 -17.82 1.76 16.93
N LEU A 234 -18.70 1.64 15.93
CA LEU A 234 -18.78 2.64 14.85
C LEU A 234 -19.22 3.97 15.46
N PHE A 235 -20.23 3.95 16.32
CA PHE A 235 -20.74 5.20 16.96
C PHE A 235 -19.59 5.86 17.74
N TRP A 236 -18.96 5.12 18.65
CA TRP A 236 -17.95 5.77 19.52
C TRP A 236 -16.65 6.03 18.77
N PHE A 237 -16.38 5.34 17.66
CA PHE A 237 -15.20 5.70 16.83
C PHE A 237 -15.38 7.16 16.38
N PHE A 238 -16.62 7.55 16.12
CA PHE A 238 -16.99 8.96 15.87
C PHE A 238 -17.09 9.74 17.19
N GLY A 239 -17.80 9.19 18.16
CA GLY A 239 -18.25 9.93 19.36
C GLY A 239 -17.09 10.42 20.24
N HIS A 240 -15.96 9.69 20.36
CA HIS A 240 -14.83 10.27 21.14
C HIS A 240 -14.21 11.47 20.40
N PRO A 241 -13.80 11.35 19.12
CA PRO A 241 -13.42 12.55 18.37
C PRO A 241 -14.44 13.68 18.53
N GLU A 242 -15.74 13.37 18.45
CA GLU A 242 -16.81 14.39 18.57
C GLU A 242 -16.63 15.16 19.89
N VAL A 243 -16.30 14.50 21.02
CA VAL A 243 -16.18 15.30 22.27
C VAL A 243 -14.97 16.25 22.20
N TYR A 244 -13.89 15.89 21.53
CA TYR A 244 -12.74 16.80 21.29
C TYR A 244 -13.13 17.91 20.29
N ILE A 245 -13.90 17.57 19.26
CA ILE A 245 -14.46 18.56 18.32
C ILE A 245 -15.26 19.64 19.09
N LEU A 246 -15.99 19.22 20.12
CA LEU A 246 -16.86 20.13 20.92
C LEU A 246 -16.00 21.08 21.77
N ILE A 247 -14.80 20.68 22.17
CA ILE A 247 -13.99 21.55 23.07
C ILE A 247 -12.85 22.27 22.33
N LEU A 248 -12.30 21.72 21.23
CA LEU A 248 -11.07 22.33 20.62
C LEU A 248 -11.24 23.81 20.25
N PRO A 249 -12.31 24.23 19.54
CA PRO A 249 -12.48 25.65 19.24
C PRO A 249 -12.64 26.50 20.52
N GLY A 250 -13.19 25.90 21.58
CA GLY A 250 -13.23 26.52 22.91
C GLY A 250 -11.84 26.74 23.45
N PHE A 251 -10.98 25.73 23.35
CA PHE A 251 -9.53 25.91 23.71
C PHE A 251 -8.96 27.13 22.95
N GLY A 252 -9.24 27.19 21.64
CA GLY A 252 -8.74 28.29 20.81
C GLY A 252 -9.23 29.62 21.33
N MET A 253 -10.53 29.75 21.58
CA MET A 253 -11.10 31.04 22.06
C MET A 253 -10.50 31.38 23.43
N ILE A 254 -10.34 30.41 24.31
CA ILE A 254 -9.80 30.65 25.68
C ILE A 254 -8.36 31.18 25.55
N SER A 255 -7.55 30.61 24.65
CA SER A 255 -6.16 31.11 24.45
C SER A 255 -6.20 32.61 24.10
N HIS A 256 -7.09 33.03 23.20
CA HIS A 256 -7.19 34.43 22.75
C HIS A 256 -7.68 35.33 23.89
N ILE A 257 -8.70 34.90 24.62
CA ILE A 257 -9.35 35.72 25.69
C ILE A 257 -8.34 35.88 26.84
N VAL A 258 -7.71 34.80 27.27
CA VAL A 258 -6.75 34.89 28.40
C VAL A 258 -5.56 35.79 27.99
N THR A 259 -5.10 35.68 26.76
CA THR A 259 -3.99 36.50 26.24
C THR A 259 -4.39 37.99 26.27
N TYR A 260 -5.54 38.27 25.68
CA TYR A 260 -6.08 39.63 25.53
C TYR A 260 -6.26 40.27 26.91
N TYR A 261 -6.98 39.63 27.83
CA TYR A 261 -7.32 40.30 29.11
C TYR A 261 -6.18 40.19 30.10
N SER A 262 -5.10 39.49 29.74
CA SER A 262 -3.85 39.54 30.53
C SER A 262 -2.99 40.72 30.03
N GLY A 263 -3.41 41.38 28.94
CA GLY A 263 -2.61 42.45 28.34
C GLY A 263 -1.34 41.93 27.69
N LYS A 264 -1.35 40.71 27.19
CA LYS A 264 -0.16 40.08 26.56
C LYS A 264 -0.32 40.20 25.03
N LYS A 265 0.83 40.25 24.36
CA LYS A 265 0.92 40.24 22.88
C LYS A 265 0.71 38.79 22.36
N GLU A 266 0.91 37.79 23.21
CA GLU A 266 1.00 36.38 22.80
C GLU A 266 0.73 35.43 23.98
N PRO A 267 0.16 34.25 23.69
CA PRO A 267 -0.03 33.22 24.69
C PRO A 267 1.34 32.64 25.05
N PHE A 268 1.46 32.18 26.28
CA PHE A 268 2.66 31.43 26.73
C PHE A 268 2.77 30.13 25.91
N GLY A 269 3.98 29.87 25.41
CA GLY A 269 4.35 28.56 24.84
C GLY A 269 3.52 28.22 23.61
N TYR A 270 3.50 29.10 22.61
CA TYR A 270 2.70 28.93 21.37
C TYR A 270 2.89 27.53 20.77
N MET A 271 4.13 27.09 20.57
CA MET A 271 4.39 25.81 19.87
C MET A 271 3.90 24.66 20.75
N GLY A 272 4.05 24.74 22.08
CA GLY A 272 3.46 23.77 23.02
C GLY A 272 1.95 23.66 22.87
N MET A 273 1.29 24.78 22.66
CA MET A 273 -0.20 24.83 22.52
C MET A 273 -0.61 24.14 21.21
N VAL A 274 0.17 24.38 20.15
CA VAL A 274 -0.03 23.72 18.83
C VAL A 274 0.20 22.22 19.03
N TRP A 275 1.32 21.84 19.65
CA TRP A 275 1.66 20.45 19.94
C TRP A 275 0.51 19.80 20.73
N ALA A 276 -0.01 20.48 21.73
CA ALA A 276 -1.02 19.90 22.63
C ALA A 276 -2.31 19.63 21.84
N MET A 277 -2.75 20.60 21.05
CA MET A 277 -4.01 20.42 20.28
C MET A 277 -3.84 19.29 19.24
N MET A 278 -2.70 19.20 18.56
N MET A 278 -2.70 19.23 18.56
CA MET A 278 -2.49 18.11 17.58
CA MET A 278 -2.41 18.14 17.58
C MET A 278 -2.43 16.75 18.30
C MET A 278 -2.43 16.78 18.30
N SER A 279 -1.79 16.68 19.47
CA SER A 279 -1.67 15.45 20.28
C SER A 279 -3.07 15.00 20.73
N ILE A 280 -3.87 15.93 21.24
CA ILE A 280 -5.25 15.62 21.69
C ILE A 280 -6.02 15.09 20.49
N GLY A 281 -5.86 15.74 19.35
CA GLY A 281 -6.60 15.32 18.14
C GLY A 281 -6.24 13.90 17.72
N PHE A 282 -4.95 13.56 17.74
CA PHE A 282 -4.49 12.22 17.36
C PHE A 282 -4.96 11.16 18.38
N LEU A 283 -4.68 11.39 19.66
CA LEU A 283 -5.02 10.43 20.73
C LEU A 283 -6.54 10.25 20.78
N GLY A 284 -7.28 11.28 20.39
CA GLY A 284 -8.76 11.26 20.35
C GLY A 284 -9.32 10.17 19.46
N PHE A 285 -8.51 9.60 18.56
CA PHE A 285 -8.93 8.52 17.64
C PHE A 285 -8.64 7.12 18.20
N ILE A 286 -7.89 6.99 19.29
CA ILE A 286 -7.40 5.65 19.72
C ILE A 286 -7.90 5.25 21.12
N VAL A 287 -9.01 5.85 21.57
CA VAL A 287 -9.50 5.69 22.97
C VAL A 287 -10.99 5.31 23.05
N TRP A 288 -11.71 5.18 21.93
CA TRP A 288 -13.19 5.18 21.87
C TRP A 288 -13.79 4.11 22.81
N ALA A 289 -13.13 2.98 22.98
CA ALA A 289 -13.78 1.85 23.65
C ALA A 289 -13.84 2.06 25.18
N HIS A 290 -13.35 3.20 25.69
CA HIS A 290 -13.64 3.58 27.10
C HIS A 290 -15.13 3.89 27.29
N HIS A 291 -15.91 3.96 26.20
CA HIS A 291 -17.39 4.07 26.27
C HIS A 291 -18.01 2.66 26.34
N MET A 292 -17.19 1.61 26.41
CA MET A 292 -17.68 0.23 26.21
C MET A 292 -17.05 -0.69 27.25
N PHE A 293 -16.61 -0.19 28.39
CA PHE A 293 -15.89 -1.06 29.36
C PHE A 293 -16.83 -2.12 29.99
N THR A 294 -18.15 -2.00 29.89
CA THR A 294 -19.07 -3.01 30.51
C THR A 294 -19.69 -3.94 29.45
N VAL A 295 -19.30 -3.87 28.17
CA VAL A 295 -19.98 -4.66 27.11
C VAL A 295 -19.45 -6.10 27.07
N GLY A 296 -18.40 -6.43 27.82
CA GLY A 296 -17.78 -7.77 27.82
C GLY A 296 -16.52 -7.82 26.97
N MET A 297 -15.70 -6.76 26.79
N MET A 297 -15.62 -6.94 27.40
CA MET A 297 -14.46 -6.89 25.96
CA MET A 297 -14.33 -6.59 26.81
C MET A 297 -13.38 -7.61 26.80
C MET A 297 -13.24 -7.49 27.40
N ASP A 298 -12.30 -8.10 26.17
N ASP A 298 -12.44 -8.15 26.56
CA ASP A 298 -11.17 -8.84 26.82
CA ASP A 298 -11.25 -8.90 27.03
C ASP A 298 -10.41 -7.92 27.81
C ASP A 298 -10.42 -7.93 27.85
N VAL A 299 -9.79 -8.48 28.87
CA VAL A 299 -9.02 -7.70 29.88
C VAL A 299 -7.89 -6.90 29.22
N ASP A 300 -7.19 -7.43 28.24
CA ASP A 300 -6.01 -6.73 27.65
C ASP A 300 -6.51 -5.53 26.87
N THR A 301 -7.65 -5.66 26.19
CA THR A 301 -8.29 -4.54 25.48
C THR A 301 -8.62 -3.47 26.51
N ARG A 302 -9.21 -3.83 27.64
CA ARG A 302 -9.52 -2.84 28.71
C ARG A 302 -8.24 -2.16 29.22
N ALA A 303 -7.15 -2.92 29.35
CA ALA A 303 -5.89 -2.37 29.88
C ALA A 303 -5.36 -1.33 28.89
N TYR A 304 -5.39 -1.65 27.59
CA TYR A 304 -4.94 -0.73 26.53
C TYR A 304 -5.81 0.54 26.62
N PHE A 305 -7.15 0.41 26.59
CA PHE A 305 -8.02 1.62 26.51
C PHE A 305 -7.87 2.48 27.76
N THR A 306 -7.66 1.87 28.92
CA THR A 306 -7.38 2.64 30.16
C THR A 306 -6.11 3.49 29.97
N SER A 307 -5.04 2.85 29.53
CA SER A 307 -3.71 3.46 29.41
C SER A 307 -3.73 4.60 28.36
N ALA A 308 -4.21 4.31 27.17
CA ALA A 308 -4.27 5.28 26.05
C ALA A 308 -5.12 6.48 26.47
N THR A 309 -6.23 6.26 27.15
CA THR A 309 -7.10 7.37 27.59
C THR A 309 -6.31 8.26 28.56
N MET A 310 -5.55 7.69 29.50
CA MET A 310 -4.88 8.55 30.50
C MET A 310 -3.84 9.50 29.87
N ILE A 311 -3.22 9.06 28.77
N ILE A 311 -3.11 9.07 28.84
CA ILE A 311 -2.18 9.83 28.04
CA ILE A 311 -1.95 9.89 28.35
C ILE A 311 -2.71 11.23 27.67
C ILE A 311 -2.45 11.22 27.76
N ILE A 312 -3.98 11.35 27.28
N ILE A 312 -3.73 11.36 27.42
CA ILE A 312 -4.57 12.66 26.90
CA ILE A 312 -4.28 12.64 26.89
C ILE A 312 -4.36 13.72 28.00
C ILE A 312 -4.27 13.72 27.99
N ALA A 313 -4.25 13.36 29.28
CA ALA A 313 -4.04 14.34 30.38
C ALA A 313 -2.72 15.13 30.16
N ILE A 314 -1.71 14.52 29.51
CA ILE A 314 -0.38 15.17 29.41
C ILE A 314 -0.48 16.41 28.52
N PRO A 315 -0.85 16.30 27.22
CA PRO A 315 -1.00 17.50 26.40
C PRO A 315 -2.03 18.48 26.98
N THR A 316 -3.09 17.95 27.56
CA THR A 316 -4.17 18.81 28.09
C THR A 316 -3.58 19.62 29.25
N GLY A 317 -2.78 18.98 30.09
CA GLY A 317 -2.11 19.69 31.19
C GLY A 317 -1.23 20.81 30.69
N VAL A 318 -0.50 20.57 29.60
CA VAL A 318 0.35 21.62 29.01
C VAL A 318 -0.51 22.85 28.67
N LYS A 319 -1.72 22.65 28.15
CA LYS A 319 -2.57 23.81 27.80
C LYS A 319 -2.98 24.53 29.10
N VAL A 320 -3.41 23.79 30.11
CA VAL A 320 -3.94 24.43 31.35
C VAL A 320 -2.83 25.24 31.97
N PHE A 321 -1.65 24.66 32.06
CA PHE A 321 -0.50 25.35 32.70
C PHE A 321 -0.08 26.53 31.83
N SER A 322 -0.21 26.42 30.51
CA SER A 322 0.15 27.52 29.57
C SER A 322 -0.83 28.69 29.72
N TRP A 323 -2.11 28.41 29.95
CA TRP A 323 -3.08 29.48 30.26
C TRP A 323 -2.68 30.16 31.56
N LEU A 324 -2.36 29.39 32.59
CA LEU A 324 -1.96 30.04 33.86
C LEU A 324 -0.68 30.85 33.66
N ALA A 325 0.26 30.33 32.86
CA ALA A 325 1.52 31.04 32.56
C ALA A 325 1.26 32.29 31.69
N THR A 326 0.15 32.35 30.97
CA THR A 326 -0.23 33.55 30.19
C THR A 326 -0.73 34.64 31.17
N LEU A 327 -1.50 34.24 32.20
CA LEU A 327 -2.01 35.17 33.25
C LEU A 327 -0.82 35.75 34.02
N HIS A 328 0.19 34.91 34.28
CA HIS A 328 1.37 35.23 35.11
C HIS A 328 1.97 36.56 34.64
N GLY A 329 1.99 37.56 35.50
CA GLY A 329 2.59 38.84 35.12
C GLY A 329 1.69 39.70 34.26
N GLY A 330 0.45 39.28 34.04
CA GLY A 330 -0.46 40.10 33.22
C GLY A 330 -0.89 41.38 33.94
N ASN A 331 -1.19 42.39 33.16
CA ASN A 331 -2.05 43.53 33.56
C ASN A 331 -3.49 43.06 33.43
N ILE A 332 -4.03 42.44 34.48
CA ILE A 332 -5.29 41.67 34.37
C ILE A 332 -6.43 42.67 34.23
N LYS A 333 -7.22 42.53 33.17
CA LYS A 333 -8.49 43.27 33.05
C LYS A 333 -9.64 42.30 33.39
N TRP A 334 -10.37 42.60 34.45
CA TRP A 334 -11.50 41.78 34.94
C TRP A 334 -12.78 42.07 34.15
N SER A 335 -12.68 41.90 32.86
CA SER A 335 -13.85 41.96 31.95
C SER A 335 -14.72 40.74 32.17
N PRO A 336 -16.01 40.83 31.77
CA PRO A 336 -16.87 39.65 31.82
C PRO A 336 -16.28 38.49 31.00
N ALA A 337 -15.64 38.76 29.84
CA ALA A 337 -15.06 37.66 29.04
C ALA A 337 -13.94 36.97 29.83
N MET A 338 -13.13 37.72 30.57
CA MET A 338 -12.05 37.11 31.40
C MET A 338 -12.68 36.23 32.47
N MET A 339 -13.80 36.65 33.07
CA MET A 339 -14.48 35.84 34.12
C MET A 339 -14.92 34.50 33.52
N TRP A 340 -15.53 34.53 32.34
CA TRP A 340 -15.93 33.30 31.62
C TRP A 340 -14.72 32.40 31.42
N ALA A 341 -13.59 32.98 30.98
CA ALA A 341 -12.38 32.20 30.65
C ALA A 341 -11.82 31.61 31.94
N LEU A 342 -11.86 32.34 33.05
CA LEU A 342 -11.27 31.78 34.31
C LEU A 342 -12.18 30.68 34.86
N GLY A 343 -13.49 30.89 34.77
CA GLY A 343 -14.46 29.83 35.09
C GLY A 343 -14.22 28.59 34.23
N PHE A 344 -13.99 28.79 32.93
CA PHE A 344 -13.64 27.69 31.99
C PHE A 344 -12.44 26.90 32.53
N ILE A 345 -11.34 27.59 32.82
CA ILE A 345 -10.09 26.88 33.22
C ILE A 345 -10.40 25.97 34.42
N PHE A 346 -11.09 26.50 35.42
CA PHE A 346 -11.37 25.74 36.67
C PHE A 346 -12.33 24.56 36.40
N LEU A 347 -13.47 24.84 35.79
CA LEU A 347 -14.54 23.84 35.62
C LEU A 347 -14.07 22.76 34.62
N PHE A 348 -13.36 23.14 33.56
CA PHE A 348 -12.81 22.17 32.59
C PHE A 348 -11.86 21.21 33.31
N THR A 349 -11.00 21.76 34.17
CA THR A 349 -10.03 20.97 34.94
C THR A 349 -10.79 19.97 35.81
N VAL A 350 -11.83 20.40 36.53
CA VAL A 350 -12.63 19.45 37.38
C VAL A 350 -13.20 18.33 36.50
N GLY A 351 -13.88 18.68 35.40
CA GLY A 351 -14.43 17.66 34.49
C GLY A 351 -13.33 16.77 33.90
N GLY A 352 -12.21 17.35 33.50
CA GLY A 352 -11.13 16.52 32.93
C GLY A 352 -10.65 15.52 33.94
N LEU A 353 -10.56 15.92 35.21
CA LEU A 353 -10.04 15.01 36.25
C LEU A 353 -11.05 13.87 36.52
N THR A 354 -12.37 14.14 36.51
CA THR A 354 -13.35 13.04 36.69
C THR A 354 -13.28 12.13 35.44
N GLY A 355 -12.85 12.63 34.29
CA GLY A 355 -12.63 11.75 33.11
C GLY A 355 -11.49 10.78 33.35
N ILE A 356 -10.44 11.27 34.01
CA ILE A 356 -9.28 10.39 34.38
C ILE A 356 -9.75 9.32 35.40
N VAL A 357 -10.67 9.63 36.32
CA VAL A 357 -11.26 8.58 37.20
C VAL A 357 -11.95 7.51 36.31
N LEU A 358 -12.82 7.96 35.39
CA LEU A 358 -13.58 7.05 34.50
C LEU A 358 -12.66 6.24 33.57
N ALA A 359 -11.49 6.75 33.22
CA ALA A 359 -10.56 6.05 32.30
C ALA A 359 -10.16 4.71 32.91
N ASN A 360 -10.19 4.62 34.23
CA ASN A 360 -9.82 3.37 34.93
C ASN A 360 -10.95 2.37 34.76
N SER A 361 -10.83 1.40 33.84
N SER A 361 -10.74 1.39 33.87
CA SER A 361 -11.94 0.46 33.55
CA SER A 361 -11.74 0.36 33.48
C SER A 361 -12.46 -0.17 34.86
C SER A 361 -12.30 -0.36 34.73
N SER A 362 -11.58 -0.65 35.73
N SER A 362 -11.51 -0.48 35.80
CA SER A 362 -12.00 -1.25 37.01
CA SER A 362 -11.95 -1.23 37.00
C SER A 362 -13.05 -0.34 37.68
C SER A 362 -12.96 -0.38 37.78
N LEU A 363 -12.72 0.92 37.92
CA LEU A 363 -13.68 1.85 38.60
C LEU A 363 -14.86 2.15 37.67
N ASP A 364 -14.63 2.19 36.38
CA ASP A 364 -15.71 2.48 35.39
C ASP A 364 -16.81 1.41 35.48
N ILE A 365 -16.48 0.16 35.85
CA ILE A 365 -17.54 -0.89 36.00
C ILE A 365 -18.65 -0.30 36.88
N VAL A 366 -18.26 0.34 37.99
CA VAL A 366 -19.21 0.84 39.02
C VAL A 366 -19.74 2.22 38.63
N LEU A 367 -19.01 2.99 37.82
CA LEU A 367 -19.44 4.39 37.49
C LEU A 367 -20.18 4.47 36.16
N HIS A 368 -19.99 3.50 35.30
CA HIS A 368 -20.60 3.48 33.94
C HIS A 368 -22.12 3.57 34.07
N ASP A 369 -22.77 4.40 33.24
CA ASP A 369 -24.26 4.43 33.17
C ASP A 369 -24.79 4.89 34.53
N THR A 370 -23.98 5.69 35.25
CA THR A 370 -24.43 6.41 36.46
C THR A 370 -24.35 7.93 36.24
N TYR A 371 -24.95 8.67 37.16
CA TYR A 371 -24.82 10.14 37.20
C TYR A 371 -23.36 10.58 37.36
N TYR A 372 -22.39 9.72 37.72
CA TYR A 372 -20.99 10.19 37.77
C TYR A 372 -20.56 10.58 36.34
N VAL A 373 -21.01 9.85 35.35
CA VAL A 373 -20.65 10.15 33.94
C VAL A 373 -21.35 11.45 33.54
N VAL A 374 -22.61 11.61 33.93
CA VAL A 374 -23.39 12.85 33.62
C VAL A 374 -22.67 14.06 34.26
N ALA A 375 -22.17 13.90 35.48
CA ALA A 375 -21.44 14.98 36.17
C ALA A 375 -20.13 15.31 35.41
N HIS A 376 -19.37 14.28 35.06
CA HIS A 376 -18.12 14.44 34.29
C HIS A 376 -18.41 15.30 33.06
N PHE A 377 -19.36 14.91 32.20
CA PHE A 377 -19.46 15.58 30.88
C PHE A 377 -20.19 16.92 31.01
N HIS A 378 -21.03 17.16 32.01
CA HIS A 378 -21.61 18.51 32.18
C HIS A 378 -20.55 19.48 32.69
N TYR A 379 -19.56 19.04 33.44
CA TYR A 379 -18.39 19.91 33.75
C TYR A 379 -17.58 20.16 32.46
N VAL A 380 -17.04 19.12 31.83
CA VAL A 380 -15.98 19.29 30.80
C VAL A 380 -16.64 19.73 29.49
N LEU A 381 -17.80 19.18 29.19
CA LEU A 381 -18.45 19.54 27.92
C LEU A 381 -19.48 20.64 28.12
N SER A 382 -20.43 20.46 28.97
CA SER A 382 -21.55 21.43 29.12
C SER A 382 -21.06 22.78 29.55
N MET A 383 -20.43 22.89 30.73
CA MET A 383 -19.80 24.14 31.26
C MET A 383 -18.58 24.52 30.39
N GLY A 384 -17.67 23.61 30.06
CA GLY A 384 -16.51 23.96 29.18
C GLY A 384 -16.93 24.66 27.90
N ALA A 385 -17.74 24.00 27.07
CA ALA A 385 -18.18 24.57 25.78
C ALA A 385 -18.98 25.85 26.03
N VAL A 386 -19.90 25.85 27.00
CA VAL A 386 -20.79 27.01 27.24
C VAL A 386 -19.96 28.18 27.77
N PHE A 387 -19.00 27.95 28.68
CA PHE A 387 -18.19 29.05 29.25
C PHE A 387 -17.34 29.65 28.14
N ALA A 388 -16.74 28.83 27.28
CA ALA A 388 -15.92 29.32 26.16
C ALA A 388 -16.81 30.11 25.17
N ILE A 389 -18.00 29.57 24.87
CA ILE A 389 -18.97 30.28 23.98
C ILE A 389 -19.35 31.61 24.62
N MET A 390 -19.67 31.65 25.90
CA MET A 390 -20.12 32.94 26.50
C MET A 390 -18.93 33.90 26.53
N GLY A 391 -17.72 33.42 26.84
CA GLY A 391 -16.49 34.24 26.82
C GLY A 391 -16.27 34.83 25.44
N GLY A 392 -16.32 33.99 24.41
CA GLY A 392 -16.12 34.45 23.02
C GLY A 392 -17.24 35.38 22.60
N PHE A 393 -18.46 35.12 23.01
CA PHE A 393 -19.61 35.98 22.62
C PHE A 393 -19.45 37.38 23.22
N VAL A 394 -19.15 37.48 24.51
N VAL A 394 -19.17 37.44 24.53
CA VAL A 394 -19.02 38.81 25.17
CA VAL A 394 -18.97 38.72 25.24
C VAL A 394 -17.76 39.53 24.66
C VAL A 394 -17.80 39.48 24.61
N HIS A 395 -16.68 38.80 24.39
CA HIS A 395 -15.44 39.41 23.86
C HIS A 395 -15.65 39.96 22.45
N TRP A 396 -16.27 39.18 21.55
CA TRP A 396 -16.35 39.57 20.12
C TRP A 396 -17.70 40.20 19.73
N PHE A 397 -18.70 40.23 20.59
CA PHE A 397 -19.97 40.92 20.28
C PHE A 397 -19.73 42.31 19.69
N PRO A 398 -18.86 43.15 20.27
CA PRO A 398 -18.68 44.49 19.74
C PRO A 398 -18.02 44.46 18.35
N LEU A 399 -17.16 43.48 18.07
CA LEU A 399 -16.61 43.33 16.70
C LEU A 399 -17.78 43.03 15.76
N PHE A 400 -18.62 42.06 16.10
CA PHE A 400 -19.66 41.56 15.17
C PHE A 400 -20.72 42.64 14.97
N SER A 401 -21.06 43.37 16.04
CA SER A 401 -22.26 44.25 16.04
C SER A 401 -21.89 45.72 15.85
N GLY A 402 -20.70 46.15 16.29
CA GLY A 402 -20.36 47.58 16.40
C GLY A 402 -20.91 48.24 17.67
N TYR A 403 -21.50 47.45 18.59
CA TYR A 403 -22.09 47.96 19.85
C TYR A 403 -21.45 47.29 21.06
N THR A 404 -21.47 47.98 22.20
CA THR A 404 -21.00 47.40 23.49
C THR A 404 -22.17 46.84 24.31
N LEU A 405 -21.88 45.76 25.02
CA LEU A 405 -22.69 45.23 26.11
C LEU A 405 -22.54 46.12 27.34
N ASN A 406 -23.49 46.01 28.26
CA ASN A 406 -23.32 46.61 29.59
C ASN A 406 -22.48 45.62 30.41
N ASP A 407 -21.24 46.01 30.76
CA ASP A 407 -20.31 45.09 31.45
C ASP A 407 -20.86 44.69 32.83
N THR A 408 -21.54 45.59 33.52
CA THR A 408 -22.08 45.25 34.86
C THR A 408 -23.13 44.12 34.74
N TRP A 409 -24.08 44.28 33.81
CA TRP A 409 -25.07 43.22 33.52
C TRP A 409 -24.35 41.92 33.13
N ALA A 410 -23.32 41.99 32.29
CA ALA A 410 -22.62 40.77 31.81
C ALA A 410 -21.93 40.08 33.00
N LYS A 411 -21.41 40.85 33.97
CA LYS A 411 -20.79 40.26 35.19
C LYS A 411 -21.88 39.62 36.06
N ILE A 412 -23.05 40.23 36.15
CA ILE A 412 -24.19 39.65 36.92
C ILE A 412 -24.55 38.29 36.28
N HIS A 413 -24.61 38.29 34.95
CA HIS A 413 -24.99 37.10 34.15
C HIS A 413 -24.02 35.96 34.47
N PHE A 414 -22.74 36.27 34.44
CA PHE A 414 -21.67 35.28 34.76
C PHE A 414 -21.90 34.71 36.17
N ALA A 415 -22.12 35.57 37.15
CA ALA A 415 -22.21 35.17 38.57
C ALA A 415 -23.41 34.22 38.75
N ILE A 416 -24.56 34.54 38.15
CA ILE A 416 -25.77 33.68 38.27
C ILE A 416 -25.49 32.32 37.63
N MET A 417 -24.91 32.31 36.44
N MET A 417 -24.92 32.30 36.43
CA MET A 417 -24.62 31.08 35.67
CA MET A 417 -24.63 31.03 35.71
C MET A 417 -23.62 30.19 36.44
C MET A 417 -23.67 30.18 36.55
N PHE A 418 -22.59 30.78 37.06
CA PHE A 418 -21.56 30.04 37.82
C PHE A 418 -22.25 29.30 38.99
N VAL A 419 -23.12 30.00 39.71
CA VAL A 419 -23.86 29.41 40.85
C VAL A 419 -24.75 28.30 40.31
N GLY A 420 -25.52 28.58 39.26
CA GLY A 420 -26.54 27.62 38.76
C GLY A 420 -25.91 26.33 38.28
N VAL A 421 -24.88 26.40 37.45
CA VAL A 421 -24.29 25.14 36.89
C VAL A 421 -23.62 24.30 38.01
N ASN A 422 -23.00 24.89 39.01
CA ASN A 422 -22.33 24.12 40.09
C ASN A 422 -23.40 23.49 40.99
N MET A 423 -24.46 24.23 41.29
N MET A 423 -24.45 24.23 41.29
CA MET A 423 -25.56 23.68 42.13
CA MET A 423 -25.57 23.69 42.12
C MET A 423 -26.22 22.54 41.36
C MET A 423 -26.22 22.54 41.36
N THR A 424 -26.30 22.67 40.04
CA THR A 424 -26.94 21.64 39.20
C THR A 424 -26.09 20.37 39.20
N PHE A 425 -24.80 20.48 38.90
CA PHE A 425 -24.00 19.30 38.49
C PHE A 425 -23.14 18.79 39.64
N PHE A 426 -22.68 19.62 40.57
CA PHE A 426 -21.73 19.07 41.57
C PHE A 426 -22.38 17.91 42.30
N PRO A 427 -23.65 18.01 42.79
CA PRO A 427 -24.25 16.90 43.54
C PRO A 427 -24.42 15.59 42.74
N GLN A 428 -24.35 15.68 41.41
CA GLN A 428 -24.54 14.49 40.54
C GLN A 428 -23.34 13.55 40.72
N HIS A 429 -22.19 14.05 41.20
CA HIS A 429 -21.05 13.16 41.59
C HIS A 429 -21.50 12.18 42.71
N PHE A 430 -22.20 12.71 43.73
CA PHE A 430 -22.65 11.92 44.89
C PHE A 430 -23.67 10.87 44.41
N LEU A 431 -24.60 11.31 43.56
CA LEU A 431 -25.62 10.40 42.97
C LEU A 431 -24.92 9.27 42.20
N GLY A 432 -23.87 9.57 41.44
CA GLY A 432 -23.15 8.52 40.70
C GLY A 432 -22.38 7.57 41.60
N LEU A 433 -21.56 8.10 42.51
CA LEU A 433 -20.77 7.24 43.42
C LEU A 433 -21.73 6.33 44.17
N SER A 434 -22.88 6.84 44.60
CA SER A 434 -23.82 6.07 45.44
C SER A 434 -24.71 5.19 44.55
N GLY A 435 -24.50 5.19 43.24
CA GLY A 435 -25.11 4.19 42.33
C GLY A 435 -26.41 4.59 41.60
N MET A 436 -26.76 5.86 41.52
CA MET A 436 -27.98 6.24 40.76
C MET A 436 -27.71 6.12 39.26
N PRO A 437 -28.48 5.28 38.54
CA PRO A 437 -28.33 5.19 37.09
C PRO A 437 -28.68 6.49 36.39
N ARG A 438 -28.04 6.70 35.26
CA ARG A 438 -28.49 7.74 34.32
C ARG A 438 -29.64 7.17 33.47
N ARG A 439 -30.31 8.07 32.76
CA ARG A 439 -31.44 7.77 31.84
C ARG A 439 -32.62 7.23 32.63
N TYR A 440 -32.77 7.66 33.88
CA TYR A 440 -33.89 7.26 34.75
C TYR A 440 -34.88 8.42 34.92
N SER A 441 -36.18 8.10 34.93
CA SER A 441 -37.27 9.08 35.14
C SER A 441 -37.57 9.25 36.65
N ASP A 442 -37.07 8.35 37.48
CA ASP A 442 -37.36 8.33 38.93
C ASP A 442 -36.30 7.48 39.62
N TYR A 443 -36.18 7.66 40.91
CA TYR A 443 -35.03 7.13 41.66
C TYR A 443 -35.50 6.59 43.00
N PRO A 444 -34.82 5.56 43.50
CA PRO A 444 -35.02 5.17 44.90
C PRO A 444 -34.91 6.41 45.81
N ASP A 445 -35.72 6.37 46.87
CA ASP A 445 -35.99 7.48 47.81
C ASP A 445 -34.67 8.03 48.37
N ALA A 446 -33.66 7.20 48.62
CA ALA A 446 -32.36 7.66 49.20
C ALA A 446 -31.75 8.81 48.36
N TYR A 447 -32.01 8.86 47.06
CA TYR A 447 -31.36 9.82 46.14
C TYR A 447 -32.11 11.15 46.08
N THR A 448 -33.08 11.37 46.95
CA THR A 448 -34.00 12.52 46.81
C THR A 448 -33.24 13.85 47.04
N MET A 449 -32.44 13.94 48.10
CA MET A 449 -31.85 15.25 48.47
C MET A 449 -31.00 15.79 47.30
N TRP A 450 -30.07 15.00 46.77
CA TRP A 450 -29.20 15.54 45.68
C TRP A 450 -30.02 15.85 44.42
N ASN A 451 -31.01 15.04 44.08
CA ASN A 451 -31.85 15.32 42.88
C ASN A 451 -32.63 16.62 43.11
N THR A 452 -33.07 16.85 44.34
CA THR A 452 -33.84 18.08 44.66
C THR A 452 -32.93 19.31 44.43
N ILE A 453 -31.73 19.27 44.98
CA ILE A 453 -30.77 20.40 44.89
C ILE A 453 -30.39 20.60 43.42
N SER A 454 -30.10 19.52 42.69
CA SER A 454 -29.73 19.60 41.26
C SER A 454 -30.82 20.32 40.46
N SER A 455 -32.08 19.98 40.68
CA SER A 455 -33.21 20.57 39.92
C SER A 455 -33.35 22.04 40.30
N MET A 456 -33.15 22.38 41.58
CA MET A 456 -33.17 23.80 41.99
C MET A 456 -32.05 24.57 41.28
N GLY A 457 -30.86 23.98 41.18
CA GLY A 457 -29.77 24.59 40.37
C GLY A 457 -30.19 24.89 38.92
N SER A 458 -30.95 23.96 38.32
CA SER A 458 -31.31 24.09 36.90
C SER A 458 -32.12 25.39 36.69
N PHE A 459 -32.93 25.80 37.66
CA PHE A 459 -33.78 27.03 37.59
C PHE A 459 -32.89 28.27 37.68
N ILE A 460 -31.79 28.20 38.43
CA ILE A 460 -30.85 29.33 38.55
C ILE A 460 -30.23 29.60 37.16
N SER A 461 -29.80 28.55 36.45
CA SER A 461 -29.24 28.72 35.08
C SER A 461 -30.33 29.23 34.14
N LEU A 462 -31.60 28.81 34.33
CA LEU A 462 -32.71 29.38 33.52
C LEU A 462 -32.73 30.90 33.68
N THR A 463 -32.69 31.39 34.92
CA THR A 463 -32.69 32.85 35.19
C THR A 463 -31.52 33.51 34.46
N ALA A 464 -30.34 32.90 34.49
CA ALA A 464 -29.17 33.41 33.75
C ALA A 464 -29.50 33.48 32.24
N VAL A 465 -30.10 32.44 31.65
CA VAL A 465 -30.38 32.43 30.18
C VAL A 465 -31.36 33.57 29.86
N MET A 466 -32.38 33.75 30.68
CA MET A 466 -33.37 34.82 30.40
C MET A 466 -32.65 36.18 30.48
N LEU A 467 -31.76 36.35 31.46
CA LEU A 467 -31.05 37.63 31.62
C LEU A 467 -30.16 37.88 30.40
N MET A 468 -29.54 36.81 29.88
CA MET A 468 -28.67 36.94 28.70
C MET A 468 -29.47 37.54 27.53
N VAL A 469 -30.68 37.07 27.31
CA VAL A 469 -31.49 37.62 26.19
C VAL A 469 -31.73 39.11 26.44
N PHE A 470 -32.10 39.48 27.67
CA PHE A 470 -32.31 40.90 28.01
C PHE A 470 -31.03 41.71 27.73
N ILE A 471 -29.87 41.15 28.07
CA ILE A 471 -28.58 41.89 27.96
C ILE A 471 -28.29 42.18 26.47
N ILE A 472 -28.49 41.19 25.63
CA ILE A 472 -28.32 41.38 24.17
C ILE A 472 -29.33 42.43 23.69
N TRP A 473 -30.57 42.35 24.15
CA TRP A 473 -31.56 43.38 23.79
C TRP A 473 -31.05 44.76 24.22
N GLU A 474 -30.55 44.88 25.46
CA GLU A 474 -30.16 46.21 26.02
C GLU A 474 -29.06 46.79 25.12
N ALA A 475 -28.13 45.98 24.64
CA ALA A 475 -27.03 46.46 23.79
C ALA A 475 -27.55 47.03 22.46
N PHE A 476 -28.42 46.30 21.78
CA PHE A 476 -29.01 46.78 20.49
C PHE A 476 -29.98 47.93 20.75
N ALA A 477 -30.65 47.95 21.91
CA ALA A 477 -31.62 49.03 22.27
C ALA A 477 -30.88 50.36 22.50
N SER A 478 -29.70 50.35 23.12
CA SER A 478 -29.00 51.54 23.62
C SER A 478 -28.07 52.12 22.54
N LYS A 479 -27.48 51.25 21.71
CA LYS A 479 -26.59 51.61 20.57
C LYS A 479 -25.41 52.50 21.05
N ARG A 480 -24.59 51.95 21.96
CA ARG A 480 -23.23 52.47 22.28
C ARG A 480 -22.26 51.99 21.20
N GLU A 481 -21.82 52.88 20.31
CA GLU A 481 -20.94 52.53 19.15
C GLU A 481 -19.48 52.46 19.61
N VAL A 482 -18.81 51.38 19.25
CA VAL A 482 -17.40 51.12 19.61
C VAL A 482 -16.56 52.27 19.06
N LEU A 483 -15.56 52.72 19.83
CA LEU A 483 -14.56 53.70 19.33
C LEU A 483 -13.21 53.02 19.23
N THR A 484 -12.55 52.71 20.34
CA THR A 484 -11.17 52.15 20.24
C THR A 484 -11.12 50.80 20.93
N VAL A 485 -10.32 49.94 20.33
CA VAL A 485 -10.00 48.62 20.91
C VAL A 485 -8.48 48.52 21.15
N ASP A 486 -8.06 48.06 22.32
CA ASP A 486 -6.65 47.87 22.68
C ASP A 486 -6.11 46.61 21.96
N LEU A 487 -4.79 46.56 21.78
CA LEU A 487 -3.99 45.38 21.36
C LEU A 487 -4.36 44.94 19.94
N THR A 488 -4.77 45.86 19.05
CA THR A 488 -4.99 45.50 17.63
C THR A 488 -3.70 44.95 16.98
N THR A 489 -2.51 45.29 17.48
CA THR A 489 -1.26 44.84 16.85
C THR A 489 -1.15 43.31 16.96
N THR A 490 -1.82 42.66 17.93
CA THR A 490 -1.80 41.18 18.03
C THR A 490 -3.20 40.60 17.99
N ASN A 491 -4.15 41.30 17.35
CA ASN A 491 -5.56 40.82 17.25
C ASN A 491 -6.13 41.40 15.94
N LEU A 492 -5.64 40.85 14.83
CA LEU A 492 -5.91 41.33 13.46
C LEU A 492 -7.42 41.44 13.21
N GLU A 493 -8.24 40.57 13.81
CA GLU A 493 -9.69 40.55 13.50
C GLU A 493 -10.34 41.92 13.84
N TRP A 494 -9.77 42.72 14.76
CA TRP A 494 -10.31 44.04 15.18
C TRP A 494 -9.85 45.18 14.24
N LEU A 495 -8.83 44.95 13.38
CA LEU A 495 -8.12 46.10 12.76
C LEU A 495 -8.94 46.73 11.63
N ASN A 496 -10.03 46.10 11.18
CA ASN A 496 -10.90 46.69 10.13
C ASN A 496 -12.13 47.40 10.75
N GLY A 497 -12.10 47.65 12.07
CA GLY A 497 -13.21 48.34 12.75
C GLY A 497 -14.41 47.43 13.09
N CYS A 498 -15.42 48.04 13.71
CA CYS A 498 -16.54 47.36 14.37
C CYS A 498 -17.87 47.97 13.89
N PRO A 499 -18.69 47.24 13.10
CA PRO A 499 -18.30 45.96 12.52
C PRO A 499 -17.39 46.20 11.31
N PRO A 500 -16.62 45.19 10.87
CA PRO A 500 -15.78 45.36 9.68
C PRO A 500 -16.67 45.48 8.45
N PRO A 501 -16.20 46.15 7.37
CA PRO A 501 -16.98 46.22 6.12
C PRO A 501 -17.31 44.82 5.58
N TYR A 502 -18.38 44.73 4.81
CA TYR A 502 -18.84 43.49 4.17
C TYR A 502 -17.67 42.79 3.51
N HIS A 503 -16.90 43.53 2.70
CA HIS A 503 -15.65 43.04 2.05
C HIS A 503 -14.45 43.56 2.87
N THR A 504 -13.68 42.67 3.47
CA THR A 504 -12.37 43.03 4.07
C THR A 504 -11.23 42.36 3.30
N PHE A 505 -10.03 42.92 3.42
CA PHE A 505 -8.81 42.38 2.79
C PHE A 505 -9.02 42.28 1.26
N GLU A 506 -9.77 43.20 0.66
CA GLU A 506 -9.82 43.29 -0.83
C GLU A 506 -8.42 43.56 -1.35
N GLU A 507 -7.72 44.41 -0.62
CA GLU A 507 -6.25 44.53 -0.73
C GLU A 507 -5.66 43.71 0.41
N PRO A 508 -4.90 42.64 0.11
CA PRO A 508 -4.39 41.78 1.16
C PRO A 508 -3.35 42.53 2.01
N THR A 509 -3.08 41.96 3.18
CA THR A 509 -1.99 42.45 4.06
C THR A 509 -0.65 42.31 3.35
N TYR A 510 0.30 43.15 3.74
CA TYR A 510 1.71 43.13 3.29
C TYR A 510 2.49 42.46 4.42
N VAL A 511 3.08 41.31 4.13
CA VAL A 511 3.97 40.60 5.09
C VAL A 511 5.22 40.18 4.33
N ASN A 512 6.39 40.68 4.72
CA ASN A 512 7.62 40.33 3.95
C ASN A 512 8.34 39.17 4.66
N LEU A 513 9.28 38.56 3.97
CA LEU A 513 10.20 37.51 4.48
C LEU A 513 11.59 38.11 4.72
N ALA B 2 -28.02 2.39 48.56
CA ALA B 2 -27.72 3.74 48.97
C ALA B 2 -28.62 4.17 50.11
N TYR B 3 -28.13 5.10 50.92
CA TYR B 3 -28.84 5.70 52.07
C TYR B 3 -28.93 7.20 51.79
N PRO B 4 -29.87 7.93 52.43
CA PRO B 4 -30.02 9.35 52.18
C PRO B 4 -28.75 10.16 52.51
N MET B 5 -28.50 11.11 51.62
CA MET B 5 -27.40 12.10 51.72
C MET B 5 -26.07 11.42 51.51
N GLN B 6 -26.03 10.25 50.89
CA GLN B 6 -24.76 9.52 50.70
C GLN B 6 -23.86 10.31 49.75
N LEU B 7 -22.56 10.40 50.07
CA LEU B 7 -21.55 11.14 49.26
C LEU B 7 -20.75 10.17 48.38
N GLY B 8 -20.41 9.01 48.90
CA GLY B 8 -19.46 8.10 48.23
C GLY B 8 -20.08 6.77 47.84
N PHE B 9 -19.23 5.78 47.66
CA PHE B 9 -19.66 4.43 47.23
C PHE B 9 -20.43 3.75 48.37
N GLN B 10 -21.36 2.89 48.00
CA GLN B 10 -21.98 1.88 48.93
C GLN B 10 -20.87 1.07 49.60
N ASP B 11 -21.08 0.66 50.84
CA ASP B 11 -20.10 -0.17 51.56
C ASP B 11 -19.82 -1.44 50.72
N ALA B 12 -18.56 -1.86 50.66
CA ALA B 12 -18.13 -3.05 49.90
C ALA B 12 -18.73 -4.32 50.52
N THR B 13 -19.32 -5.14 49.65
CA THR B 13 -19.86 -6.47 49.97
C THR B 13 -18.87 -7.57 49.56
N SER B 14 -17.99 -7.28 48.57
CA SER B 14 -17.01 -8.25 48.00
C SER B 14 -15.59 -7.73 48.20
N PRO B 15 -14.55 -8.60 48.24
CA PRO B 15 -13.15 -8.13 48.28
C PRO B 15 -12.80 -7.17 47.13
N ILE B 16 -13.27 -7.43 45.91
N ILE B 16 -13.31 -7.48 45.93
CA ILE B 16 -12.92 -6.54 44.76
CA ILE B 16 -13.09 -6.66 44.70
C ILE B 16 -13.58 -5.18 44.97
C ILE B 16 -13.59 -5.25 44.98
N MET B 17 -14.80 -5.12 45.53
CA MET B 17 -15.38 -3.79 45.78
C MET B 17 -14.52 -3.08 46.84
N GLU B 18 -13.98 -3.82 47.83
N GLU B 18 -13.95 -3.78 47.84
CA GLU B 18 -13.06 -3.23 48.85
CA GLU B 18 -13.09 -3.07 48.84
C GLU B 18 -11.85 -2.61 48.15
C GLU B 18 -11.81 -2.59 48.16
N GLU B 19 -11.26 -3.37 47.21
CA GLU B 19 -10.09 -2.92 46.42
C GLU B 19 -10.43 -1.63 45.67
N LEU B 20 -11.61 -1.57 45.04
CA LEU B 20 -12.03 -0.37 44.28
C LEU B 20 -12.16 0.81 45.24
N LEU B 21 -12.68 0.62 46.44
CA LEU B 21 -12.80 1.75 47.40
C LEU B 21 -11.42 2.35 47.68
N HIS B 22 -10.42 1.51 48.00
N HIS B 22 -10.41 1.52 48.02
CA HIS B 22 -9.04 1.96 48.33
CA HIS B 22 -9.03 2.01 48.34
C HIS B 22 -8.43 2.65 47.11
C HIS B 22 -8.45 2.69 47.10
N PHE B 23 -8.68 2.11 45.91
CA PHE B 23 -8.17 2.68 44.64
C PHE B 23 -8.82 4.07 44.38
N HIS B 24 -10.14 4.17 44.64
CA HIS B 24 -10.86 5.47 44.49
C HIS B 24 -10.30 6.48 45.50
N ASP B 25 -10.10 6.10 46.74
CA ASP B 25 -9.48 7.01 47.74
C ASP B 25 -8.14 7.53 47.21
N HIS B 26 -7.29 6.67 46.68
CA HIS B 26 -5.95 7.05 46.14
C HIS B 26 -6.16 8.05 45.00
N THR B 27 -7.10 7.76 44.09
CA THR B 27 -7.28 8.55 42.86
C THR B 27 -7.89 9.89 43.24
N LEU B 28 -8.84 9.88 44.16
CA LEU B 28 -9.58 11.09 44.55
C LEU B 28 -8.62 12.02 45.28
N MET B 29 -7.67 11.49 46.05
CA MET B 29 -6.67 12.38 46.69
C MET B 29 -5.97 13.19 45.59
N ILE B 30 -5.60 12.52 44.49
CA ILE B 30 -4.83 13.13 43.37
C ILE B 30 -5.70 14.18 42.69
N VAL B 31 -6.97 13.83 42.46
CA VAL B 31 -7.96 14.77 41.85
C VAL B 31 -8.10 16.02 42.72
N PHE B 32 -8.26 15.85 44.03
N PHE B 32 -8.24 15.90 44.04
CA PHE B 32 -8.39 16.97 45.01
CA PHE B 32 -8.43 17.07 44.95
C PHE B 32 -7.16 17.88 44.88
C PHE B 32 -7.15 17.93 44.95
N LEU B 33 -5.97 17.29 45.00
CA LEU B 33 -4.65 17.99 44.96
C LEU B 33 -4.51 18.80 43.67
N ILE B 34 -4.75 18.19 42.50
CA ILE B 34 -4.56 18.88 41.21
C ILE B 34 -5.58 20.01 41.08
N SER B 35 -6.86 19.76 41.38
CA SER B 35 -8.00 20.74 41.37
C SER B 35 -7.62 21.96 42.19
N SER B 36 -7.18 21.68 43.41
CA SER B 36 -6.82 22.69 44.44
C SER B 36 -5.61 23.48 43.96
N LEU B 37 -4.60 22.79 43.42
CA LEU B 37 -3.38 23.45 42.95
C LEU B 37 -3.72 24.39 41.78
N VAL B 38 -4.56 23.95 40.86
CA VAL B 38 -4.97 24.83 39.74
C VAL B 38 -5.75 26.04 40.29
N LEU B 39 -6.71 25.85 41.19
CA LEU B 39 -7.51 26.98 41.73
C LEU B 39 -6.56 27.93 42.47
N TYR B 40 -5.64 27.39 43.24
CA TYR B 40 -4.70 28.23 44.01
C TYR B 40 -3.85 29.04 43.03
N ILE B 41 -3.29 28.39 41.99
CA ILE B 41 -2.39 29.09 41.03
C ILE B 41 -3.20 30.15 40.27
N ILE B 42 -4.41 29.85 39.81
CA ILE B 42 -5.27 30.92 39.22
C ILE B 42 -5.26 32.10 40.19
N SER B 43 -5.57 31.85 41.45
CA SER B 43 -5.77 32.96 42.41
C SER B 43 -4.41 33.66 42.62
N LEU B 44 -3.29 32.96 42.58
CA LEU B 44 -1.96 33.58 42.72
C LEU B 44 -1.67 34.49 41.51
N MET B 45 -1.97 34.02 40.30
CA MET B 45 -1.71 34.79 39.05
C MET B 45 -2.53 36.08 39.04
N LEU B 46 -3.68 36.09 39.73
CA LEU B 46 -4.70 37.18 39.60
C LEU B 46 -4.64 38.17 40.78
N THR B 47 -3.69 38.03 41.72
CA THR B 47 -3.69 38.83 42.99
C THR B 47 -2.44 39.73 43.13
N THR B 48 -1.80 40.17 42.05
CA THR B 48 -0.68 41.11 42.15
C THR B 48 -0.82 42.21 41.09
N LYS B 49 -0.45 43.41 41.46
CA LYS B 49 -0.27 44.55 40.52
C LYS B 49 1.10 44.49 39.80
N LEU B 50 2.01 43.61 40.20
CA LEU B 50 3.33 43.46 39.53
C LEU B 50 3.07 42.84 38.15
N THR B 51 3.82 43.30 37.15
CA THR B 51 3.66 42.85 35.77
C THR B 51 4.99 42.42 35.15
N HIS B 52 4.87 41.56 34.16
CA HIS B 52 5.95 41.03 33.29
C HIS B 52 5.25 40.58 32.01
N THR B 53 5.26 41.43 30.98
CA THR B 53 4.42 41.26 29.76
C THR B 53 5.28 40.99 28.52
N SER B 54 6.60 40.94 28.72
CA SER B 54 7.54 40.63 27.62
C SER B 54 7.50 39.10 27.36
N THR B 55 8.08 38.67 26.25
CA THR B 55 8.09 37.25 25.81
C THR B 55 8.76 36.39 26.91
N MET B 56 8.09 35.32 27.31
CA MET B 56 8.57 34.36 28.33
C MET B 56 9.03 33.05 27.68
N ASP B 57 10.22 32.57 28.08
CA ASP B 57 10.80 31.27 27.59
C ASP B 57 10.07 30.10 28.26
N ALA B 58 9.64 29.13 27.45
CA ALA B 58 8.71 28.06 27.90
C ALA B 58 9.41 26.70 28.10
N GLN B 59 10.61 26.46 27.58
CA GLN B 59 11.03 25.03 27.45
C GLN B 59 11.37 24.40 28.81
N GLU B 60 12.06 25.10 29.72
CA GLU B 60 12.41 24.57 31.07
C GLU B 60 11.10 24.13 31.72
N VAL B 61 10.10 25.03 31.76
CA VAL B 61 8.90 24.76 32.58
C VAL B 61 8.10 23.65 31.88
N GLU B 62 8.20 23.50 30.55
CA GLU B 62 7.33 22.49 29.90
C GLU B 62 7.82 21.08 30.26
N THR B 63 9.10 20.93 30.60
CA THR B 63 9.60 19.62 31.09
C THR B 63 8.83 19.23 32.37
N ILE B 64 8.76 20.17 33.30
CA ILE B 64 8.15 19.94 34.64
C ILE B 64 6.73 19.50 34.37
N TRP B 65 6.07 20.17 33.44
CA TRP B 65 4.61 20.00 33.46
C TRP B 65 4.15 18.99 32.40
N THR B 66 5.10 18.23 31.85
CA THR B 66 4.87 16.93 31.16
C THR B 66 5.34 15.76 32.03
N ILE B 67 6.53 15.87 32.62
CA ILE B 67 7.09 14.74 33.43
C ILE B 67 6.25 14.54 34.69
N LEU B 68 5.89 15.60 35.39
CA LEU B 68 5.16 15.41 36.67
C LEU B 68 3.81 14.74 36.37
N PRO B 69 3.03 15.22 35.40
CA PRO B 69 1.77 14.54 35.05
C PRO B 69 2.01 13.10 34.58
N ALA B 70 3.07 12.81 33.82
CA ALA B 70 3.35 11.42 33.36
C ALA B 70 3.52 10.52 34.59
N ILE B 71 4.32 10.96 35.56
CA ILE B 71 4.55 10.17 36.79
C ILE B 71 3.22 9.96 37.54
N ILE B 72 2.46 11.02 37.74
CA ILE B 72 1.14 10.92 38.42
C ILE B 72 0.27 9.89 37.67
N LEU B 73 0.25 9.90 36.34
CA LEU B 73 -0.62 8.95 35.61
C LEU B 73 -0.12 7.51 35.84
N ILE B 74 1.19 7.32 35.89
CA ILE B 74 1.75 5.96 36.14
C ILE B 74 1.33 5.54 37.56
N LEU B 75 1.41 6.44 38.52
CA LEU B 75 1.01 6.14 39.93
C LEU B 75 -0.49 5.81 40.01
N ILE B 76 -1.32 6.24 39.07
CA ILE B 76 -2.76 5.84 39.02
C ILE B 76 -2.85 4.50 38.29
N ALA B 77 -2.20 4.40 37.14
CA ALA B 77 -2.31 3.23 36.23
C ALA B 77 -1.90 1.93 36.93
N LEU B 78 -0.80 1.95 37.68
CA LEU B 78 -0.22 0.74 38.31
C LEU B 78 -1.28 0.05 39.21
N PRO B 79 -1.84 0.68 40.26
CA PRO B 79 -2.87 -0.02 41.05
C PRO B 79 -4.15 -0.27 40.22
N SER B 80 -4.46 0.61 39.27
CA SER B 80 -5.66 0.45 38.40
C SER B 80 -5.60 -0.93 37.72
N LEU B 81 -4.47 -1.18 37.09
CA LEU B 81 -4.31 -2.39 36.25
C LEU B 81 -4.13 -3.60 37.16
N ARG B 82 -3.51 -3.44 38.34
CA ARG B 82 -3.42 -4.56 39.32
C ARG B 82 -4.85 -5.04 39.60
N ILE B 83 -5.78 -4.10 39.85
CA ILE B 83 -7.18 -4.51 40.18
C ILE B 83 -7.81 -5.13 38.93
N LEU B 84 -7.58 -4.54 37.74
CA LEU B 84 -8.23 -5.07 36.51
C LEU B 84 -7.88 -6.55 36.35
N TYR B 85 -6.61 -6.89 36.56
CA TYR B 85 -6.10 -8.26 36.31
C TYR B 85 -6.49 -9.18 37.47
N MET B 86 -6.53 -8.65 38.69
CA MET B 86 -7.08 -9.39 39.86
C MET B 86 -8.53 -9.81 39.54
N MET B 87 -9.43 -8.89 39.17
N MET B 87 -9.33 -8.81 39.07
CA MET B 87 -10.81 -9.32 38.84
CA MET B 87 -10.73 -8.84 38.53
C MET B 87 -10.72 -10.46 37.81
C MET B 87 -10.94 -9.99 37.53
N ASP B 88 -9.89 -10.31 36.76
CA ASP B 88 -9.93 -11.26 35.61
C ASP B 88 -9.38 -12.63 36.01
N GLU B 89 -8.64 -12.75 37.14
CA GLU B 89 -7.91 -14.00 37.51
C GLU B 89 -8.90 -15.14 37.79
N ILE B 90 -8.42 -16.37 37.51
CA ILE B 90 -9.15 -17.70 37.53
C ILE B 90 -9.49 -18.04 38.99
N ASN B 91 -10.78 -18.19 39.23
CA ASN B 91 -11.27 -18.33 40.63
C ASN B 91 -11.97 -19.68 40.86
N ASN B 92 -12.27 -20.47 39.82
CA ASN B 92 -13.05 -21.74 39.97
C ASN B 92 -14.37 -21.53 40.72
N PRO B 93 -15.44 -21.19 40.00
CA PRO B 93 -16.74 -21.08 40.64
C PRO B 93 -17.32 -22.45 41.09
N SER B 94 -18.13 -22.42 42.16
CA SER B 94 -18.90 -23.56 42.70
C SER B 94 -20.27 -23.64 42.05
N LEU B 95 -20.71 -22.57 41.39
CA LEU B 95 -22.12 -22.42 40.93
C LEU B 95 -22.13 -21.49 39.73
N THR B 96 -22.95 -21.82 38.73
CA THR B 96 -23.27 -20.93 37.60
C THR B 96 -24.75 -20.56 37.64
N VAL B 97 -25.00 -19.27 37.57
CA VAL B 97 -26.36 -18.69 37.43
C VAL B 97 -26.41 -17.84 36.18
N LYS B 98 -27.48 -17.96 35.41
CA LYS B 98 -27.70 -17.08 34.25
C LYS B 98 -28.81 -16.08 34.59
N THR B 99 -28.64 -14.85 34.12
CA THR B 99 -29.74 -13.87 34.10
C THR B 99 -29.99 -13.43 32.64
N MET B 100 -31.28 -13.37 32.26
CA MET B 100 -31.73 -12.84 30.97
C MET B 100 -32.52 -11.52 31.23
N GLY B 101 -32.09 -10.44 30.58
CA GLY B 101 -32.83 -9.18 30.59
C GLY B 101 -34.01 -9.28 29.62
N HIS B 102 -35.09 -8.60 29.99
CA HIS B 102 -36.33 -8.46 29.19
C HIS B 102 -36.89 -7.06 29.44
N GLN B 103 -37.71 -6.56 28.54
CA GLN B 103 -38.59 -5.41 28.78
C GLN B 103 -39.80 -5.89 29.58
N TRP B 104 -39.91 -5.57 30.88
CA TRP B 104 -38.94 -4.89 31.73
C TRP B 104 -38.86 -5.67 33.07
N TYR B 105 -38.00 -6.66 33.12
CA TYR B 105 -37.86 -7.62 34.25
C TYR B 105 -36.64 -8.49 33.93
N TRP B 106 -36.11 -9.16 34.94
CA TRP B 106 -34.99 -10.11 34.83
C TRP B 106 -35.56 -11.51 35.03
N SER B 107 -35.09 -12.47 34.25
CA SER B 107 -35.29 -13.90 34.56
C SER B 107 -33.95 -14.50 34.98
N TYR B 108 -34.01 -15.53 35.78
CA TYR B 108 -32.84 -16.20 36.36
C TYR B 108 -32.96 -17.70 36.08
N GLU B 109 -31.83 -18.30 35.74
CA GLU B 109 -31.76 -19.74 35.44
C GLU B 109 -30.62 -20.34 36.26
N TYR B 110 -30.94 -21.35 37.05
CA TYR B 110 -29.95 -22.12 37.82
C TYR B 110 -30.01 -23.56 37.30
N THR B 111 -29.20 -23.89 36.28
CA THR B 111 -29.35 -25.20 35.53
C THR B 111 -28.11 -26.08 35.64
N ASP B 112 -27.30 -25.91 36.69
CA ASP B 112 -26.19 -26.85 37.00
C ASP B 112 -26.72 -28.27 37.24
N TYR B 113 -27.86 -28.43 37.92
CA TYR B 113 -28.39 -29.72 38.43
C TYR B 113 -29.83 -29.92 37.96
N GLU B 114 -30.72 -29.00 38.25
CA GLU B 114 -32.19 -29.09 37.96
C GLU B 114 -32.61 -27.94 37.03
N ASP B 115 -33.80 -27.96 36.45
CA ASP B 115 -34.21 -26.81 35.61
C ASP B 115 -34.97 -25.84 36.54
N LEU B 116 -34.23 -24.98 37.20
CA LEU B 116 -34.80 -23.91 38.04
C LEU B 116 -34.72 -22.60 37.25
N SER B 117 -35.86 -21.96 37.03
CA SER B 117 -35.89 -20.61 36.41
C SER B 117 -37.14 -19.86 36.90
N PHE B 118 -37.09 -18.55 36.93
CA PHE B 118 -38.22 -17.69 37.38
C PHE B 118 -37.94 -16.26 36.91
N ASP B 119 -39.02 -15.48 36.91
CA ASP B 119 -39.08 -14.05 36.54
C ASP B 119 -38.98 -13.26 37.84
N SER B 120 -38.37 -12.07 37.74
CA SER B 120 -38.11 -11.17 38.87
C SER B 120 -38.55 -9.77 38.45
N TYR B 121 -39.65 -9.31 39.02
CA TYR B 121 -40.29 -8.01 38.69
C TYR B 121 -40.25 -7.08 39.90
N MET B 122 -40.11 -5.78 39.63
CA MET B 122 -40.29 -4.71 40.64
C MET B 122 -41.65 -4.89 41.32
N ILE B 123 -41.65 -4.77 42.63
CA ILE B 123 -42.90 -4.63 43.42
C ILE B 123 -43.47 -3.24 43.12
N PRO B 124 -44.71 -3.11 42.56
CA PRO B 124 -45.32 -1.79 42.42
C PRO B 124 -45.38 -1.01 43.76
N THR B 125 -45.28 0.30 43.67
CA THR B 125 -45.25 1.18 44.87
C THR B 125 -46.49 0.91 45.72
N SER B 126 -47.64 0.74 45.08
CA SER B 126 -48.96 0.56 45.73
C SER B 126 -49.01 -0.80 46.46
N GLU B 127 -48.07 -1.71 46.22
CA GLU B 127 -48.08 -3.05 46.84
C GLU B 127 -46.92 -3.28 47.79
N LEU B 128 -46.08 -2.29 48.02
CA LEU B 128 -44.97 -2.43 48.98
C LEU B 128 -45.58 -2.75 50.33
N LYS B 129 -44.95 -3.68 51.03
CA LYS B 129 -45.19 -3.94 52.46
C LYS B 129 -44.46 -2.88 53.27
N PRO B 130 -45.07 -2.43 54.38
CA PRO B 130 -44.40 -1.52 55.29
C PRO B 130 -42.90 -1.80 55.51
N GLY B 131 -42.04 -0.80 55.31
CA GLY B 131 -40.59 -0.95 55.52
C GLY B 131 -39.87 -1.27 54.24
N GLU B 132 -40.60 -1.60 53.15
CA GLU B 132 -40.00 -2.01 51.85
C GLU B 132 -39.63 -0.77 51.03
N LEU B 133 -38.67 -0.94 50.14
CA LEU B 133 -38.01 0.16 49.42
C LEU B 133 -38.66 0.39 48.05
N ARG B 134 -39.15 1.61 47.85
CA ARG B 134 -39.71 2.04 46.54
C ARG B 134 -38.67 1.86 45.43
N LEU B 135 -39.11 1.22 44.34
CA LEU B 135 -38.42 1.01 43.04
C LEU B 135 -37.31 -0.04 43.15
N LEU B 136 -37.08 -0.61 44.33
CA LEU B 136 -35.92 -1.52 44.56
C LEU B 136 -36.35 -2.96 44.85
N GLU B 137 -37.44 -3.21 45.55
CA GLU B 137 -37.86 -4.59 45.90
C GLU B 137 -38.32 -5.32 44.62
N VAL B 138 -38.13 -6.63 44.60
CA VAL B 138 -38.68 -7.54 43.57
C VAL B 138 -39.55 -8.61 44.26
N ASP B 139 -40.44 -9.23 43.50
CA ASP B 139 -41.27 -10.38 43.97
C ASP B 139 -40.36 -11.58 44.29
N ASN B 140 -39.41 -11.90 43.41
CA ASN B 140 -38.60 -13.15 43.46
C ASN B 140 -37.13 -12.77 43.48
N ARG B 141 -36.49 -12.86 44.63
CA ARG B 141 -35.08 -12.47 44.79
C ARG B 141 -34.16 -13.55 44.21
N VAL B 142 -32.93 -13.12 43.93
CA VAL B 142 -31.86 -13.99 43.40
C VAL B 142 -31.16 -14.54 44.64
N VAL B 143 -31.62 -15.68 45.14
CA VAL B 143 -31.04 -16.31 46.34
C VAL B 143 -29.73 -16.97 45.90
N LEU B 144 -28.66 -16.75 46.67
CA LEU B 144 -27.29 -17.20 46.36
C LEU B 144 -26.60 -17.58 47.66
N PRO B 145 -25.67 -18.56 47.59
CA PRO B 145 -24.86 -18.90 48.75
C PRO B 145 -23.79 -17.82 49.00
N MET B 146 -23.70 -17.37 50.26
CA MET B 146 -22.64 -16.46 50.75
C MET B 146 -21.29 -17.19 50.79
N GLU B 147 -20.20 -16.42 50.74
CA GLU B 147 -18.80 -16.90 50.91
C GLU B 147 -18.46 -17.95 49.82
N MET B 148 -19.05 -17.87 48.64
CA MET B 148 -18.75 -18.80 47.53
C MET B 148 -18.57 -18.02 46.23
N THR B 149 -17.60 -18.44 45.43
CA THR B 149 -17.37 -17.90 44.06
C THR B 149 -18.50 -18.39 43.14
N ILE B 150 -19.23 -17.44 42.56
CA ILE B 150 -20.38 -17.74 41.68
C ILE B 150 -20.10 -17.15 40.32
N ARG B 151 -20.30 -17.95 39.28
CA ARG B 151 -20.24 -17.44 37.89
C ARG B 151 -21.63 -16.92 37.51
N MET B 152 -21.77 -15.64 37.24
CA MET B 152 -23.00 -15.06 36.64
C MET B 152 -22.77 -14.91 35.14
N LEU B 153 -23.71 -15.41 34.34
CA LEU B 153 -23.74 -15.25 32.88
C LEU B 153 -24.97 -14.40 32.52
N VAL B 154 -24.74 -13.37 31.74
CA VAL B 154 -25.74 -12.29 31.48
C VAL B 154 -25.98 -12.23 29.97
N SER B 155 -27.24 -12.25 29.60
CA SER B 155 -27.71 -12.03 28.20
C SER B 155 -29.08 -11.35 28.25
N SER B 156 -29.69 -11.22 27.08
CA SER B 156 -30.99 -10.57 26.87
C SER B 156 -31.78 -11.36 25.86
N GLU B 157 -33.12 -11.35 25.98
CA GLU B 157 -33.99 -11.90 24.92
C GLU B 157 -34.65 -10.76 24.14
N ASP B 158 -34.26 -9.50 24.33
CA ASP B 158 -34.84 -8.43 23.48
C ASP B 158 -33.77 -7.34 23.24
N VAL B 159 -33.83 -6.24 23.95
CA VAL B 159 -32.95 -5.07 23.71
C VAL B 159 -31.78 -5.17 24.69
N LEU B 160 -30.87 -4.18 24.65
CA LEU B 160 -29.76 -4.17 25.63
C LEU B 160 -30.35 -3.89 27.02
N HIS B 161 -29.87 -4.60 28.02
CA HIS B 161 -30.03 -4.22 29.45
C HIS B 161 -28.64 -4.20 30.07
N SER B 162 -28.55 -3.93 31.36
CA SER B 162 -27.25 -4.09 32.05
C SER B 162 -27.50 -4.49 33.50
N TRP B 163 -26.89 -5.60 33.90
CA TRP B 163 -27.08 -6.23 35.22
C TRP B 163 -26.03 -5.66 36.20
N ALA B 164 -26.48 -4.88 37.20
CA ALA B 164 -25.60 -4.12 38.11
C ALA B 164 -25.96 -4.39 39.56
N VAL B 165 -24.93 -4.52 40.38
CA VAL B 165 -25.04 -4.57 41.86
C VAL B 165 -23.87 -3.77 42.41
N PRO B 166 -24.06 -2.45 42.66
CA PRO B 166 -22.94 -1.58 43.04
C PRO B 166 -22.14 -2.06 44.25
N SER B 167 -22.78 -2.63 45.25
CA SER B 167 -22.05 -2.99 46.50
C SER B 167 -21.15 -4.20 46.25
N LEU B 168 -21.36 -4.97 45.18
CA LEU B 168 -20.46 -6.10 44.81
C LEU B 168 -19.46 -5.66 43.71
N GLY B 169 -19.57 -4.41 43.25
CA GLY B 169 -18.75 -3.87 42.17
C GLY B 169 -19.12 -4.47 40.82
N LEU B 170 -20.40 -4.77 40.57
CA LEU B 170 -20.77 -5.54 39.36
C LEU B 170 -21.55 -4.66 38.39
N LYS B 171 -21.20 -4.76 37.12
CA LYS B 171 -22.01 -4.21 36.01
C LYS B 171 -21.60 -4.91 34.71
N THR B 172 -22.49 -5.72 34.19
CA THR B 172 -22.29 -6.49 32.94
C THR B 172 -23.48 -6.24 32.02
N ASP B 173 -23.18 -5.77 30.84
CA ASP B 173 -24.25 -5.51 29.84
C ASP B 173 -24.86 -6.85 29.40
N ALA B 174 -26.17 -6.79 29.12
CA ALA B 174 -27.03 -7.92 28.75
C ALA B 174 -27.38 -7.70 27.28
N ILE B 175 -26.73 -8.46 26.41
CA ILE B 175 -26.75 -8.29 24.94
C ILE B 175 -27.33 -9.56 24.31
N PRO B 176 -28.39 -9.44 23.51
CA PRO B 176 -28.96 -10.62 22.86
C PRO B 176 -27.93 -11.24 21.91
N GLY B 177 -27.88 -12.57 21.92
CA GLY B 177 -26.94 -13.34 21.09
C GLY B 177 -25.57 -13.43 21.74
N ARG B 178 -25.38 -12.89 22.95
CA ARG B 178 -24.06 -12.85 23.64
C ARG B 178 -24.25 -13.36 25.07
N LEU B 179 -23.28 -14.12 25.58
CA LEU B 179 -23.31 -14.59 26.98
C LEU B 179 -22.11 -13.97 27.71
N ASN B 180 -22.32 -12.91 28.48
CA ASN B 180 -21.22 -12.21 29.19
C ASN B 180 -21.05 -12.82 30.59
N GLN B 181 -19.81 -13.06 30.97
CA GLN B 181 -19.50 -13.69 32.27
C GLN B 181 -18.99 -12.65 33.25
N THR B 182 -19.39 -12.77 34.51
CA THR B 182 -18.75 -12.05 35.63
C THR B 182 -18.75 -13.03 36.83
N THR B 183 -17.91 -12.76 37.82
CA THR B 183 -17.89 -13.51 39.08
C THR B 183 -18.34 -12.61 40.22
N LEU B 184 -19.00 -13.24 41.17
CA LEU B 184 -19.68 -12.63 42.32
C LEU B 184 -19.18 -13.43 43.52
N MET B 185 -18.77 -12.78 44.60
CA MET B 185 -18.48 -13.49 45.87
C MET B 185 -18.88 -12.55 47.00
N SER B 186 -19.91 -12.87 47.77
CA SER B 186 -20.28 -11.99 48.91
C SER B 186 -19.56 -12.46 50.19
N SER B 187 -18.92 -11.52 50.90
CA SER B 187 -18.28 -11.75 52.22
C SER B 187 -19.35 -11.90 53.29
N ARG B 188 -20.59 -11.52 52.98
CA ARG B 188 -21.64 -11.39 54.03
C ARG B 188 -22.99 -11.90 53.53
N PRO B 189 -23.83 -12.37 54.48
CA PRO B 189 -25.23 -12.61 54.19
C PRO B 189 -25.89 -11.23 53.96
N GLY B 190 -27.08 -11.25 53.39
CA GLY B 190 -27.94 -10.07 53.39
C GLY B 190 -28.62 -9.85 52.05
N LEU B 191 -29.07 -8.63 51.85
CA LEU B 191 -29.82 -8.21 50.65
C LEU B 191 -29.00 -7.13 49.97
N TYR B 192 -28.73 -7.32 48.69
CA TYR B 192 -27.86 -6.42 47.90
C TYR B 192 -28.61 -6.07 46.62
N TYR B 193 -28.72 -4.78 46.40
CA TYR B 193 -29.65 -4.20 45.41
C TYR B 193 -28.87 -3.58 44.23
N GLY B 194 -29.49 -3.64 43.05
CA GLY B 194 -29.01 -2.95 41.84
C GLY B 194 -30.17 -2.70 40.88
N GLN B 195 -29.88 -2.03 39.78
CA GLN B 195 -30.88 -1.47 38.86
C GLN B 195 -30.35 -1.59 37.43
N CYS B 196 -31.24 -1.87 36.50
CA CYS B 196 -30.90 -2.00 35.07
C CYS B 196 -30.09 -0.75 34.63
N SER B 197 -28.94 -1.00 33.99
CA SER B 197 -27.91 0.04 33.75
C SER B 197 -27.59 0.19 32.25
N GLU B 198 -28.56 -0.12 31.38
CA GLU B 198 -28.61 0.22 29.94
C GLU B 198 -30.08 0.51 29.51
N ILE B 199 -30.17 1.74 28.95
CA ILE B 199 -31.48 2.31 28.58
C ILE B 199 -32.13 1.30 27.63
N CYS B 200 -33.28 0.79 28.04
CA CYS B 200 -33.98 -0.36 27.44
C CYS B 200 -35.45 0.00 27.17
N GLY B 201 -35.78 1.29 27.27
CA GLY B 201 -37.10 1.80 26.89
C GLY B 201 -37.85 2.39 28.06
N SER B 202 -39.16 2.38 27.97
CA SER B 202 -39.99 3.22 28.85
C SER B 202 -39.96 2.72 30.31
N ASN B 203 -39.59 1.46 30.64
CA ASN B 203 -39.53 1.04 32.07
C ASN B 203 -38.12 0.67 32.53
N HIS B 204 -37.11 1.26 31.89
CA HIS B 204 -35.66 1.22 32.28
C HIS B 204 -35.47 1.49 33.79
N SER B 205 -36.21 2.46 34.35
CA SER B 205 -36.11 2.90 35.78
C SER B 205 -36.64 1.82 36.75
N PHE B 206 -37.33 0.78 36.26
CA PHE B 206 -38.26 -0.04 37.06
C PHE B 206 -38.03 -1.54 36.82
N MET B 207 -36.77 -1.97 36.67
CA MET B 207 -36.48 -3.43 36.59
C MET B 207 -35.23 -3.73 37.43
N PRO B 208 -35.37 -3.66 38.76
CA PRO B 208 -34.24 -3.83 39.66
C PRO B 208 -33.84 -5.30 39.93
N ILE B 209 -32.75 -5.40 40.68
CA ILE B 209 -32.02 -6.65 40.97
C ILE B 209 -31.86 -6.71 42.48
N VAL B 210 -32.31 -7.82 43.07
CA VAL B 210 -32.15 -8.08 44.53
C VAL B 210 -31.51 -9.44 44.72
N LEU B 211 -30.29 -9.40 45.25
CA LEU B 211 -29.56 -10.62 45.65
C LEU B 211 -29.86 -10.88 47.13
N GLU B 212 -30.14 -12.14 47.46
CA GLU B 212 -30.36 -12.61 48.84
C GLU B 212 -29.26 -13.60 49.16
N LEU B 213 -28.31 -13.25 50.03
CA LEU B 213 -27.08 -14.03 50.31
C LEU B 213 -27.28 -14.73 51.65
N VAL B 214 -27.20 -16.08 51.62
CA VAL B 214 -27.59 -16.99 52.75
C VAL B 214 -26.60 -18.15 52.77
N PRO B 215 -26.52 -18.91 53.89
CA PRO B 215 -25.68 -20.11 53.93
C PRO B 215 -26.09 -21.13 52.85
N LEU B 216 -25.08 -21.84 52.35
CA LEU B 216 -25.29 -22.93 51.34
C LEU B 216 -26.54 -23.78 51.66
N LYS B 217 -26.71 -24.28 52.90
CA LYS B 217 -27.79 -25.24 53.24
C LYS B 217 -29.15 -24.59 52.93
N TYR B 218 -29.29 -23.30 53.26
CA TYR B 218 -30.55 -22.55 53.01
C TYR B 218 -30.74 -22.36 51.50
N PHE B 219 -29.68 -22.03 50.75
CA PHE B 219 -29.70 -21.94 49.27
C PHE B 219 -30.17 -23.27 48.64
N GLU B 220 -29.64 -24.41 49.09
CA GLU B 220 -30.02 -25.75 48.56
C GLU B 220 -31.53 -26.00 48.77
N LYS B 221 -32.04 -25.74 49.97
CA LYS B 221 -33.48 -25.97 50.28
C LYS B 221 -34.36 -24.99 49.50
N TRP B 222 -33.96 -23.72 49.42
CA TRP B 222 -34.69 -22.75 48.59
C TRP B 222 -34.75 -23.26 47.14
N SER B 223 -33.62 -23.72 46.59
CA SER B 223 -33.49 -24.20 45.20
C SER B 223 -34.49 -25.34 44.97
N ALA B 224 -34.50 -26.30 45.88
CA ALA B 224 -35.39 -27.47 45.79
C ALA B 224 -36.85 -26.98 45.80
N SER B 225 -37.16 -26.01 46.64
CA SER B 225 -38.53 -25.51 46.84
C SER B 225 -39.00 -24.71 45.61
N MET B 226 -38.08 -24.26 44.75
CA MET B 226 -38.39 -23.40 43.60
C MET B 226 -38.56 -24.20 42.30
N LEU B 227 -38.48 -25.54 42.32
CA LEU B 227 -38.61 -26.35 41.09
C LEU B 227 -40.07 -26.43 40.60
N GLN C 4 -10.12 44.43 -6.06
CA GLN C 4 -9.32 43.36 -5.35
C GLN C 4 -7.91 43.32 -5.95
N THR C 5 -6.92 43.15 -5.10
CA THR C 5 -5.52 42.87 -5.48
C THR C 5 -5.07 41.58 -4.80
N HIS C 6 -5.99 40.68 -4.47
CA HIS C 6 -5.67 39.25 -4.23
C HIS C 6 -6.17 38.43 -5.43
N ALA C 7 -5.83 37.15 -5.47
CA ALA C 7 -6.11 36.23 -6.58
C ALA C 7 -7.34 35.35 -6.31
N TYR C 8 -8.09 35.58 -5.24
CA TYR C 8 -9.16 34.64 -4.83
C TYR C 8 -10.52 35.06 -5.41
N HIS C 9 -11.47 34.13 -5.39
CA HIS C 9 -12.75 34.22 -6.11
C HIS C 9 -13.86 34.64 -5.13
N MET C 10 -14.34 35.88 -5.26
CA MET C 10 -15.56 36.32 -4.55
C MET C 10 -16.76 35.90 -5.41
N VAL C 11 -17.51 34.95 -4.91
CA VAL C 11 -18.60 34.30 -5.67
C VAL C 11 -19.89 35.15 -5.63
N ASN C 12 -20.53 35.29 -6.78
CA ASN C 12 -21.84 35.97 -6.87
C ASN C 12 -22.81 35.27 -5.91
N PRO C 13 -23.64 36.04 -5.19
CA PRO C 13 -24.71 35.48 -4.38
C PRO C 13 -25.48 34.46 -5.21
N SER C 14 -25.74 33.30 -4.60
CA SER C 14 -26.22 32.08 -5.31
C SER C 14 -27.40 31.45 -4.57
N PRO C 15 -28.44 31.03 -5.31
CA PRO C 15 -29.54 30.28 -4.72
C PRO C 15 -29.31 28.76 -4.56
N TRP C 16 -28.24 28.23 -5.15
CA TRP C 16 -28.08 26.76 -5.21
C TRP C 16 -27.81 26.17 -3.82
N PRO C 17 -27.08 26.85 -2.90
CA PRO C 17 -26.93 26.30 -1.55
C PRO C 17 -28.29 26.05 -0.89
N LEU C 18 -29.23 26.99 -1.02
CA LEU C 18 -30.59 26.82 -0.47
C LEU C 18 -31.33 25.70 -1.21
N THR C 19 -31.27 25.64 -2.54
CA THR C 19 -32.02 24.60 -3.28
C THR C 19 -31.39 23.24 -2.94
N GLY C 20 -30.07 23.18 -2.76
CA GLY C 20 -29.40 21.94 -2.33
C GLY C 20 -29.89 21.49 -0.96
N ALA C 21 -29.88 22.41 0.02
CA ALA C 21 -30.30 22.12 1.40
C ALA C 21 -31.76 21.65 1.37
N LEU C 22 -32.60 22.30 0.58
CA LEU C 22 -34.02 21.88 0.55
C LEU C 22 -34.16 20.53 -0.17
N SER C 23 -33.36 20.28 -1.20
N SER C 23 -33.36 20.30 -1.21
CA SER C 23 -33.38 18.97 -1.90
CA SER C 23 -33.34 18.98 -1.90
C SER C 23 -33.00 17.87 -0.89
C SER C 23 -33.04 17.90 -0.86
N ALA C 24 -32.08 18.14 0.04
CA ALA C 24 -31.68 17.19 1.09
C ALA C 24 -32.91 16.89 1.98
N LEU C 25 -33.62 17.94 2.39
CA LEU C 25 -34.85 17.81 3.22
C LEU C 25 -35.85 16.95 2.46
N LEU C 26 -36.05 17.21 1.16
CA LEU C 26 -37.12 16.50 0.41
C LEU C 26 -36.70 15.04 0.19
N MET C 27 -35.41 14.78 -0.03
CA MET C 27 -34.93 13.37 -0.23
C MET C 27 -35.08 12.57 1.08
N THR C 28 -34.75 13.15 2.22
CA THR C 28 -34.79 12.43 3.52
C THR C 28 -36.24 12.26 3.99
N SER C 29 -37.00 13.34 4.01
CA SER C 29 -38.44 13.24 4.34
C SER C 29 -39.10 12.34 3.28
N GLY C 30 -38.65 12.38 2.01
CA GLY C 30 -39.18 11.46 0.98
C GLY C 30 -38.87 9.99 1.27
N LEU C 31 -37.66 9.67 1.69
CA LEU C 31 -37.31 8.27 2.04
C LEU C 31 -38.18 7.84 3.21
N THR C 32 -38.43 8.76 4.14
CA THR C 32 -39.27 8.50 5.33
C THR C 32 -40.67 8.13 4.86
N MET C 33 -41.18 8.93 3.91
N MET C 33 -41.25 8.93 3.95
CA MET C 33 -42.56 8.80 3.38
CA MET C 33 -42.63 8.64 3.46
C MET C 33 -42.69 7.50 2.56
C MET C 33 -42.62 7.30 2.73
N TRP C 34 -41.59 7.05 1.92
CA TRP C 34 -41.52 5.79 1.14
C TRP C 34 -41.44 4.58 2.08
N PHE C 35 -40.56 4.60 3.06
CA PHE C 35 -40.42 3.48 4.02
C PHE C 35 -41.66 3.32 4.92
N HIS C 36 -42.39 4.38 5.28
CA HIS C 36 -43.44 4.30 6.34
C HIS C 36 -44.85 4.71 5.90
N PHE C 37 -45.02 5.46 4.82
CA PHE C 37 -46.35 6.06 4.48
C PHE C 37 -46.66 5.73 3.03
N ASN C 38 -45.96 4.72 2.52
CA ASN C 38 -46.20 4.03 1.24
C ASN C 38 -46.30 5.04 0.08
N SER C 39 -45.42 6.03 0.00
CA SER C 39 -45.51 7.09 -1.05
C SER C 39 -44.11 7.59 -1.47
N MET C 40 -43.95 7.77 -2.77
CA MET C 40 -42.68 8.15 -3.44
C MET C 40 -42.67 9.62 -3.86
N THR C 41 -43.78 10.35 -3.63
CA THR C 41 -43.95 11.72 -4.18
C THR C 41 -42.84 12.65 -3.68
N LEU C 42 -42.70 12.79 -2.37
CA LEU C 42 -41.65 13.68 -1.82
C LEU C 42 -40.30 13.25 -2.37
N LEU C 43 -40.02 11.95 -2.38
CA LEU C 43 -38.69 11.46 -2.77
C LEU C 43 -38.40 11.85 -4.22
N MET C 44 -39.37 11.70 -5.12
N MET C 44 -39.37 11.65 -5.13
CA MET C 44 -39.17 12.01 -6.56
CA MET C 44 -39.22 12.02 -6.56
C MET C 44 -39.02 13.54 -6.74
C MET C 44 -38.93 13.52 -6.65
N ILE C 45 -39.65 14.36 -5.90
CA ILE C 45 -39.43 15.84 -5.94
C ILE C 45 -38.00 16.12 -5.45
N GLY C 46 -37.58 15.50 -4.36
CA GLY C 46 -36.21 15.73 -3.84
C GLY C 46 -35.14 15.31 -4.83
N LEU C 47 -35.29 14.15 -5.48
CA LEU C 47 -34.26 13.67 -6.45
C LEU C 47 -34.20 14.67 -7.61
N THR C 48 -35.34 15.16 -8.09
CA THR C 48 -35.40 16.11 -9.21
C THR C 48 -34.70 17.42 -8.81
N THR C 49 -35.01 17.98 -7.65
CA THR C 49 -34.44 19.29 -7.23
C THR C 49 -32.96 19.09 -6.95
N ASN C 50 -32.59 17.89 -6.49
CA ASN C 50 -31.16 17.61 -6.24
C ASN C 50 -30.40 17.63 -7.58
N MET C 51 -30.97 17.01 -8.63
N MET C 51 -30.95 17.00 -8.63
CA MET C 51 -30.30 16.95 -9.95
CA MET C 51 -30.28 16.98 -9.96
C MET C 51 -30.26 18.37 -10.56
C MET C 51 -30.23 18.41 -10.52
N LEU C 52 -31.34 19.14 -10.45
CA LEU C 52 -31.40 20.56 -10.92
C LEU C 52 -30.35 21.39 -10.18
N THR C 53 -30.20 21.19 -8.88
CA THR C 53 -29.22 21.97 -8.09
C THR C 53 -27.78 21.66 -8.58
N MET C 54 -27.46 20.38 -8.66
N MET C 54 -27.45 20.38 -8.68
CA MET C 54 -26.12 19.92 -9.09
CA MET C 54 -26.10 19.92 -9.08
C MET C 54 -25.84 20.47 -10.49
C MET C 54 -25.83 20.44 -10.50
N TYR C 55 -26.79 20.33 -11.41
CA TYR C 55 -26.62 20.81 -12.80
C TYR C 55 -26.26 22.32 -12.78
N GLN C 56 -27.09 23.15 -12.13
CA GLN C 56 -26.92 24.63 -12.18
C GLN C 56 -25.64 25.03 -11.41
N TRP C 57 -25.38 24.43 -10.28
CA TRP C 57 -24.19 24.78 -9.45
C TRP C 57 -22.91 24.52 -10.28
N TRP C 58 -22.77 23.30 -10.84
CA TRP C 58 -21.52 22.96 -11.57
C TRP C 58 -21.46 23.68 -12.94
N ARG C 59 -22.61 23.94 -13.56
CA ARG C 59 -22.71 24.84 -14.72
C ARG C 59 -22.07 26.19 -14.36
N ASP C 60 -22.47 26.76 -13.24
CA ASP C 60 -21.96 28.10 -12.81
C ASP C 60 -20.44 28.02 -12.54
N VAL C 61 -19.96 26.92 -11.98
CA VAL C 61 -18.48 26.77 -11.78
C VAL C 61 -17.76 26.80 -13.13
N ILE C 62 -18.32 26.13 -14.13
CA ILE C 62 -17.77 26.19 -15.51
C ILE C 62 -17.86 27.64 -16.02
N ARG C 63 -18.98 28.34 -15.84
CA ARG C 63 -19.10 29.76 -16.26
C ARG C 63 -18.00 30.59 -15.59
N GLU C 64 -17.77 30.37 -14.30
CA GLU C 64 -16.82 31.19 -13.50
C GLU C 64 -15.38 30.97 -13.96
N SER C 65 -15.06 29.77 -14.48
CA SER C 65 -13.66 29.34 -14.75
C SER C 65 -13.39 29.47 -16.26
N THR C 66 -13.95 28.58 -17.07
CA THR C 66 -13.75 28.59 -18.53
C THR C 66 -14.18 29.96 -19.11
N PHE C 67 -15.33 30.50 -18.71
CA PHE C 67 -15.93 31.65 -19.41
C PHE C 67 -15.49 32.98 -18.76
N GLN C 68 -15.29 33.04 -17.44
CA GLN C 68 -15.04 34.34 -16.74
C GLN C 68 -13.58 34.47 -16.22
N GLY C 69 -12.81 33.39 -16.16
CA GLY C 69 -11.36 33.44 -15.83
C GLY C 69 -11.06 33.60 -14.34
N HIS C 70 -11.98 33.24 -13.42
CA HIS C 70 -11.76 33.43 -11.96
C HIS C 70 -10.82 32.35 -11.38
N HIS C 71 -10.48 31.29 -12.11
CA HIS C 71 -9.65 30.20 -11.56
C HIS C 71 -8.18 30.52 -11.82
N THR C 72 -7.66 31.44 -11.02
CA THR C 72 -6.21 31.72 -10.87
C THR C 72 -5.52 30.49 -10.29
N PRO C 73 -4.18 30.41 -10.33
CA PRO C 73 -3.47 29.29 -9.70
C PRO C 73 -3.84 29.09 -8.21
N ALA C 74 -4.05 30.18 -7.47
CA ALA C 74 -4.42 30.08 -6.04
C ALA C 74 -5.79 29.38 -5.90
N VAL C 75 -6.74 29.71 -6.76
CA VAL C 75 -8.12 29.16 -6.71
C VAL C 75 -8.04 27.67 -7.05
N GLN C 76 -7.28 27.32 -8.08
CA GLN C 76 -7.09 25.94 -8.54
C GLN C 76 -6.46 25.12 -7.40
N LYS C 77 -5.45 25.68 -6.71
CA LYS C 77 -4.76 24.99 -5.60
C LYS C 77 -5.82 24.67 -4.51
N GLY C 78 -6.71 25.62 -4.21
CA GLY C 78 -7.79 25.38 -3.24
C GLY C 78 -8.68 24.23 -3.67
N LEU C 79 -9.09 24.21 -4.96
CA LEU C 79 -9.98 23.13 -5.45
C LEU C 79 -9.25 21.77 -5.36
N ARG C 80 -7.93 21.77 -5.57
CA ARG C 80 -7.12 20.53 -5.43
C ARG C 80 -7.25 20.03 -3.99
N TYR C 81 -6.98 20.88 -3.02
CA TYR C 81 -7.15 20.46 -1.60
C TYR C 81 -8.60 20.01 -1.36
N GLY C 82 -9.58 20.76 -1.83
CA GLY C 82 -10.97 20.40 -1.55
C GLY C 82 -11.31 19.01 -2.06
N MET C 83 -10.87 18.68 -3.27
CA MET C 83 -11.14 17.34 -3.86
C MET C 83 -10.40 16.24 -3.09
N ILE C 84 -9.15 16.47 -2.73
CA ILE C 84 -8.40 15.47 -1.92
C ILE C 84 -9.15 15.23 -0.60
N LEU C 85 -9.56 16.29 0.07
CA LEU C 85 -10.23 16.15 1.39
C LEU C 85 -11.58 15.43 1.21
N PHE C 86 -12.31 15.77 0.16
CA PHE C 86 -13.57 15.07 -0.16
C PHE C 86 -13.29 13.57 -0.31
N ILE C 87 -12.26 13.20 -1.07
CA ILE C 87 -11.93 11.77 -1.31
C ILE C 87 -11.56 11.10 0.04
N ILE C 88 -10.77 11.77 0.87
CA ILE C 88 -10.48 11.21 2.21
C ILE C 88 -11.79 10.92 2.97
N SER C 89 -12.73 11.86 3.00
CA SER C 89 -14.01 11.62 3.73
C SER C 89 -14.70 10.38 3.11
N GLU C 90 -14.64 10.19 1.79
CA GLU C 90 -15.30 9.01 1.18
C GLU C 90 -14.55 7.72 1.56
N VAL C 91 -13.24 7.77 1.71
CA VAL C 91 -12.47 6.60 2.17
C VAL C 91 -12.93 6.21 3.58
N LEU C 92 -13.09 7.17 4.49
CA LEU C 92 -13.51 6.84 5.86
C LEU C 92 -14.94 6.31 5.87
N PHE C 93 -15.80 6.74 4.98
CA PHE C 93 -17.19 6.18 4.83
C PHE C 93 -17.10 4.69 4.48
N PHE C 94 -16.31 4.34 3.47
CA PHE C 94 -16.09 2.93 3.09
C PHE C 94 -15.45 2.18 4.23
N THR C 95 -14.54 2.80 4.97
CA THR C 95 -13.88 2.13 6.10
C THR C 95 -14.93 1.55 7.07
N GLY C 96 -15.99 2.29 7.36
CA GLY C 96 -17.06 1.78 8.22
C GLY C 96 -17.67 0.47 7.71
N PHE C 97 -17.94 0.36 6.41
CA PHE C 97 -18.51 -0.88 5.83
C PHE C 97 -17.46 -1.99 5.91
N PHE C 98 -16.18 -1.71 5.66
CA PHE C 98 -15.13 -2.76 5.72
C PHE C 98 -15.06 -3.23 7.17
N TRP C 99 -15.12 -2.31 8.11
CA TRP C 99 -15.11 -2.70 9.55
C TRP C 99 -16.29 -3.63 9.83
N ALA C 100 -17.48 -3.30 9.34
CA ALA C 100 -18.69 -4.14 9.53
C ALA C 100 -18.39 -5.53 8.96
N PHE C 101 -17.79 -5.57 7.77
CA PHE C 101 -17.53 -6.86 7.07
C PHE C 101 -16.54 -7.71 7.89
N TYR C 102 -15.42 -7.12 8.28
CA TYR C 102 -14.39 -7.88 9.04
C TYR C 102 -14.95 -8.30 10.41
N HIS C 103 -15.73 -7.44 11.06
CA HIS C 103 -16.32 -7.74 12.38
C HIS C 103 -17.17 -9.01 12.30
N SER C 104 -18.05 -9.11 11.29
CA SER C 104 -19.00 -10.23 11.11
C SER C 104 -18.27 -11.51 10.66
N SER C 105 -17.29 -11.40 9.76
CA SER C 105 -16.66 -12.55 9.05
C SER C 105 -15.54 -13.14 9.91
N LEU C 106 -14.88 -12.33 10.70
CA LEU C 106 -13.79 -12.85 11.56
C LEU C 106 -14.35 -13.53 12.79
N ALA C 107 -15.60 -13.32 13.16
CA ALA C 107 -16.13 -13.98 14.40
C ALA C 107 -17.56 -14.40 14.12
N PRO C 108 -17.76 -15.35 13.20
CA PRO C 108 -19.10 -15.74 12.77
C PRO C 108 -19.84 -16.35 13.97
N THR C 109 -21.05 -15.85 14.21
CA THR C 109 -21.86 -16.20 15.38
C THR C 109 -22.55 -17.56 15.16
N PRO C 110 -23.06 -18.17 16.24
CA PRO C 110 -23.74 -19.46 16.11
C PRO C 110 -24.90 -19.44 15.10
N GLU C 111 -25.62 -18.33 15.00
CA GLU C 111 -26.77 -18.25 14.06
C GLU C 111 -26.31 -18.55 12.62
N LEU C 112 -25.04 -18.25 12.30
CA LEU C 112 -24.48 -18.46 10.94
C LEU C 112 -24.03 -19.91 10.79
N GLY C 113 -24.08 -20.69 11.86
CA GLY C 113 -23.39 -22.00 11.90
C GLY C 113 -21.96 -21.85 12.42
N GLY C 114 -21.59 -20.68 12.90
CA GLY C 114 -20.27 -20.45 13.51
C GLY C 114 -19.14 -20.52 12.51
N CYS C 115 -19.42 -20.24 11.23
CA CYS C 115 -18.49 -20.37 10.08
C CYS C 115 -18.73 -19.20 9.11
N TRP C 116 -17.73 -18.92 8.29
CA TRP C 116 -17.82 -17.95 7.17
C TRP C 116 -17.26 -18.62 5.94
N PRO C 117 -17.96 -18.62 4.80
CA PRO C 117 -19.29 -18.01 4.70
C PRO C 117 -20.34 -18.77 5.53
N PRO C 118 -21.46 -18.13 5.91
CA PRO C 118 -22.51 -18.82 6.65
C PRO C 118 -23.02 -20.08 5.95
N THR C 119 -23.54 -20.99 6.77
CA THR C 119 -24.32 -22.14 6.27
C THR C 119 -25.41 -21.59 5.34
N GLY C 120 -25.57 -22.24 4.18
CA GLY C 120 -26.61 -21.91 3.18
C GLY C 120 -26.27 -20.73 2.29
N ILE C 121 -25.07 -20.15 2.44
CA ILE C 121 -24.57 -19.11 1.50
C ILE C 121 -23.63 -19.78 0.50
N HIS C 122 -23.88 -19.57 -0.78
CA HIS C 122 -23.05 -20.06 -1.91
C HIS C 122 -22.47 -18.82 -2.56
N PRO C 123 -21.26 -18.37 -2.14
CA PRO C 123 -20.66 -17.17 -2.73
C PRO C 123 -20.47 -17.31 -4.24
N LEU C 124 -20.41 -16.18 -4.90
CA LEU C 124 -19.98 -16.08 -6.32
C LEU C 124 -18.54 -16.60 -6.40
N ASN C 125 -18.20 -17.18 -7.54
CA ASN C 125 -16.81 -17.55 -7.86
C ASN C 125 -16.02 -16.28 -8.17
N PRO C 126 -15.00 -15.93 -7.35
CA PRO C 126 -14.22 -14.69 -7.57
C PRO C 126 -13.41 -14.69 -8.88
N LEU C 127 -13.26 -15.86 -9.50
CA LEU C 127 -12.48 -16.00 -10.73
C LEU C 127 -13.38 -15.81 -11.96
N GLU C 128 -14.68 -15.59 -11.79
CA GLU C 128 -15.58 -15.41 -12.97
C GLU C 128 -15.82 -13.91 -13.16
N VAL C 129 -17.07 -13.44 -13.01
CA VAL C 129 -17.39 -12.03 -13.32
C VAL C 129 -16.63 -11.11 -12.37
N PRO C 130 -16.46 -11.39 -11.05
CA PRO C 130 -15.71 -10.46 -10.21
C PRO C 130 -14.28 -10.21 -10.72
N LEU C 131 -13.65 -11.25 -11.30
CA LEU C 131 -12.28 -11.06 -11.86
C LEU C 131 -12.39 -10.22 -13.13
N LEU C 132 -13.39 -10.47 -13.98
CA LEU C 132 -13.62 -9.64 -15.18
C LEU C 132 -13.77 -8.17 -14.75
N ASN C 133 -14.57 -7.92 -13.70
CA ASN C 133 -14.79 -6.54 -13.18
C ASN C 133 -13.47 -5.90 -12.74
N THR C 134 -12.64 -6.66 -12.06
CA THR C 134 -11.30 -6.17 -11.65
C THR C 134 -10.50 -5.76 -12.91
N SER C 135 -10.47 -6.61 -13.95
CA SER C 135 -9.71 -6.31 -15.19
C SER C 135 -10.27 -5.04 -15.81
N VAL C 136 -11.59 -4.87 -15.75
CA VAL C 136 -12.26 -3.73 -16.40
C VAL C 136 -11.85 -2.43 -15.69
N LEU C 137 -11.98 -2.38 -14.36
CA LEU C 137 -11.61 -1.13 -13.64
C LEU C 137 -10.09 -0.89 -13.73
N LEU C 138 -9.25 -1.91 -13.60
CA LEU C 138 -7.80 -1.66 -13.77
C LEU C 138 -7.53 -1.12 -15.18
N ALA C 139 -8.11 -1.73 -16.21
CA ALA C 139 -7.93 -1.25 -17.59
C ALA C 139 -8.35 0.23 -17.70
N SER C 140 -9.45 0.60 -17.07
CA SER C 140 -9.96 1.98 -17.14
C SER C 140 -9.00 2.92 -16.41
N GLY C 141 -8.23 2.44 -15.41
CA GLY C 141 -7.19 3.27 -14.75
C GLY C 141 -6.04 3.54 -15.73
N VAL C 142 -5.75 2.58 -16.63
CA VAL C 142 -4.71 2.80 -17.66
C VAL C 142 -5.24 3.78 -18.72
N SER C 143 -6.45 3.55 -19.23
CA SER C 143 -6.99 4.40 -20.31
C SER C 143 -7.15 5.85 -19.82
N ILE C 144 -7.58 6.07 -18.57
N ILE C 144 -7.58 6.07 -18.57
CA ILE C 144 -7.76 7.47 -18.10
CA ILE C 144 -7.77 7.47 -18.09
C ILE C 144 -6.37 8.14 -18.01
C ILE C 144 -6.38 8.13 -17.98
N THR C 145 -5.33 7.35 -17.75
CA THR C 145 -3.97 7.90 -17.67
C THR C 145 -3.53 8.31 -19.09
N TRP C 146 -3.80 7.47 -20.09
CA TRP C 146 -3.58 7.83 -21.49
C TRP C 146 -4.33 9.14 -21.81
N ALA C 147 -5.57 9.26 -21.36
CA ALA C 147 -6.39 10.47 -21.63
C ALA C 147 -5.68 11.70 -21.04
N HIS C 148 -5.19 11.57 -19.80
CA HIS C 148 -4.52 12.68 -19.12
C HIS C 148 -3.31 13.16 -19.92
N HIS C 149 -2.43 12.23 -20.29
CA HIS C 149 -1.19 12.57 -21.03
C HIS C 149 -1.55 13.15 -22.41
N SER C 150 -2.56 12.61 -23.08
CA SER C 150 -3.00 13.15 -24.39
C SER C 150 -3.38 14.64 -24.23
N LEU C 151 -4.15 14.97 -23.18
CA LEU C 151 -4.61 16.36 -22.90
C LEU C 151 -3.38 17.25 -22.63
N MET C 152 -2.47 16.82 -21.75
CA MET C 152 -1.24 17.58 -21.44
C MET C 152 -0.41 17.81 -22.72
N GLU C 153 -0.38 16.84 -23.62
CA GLU C 153 0.40 16.93 -24.88
C GLU C 153 -0.43 17.67 -25.95
N GLY C 154 -1.64 18.11 -25.66
CA GLY C 154 -2.38 18.94 -26.63
C GLY C 154 -3.05 18.14 -27.74
N ASP C 155 -3.28 16.84 -27.50
CA ASP C 155 -3.83 15.90 -28.51
C ASP C 155 -5.33 15.71 -28.26
N ARG C 156 -6.17 16.44 -28.99
CA ARG C 156 -7.64 16.42 -28.78
C ARG C 156 -8.24 15.04 -29.14
N LYS C 157 -7.94 14.51 -30.33
CA LYS C 157 -8.53 13.23 -30.80
C LYS C 157 -8.18 12.10 -29.81
N HIS C 158 -6.92 11.96 -29.39
CA HIS C 158 -6.50 10.83 -28.51
C HIS C 158 -7.10 11.03 -27.10
N MET C 159 -7.19 12.27 -26.62
CA MET C 159 -7.86 12.52 -25.31
C MET C 159 -9.29 11.99 -25.40
N LEU C 160 -10.02 12.35 -26.47
CA LEU C 160 -11.43 11.90 -26.62
C LEU C 160 -11.52 10.36 -26.70
N GLN C 161 -10.65 9.72 -27.46
N GLN C 161 -10.65 9.73 -27.50
CA GLN C 161 -10.70 8.25 -27.64
CA GLN C 161 -10.61 8.25 -27.69
C GLN C 161 -10.40 7.58 -26.30
C GLN C 161 -10.40 7.59 -26.32
N ALA C 162 -9.35 8.02 -25.61
CA ALA C 162 -8.96 7.43 -24.30
C ALA C 162 -10.10 7.61 -23.26
N LEU C 163 -10.66 8.81 -23.20
CA LEU C 163 -11.74 9.12 -22.22
C LEU C 163 -12.98 8.32 -22.61
N PHE C 164 -13.28 8.17 -23.91
CA PHE C 164 -14.44 7.36 -24.34
C PHE C 164 -14.24 5.90 -23.91
N ILE C 165 -13.01 5.39 -24.10
CA ILE C 165 -12.69 4.00 -23.68
C ILE C 165 -12.92 3.88 -22.16
N THR C 166 -12.46 4.85 -21.41
CA THR C 166 -12.56 4.84 -19.92
C THR C 166 -14.06 4.77 -19.54
N ILE C 167 -14.88 5.62 -20.15
CA ILE C 167 -16.34 5.65 -19.84
C ILE C 167 -16.95 4.30 -20.23
N THR C 168 -16.60 3.74 -21.40
CA THR C 168 -17.14 2.45 -21.88
C THR C 168 -16.85 1.38 -20.82
N LEU C 169 -15.64 1.36 -20.28
CA LEU C 169 -15.27 0.35 -19.26
C LEU C 169 -16.11 0.57 -17.98
N GLY C 170 -16.30 1.81 -17.54
CA GLY C 170 -17.17 2.15 -16.39
C GLY C 170 -18.59 1.63 -16.61
N VAL C 171 -19.13 1.81 -17.81
CA VAL C 171 -20.48 1.30 -18.16
C VAL C 171 -20.48 -0.23 -18.15
N TYR C 172 -19.44 -0.86 -18.73
CA TYR C 172 -19.30 -2.34 -18.77
C TYR C 172 -19.32 -2.86 -17.33
N PHE C 173 -18.56 -2.23 -16.44
CA PHE C 173 -18.49 -2.66 -15.03
C PHE C 173 -19.91 -2.62 -14.43
N THR C 174 -20.60 -1.51 -14.67
CA THR C 174 -21.95 -1.25 -14.11
C THR C 174 -22.93 -2.31 -14.66
N LEU C 175 -22.87 -2.62 -15.96
CA LEU C 175 -23.80 -3.60 -16.55
C LEU C 175 -23.45 -5.00 -16.02
N LEU C 176 -22.17 -5.32 -15.88
CA LEU C 176 -21.76 -6.64 -15.33
C LEU C 176 -22.26 -6.76 -13.90
N GLN C 177 -22.10 -5.71 -13.11
CA GLN C 177 -22.52 -5.74 -11.68
C GLN C 177 -24.06 -5.89 -11.61
N ALA C 178 -24.80 -5.17 -12.45
CA ALA C 178 -26.29 -5.26 -12.43
C ALA C 178 -26.69 -6.72 -12.69
N SER C 179 -26.04 -7.32 -13.69
CA SER C 179 -26.25 -8.72 -14.09
C SER C 179 -25.92 -9.64 -12.91
N GLU C 180 -24.77 -9.43 -12.25
N GLU C 180 -24.76 -9.42 -12.28
CA GLU C 180 -24.36 -10.27 -11.09
CA GLU C 180 -24.32 -10.20 -11.09
C GLU C 180 -25.34 -10.11 -9.93
C GLU C 180 -25.39 -10.12 -9.98
N TYR C 181 -25.87 -8.90 -9.69
CA TYR C 181 -26.91 -8.69 -8.67
C TYR C 181 -28.11 -9.58 -9.00
N TYR C 182 -28.56 -9.53 -10.25
CA TYR C 182 -29.75 -10.31 -10.66
C TYR C 182 -29.50 -11.82 -10.51
N GLU C 183 -28.32 -12.30 -10.92
CA GLU C 183 -27.98 -13.75 -10.90
C GLU C 183 -27.65 -14.23 -9.49
N ALA C 184 -27.27 -13.37 -8.56
CA ALA C 184 -26.78 -13.82 -7.24
C ALA C 184 -27.88 -14.65 -6.55
N PRO C 185 -27.55 -15.86 -6.04
CA PRO C 185 -28.53 -16.71 -5.35
C PRO C 185 -28.83 -16.22 -3.92
N PHE C 186 -28.05 -15.24 -3.45
CA PHE C 186 -28.26 -14.62 -2.13
C PHE C 186 -28.73 -13.18 -2.36
N THR C 187 -29.40 -12.61 -1.35
CA THR C 187 -30.02 -11.27 -1.37
C THR C 187 -29.50 -10.44 -0.19
N ILE C 188 -29.91 -9.18 -0.15
CA ILE C 188 -29.55 -8.28 0.98
C ILE C 188 -30.16 -8.80 2.28
N SER C 189 -31.26 -9.57 2.22
CA SER C 189 -31.95 -10.13 3.41
C SER C 189 -31.32 -11.47 3.86
N ASP C 190 -30.25 -11.94 3.21
CA ASP C 190 -29.58 -13.22 3.58
C ASP C 190 -28.53 -12.93 4.66
N GLY C 191 -29.00 -12.45 5.80
CA GLY C 191 -28.19 -12.19 7.00
C GLY C 191 -27.06 -11.23 6.74
N VAL C 192 -26.06 -11.31 7.59
CA VAL C 192 -24.96 -10.32 7.57
C VAL C 192 -24.10 -10.55 6.31
N TYR C 193 -24.09 -11.75 5.74
CA TYR C 193 -23.37 -11.99 4.45
C TYR C 193 -24.00 -11.13 3.34
N GLY C 194 -25.32 -11.24 3.16
CA GLY C 194 -26.02 -10.42 2.16
C GLY C 194 -25.93 -8.94 2.49
N SER C 195 -25.99 -8.60 3.79
CA SER C 195 -26.01 -7.20 4.26
C SER C 195 -24.69 -6.53 3.86
N THR C 196 -23.59 -7.13 4.29
CA THR C 196 -22.25 -6.58 3.99
C THR C 196 -22.04 -6.60 2.47
N PHE C 197 -22.39 -7.70 1.81
CA PHE C 197 -22.10 -7.82 0.36
C PHE C 197 -22.79 -6.68 -0.40
N PHE C 198 -24.10 -6.56 -0.25
CA PHE C 198 -24.90 -5.65 -1.11
C PHE C 198 -24.69 -4.19 -0.69
N VAL C 199 -24.58 -3.91 0.62
CA VAL C 199 -24.43 -2.48 1.02
C VAL C 199 -23.05 -1.98 0.60
N ALA C 200 -21.99 -2.76 0.80
CA ALA C 200 -20.60 -2.33 0.46
C ALA C 200 -20.45 -2.26 -1.05
N THR C 201 -20.80 -3.34 -1.78
CA THR C 201 -20.68 -3.29 -3.26
C THR C 201 -21.71 -2.31 -3.84
N GLY C 202 -22.83 -2.11 -3.17
CA GLY C 202 -23.88 -1.18 -3.66
C GLY C 202 -23.44 0.27 -3.60
N PHE C 203 -22.87 0.69 -2.46
CA PHE C 203 -22.30 2.06 -2.35
C PHE C 203 -21.15 2.20 -3.37
N HIS C 204 -20.33 1.15 -3.53
CA HIS C 204 -19.26 1.20 -4.56
C HIS C 204 -19.90 1.40 -5.97
N GLY C 205 -20.93 0.63 -6.29
CA GLY C 205 -21.67 0.75 -7.57
C GLY C 205 -22.16 2.18 -7.83
N LEU C 206 -22.72 2.79 -6.78
CA LEU C 206 -23.20 4.18 -6.85
C LEU C 206 -22.02 5.10 -7.18
N HIS C 207 -20.88 4.91 -6.52
CA HIS C 207 -19.66 5.73 -6.77
C HIS C 207 -19.16 5.51 -8.20
N VAL C 208 -19.25 4.29 -8.73
CA VAL C 208 -18.89 4.03 -10.15
C VAL C 208 -19.83 4.82 -11.07
N ILE C 209 -21.12 4.85 -10.76
CA ILE C 209 -22.08 5.64 -11.57
C ILE C 209 -21.77 7.13 -11.44
N ILE C 210 -21.52 7.62 -10.23
CA ILE C 210 -21.15 9.04 -10.03
C ILE C 210 -19.87 9.35 -10.82
N GLY C 211 -18.83 8.53 -10.66
CA GLY C 211 -17.55 8.74 -11.37
C GLY C 211 -17.72 8.70 -12.88
N SER C 212 -18.51 7.75 -13.39
CA SER C 212 -18.78 7.64 -14.84
C SER C 212 -19.46 8.91 -15.33
N THR C 213 -20.40 9.43 -14.54
CA THR C 213 -21.16 10.67 -14.85
C THR C 213 -20.15 11.83 -14.93
N PHE C 214 -19.24 11.91 -13.96
CA PHE C 214 -18.21 12.98 -13.92
C PHE C 214 -17.36 12.87 -15.19
N LEU C 215 -16.94 11.67 -15.55
CA LEU C 215 -16.13 11.48 -16.77
C LEU C 215 -16.95 11.92 -18.00
N ILE C 216 -18.25 11.60 -18.05
CA ILE C 216 -19.10 12.01 -19.21
C ILE C 216 -19.16 13.54 -19.26
N VAL C 217 -19.28 14.18 -18.10
CA VAL C 217 -19.22 15.67 -18.05
C VAL C 217 -17.90 16.15 -18.67
N CYS C 218 -16.77 15.57 -18.26
CA CYS C 218 -15.45 15.94 -18.84
C CYS C 218 -15.44 15.66 -20.35
N PHE C 219 -16.05 14.56 -20.79
CA PHE C 219 -16.07 14.23 -22.23
C PHE C 219 -16.75 15.37 -23.00
N PHE C 220 -17.90 15.85 -22.53
CA PHE C 220 -18.66 16.90 -23.28
C PHE C 220 -17.90 18.22 -23.20
N ARG C 221 -17.31 18.51 -22.04
CA ARG C 221 -16.54 19.76 -21.92
C ARG C 221 -15.35 19.72 -22.90
N GLN C 222 -14.67 18.57 -23.00
CA GLN C 222 -13.57 18.38 -23.98
C GLN C 222 -14.10 18.59 -25.41
N LEU C 223 -15.23 17.98 -25.75
CA LEU C 223 -15.84 18.18 -27.10
C LEU C 223 -15.99 19.69 -27.37
N LYS C 224 -16.38 20.46 -26.36
CA LYS C 224 -16.62 21.93 -26.47
C LYS C 224 -15.34 22.75 -26.23
N PHE C 225 -14.17 22.12 -26.17
CA PHE C 225 -12.85 22.82 -26.13
C PHE C 225 -12.61 23.55 -24.80
N HIS C 226 -13.28 23.20 -23.71
CA HIS C 226 -13.17 23.95 -22.42
C HIS C 226 -11.74 23.81 -21.85
N PHE C 227 -11.13 22.66 -21.98
CA PHE C 227 -9.85 22.37 -21.30
C PHE C 227 -8.67 22.88 -22.13
N THR C 228 -7.68 23.46 -21.45
CA THR C 228 -6.37 23.72 -22.08
C THR C 228 -5.42 22.60 -21.69
N SER C 229 -4.29 22.55 -22.40
CA SER C 229 -3.22 21.55 -22.18
C SER C 229 -2.68 21.72 -20.75
N ASN C 230 -2.86 22.88 -20.12
CA ASN C 230 -2.34 23.13 -18.74
C ASN C 230 -3.42 23.35 -17.67
N HIS C 231 -4.64 23.66 -18.05
CA HIS C 231 -5.72 24.01 -17.09
C HIS C 231 -6.92 23.11 -17.37
N HIS C 232 -7.18 22.16 -16.47
CA HIS C 232 -8.19 21.11 -16.70
C HIS C 232 -8.48 20.43 -15.37
N PHE C 233 -8.80 21.23 -14.36
CA PHE C 233 -8.94 20.68 -12.98
C PHE C 233 -10.13 19.71 -12.93
N GLY C 234 -11.22 19.99 -13.65
CA GLY C 234 -12.39 19.07 -13.65
C GLY C 234 -12.00 17.68 -14.11
N PHE C 235 -11.14 17.61 -15.14
CA PHE C 235 -10.56 16.34 -15.61
C PHE C 235 -9.69 15.73 -14.49
N GLU C 236 -8.79 16.50 -13.88
CA GLU C 236 -7.93 15.90 -12.81
C GLU C 236 -8.79 15.32 -11.67
N ALA C 237 -9.78 16.10 -11.24
CA ALA C 237 -10.66 15.72 -10.14
C ALA C 237 -11.41 14.45 -10.52
N ALA C 238 -11.89 14.33 -11.76
CA ALA C 238 -12.64 13.13 -12.19
C ALA C 238 -11.69 11.93 -12.21
N ALA C 239 -10.44 12.16 -12.63
CA ALA C 239 -9.40 11.09 -12.68
C ALA C 239 -9.07 10.66 -11.24
N TRP C 240 -8.87 11.60 -10.32
CA TRP C 240 -8.58 11.21 -8.91
C TRP C 240 -9.76 10.40 -8.35
N TYR C 241 -10.98 10.86 -8.60
CA TYR C 241 -12.19 10.16 -8.11
C TYR C 241 -12.23 8.74 -8.72
N TRP C 242 -11.90 8.66 -10.01
CA TRP C 242 -11.92 7.37 -10.75
C TRP C 242 -10.87 6.40 -10.13
N HIS C 243 -9.66 6.88 -9.81
CA HIS C 243 -8.64 6.04 -9.14
C HIS C 243 -9.17 5.57 -7.78
N PHE C 244 -9.83 6.45 -7.06
CA PHE C 244 -10.45 6.12 -5.76
C PHE C 244 -11.46 4.97 -5.94
N VAL C 245 -12.37 5.10 -6.90
CA VAL C 245 -13.33 4.02 -7.21
C VAL C 245 -12.57 2.70 -7.53
N ASP C 246 -11.48 2.76 -8.29
CA ASP C 246 -10.69 1.55 -8.65
CA ASP C 246 -10.73 1.74 -8.77
C ASP C 246 -10.17 0.92 -7.36
C ASP C 246 -10.07 1.01 -7.54
N VAL C 247 -9.54 1.76 -6.56
CA VAL C 247 -8.88 1.25 -5.32
C VAL C 247 -9.90 0.66 -4.36
N VAL C 248 -11.06 1.28 -4.20
CA VAL C 248 -12.12 0.68 -3.35
C VAL C 248 -12.49 -0.69 -3.89
N TRP C 249 -12.66 -0.80 -5.21
CA TRP C 249 -12.96 -2.10 -5.84
C TRP C 249 -11.89 -3.15 -5.46
N LEU C 250 -10.61 -2.82 -5.63
CA LEU C 250 -9.53 -3.78 -5.30
C LEU C 250 -9.71 -4.28 -3.86
N PHE C 251 -10.01 -3.37 -2.92
CA PHE C 251 -10.20 -3.75 -1.48
C PHE C 251 -11.44 -4.64 -1.35
N LEU C 252 -12.53 -4.30 -2.03
CA LEU C 252 -13.76 -5.16 -1.98
C LEU C 252 -13.46 -6.55 -2.54
N TYR C 253 -12.81 -6.59 -3.69
CA TYR C 253 -12.50 -7.86 -4.38
C TYR C 253 -11.69 -8.75 -3.43
N VAL C 254 -10.60 -8.21 -2.89
CA VAL C 254 -9.74 -9.02 -1.98
C VAL C 254 -10.53 -9.42 -0.72
N SER C 255 -11.27 -8.49 -0.11
CA SER C 255 -11.90 -8.71 1.22
C SER C 255 -13.16 -9.57 1.08
N ILE C 256 -14.11 -9.12 0.28
CA ILE C 256 -15.47 -9.71 0.28
C ILE C 256 -15.53 -10.89 -0.69
N TYR C 257 -15.01 -10.69 -1.90
CA TYR C 257 -15.16 -11.70 -2.98
C TYR C 257 -14.20 -12.87 -2.79
N TRP C 258 -12.95 -12.59 -2.43
CA TRP C 258 -11.87 -13.59 -2.43
C TRP C 258 -11.69 -14.12 -1.01
N TRP C 259 -11.14 -13.31 -0.11
CA TRP C 259 -10.89 -13.72 1.30
C TRP C 259 -12.21 -14.15 1.94
N GLY C 260 -13.32 -13.48 1.67
CA GLY C 260 -14.60 -13.79 2.30
C GLY C 260 -15.35 -14.94 1.62
N SER C 261 -14.82 -15.59 0.60
CA SER C 261 -15.53 -16.72 -0.06
C SER C 261 -15.19 -18.04 0.64
N SER D 4 -11.38 66.53 22.81
CA SER D 4 -10.89 65.50 21.80
C SER D 4 -11.99 64.47 21.43
N VAL D 5 -12.64 64.66 20.28
CA VAL D 5 -13.84 63.86 19.87
C VAL D 5 -13.38 62.69 18.96
N VAL D 6 -13.50 61.49 19.49
CA VAL D 6 -13.05 60.30 18.71
C VAL D 6 -14.20 59.86 17.81
N LYS D 7 -13.89 59.59 16.55
CA LYS D 7 -14.87 59.21 15.50
C LYS D 7 -14.66 57.74 15.17
N SER D 8 -15.77 57.02 15.00
CA SER D 8 -15.86 55.71 14.29
C SER D 8 -14.94 55.72 13.05
N GLU D 9 -15.00 56.79 12.20
CA GLU D 9 -14.32 56.75 10.86
C GLU D 9 -12.79 56.86 11.03
N ASP D 10 -12.26 56.83 12.27
CA ASP D 10 -10.81 57.06 12.59
C ASP D 10 -10.14 55.75 13.04
N TYR D 11 -10.78 54.59 12.83
CA TYR D 11 -10.32 53.30 13.40
C TYR D 11 -8.93 52.93 12.89
N ALA D 12 -8.51 53.33 11.68
CA ALA D 12 -7.23 52.93 11.06
C ALA D 12 -6.09 53.87 11.51
N LEU D 13 -6.39 54.94 12.26
CA LEU D 13 -5.37 55.96 12.65
C LEU D 13 -4.87 55.63 14.05
N PRO D 14 -3.60 55.98 14.37
CA PRO D 14 -3.10 55.86 15.75
C PRO D 14 -4.08 56.54 16.72
N SER D 15 -4.36 55.89 17.82
CA SER D 15 -5.35 56.37 18.81
C SER D 15 -4.74 56.47 20.22
N TYR D 16 -5.46 57.16 21.08
CA TYR D 16 -5.07 57.43 22.47
C TYR D 16 -5.60 56.29 23.34
N VAL D 17 -4.81 55.87 24.33
N VAL D 17 -4.83 55.84 24.34
CA VAL D 17 -5.23 54.91 25.38
CA VAL D 17 -5.38 54.90 25.36
C VAL D 17 -4.65 55.36 26.72
C VAL D 17 -4.65 55.13 26.68
N ASP D 18 -5.41 55.09 27.79
CA ASP D 18 -4.90 55.12 29.17
C ASP D 18 -4.76 53.67 29.62
N ARG D 19 -3.53 53.20 29.67
CA ARG D 19 -3.19 51.83 30.13
C ARG D 19 -1.88 51.92 30.91
N ARG D 20 -1.83 51.35 32.09
CA ARG D 20 -0.66 51.51 32.98
C ARG D 20 0.57 50.79 32.38
N ASP D 21 0.33 49.81 31.50
CA ASP D 21 1.35 48.97 30.80
C ASP D 21 1.75 49.62 29.45
N TYR D 22 1.17 50.78 29.08
CA TYR D 22 1.44 51.51 27.81
C TYR D 22 1.44 53.01 28.14
N PRO D 23 2.39 53.44 29.00
CA PRO D 23 2.32 54.74 29.65
C PRO D 23 2.36 55.91 28.66
N LEU D 24 3.06 55.77 27.51
CA LEU D 24 3.23 56.86 26.53
C LEU D 24 2.53 56.46 25.23
N PRO D 25 1.23 56.79 25.12
CA PRO D 25 0.46 56.41 23.96
C PRO D 25 0.92 57.10 22.67
N ASP D 26 0.33 56.66 21.58
CA ASP D 26 0.79 56.95 20.20
C ASP D 26 0.48 58.40 19.83
N VAL D 27 -0.51 59.04 20.45
CA VAL D 27 -0.91 60.44 20.14
C VAL D 27 -1.17 61.17 21.46
N ALA D 28 -1.09 62.49 21.42
CA ALA D 28 -1.54 63.38 22.51
C ALA D 28 -3.05 63.26 22.66
N HIS D 29 -3.52 63.30 23.90
CA HIS D 29 -4.96 63.40 24.23
C HIS D 29 -5.59 64.58 23.45
N VAL D 30 -4.94 65.75 23.45
CA VAL D 30 -5.47 66.98 22.81
C VAL D 30 -4.49 67.41 21.73
N LYS D 31 -4.89 67.39 20.47
CA LYS D 31 -4.02 67.84 19.35
C LYS D 31 -4.24 69.31 19.06
N ASN D 32 -5.47 69.78 19.09
CA ASN D 32 -5.77 71.19 18.72
C ASN D 32 -5.50 72.10 19.91
N LEU D 33 -4.78 73.21 19.68
CA LEU D 33 -4.34 74.16 20.73
C LEU D 33 -4.97 75.52 20.52
N SER D 34 -5.50 76.10 21.57
CA SER D 34 -5.98 77.50 21.56
C SER D 34 -4.78 78.45 21.51
N ALA D 35 -5.00 79.75 21.35
CA ALA D 35 -3.91 80.75 21.46
C ALA D 35 -3.14 80.56 22.79
N SER D 36 -3.80 80.47 23.94
CA SER D 36 -3.03 80.40 25.22
C SER D 36 -2.30 79.04 25.33
N GLN D 37 -2.87 77.96 24.78
CA GLN D 37 -2.23 76.62 24.82
C GLN D 37 -1.01 76.63 23.88
N LYS D 38 -1.05 77.29 22.72
CA LYS D 38 0.13 77.50 21.84
C LYS D 38 1.22 78.26 22.64
N ALA D 39 0.86 79.32 23.37
CA ALA D 39 1.86 80.10 24.16
C ALA D 39 2.45 79.17 25.25
N LEU D 40 1.63 78.30 25.82
CA LEU D 40 2.11 77.37 26.89
C LEU D 40 3.12 76.37 26.29
N LYS D 41 2.83 75.80 25.14
CA LYS D 41 3.78 74.88 24.44
C LYS D 41 5.07 75.63 24.06
N GLU D 42 5.03 76.93 23.75
CA GLU D 42 6.29 77.69 23.49
C GLU D 42 7.06 77.83 24.81
N LYS D 43 6.35 78.12 25.90
CA LYS D 43 6.97 78.32 27.24
C LYS D 43 7.68 77.01 27.70
N GLU D 44 7.11 75.87 27.35
CA GLU D 44 7.63 74.53 27.67
C GLU D 44 9.00 74.34 27.01
N LYS D 45 9.35 75.12 25.98
CA LYS D 45 10.70 75.00 25.36
C LYS D 45 11.73 75.72 26.21
N ALA D 46 11.33 76.52 27.20
CA ALA D 46 12.24 77.19 28.17
C ALA D 46 12.29 76.36 29.47
N SER D 47 13.04 76.83 30.47
CA SER D 47 13.19 76.12 31.76
C SER D 47 11.80 75.74 32.35
N TRP D 48 11.63 74.48 32.70
CA TRP D 48 10.37 74.03 33.35
C TRP D 48 10.27 74.64 34.76
N SER D 49 11.37 75.11 35.35
CA SER D 49 11.36 75.82 36.66
C SER D 49 10.54 77.10 36.57
N SER D 50 10.40 77.68 35.39
CA SER D 50 9.63 78.93 35.13
C SER D 50 8.15 78.63 34.89
N LEU D 51 7.73 77.38 34.71
CA LEU D 51 6.29 77.05 34.60
C LEU D 51 5.67 77.04 36.00
N SER D 52 4.46 77.55 36.17
CA SER D 52 3.64 77.43 37.39
C SER D 52 3.13 76.00 37.52
N ILE D 53 2.71 75.60 38.73
CA ILE D 53 2.00 74.31 38.97
C ILE D 53 0.82 74.22 37.98
N ASP D 54 0.01 75.28 37.83
CA ASP D 54 -1.19 75.24 36.94
C ASP D 54 -0.76 74.96 35.49
N GLU D 55 0.32 75.59 35.05
CA GLU D 55 0.83 75.41 33.67
C GLU D 55 1.33 73.97 33.50
N LYS D 56 1.99 73.40 34.51
CA LYS D 56 2.47 71.99 34.46
C LYS D 56 1.28 71.03 34.36
N VAL D 57 0.25 71.24 35.18
CA VAL D 57 -0.98 70.40 35.16
C VAL D 57 -1.60 70.57 33.77
N GLU D 58 -1.65 71.78 33.22
CA GLU D 58 -2.31 71.98 31.89
C GLU D 58 -1.50 71.21 30.82
N LEU D 59 -0.18 71.25 30.88
CA LEU D 59 0.68 70.50 29.90
C LEU D 59 0.38 69.01 30.04
N TYR D 60 0.23 68.49 31.28
CA TYR D 60 -0.06 67.07 31.53
C TYR D 60 -1.40 66.73 30.87
N ARG D 61 -2.40 67.57 31.05
CA ARG D 61 -3.80 67.30 30.62
C ARG D 61 -3.94 67.49 29.10
N LEU D 62 -3.04 68.21 28.43
CA LEU D 62 -3.01 68.21 26.94
C LEU D 62 -2.45 66.88 26.42
N LYS D 63 -1.43 66.36 27.08
CA LYS D 63 -0.75 65.11 26.65
C LYS D 63 -1.62 63.88 26.96
N PHE D 64 -2.22 63.85 28.16
CA PHE D 64 -2.88 62.66 28.76
C PHE D 64 -4.30 63.00 29.15
N LYS D 65 -5.19 61.99 29.08
CA LYS D 65 -6.59 62.16 29.55
C LYS D 65 -6.63 61.92 31.06
N GLU D 66 -6.43 60.68 31.52
CA GLU D 66 -6.42 60.38 32.98
C GLU D 66 -4.99 60.16 33.48
N SER D 67 -4.72 60.54 34.74
CA SER D 67 -3.50 60.15 35.48
C SER D 67 -3.55 58.65 35.78
N PHE D 68 -2.42 58.10 36.24
CA PHE D 68 -2.36 56.70 36.75
C PHE D 68 -3.39 56.53 37.87
N ALA D 69 -3.42 57.41 38.88
CA ALA D 69 -4.34 57.30 40.03
C ALA D 69 -5.80 57.23 39.52
N GLU D 70 -6.18 58.07 38.57
CA GLU D 70 -7.56 58.09 38.02
C GLU D 70 -7.80 56.78 37.25
N MET D 71 -6.91 56.38 36.34
CA MET D 71 -7.24 55.22 35.48
C MET D 71 -7.23 53.95 36.34
N ASN D 72 -6.52 53.91 37.47
CA ASN D 72 -6.38 52.67 38.27
C ASN D 72 -7.42 52.64 39.40
N ARG D 73 -8.30 53.63 39.51
CA ARG D 73 -9.15 53.74 40.73
C ARG D 73 -10.05 52.50 40.85
N SER D 74 -10.35 52.15 42.08
CA SER D 74 -11.34 51.11 42.47
C SER D 74 -12.73 51.70 42.36
N THR D 75 -13.70 50.82 42.25
CA THR D 75 -15.11 51.23 42.05
C THR D 75 -15.99 50.44 43.03
N ASN D 76 -17.24 50.84 43.12
CA ASN D 76 -18.28 50.18 43.96
C ASN D 76 -19.03 49.14 43.12
N GLU D 77 -18.58 48.89 41.88
CA GLU D 77 -19.30 47.98 40.94
C GLU D 77 -19.57 46.61 41.61
N TRP D 78 -18.67 46.08 42.44
CA TRP D 78 -18.83 44.75 43.05
C TRP D 78 -20.14 44.67 43.83
N LYS D 79 -20.54 45.76 44.49
CA LYS D 79 -21.76 45.78 45.30
C LYS D 79 -22.95 45.59 44.37
N THR D 80 -22.93 46.26 43.23
CA THR D 80 -24.05 46.15 42.28
C THR D 80 -24.09 44.71 41.75
N VAL D 81 -22.95 44.15 41.40
CA VAL D 81 -22.91 42.80 40.77
C VAL D 81 -23.40 41.76 41.80
N VAL D 82 -22.84 41.78 43.01
CA VAL D 82 -23.16 40.72 44.00
C VAL D 82 -24.62 40.88 44.41
N GLY D 83 -25.06 42.12 44.64
CA GLY D 83 -26.44 42.41 45.06
C GLY D 83 -27.43 41.98 43.99
N ALA D 84 -27.17 42.34 42.74
CA ALA D 84 -28.07 41.98 41.62
C ALA D 84 -28.12 40.46 41.42
N ALA D 85 -26.97 39.78 41.49
CA ALA D 85 -26.90 38.30 41.35
C ALA D 85 -27.77 37.67 42.46
N MET D 86 -27.65 38.14 43.70
CA MET D 86 -28.45 37.60 44.81
C MET D 86 -29.93 37.93 44.54
N PHE D 87 -30.26 39.11 44.01
CA PHE D 87 -31.69 39.41 43.64
C PHE D 87 -32.20 38.33 42.65
N PHE D 88 -31.45 38.04 41.60
CA PHE D 88 -31.94 37.12 40.54
C PHE D 88 -31.98 35.68 41.06
N ILE D 89 -31.06 35.33 41.93
CA ILE D 89 -31.07 34.01 42.62
C ILE D 89 -32.33 33.95 43.53
N GLY D 90 -32.62 35.01 44.28
CA GLY D 90 -33.85 35.12 45.06
C GLY D 90 -35.07 34.96 44.16
N PHE D 91 -35.10 35.65 43.04
CA PHE D 91 -36.21 35.55 42.06
C PHE D 91 -36.38 34.08 41.66
N THR D 92 -35.28 33.36 41.49
CA THR D 92 -35.32 31.93 41.09
C THR D 92 -36.16 31.12 42.08
N ALA D 93 -35.98 31.38 43.39
CA ALA D 93 -36.74 30.69 44.44
C ALA D 93 -38.24 30.95 44.29
N LEU D 94 -38.64 32.14 43.82
CA LEU D 94 -40.08 32.42 43.54
C LEU D 94 -40.56 31.42 42.48
N LEU D 95 -39.77 31.16 41.44
CA LEU D 95 -40.18 30.25 40.36
C LEU D 95 -40.33 28.84 40.93
N LEU D 96 -39.44 28.47 41.85
CA LEU D 96 -39.46 27.14 42.48
C LEU D 96 -40.69 27.03 43.39
N ILE D 97 -41.05 28.10 44.10
CA ILE D 97 -42.28 28.10 44.94
C ILE D 97 -43.47 27.90 44.01
N TRP D 98 -43.52 28.63 42.89
CA TRP D 98 -44.61 28.48 41.90
C TRP D 98 -44.66 27.02 41.46
N GLU D 99 -43.51 26.44 41.10
CA GLU D 99 -43.43 25.04 40.61
C GLU D 99 -43.97 24.07 41.67
N LYS D 100 -43.55 24.22 42.93
CA LYS D 100 -44.01 23.32 43.99
C LYS D 100 -45.53 23.45 44.15
N HIS D 101 -46.06 24.67 44.17
CA HIS D 101 -47.52 24.90 44.40
C HIS D 101 -48.35 24.39 43.21
N TYR D 102 -47.96 24.64 41.98
CA TYR D 102 -48.89 24.50 40.83
C TYR D 102 -48.51 23.33 39.91
N VAL D 103 -47.29 22.83 39.97
CA VAL D 103 -46.85 21.75 39.05
C VAL D 103 -46.74 20.43 39.81
N TYR D 104 -46.04 20.39 40.93
CA TYR D 104 -45.79 19.12 41.65
C TYR D 104 -47.03 18.70 42.41
N GLY D 105 -47.45 17.44 42.24
CA GLY D 105 -48.45 16.81 43.12
C GLY D 105 -47.76 16.14 44.31
N PRO D 106 -48.48 15.32 45.09
CA PRO D 106 -47.91 14.64 46.26
C PRO D 106 -46.74 13.73 45.89
N ILE D 107 -45.78 13.65 46.79
CA ILE D 107 -44.69 12.65 46.64
C ILE D 107 -45.22 11.31 47.13
N PRO D 108 -44.52 10.20 46.85
CA PRO D 108 -45.03 8.87 47.22
C PRO D 108 -45.21 8.66 48.72
N HIS D 109 -46.08 7.69 49.07
CA HIS D 109 -46.48 7.36 50.47
C HIS D 109 -45.25 6.88 51.26
N THR D 110 -44.18 6.47 50.59
CA THR D 110 -42.95 5.93 51.24
C THR D 110 -42.18 7.02 51.99
N PHE D 111 -42.54 8.30 51.83
CA PHE D 111 -41.92 9.42 52.58
C PHE D 111 -42.71 9.72 53.84
N GLU D 112 -43.86 9.07 54.11
CA GLU D 112 -44.67 9.32 55.35
C GLU D 112 -43.77 8.98 56.55
N GLU D 113 -43.86 9.75 57.63
CA GLU D 113 -42.97 9.57 58.81
C GLU D 113 -42.98 8.10 59.26
N GLU D 114 -44.15 7.46 59.29
CA GLU D 114 -44.25 6.09 59.85
C GLU D 114 -43.57 5.10 58.89
N TRP D 115 -43.75 5.25 57.58
CA TRP D 115 -43.02 4.43 56.59
C TRP D 115 -41.51 4.54 56.83
N VAL D 116 -40.99 5.76 56.97
CA VAL D 116 -39.52 6.01 57.09
C VAL D 116 -39.02 5.33 58.37
N ALA D 117 -39.76 5.37 59.48
CA ALA D 117 -39.38 4.78 60.78
C ALA D 117 -39.24 3.27 60.61
N LYS D 118 -40.17 2.67 59.87
CA LYS D 118 -40.17 1.20 59.63
C LYS D 118 -39.06 0.81 58.65
N GLN D 119 -38.95 1.54 57.54
CA GLN D 119 -37.90 1.34 56.52
C GLN D 119 -36.52 1.50 57.17
N THR D 120 -36.39 2.48 58.08
CA THR D 120 -35.12 2.67 58.84
C THR D 120 -34.83 1.40 59.64
N LYS D 121 -35.79 0.87 60.38
CA LYS D 121 -35.55 -0.38 61.16
C LYS D 121 -35.15 -1.51 60.19
N ARG D 122 -35.89 -1.68 59.10
CA ARG D 122 -35.62 -2.80 58.17
C ARG D 122 -34.21 -2.64 57.58
N MET D 123 -33.77 -1.42 57.27
CA MET D 123 -32.38 -1.20 56.78
C MET D 123 -31.38 -1.57 57.87
N LEU D 124 -31.62 -1.26 59.15
CA LEU D 124 -30.75 -1.69 60.27
C LEU D 124 -30.80 -3.22 60.45
N ASP D 125 -31.96 -3.87 60.21
CA ASP D 125 -32.13 -5.34 60.33
C ASP D 125 -31.34 -6.04 59.21
N MET D 126 -31.29 -5.47 58.00
CA MET D 126 -30.52 -6.09 56.88
C MET D 126 -29.09 -5.55 56.93
N LYS D 127 -28.77 -4.73 57.93
CA LYS D 127 -27.39 -4.21 58.16
C LYS D 127 -26.90 -3.48 56.89
N VAL D 128 -27.72 -2.55 56.38
CA VAL D 128 -27.27 -1.65 55.28
C VAL D 128 -26.00 -0.88 55.72
N ALA D 129 -24.98 -0.92 54.86
CA ALA D 129 -23.69 -0.22 55.06
C ALA D 129 -23.22 -0.37 56.52
N PRO D 130 -22.86 -1.60 56.93
CA PRO D 130 -22.51 -1.88 58.33
C PRO D 130 -21.05 -1.54 58.68
N ILE D 131 -20.20 -1.26 57.68
CA ILE D 131 -18.76 -0.96 57.96
C ILE D 131 -18.62 0.54 58.23
N GLN D 132 -19.24 1.42 57.45
CA GLN D 132 -19.11 2.91 57.64
C GLN D 132 -20.43 3.66 57.45
N GLY D 133 -21.25 3.31 56.46
CA GLY D 133 -22.21 4.24 55.87
C GLY D 133 -23.45 4.48 56.71
N PHE D 134 -24.02 3.46 57.34
CA PHE D 134 -25.42 3.53 57.84
C PHE D 134 -25.57 2.72 59.13
N SER D 135 -25.64 1.40 59.04
CA SER D 135 -25.78 0.51 60.20
C SER D 135 -24.57 0.65 61.12
N ALA D 136 -23.40 1.02 60.60
CA ALA D 136 -22.20 1.33 61.41
C ALA D 136 -22.51 2.43 62.42
N LYS D 137 -23.51 3.27 62.17
CA LYS D 137 -23.78 4.46 63.03
C LYS D 137 -24.84 4.12 64.06
N TRP D 138 -25.36 2.89 64.01
CA TRP D 138 -26.35 2.34 64.97
C TRP D 138 -25.65 1.49 66.03
N ASP D 139 -26.03 1.67 67.28
CA ASP D 139 -25.51 0.85 68.41
C ASP D 139 -26.49 -0.29 68.63
N TYR D 140 -26.16 -1.50 68.17
CA TYR D 140 -27.06 -2.67 68.27
C TYR D 140 -27.12 -3.13 69.71
N ASP D 141 -26.15 -2.74 70.56
CA ASP D 141 -26.17 -3.15 71.99
C ASP D 141 -27.15 -2.26 72.76
N LYS D 142 -27.08 -0.94 72.59
CA LYS D 142 -27.93 0.00 73.37
C LYS D 142 -29.20 0.34 72.61
N ASN D 143 -29.34 -0.07 71.35
CA ASN D 143 -30.61 0.14 70.60
C ASN D 143 -30.84 1.65 70.40
N GLU D 144 -29.80 2.39 70.00
CA GLU D 144 -29.90 3.83 69.68
C GLU D 144 -28.79 4.21 68.69
N TRP D 145 -28.90 5.37 68.03
CA TRP D 145 -27.81 5.93 67.20
C TRP D 145 -26.59 6.15 68.09
N LYS D 146 -25.37 5.92 67.63
CA LYS D 146 -24.12 6.13 68.45
C LYS D 146 -23.95 7.60 68.81
N THR E 7 24.02 40.40 32.42
CA THR E 7 24.06 40.91 33.84
C THR E 7 23.25 42.21 34.01
N ASP E 8 22.94 42.53 35.25
CA ASP E 8 22.14 43.72 35.64
C ASP E 8 22.84 44.99 35.18
N GLU E 9 24.15 45.13 35.43
CA GLU E 9 24.92 46.35 35.07
C GLU E 9 24.85 46.59 33.56
N GLU E 10 24.98 45.51 32.77
CA GLU E 10 24.97 45.55 31.28
C GLU E 10 23.60 46.00 30.79
N PHE E 11 22.54 45.43 31.36
CA PHE E 11 21.14 45.76 31.01
C PHE E 11 20.92 47.26 31.30
N ASP E 12 21.30 47.70 32.50
CA ASP E 12 21.08 49.11 32.91
C ASP E 12 21.88 49.99 31.94
N ALA E 13 23.13 49.60 31.63
CA ALA E 13 24.04 50.43 30.79
C ALA E 13 23.41 50.62 29.39
N ARG E 14 22.81 49.56 28.82
CA ARG E 14 22.21 49.57 27.46
C ARG E 14 21.04 50.57 27.46
N TRP E 15 20.25 50.56 28.53
CA TRP E 15 19.07 51.44 28.69
C TRP E 15 19.51 52.88 28.95
N VAL E 16 20.55 53.12 29.77
CA VAL E 16 21.11 54.50 29.92
C VAL E 16 21.54 55.01 28.53
N THR E 17 22.30 54.22 27.77
CA THR E 17 22.80 54.62 26.43
C THR E 17 21.62 54.94 25.51
N TYR E 18 20.59 54.10 25.54
CA TYR E 18 19.38 54.25 24.68
C TYR E 18 18.81 55.67 24.88
N PHE E 19 18.56 56.04 26.13
CA PHE E 19 17.87 57.32 26.45
C PHE E 19 18.83 58.51 26.32
N ASN E 20 20.14 58.30 26.45
CA ASN E 20 21.15 59.39 26.38
C ASN E 20 21.47 59.79 24.94
N LYS E 21 20.99 59.07 23.93
CA LYS E 21 21.27 59.45 22.53
C LYS E 21 20.82 60.89 22.30
N PRO E 22 21.74 61.82 21.95
CA PRO E 22 21.38 63.24 21.91
C PRO E 22 20.12 63.55 21.09
N ASP E 23 20.01 62.99 19.87
CA ASP E 23 18.91 63.28 18.91
C ASP E 23 17.84 62.18 18.99
N ILE E 24 17.68 61.54 20.14
CA ILE E 24 16.54 60.59 20.35
C ILE E 24 15.26 61.33 19.94
N ASP E 25 14.39 60.66 19.18
CA ASP E 25 13.11 61.26 18.72
C ASP E 25 11.96 60.79 19.64
N ALA E 26 10.80 61.41 19.48
CA ALA E 26 9.60 61.18 20.31
C ALA E 26 9.23 59.68 20.25
N TRP E 27 9.21 59.13 19.04
CA TRP E 27 8.90 57.70 18.80
C TRP E 27 9.84 56.83 19.64
N GLU E 28 11.14 57.11 19.60
CA GLU E 28 12.15 56.33 20.37
C GLU E 28 11.91 56.46 21.87
N LEU E 29 11.54 57.63 22.35
CA LEU E 29 11.29 57.85 23.80
C LEU E 29 10.11 56.96 24.23
N ARG E 30 9.03 56.97 23.45
CA ARG E 30 7.83 56.16 23.75
C ARG E 30 8.20 54.66 23.66
N LYS E 31 8.79 54.26 22.54
CA LYS E 31 9.18 52.84 22.34
C LYS E 31 9.99 52.37 23.56
N GLY E 32 10.98 53.16 23.97
CA GLY E 32 11.84 52.82 25.11
C GLY E 32 11.03 52.60 26.37
N MET E 33 10.22 53.57 26.77
CA MET E 33 9.46 53.47 28.04
C MET E 33 8.42 52.34 27.94
N ASN E 34 7.73 52.20 26.79
CA ASN E 34 6.64 51.20 26.61
C ASN E 34 7.25 49.79 26.64
N THR E 35 8.49 49.62 26.15
CA THR E 35 9.21 48.32 26.19
C THR E 35 9.71 48.08 27.61
N LEU E 36 10.33 49.09 28.22
CA LEU E 36 10.96 48.92 29.55
C LEU E 36 9.94 48.46 30.60
N VAL E 37 8.71 48.96 30.55
CA VAL E 37 7.73 48.62 31.63
C VAL E 37 7.20 47.20 31.44
N GLY E 38 7.53 46.49 30.36
CA GLY E 38 7.17 45.07 30.20
C GLY E 38 8.04 44.14 31.04
N TYR E 39 9.19 44.60 31.53
CA TYR E 39 10.15 43.72 32.24
C TYR E 39 9.74 43.57 33.70
N ASP E 40 10.22 42.50 34.32
CA ASP E 40 9.99 42.25 35.78
C ASP E 40 11.03 43.04 36.57
N LEU E 41 10.88 44.36 36.57
CA LEU E 41 11.74 45.26 37.36
C LEU E 41 11.15 46.66 37.40
N VAL E 42 11.52 47.40 38.44
CA VAL E 42 11.39 48.87 38.49
C VAL E 42 12.71 49.43 38.00
N PRO E 43 12.73 50.27 36.93
CA PRO E 43 13.99 50.73 36.37
C PRO E 43 14.84 51.48 37.42
N GLU E 44 16.14 51.20 37.43
CA GLU E 44 17.12 51.92 38.28
C GLU E 44 16.98 53.43 38.07
N PRO E 45 17.20 54.24 39.12
CA PRO E 45 17.26 55.70 38.94
C PRO E 45 18.14 56.18 37.77
N LYS E 46 19.30 55.56 37.52
CA LYS E 46 20.15 56.07 36.41
C LYS E 46 19.40 55.93 35.08
N ILE E 47 18.51 54.94 34.94
CA ILE E 47 17.76 54.78 33.66
C ILE E 47 16.70 55.89 33.60
N ILE E 48 15.97 56.09 34.69
CA ILE E 48 14.90 57.10 34.76
C ILE E 48 15.56 58.47 34.51
N ASP E 49 16.68 58.75 35.14
CA ASP E 49 17.41 60.03 34.95
C ASP E 49 17.63 60.27 33.45
N ALA E 50 18.15 59.26 32.73
CA ALA E 50 18.43 59.39 31.29
C ALA E 50 17.12 59.61 30.49
N ALA E 51 16.03 58.92 30.83
CA ALA E 51 14.71 59.10 30.13
C ALA E 51 14.16 60.51 30.42
N LEU E 52 14.34 61.02 31.63
CA LEU E 52 13.83 62.37 31.98
C LEU E 52 14.59 63.43 31.17
N ARG E 53 15.91 63.24 30.99
CA ARG E 53 16.78 64.19 30.25
C ARG E 53 16.42 64.09 28.76
N ALA E 54 16.05 62.91 28.28
CA ALA E 54 15.47 62.78 26.92
C ALA E 54 14.19 63.63 26.80
N CYS E 55 13.29 63.55 27.79
CA CYS E 55 12.03 64.36 27.79
C CYS E 55 12.44 65.83 27.67
N ARG E 56 13.49 66.24 28.39
CA ARG E 56 13.93 67.65 28.33
C ARG E 56 14.38 68.01 26.90
N ARG E 57 15.22 67.18 26.26
CA ARG E 57 15.74 67.49 24.90
C ARG E 57 14.56 67.50 23.93
N LEU E 58 13.49 66.75 24.24
CA LEU E 58 12.26 66.69 23.37
C LEU E 58 11.19 67.71 23.81
N ASN E 59 11.46 68.60 24.77
CA ASN E 59 10.57 69.71 25.22
C ASN E 59 9.21 69.13 25.61
N ASP E 60 9.25 67.99 26.31
CA ASP E 60 8.03 67.23 26.68
C ASP E 60 8.01 67.05 28.21
N PHE E 61 7.47 68.06 28.89
CA PHE E 61 7.28 68.05 30.36
C PHE E 61 6.30 66.93 30.78
N ALA E 62 5.21 66.74 30.06
CA ALA E 62 4.15 65.82 30.48
C ALA E 62 4.73 64.40 30.51
N SER E 63 5.51 64.00 29.50
CA SER E 63 6.08 62.64 29.46
C SER E 63 7.00 62.42 30.68
N ALA E 64 7.71 63.46 31.14
CA ALA E 64 8.58 63.32 32.32
C ALA E 64 7.73 62.95 33.53
N VAL E 65 6.58 63.60 33.70
CA VAL E 65 5.68 63.29 34.85
C VAL E 65 5.14 61.84 34.72
N ARG E 66 4.75 61.45 33.51
CA ARG E 66 4.15 60.12 33.25
C ARG E 66 5.17 59.02 33.58
N ILE E 67 6.44 59.27 33.28
CA ILE E 67 7.55 58.32 33.58
C ILE E 67 7.63 58.16 35.11
N LEU E 68 7.53 59.23 35.88
CA LEU E 68 7.52 59.08 37.36
C LEU E 68 6.30 58.26 37.79
N GLU E 69 5.15 58.46 37.15
CA GLU E 69 3.96 57.65 37.54
C GLU E 69 4.23 56.16 37.27
N VAL E 70 4.85 55.86 36.13
CA VAL E 70 4.93 54.44 35.75
C VAL E 70 6.00 53.77 36.64
N VAL E 71 6.95 54.52 37.17
CA VAL E 71 7.88 53.94 38.19
C VAL E 71 7.10 53.49 39.42
N LYS E 72 6.25 54.38 39.96
CA LYS E 72 5.39 54.02 41.11
C LYS E 72 4.56 52.77 40.73
N ASP E 73 3.97 52.77 39.55
CA ASP E 73 3.03 51.68 39.18
C ASP E 73 3.78 50.35 39.14
N LYS E 74 4.98 50.32 38.57
CA LYS E 74 5.77 49.08 38.38
C LYS E 74 6.17 48.48 39.75
N ALA E 75 6.20 49.27 40.81
CA ALA E 75 6.56 48.80 42.16
C ALA E 75 5.42 47.99 42.78
N GLY E 76 4.21 48.09 42.23
CA GLY E 76 3.06 47.36 42.80
C GLY E 76 2.90 47.67 44.30
N PRO E 77 2.80 46.63 45.16
CA PRO E 77 2.52 46.85 46.59
C PRO E 77 3.79 47.23 47.36
N HIS E 78 4.96 47.27 46.70
CA HIS E 78 6.24 47.62 47.34
C HIS E 78 6.35 49.15 47.45
N LYS E 79 5.70 49.72 48.47
CA LYS E 79 5.54 51.18 48.71
C LYS E 79 6.90 51.83 49.02
N GLU E 80 7.94 51.09 49.35
CA GLU E 80 9.26 51.66 49.69
C GLU E 80 9.97 52.09 48.39
N ILE E 81 9.61 51.57 47.21
CA ILE E 81 10.47 51.74 46.01
C ILE E 81 10.36 53.16 45.45
N TYR E 82 9.14 53.62 45.19
CA TYR E 82 8.92 54.94 44.57
C TYR E 82 9.58 56.05 45.40
N PRO E 83 9.32 56.17 46.73
CA PRO E 83 9.97 57.22 47.52
C PRO E 83 11.52 57.15 47.42
N TYR E 84 12.08 55.94 47.29
CA TYR E 84 13.55 55.78 47.14
C TYR E 84 13.97 56.37 45.79
N VAL E 85 13.25 56.02 44.73
CA VAL E 85 13.62 56.50 43.36
C VAL E 85 13.53 58.03 43.32
N ILE E 86 12.48 58.63 43.89
CA ILE E 86 12.31 60.11 43.90
C ILE E 86 13.49 60.72 44.66
N GLN E 87 13.81 60.15 45.82
CA GLN E 87 14.99 60.61 46.59
C GLN E 87 16.20 60.65 45.66
N GLU E 88 16.51 59.56 44.94
CA GLU E 88 17.75 59.52 44.12
C GLU E 88 17.62 60.53 42.97
N LEU E 89 16.42 60.83 42.49
CA LEU E 89 16.24 61.72 41.32
C LEU E 89 16.15 63.20 41.72
N ARG E 90 16.07 63.51 43.02
CA ARG E 90 15.84 64.89 43.47
C ARG E 90 16.81 65.86 42.77
N PRO E 91 18.13 65.60 42.70
CA PRO E 91 19.04 66.55 42.03
C PRO E 91 18.62 66.80 40.56
N THR E 92 18.24 65.77 39.83
CA THR E 92 17.74 65.91 38.43
C THR E 92 16.40 66.65 38.41
N LEU E 93 15.47 66.29 39.28
CA LEU E 93 14.14 66.97 39.30
C LEU E 93 14.36 68.47 39.53
N ASN E 94 15.26 68.87 40.44
CA ASN E 94 15.51 70.29 40.75
C ASN E 94 16.21 70.95 39.56
N GLU E 95 17.22 70.28 38.99
CA GLU E 95 17.95 70.86 37.84
C GLU E 95 16.97 71.13 36.69
N LEU E 96 16.07 70.20 36.38
CA LEU E 96 15.21 70.27 35.16
C LEU E 96 13.83 70.92 35.46
N GLY E 97 13.55 71.21 36.72
CA GLY E 97 12.24 71.74 37.16
C GLY E 97 11.08 70.76 36.88
N ILE E 98 11.33 69.47 37.09
CA ILE E 98 10.27 68.42 36.98
C ILE E 98 9.56 68.33 38.33
N SER E 99 8.28 68.66 38.33
CA SER E 99 7.37 68.42 39.48
C SER E 99 6.95 66.95 39.48
N THR E 100 6.92 66.34 40.67
CA THR E 100 6.41 64.96 40.85
C THR E 100 4.89 64.97 40.63
N PRO E 101 4.29 63.82 40.28
CA PRO E 101 2.83 63.69 40.26
C PRO E 101 2.16 64.16 41.57
N GLU E 102 2.79 63.87 42.71
CA GLU E 102 2.29 64.27 44.05
C GLU E 102 2.28 65.80 44.12
N GLU E 103 3.36 66.46 43.68
CA GLU E 103 3.46 67.95 43.70
C GLU E 103 2.38 68.56 42.78
N LEU E 104 1.93 67.83 41.76
CA LEU E 104 0.95 68.35 40.79
C LEU E 104 -0.48 67.92 41.16
N GLY E 105 -0.68 67.18 42.24
CA GLY E 105 -2.00 66.65 42.62
C GLY E 105 -2.49 65.49 41.74
N LEU E 106 -1.64 64.90 40.91
CA LEU E 106 -2.09 63.89 39.91
C LEU E 106 -2.11 62.49 40.55
N ASP E 107 -1.76 62.38 41.84
CA ASP E 107 -1.96 61.15 42.65
C ASP E 107 -3.38 61.05 43.23
N LYS E 108 -4.30 61.99 43.01
CA LYS E 108 -5.61 61.99 43.73
C LYS E 108 -6.64 61.18 42.92
N GLY F 3 -0.90 15.50 -33.91
CA GLY F 3 -2.27 15.58 -33.46
C GLY F 3 -2.34 16.69 -32.42
N GLY F 4 -3.03 17.80 -32.77
CA GLY F 4 -3.27 19.00 -31.94
C GLY F 4 -4.76 19.18 -31.56
N GLY F 5 -5.25 20.42 -31.48
CA GLY F 5 -6.68 20.73 -31.31
C GLY F 5 -7.06 21.07 -29.86
N VAL F 6 -6.10 21.04 -28.93
CA VAL F 6 -6.32 21.48 -27.52
C VAL F 6 -5.80 22.92 -27.42
N PRO F 7 -6.65 23.86 -26.97
CA PRO F 7 -6.21 25.23 -26.79
C PRO F 7 -5.14 25.32 -25.68
N THR F 8 -4.29 26.35 -25.76
CA THR F 8 -3.32 26.72 -24.71
C THR F 8 -3.91 27.82 -23.81
N ASP F 9 -3.37 27.96 -22.62
CA ASP F 9 -3.64 29.12 -21.73
C ASP F 9 -3.39 30.42 -22.52
N GLU F 10 -2.32 30.48 -23.31
CA GLU F 10 -1.98 31.70 -24.07
C GLU F 10 -3.16 32.04 -25.00
N GLU F 11 -3.77 31.04 -25.64
CA GLU F 11 -4.90 31.27 -26.58
C GLU F 11 -6.20 31.56 -25.79
N GLN F 12 -6.45 30.92 -24.65
CA GLN F 12 -7.86 30.84 -24.18
C GLN F 12 -8.05 31.33 -22.75
N ALA F 13 -6.99 31.49 -21.94
CA ALA F 13 -7.15 32.02 -20.57
C ALA F 13 -7.74 33.43 -20.69
N THR F 14 -8.56 33.80 -19.71
CA THR F 14 -9.33 35.07 -19.74
C THR F 14 -9.38 35.64 -18.32
N GLY F 15 -9.96 36.84 -18.22
CA GLY F 15 -10.23 37.47 -16.91
C GLY F 15 -9.00 37.49 -16.02
N LEU F 16 -9.18 37.25 -14.73
CA LEU F 16 -8.10 37.42 -13.74
C LEU F 16 -6.99 36.37 -13.96
N GLU F 17 -7.37 35.16 -14.36
CA GLU F 17 -6.40 34.10 -14.67
C GLU F 17 -5.42 34.64 -15.71
N ARG F 18 -5.93 35.26 -16.77
CA ARG F 18 -5.07 35.81 -17.83
C ARG F 18 -4.20 36.94 -17.29
N GLU F 19 -4.77 37.84 -16.49
CA GLU F 19 -4.01 39.00 -15.95
C GLU F 19 -2.83 38.45 -15.15
N VAL F 20 -3.06 37.45 -14.32
CA VAL F 20 -2.01 36.87 -13.44
C VAL F 20 -0.93 36.25 -14.33
N MET F 21 -1.36 35.51 -15.37
N MET F 21 -1.31 35.51 -15.37
CA MET F 21 -0.50 34.83 -16.37
CA MET F 21 -0.32 34.85 -16.26
C MET F 21 0.44 35.85 -17.02
C MET F 21 0.51 35.90 -16.99
N LEU F 22 -0.13 36.97 -17.51
CA LEU F 22 0.60 38.00 -18.32
C LEU F 22 1.52 38.77 -17.37
N ALA F 23 1.08 39.09 -16.16
CA ALA F 23 1.94 39.84 -15.24
C ALA F 23 3.15 38.97 -14.84
N ALA F 24 2.95 37.68 -14.60
CA ALA F 24 4.04 36.78 -14.15
C ALA F 24 5.11 36.68 -15.24
N ARG F 25 4.74 36.61 -16.51
CA ARG F 25 5.70 36.60 -17.64
C ARG F 25 6.60 37.84 -17.55
N LYS F 26 6.09 38.95 -17.00
CA LYS F 26 6.85 40.22 -16.91
C LYS F 26 7.55 40.34 -15.56
N GLY F 27 7.56 39.30 -14.73
CA GLY F 27 8.09 39.35 -13.35
C GLY F 27 7.29 40.30 -12.46
N GLN F 28 6.01 40.55 -12.73
CA GLN F 28 5.20 41.49 -11.90
C GLN F 28 4.16 40.68 -11.11
N ASP F 29 3.75 41.20 -9.96
CA ASP F 29 2.89 40.47 -8.97
C ASP F 29 1.77 41.40 -8.51
N PRO F 30 0.90 41.94 -9.39
CA PRO F 30 -0.16 42.86 -8.97
C PRO F 30 -1.23 42.19 -8.09
N TYR F 31 -1.32 40.87 -8.06
CA TYR F 31 -2.34 40.20 -7.23
C TYR F 31 -1.71 39.46 -6.07
N ASN F 32 -0.51 39.89 -5.68
CA ASN F 32 0.03 39.58 -4.32
C ASN F 32 0.14 38.06 -4.10
N ILE F 33 0.67 37.36 -5.07
CA ILE F 33 0.85 35.88 -5.02
C ILE F 33 2.16 35.57 -4.29
N LEU F 34 3.15 36.47 -4.33
CA LEU F 34 4.49 36.21 -3.77
C LEU F 34 4.64 37.02 -2.49
N ALA F 35 5.41 36.46 -1.56
CA ALA F 35 5.85 37.20 -0.36
C ALA F 35 6.89 38.21 -0.79
N PRO F 36 6.76 39.49 -0.45
CA PRO F 36 7.85 40.43 -0.72
C PRO F 36 9.09 40.19 0.16
N LYS F 37 10.23 40.49 -0.43
CA LYS F 37 11.57 40.36 0.20
C LYS F 37 11.85 41.64 0.97
N ALA F 38 12.22 41.57 2.25
CA ALA F 38 12.50 42.74 3.12
C ALA F 38 13.76 43.47 2.61
N THR F 39 13.84 44.78 2.77
CA THR F 39 15.09 45.58 2.70
C THR F 39 15.72 45.56 4.08
N SER F 40 16.75 46.36 4.32
CA SER F 40 17.36 46.51 5.67
C SER F 40 16.35 47.17 6.62
N GLY F 41 15.35 47.83 6.06
CA GLY F 41 14.27 48.47 6.83
C GLY F 41 14.72 49.68 7.65
N THR F 42 15.83 50.33 7.30
CA THR F 42 16.26 51.60 7.95
C THR F 42 15.39 52.76 7.44
N LYS F 43 15.49 53.94 8.05
CA LYS F 43 14.70 55.11 7.57
C LYS F 43 15.21 55.49 6.17
N GLU F 44 16.49 55.21 5.88
CA GLU F 44 17.11 55.48 4.55
C GLU F 44 16.65 54.42 3.55
N ASP F 45 16.43 53.18 4.00
CA ASP F 45 16.10 52.04 3.12
C ASP F 45 14.83 51.33 3.61
N PRO F 46 13.68 52.04 3.64
CA PRO F 46 12.46 51.46 4.20
C PRO F 46 11.91 50.37 3.29
N ASN F 47 11.15 49.44 3.87
CA ASN F 47 10.39 48.42 3.12
C ASN F 47 9.32 49.17 2.33
N LEU F 48 9.26 48.94 1.02
CA LEU F 48 8.34 49.69 0.12
C LEU F 48 7.07 48.86 -0.05
N VAL F 49 5.94 49.42 0.38
CA VAL F 49 4.63 48.72 0.43
C VAL F 49 3.69 49.28 -0.63
N PRO F 50 3.48 48.55 -1.76
CA PRO F 50 2.55 48.99 -2.79
C PRO F 50 1.13 48.97 -2.24
N SER F 51 0.31 49.90 -2.73
CA SER F 51 -1.11 49.97 -2.39
C SER F 51 -1.86 50.56 -3.58
N ILE F 52 -3.11 50.15 -3.79
CA ILE F 52 -4.02 50.86 -4.73
C ILE F 52 -4.80 51.94 -3.96
N THR F 53 -4.59 52.12 -2.67
CA THR F 53 -5.30 53.13 -1.85
C THR F 53 -4.25 53.84 -0.99
N ASN F 54 -4.66 54.63 0.00
CA ASN F 54 -3.73 55.47 0.82
C ASN F 54 -3.44 54.81 2.16
N LYS F 55 -3.81 53.56 2.34
CA LYS F 55 -3.38 52.79 3.53
C LYS F 55 -3.50 51.30 3.24
N ARG F 56 -2.68 50.50 3.92
CA ARG F 56 -2.68 49.03 3.77
C ARG F 56 -2.17 48.45 5.09
N ILE F 57 -2.71 47.30 5.47
CA ILE F 57 -2.27 46.63 6.71
C ILE F 57 -0.93 45.96 6.44
N VAL F 58 0.01 46.17 7.34
CA VAL F 58 1.31 45.49 7.36
C VAL F 58 1.27 44.48 8.49
N GLY F 59 1.76 43.27 8.22
CA GLY F 59 2.15 42.30 9.25
C GLY F 59 3.65 42.23 9.31
N CYS F 60 4.24 42.42 10.50
CA CYS F 60 5.70 42.37 10.69
C CYS F 60 6.05 41.14 11.55
N ILE F 61 6.77 40.21 10.95
CA ILE F 61 7.42 39.05 11.64
C ILE F 61 8.81 39.55 12.03
N CYS F 62 8.96 40.06 13.24
CA CYS F 62 10.10 40.95 13.60
C CYS F 62 11.40 40.15 13.52
N GLU F 63 11.35 38.89 13.91
CA GLU F 63 12.52 37.98 13.90
C GLU F 63 12.07 36.67 13.28
N GLU F 64 12.99 36.04 12.58
CA GLU F 64 12.71 34.80 11.84
C GLU F 64 12.08 33.82 12.83
N ASP F 65 10.99 33.19 12.42
CA ASP F 65 10.37 32.12 13.26
C ASP F 65 9.62 32.66 14.50
N ASN F 66 9.55 33.97 14.74
CA ASN F 66 8.49 34.50 15.63
C ASN F 66 7.14 33.89 15.21
N SER F 67 6.33 33.43 16.17
CA SER F 67 4.94 32.98 15.93
C SER F 67 3.97 34.18 15.97
N THR F 68 4.36 35.23 16.67
CA THR F 68 3.56 36.47 16.84
C THR F 68 3.80 37.42 15.66
N VAL F 69 2.77 37.73 14.89
CA VAL F 69 2.82 38.78 13.84
C VAL F 69 2.27 40.08 14.44
N ILE F 70 2.94 41.19 14.15
CA ILE F 70 2.54 42.54 14.65
C ILE F 70 1.85 43.25 13.51
N TRP F 71 0.59 43.60 13.69
CA TRP F 71 -0.28 44.13 12.61
C TRP F 71 -0.54 45.62 12.82
N PHE F 72 -0.42 46.41 11.74
CA PHE F 72 -0.75 47.85 11.83
C PHE F 72 -1.09 48.40 10.45
N TRP F 73 -1.89 49.46 10.44
CA TRP F 73 -2.19 50.25 9.22
C TRP F 73 -0.98 51.10 8.87
N LEU F 74 -0.49 50.99 7.63
CA LEU F 74 0.50 51.92 7.04
C LEU F 74 -0.23 52.92 6.15
N HIS F 75 -0.07 54.19 6.47
CA HIS F 75 -0.67 55.35 5.78
C HIS F 75 0.33 55.97 4.80
N LYS F 76 -0.19 56.51 3.70
CA LYS F 76 0.56 57.37 2.76
C LYS F 76 1.25 58.46 3.56
N GLY F 77 2.51 58.76 3.23
CA GLY F 77 3.29 59.86 3.81
C GLY F 77 4.57 59.33 4.42
N GLU F 78 4.98 59.93 5.53
CA GLU F 78 6.28 59.59 6.16
C GLU F 78 6.29 58.10 6.55
N ALA F 79 7.44 57.46 6.40
CA ALA F 79 7.70 56.07 6.85
C ALA F 79 7.22 55.93 8.29
N GLN F 80 6.58 54.81 8.57
CA GLN F 80 6.20 54.41 9.93
C GLN F 80 7.04 53.22 10.35
N ARG F 81 7.01 52.92 11.65
CA ARG F 81 7.87 51.90 12.26
C ARG F 81 6.98 50.82 12.91
N CYS F 82 7.37 49.57 12.75
CA CYS F 82 6.82 48.47 13.53
C CYS F 82 6.92 48.83 15.01
N PRO F 83 5.79 48.82 15.73
CA PRO F 83 5.77 49.17 17.14
C PRO F 83 6.49 48.14 18.04
N SER F 84 6.86 46.98 17.49
CA SER F 84 7.63 45.95 18.22
C SER F 84 9.13 46.08 17.90
N CYS F 85 9.55 46.13 16.63
CA CYS F 85 11.01 46.03 16.30
C CYS F 85 11.55 47.35 15.72
N GLY F 86 10.69 48.32 15.39
CA GLY F 86 11.08 49.61 14.80
C GLY F 86 11.46 49.57 13.31
N THR F 87 11.31 48.43 12.64
N THR F 87 11.38 48.43 12.63
CA THR F 87 11.53 48.27 11.18
CA THR F 87 11.72 48.43 11.19
C THR F 87 10.69 49.30 10.42
C THR F 87 10.76 49.36 10.47
N HIS F 88 11.27 49.98 9.43
CA HIS F 88 10.59 51.07 8.69
C HIS F 88 9.86 50.50 7.48
N TYR F 89 8.66 51.02 7.24
CA TYR F 89 7.78 50.72 6.09
C TYR F 89 7.30 52.05 5.50
N LYS F 90 7.24 52.13 4.18
CA LYS F 90 6.74 53.34 3.48
C LYS F 90 5.74 52.91 2.42
N LEU F 91 4.56 53.54 2.40
CA LEU F 91 3.53 53.25 1.40
C LEU F 91 3.92 53.87 0.08
N VAL F 92 3.74 53.12 -1.00
CA VAL F 92 3.95 53.62 -2.39
C VAL F 92 2.60 53.41 -3.08
N PRO F 93 1.62 54.33 -2.99
CA PRO F 93 0.30 54.11 -3.61
C PRO F 93 0.30 53.91 -5.15
N GLY G 12 4.63 9.85 -21.70
CA GLY G 12 4.06 10.10 -22.84
C GLY G 12 2.69 9.42 -22.87
N ALA G 13 1.83 10.08 -23.59
CA ALA G 13 0.58 9.54 -24.10
C ALA G 13 0.89 8.25 -24.86
N ARG G 14 2.01 8.23 -25.61
CA ARG G 14 2.31 7.10 -26.51
C ARG G 14 2.45 5.84 -25.67
N THR G 15 3.15 5.94 -24.56
CA THR G 15 3.37 4.79 -23.68
C THR G 15 2.03 4.33 -23.07
N TRP G 16 1.22 5.27 -22.57
CA TRP G 16 -0.04 4.88 -21.88
C TRP G 16 -1.04 4.29 -22.90
N ARG G 17 -1.01 4.76 -24.15
CA ARG G 17 -1.81 4.13 -25.22
C ARG G 17 -1.28 2.70 -25.49
N PHE G 18 0.02 2.54 -25.58
CA PHE G 18 0.68 1.22 -25.75
C PHE G 18 0.19 0.28 -24.62
N LEU G 19 0.17 0.78 -23.39
CA LEU G 19 -0.31 -0.05 -22.25
C LEU G 19 -1.81 -0.30 -22.38
N THR G 20 -2.58 0.67 -22.83
CA THR G 20 -4.05 0.53 -22.93
C THR G 20 -4.36 -0.61 -23.92
N PHE G 21 -3.77 -0.55 -25.10
CA PHE G 21 -4.10 -1.53 -26.17
C PHE G 21 -3.24 -2.79 -26.08
N GLY G 22 -2.05 -2.73 -25.47
CA GLY G 22 -1.12 -3.88 -25.50
C GLY G 22 -1.27 -4.79 -24.30
N LEU G 23 -1.82 -4.26 -23.21
CA LEU G 23 -1.89 -5.03 -21.95
C LEU G 23 -3.30 -4.96 -21.36
N ALA G 24 -3.84 -3.76 -21.14
CA ALA G 24 -5.10 -3.55 -20.40
C ALA G 24 -6.27 -4.16 -21.17
N LEU G 25 -6.47 -3.78 -22.42
CA LEU G 25 -7.65 -4.32 -23.12
C LEU G 25 -7.47 -5.81 -23.47
N PRO G 26 -6.27 -6.32 -23.85
CA PRO G 26 -6.10 -7.76 -23.98
C PRO G 26 -6.47 -8.55 -22.70
N SER G 27 -6.14 -8.00 -21.51
CA SER G 27 -6.56 -8.58 -20.21
C SER G 27 -8.08 -8.68 -20.13
N VAL G 28 -8.76 -7.59 -20.46
CA VAL G 28 -10.24 -7.56 -20.39
C VAL G 28 -10.77 -8.60 -21.35
N ALA G 29 -10.18 -8.72 -22.54
CA ALA G 29 -10.65 -9.68 -23.56
C ALA G 29 -10.46 -11.10 -23.02
N LEU G 30 -9.31 -11.39 -22.42
CA LEU G 30 -9.02 -12.74 -21.86
C LEU G 30 -10.00 -13.04 -20.71
N CYS G 31 -10.25 -12.09 -19.79
CA CYS G 31 -11.18 -12.34 -18.66
C CYS G 31 -12.61 -12.46 -19.18
N THR G 32 -12.95 -11.73 -20.26
CA THR G 32 -14.28 -11.79 -20.93
C THR G 32 -14.46 -13.22 -21.45
N LEU G 33 -13.41 -13.79 -22.08
CA LEU G 33 -13.39 -15.19 -22.60
C LEU G 33 -13.62 -16.18 -21.45
N ASN G 34 -12.80 -16.08 -20.41
CA ASN G 34 -12.89 -16.87 -19.16
C ASN G 34 -14.34 -16.82 -18.63
N SER G 35 -14.92 -15.63 -18.44
CA SER G 35 -16.32 -15.52 -17.90
C SER G 35 -17.29 -16.20 -18.87
N TRP G 36 -17.14 -15.90 -20.16
CA TRP G 36 -17.95 -16.45 -21.27
C TRP G 36 -17.97 -17.97 -21.13
N LEU G 37 -16.82 -18.59 -20.92
CA LEU G 37 -16.71 -20.07 -20.93
C LEU G 37 -17.31 -20.68 -19.66
N HIS G 38 -17.39 -19.98 -18.54
CA HIS G 38 -17.80 -20.53 -17.21
C HIS G 38 -19.23 -20.06 -16.85
N SER G 39 -19.95 -19.48 -17.82
CA SER G 39 -21.35 -19.05 -17.64
C SER G 39 -22.26 -20.25 -17.94
N GLY G 40 -23.57 -20.04 -17.89
CA GLY G 40 -24.56 -21.13 -17.92
C GLY G 40 -25.01 -21.46 -16.51
N HIS G 41 -26.31 -21.59 -16.32
CA HIS G 41 -26.98 -21.64 -14.99
C HIS G 41 -26.57 -22.93 -14.25
N ARG G 42 -25.86 -22.83 -13.12
CA ARG G 42 -25.57 -23.98 -12.19
C ARG G 42 -26.88 -24.35 -11.46
N GLU G 43 -27.02 -25.58 -10.95
CA GLU G 43 -28.28 -26.11 -10.36
C GLU G 43 -28.50 -25.44 -8.99
N ARG G 44 -29.68 -24.84 -8.78
CA ARG G 44 -30.05 -24.21 -7.50
C ARG G 44 -30.08 -25.29 -6.43
N PRO G 45 -29.60 -24.98 -5.21
CA PRO G 45 -29.62 -25.93 -4.09
C PRO G 45 -31.03 -26.18 -3.52
N ALA G 46 -31.21 -27.35 -2.88
CA ALA G 46 -32.38 -27.66 -2.04
C ALA G 46 -32.67 -26.44 -1.13
N PHE G 47 -33.93 -25.99 -1.15
CA PHE G 47 -34.42 -24.94 -0.24
C PHE G 47 -34.42 -25.50 1.19
N ILE G 48 -33.79 -24.80 2.11
CA ILE G 48 -33.84 -25.08 3.58
C ILE G 48 -34.19 -23.78 4.26
N PRO G 49 -35.30 -23.73 5.04
CA PRO G 49 -35.76 -22.49 5.65
C PRO G 49 -34.93 -21.99 6.86
N TYR G 50 -33.62 -21.86 6.69
CA TYR G 50 -32.69 -21.33 7.70
C TYR G 50 -33.18 -19.96 8.18
N HIS G 51 -33.09 -19.78 9.48
CA HIS G 51 -33.65 -18.60 10.21
C HIS G 51 -32.70 -17.41 10.08
N HIS G 52 -31.44 -17.61 9.66
CA HIS G 52 -30.46 -16.49 9.51
C HIS G 52 -30.49 -15.96 8.08
N LEU G 53 -31.35 -16.52 7.23
CA LEU G 53 -31.52 -16.12 5.81
C LEU G 53 -32.99 -15.73 5.54
N ARG G 54 -33.24 -15.07 4.41
CA ARG G 54 -34.59 -14.61 4.00
C ARG G 54 -35.19 -13.81 5.16
N ILE G 55 -34.40 -12.90 5.75
CA ILE G 55 -34.83 -12.08 6.91
C ILE G 55 -36.00 -11.20 6.49
N ARG G 56 -37.02 -11.16 7.34
CA ARG G 56 -38.17 -10.23 7.18
C ARG G 56 -38.49 -9.65 8.56
N THR G 57 -37.95 -8.51 8.91
CA THR G 57 -38.33 -7.80 10.17
C THR G 57 -39.33 -6.69 9.83
N LYS G 58 -39.37 -6.25 8.58
CA LYS G 58 -40.35 -5.24 8.10
C LYS G 58 -40.60 -5.52 6.63
N PRO G 59 -41.84 -5.39 6.10
CA PRO G 59 -42.05 -5.58 4.68
C PRO G 59 -41.18 -4.59 3.88
N PHE G 60 -40.64 -5.03 2.74
CA PHE G 60 -40.00 -4.14 1.75
C PHE G 60 -41.04 -3.10 1.28
N SER G 61 -40.57 -1.90 0.96
CA SER G 61 -41.42 -0.76 0.52
C SER G 61 -41.77 -0.84 -0.95
N TRP G 62 -41.81 -2.02 -1.55
CA TRP G 62 -42.23 -2.18 -2.97
C TRP G 62 -42.88 -3.56 -3.12
N GLY G 63 -43.54 -3.77 -4.25
CA GLY G 63 -44.13 -5.07 -4.66
C GLY G 63 -45.08 -5.53 -3.58
N ASP G 64 -45.04 -6.79 -3.19
CA ASP G 64 -45.95 -7.33 -2.14
C ASP G 64 -45.24 -7.25 -0.78
N GLY G 65 -44.12 -6.55 -0.63
CA GLY G 65 -43.35 -6.47 0.63
C GLY G 65 -42.46 -7.68 0.90
N ASN G 66 -42.52 -8.74 0.08
CA ASN G 66 -41.85 -10.02 0.43
C ASN G 66 -40.78 -10.39 -0.61
N HIS G 67 -40.56 -9.56 -1.62
CA HIS G 67 -39.61 -9.80 -2.73
C HIS G 67 -38.47 -8.80 -2.62
N THR G 68 -37.24 -9.30 -2.70
CA THR G 68 -36.06 -8.40 -2.72
C THR G 68 -36.06 -7.59 -4.02
N PHE G 69 -35.26 -6.54 -4.03
CA PHE G 69 -35.29 -5.51 -5.10
C PHE G 69 -34.89 -6.10 -6.45
N PHE G 70 -33.94 -7.03 -6.48
N PHE G 70 -33.88 -7.00 -6.48
CA PHE G 70 -33.50 -7.66 -7.75
CA PHE G 70 -33.38 -7.71 -7.69
C PHE G 70 -33.77 -9.17 -7.61
C PHE G 70 -33.77 -9.19 -7.59
N HIS G 71 -34.97 -9.49 -7.11
CA HIS G 71 -35.49 -10.88 -6.98
C HIS G 71 -35.38 -11.61 -8.32
N ASN G 72 -34.77 -12.79 -8.30
CA ASN G 72 -34.61 -13.69 -9.45
C ASN G 72 -35.34 -14.97 -9.08
N PRO G 73 -36.55 -15.23 -9.64
CA PRO G 73 -37.33 -16.41 -9.27
C PRO G 73 -36.52 -17.71 -9.38
N ARG G 74 -35.59 -17.78 -10.34
CA ARG G 74 -34.81 -19.04 -10.59
C ARG G 74 -33.96 -19.37 -9.36
N VAL G 75 -33.37 -18.39 -8.68
CA VAL G 75 -32.30 -18.70 -7.66
C VAL G 75 -32.56 -18.05 -6.29
N ASN G 76 -33.58 -17.22 -6.13
CA ASN G 76 -33.87 -16.54 -4.84
C ASN G 76 -35.18 -17.07 -4.28
N PRO G 77 -35.15 -18.02 -3.31
CA PRO G 77 -36.38 -18.45 -2.64
C PRO G 77 -36.96 -17.36 -1.74
N LEU G 78 -38.30 -17.37 -1.58
CA LEU G 78 -39.02 -16.60 -0.54
C LEU G 78 -38.80 -17.31 0.80
N PRO G 79 -39.16 -16.67 1.94
CA PRO G 79 -39.10 -17.36 3.23
C PRO G 79 -39.78 -18.74 3.20
N THR G 80 -40.81 -18.91 2.36
CA THR G 80 -41.59 -20.17 2.26
C THR G 80 -41.04 -21.07 1.16
N GLY G 81 -40.00 -20.69 0.43
CA GLY G 81 -39.41 -21.56 -0.60
C GLY G 81 -39.44 -20.94 -2.00
N TYR G 82 -39.04 -21.70 -3.01
CA TYR G 82 -38.95 -21.20 -4.40
C TYR G 82 -40.37 -20.99 -4.90
N GLU G 83 -40.58 -19.92 -5.65
CA GLU G 83 -41.92 -19.62 -6.23
C GLU G 83 -42.40 -20.74 -7.17
N TYR H 11 -19.44 -33.33 40.05
CA TYR H 11 -19.83 -32.10 39.15
C TYR H 11 -20.55 -31.06 40.00
N GLN H 12 -19.95 -29.88 40.20
CA GLN H 12 -20.68 -28.69 40.70
C GLN H 12 -21.13 -27.83 39.52
N THR H 13 -20.19 -27.26 38.76
CA THR H 13 -20.52 -26.46 37.56
C THR H 13 -19.40 -26.65 36.55
N ALA H 14 -19.56 -26.02 35.40
CA ALA H 14 -18.59 -26.11 34.30
C ALA H 14 -17.29 -25.50 34.80
N PRO H 15 -16.14 -26.20 34.72
CA PRO H 15 -14.89 -25.57 35.10
C PRO H 15 -14.44 -24.54 34.04
N PHE H 16 -13.54 -23.67 34.43
CA PHE H 16 -12.70 -22.83 33.55
C PHE H 16 -12.22 -23.70 32.39
N ASP H 17 -12.30 -23.17 31.19
CA ASP H 17 -11.86 -23.79 29.92
C ASP H 17 -10.95 -22.76 29.23
N SER H 18 -9.68 -23.10 29.08
CA SER H 18 -8.64 -22.17 28.59
C SER H 18 -8.90 -21.82 27.13
N ARG H 19 -9.73 -22.58 26.42
CA ARG H 19 -10.16 -22.23 25.03
C ARG H 19 -11.07 -21.00 25.08
N PHE H 20 -11.73 -20.74 26.20
CA PHE H 20 -12.73 -19.64 26.31
C PHE H 20 -12.45 -18.85 27.58
N PRO H 21 -11.35 -18.06 27.62
CA PRO H 21 -10.92 -17.42 28.86
C PRO H 21 -11.50 -16.02 29.13
N ASN H 22 -12.33 -15.53 28.23
CA ASN H 22 -12.74 -14.11 28.22
C ASN H 22 -14.21 -13.93 28.66
N GLN H 23 -14.61 -12.71 28.81
CA GLN H 23 -15.96 -12.35 29.30
C GLN H 23 -17.01 -12.96 28.33
N ASN H 24 -16.77 -13.00 27.03
CA ASN H 24 -17.78 -13.55 26.08
C ASN H 24 -17.67 -15.07 26.10
N GLN H 25 -18.70 -15.72 26.62
CA GLN H 25 -18.75 -17.18 26.84
C GLN H 25 -19.71 -17.81 25.80
N THR H 26 -20.13 -17.06 24.78
CA THR H 26 -21.10 -17.57 23.78
C THR H 26 -20.56 -18.86 23.14
N ARG H 27 -19.30 -18.89 22.73
CA ARG H 27 -18.73 -20.02 21.95
C ARG H 27 -18.60 -21.25 22.86
N ASN H 28 -18.38 -21.05 24.16
CA ASN H 28 -18.26 -22.13 25.16
C ASN H 28 -19.59 -22.89 25.21
N CYS H 29 -20.68 -22.17 25.35
CA CYS H 29 -22.04 -22.76 25.33
C CYS H 29 -22.24 -23.50 24.01
N TRP H 30 -21.94 -22.82 22.90
CA TRP H 30 -22.15 -23.37 21.53
C TRP H 30 -21.33 -24.64 21.35
N GLN H 31 -20.04 -24.58 21.69
CA GLN H 31 -19.13 -25.69 21.43
C GLN H 31 -19.64 -26.93 22.19
N ASN H 32 -20.06 -26.76 23.43
CA ASN H 32 -20.46 -27.90 24.30
C ASN H 32 -21.79 -28.48 23.80
N TYR H 33 -22.68 -27.63 23.26
CA TYR H 33 -23.96 -28.08 22.69
C TYR H 33 -23.67 -28.94 21.46
N LEU H 34 -22.83 -28.43 20.54
CA LEU H 34 -22.38 -29.20 19.36
C LEU H 34 -21.74 -30.53 19.81
N ASP H 35 -20.77 -30.49 20.73
CA ASP H 35 -20.01 -31.69 21.18
C ASP H 35 -21.00 -32.73 21.74
N PHE H 36 -21.98 -32.32 22.57
CA PHE H 36 -22.98 -33.27 23.10
C PHE H 36 -23.71 -33.93 21.92
N HIS H 37 -24.26 -33.13 21.00
CA HIS H 37 -25.13 -33.70 19.93
C HIS H 37 -24.30 -34.49 18.94
N ARG H 38 -23.05 -34.10 18.66
CA ARG H 38 -22.13 -34.90 17.77
C ARG H 38 -21.89 -36.26 18.45
N CYS H 39 -21.64 -36.24 19.75
CA CYS H 39 -21.33 -37.46 20.53
C CYS H 39 -22.57 -38.35 20.57
N GLU H 40 -23.73 -37.78 20.87
CA GLU H 40 -24.99 -38.54 20.95
C GLU H 40 -25.28 -39.19 19.59
N LYS H 41 -24.98 -38.52 18.46
CA LYS H 41 -25.22 -39.09 17.11
C LYS H 41 -24.25 -40.26 16.86
N ALA H 42 -22.97 -40.06 17.20
CA ALA H 42 -21.89 -41.06 17.03
C ALA H 42 -22.22 -42.30 17.87
N MET H 43 -22.84 -42.12 19.06
CA MET H 43 -23.14 -43.23 20.01
C MET H 43 -24.42 -43.98 19.60
N THR H 44 -25.50 -43.26 19.30
CA THR H 44 -26.83 -43.80 18.86
C THR H 44 -26.66 -44.58 17.56
N ALA H 45 -25.85 -44.05 16.64
CA ALA H 45 -25.56 -44.64 15.30
C ALA H 45 -24.97 -46.03 15.50
N LYS H 46 -23.82 -46.21 16.18
CA LYS H 46 -23.32 -47.60 16.40
C LYS H 46 -24.22 -48.31 17.42
N GLY H 47 -25.14 -47.61 18.10
CA GLY H 47 -25.96 -48.18 19.19
C GLY H 47 -25.12 -48.46 20.43
N GLY H 48 -23.98 -47.74 20.58
CA GLY H 48 -23.20 -47.63 21.83
C GLY H 48 -23.99 -46.83 22.86
N ASP H 49 -23.35 -46.32 23.91
CA ASP H 49 -24.04 -45.72 25.10
C ASP H 49 -23.89 -44.19 25.13
N VAL H 50 -24.99 -43.44 25.15
CA VAL H 50 -25.00 -41.94 25.17
C VAL H 50 -24.38 -41.43 26.49
N SER H 51 -24.16 -42.28 27.49
CA SER H 51 -23.59 -41.92 28.80
C SER H 51 -22.17 -41.37 28.67
N VAL H 52 -21.43 -41.73 27.61
CA VAL H 52 -20.03 -41.21 27.36
C VAL H 52 -20.11 -39.73 27.04
N CYS H 53 -21.26 -39.26 26.57
CA CYS H 53 -21.49 -37.86 26.15
C CYS H 53 -21.85 -36.97 27.35
N GLU H 54 -21.94 -37.53 28.56
CA GLU H 54 -22.55 -36.87 29.74
C GLU H 54 -21.82 -35.54 30.07
N TRP H 55 -20.49 -35.52 29.98
CA TRP H 55 -19.74 -34.30 30.36
C TRP H 55 -20.20 -33.10 29.51
N TYR H 56 -20.30 -33.26 28.20
CA TYR H 56 -20.76 -32.20 27.28
C TYR H 56 -22.18 -31.76 27.68
N ARG H 57 -23.05 -32.72 27.99
CA ARG H 57 -24.45 -32.43 28.38
C ARG H 57 -24.45 -31.51 29.61
N ARG H 58 -23.70 -31.85 30.65
CA ARG H 58 -23.71 -31.11 31.95
C ARG H 58 -23.17 -29.70 31.69
N VAL H 59 -22.15 -29.59 30.86
CA VAL H 59 -21.49 -28.27 30.63
C VAL H 59 -22.47 -27.35 29.86
N TYR H 60 -23.08 -27.82 28.78
CA TYR H 60 -23.94 -26.92 27.97
C TYR H 60 -25.21 -26.60 28.77
N LYS H 61 -25.71 -27.52 29.60
CA LYS H 61 -26.93 -27.24 30.42
C LYS H 61 -26.62 -26.18 31.47
N SER H 62 -25.41 -26.21 32.07
CA SER H 62 -24.92 -25.19 33.05
C SER H 62 -24.83 -23.82 32.38
N LEU H 63 -24.21 -23.75 31.18
CA LEU H 63 -23.77 -22.44 30.61
C LEU H 63 -24.86 -21.83 29.70
N CYS H 64 -25.62 -22.65 28.99
CA CYS H 64 -26.45 -22.17 27.86
C CYS H 64 -27.78 -21.67 28.39
N PRO H 65 -28.22 -20.44 28.02
CA PRO H 65 -29.60 -20.05 28.28
C PRO H 65 -30.63 -21.08 27.78
N ILE H 66 -31.65 -21.31 28.57
CA ILE H 66 -32.78 -22.24 28.24
C ILE H 66 -33.34 -21.94 26.83
N SER H 67 -33.57 -20.67 26.50
CA SER H 67 -34.17 -20.25 25.19
C SER H 67 -33.22 -20.59 24.04
N TRP H 68 -31.90 -20.55 24.25
CA TRP H 68 -30.92 -20.90 23.19
C TRP H 68 -31.05 -22.41 22.90
N VAL H 69 -30.99 -23.23 23.95
CA VAL H 69 -31.07 -24.71 23.83
C VAL H 69 -32.39 -25.06 23.17
N SER H 70 -33.47 -24.49 23.68
CA SER H 70 -34.84 -24.71 23.16
C SER H 70 -34.89 -24.38 21.64
N THR H 71 -34.33 -23.24 21.23
CA THR H 71 -34.34 -22.78 19.82
C THR H 71 -33.47 -23.72 18.98
N TRP H 72 -32.27 -24.05 19.46
CA TRP H 72 -31.38 -25.01 18.75
C TRP H 72 -32.07 -26.38 18.63
N ASP H 73 -32.71 -26.90 19.68
CA ASP H 73 -33.41 -28.21 19.62
C ASP H 73 -34.49 -28.14 18.54
N ASP H 74 -35.31 -27.09 18.54
CA ASP H 74 -36.38 -26.90 17.54
C ASP H 74 -35.78 -26.90 16.13
N ARG H 75 -34.63 -26.25 15.94
CA ARG H 75 -34.02 -26.13 14.58
C ARG H 75 -33.42 -27.47 14.16
N ARG H 76 -32.84 -28.25 15.07
CA ARG H 76 -32.39 -29.64 14.72
C ARG H 76 -33.59 -30.46 14.23
N ALA H 77 -34.75 -30.38 14.89
CA ALA H 77 -35.95 -31.16 14.53
C ALA H 77 -36.52 -30.65 13.20
N GLU H 78 -36.41 -29.35 12.93
CA GLU H 78 -36.94 -28.74 11.68
C GLU H 78 -36.02 -29.05 10.50
N GLY H 79 -34.75 -29.36 10.72
CA GLY H 79 -33.69 -29.45 9.69
C GLY H 79 -33.10 -28.08 9.35
N THR H 80 -33.17 -27.07 10.22
CA THR H 80 -32.64 -25.70 9.95
C THR H 80 -31.49 -25.36 10.88
N PHE H 81 -30.95 -26.33 11.62
CA PHE H 81 -29.83 -26.06 12.54
C PHE H 81 -28.60 -25.80 11.68
N PRO H 82 -27.92 -24.66 11.80
CA PRO H 82 -26.85 -24.33 10.85
C PRO H 82 -25.46 -24.85 11.20
N GLY H 83 -25.30 -25.39 12.42
CA GLY H 83 -24.09 -26.09 12.83
C GLY H 83 -24.03 -27.50 12.25
N LYS H 84 -22.84 -28.04 12.19
CA LYS H 84 -22.55 -29.40 11.68
C LYS H 84 -22.61 -30.39 12.84
N ILE H 85 -23.55 -31.32 12.76
CA ILE H 85 -23.69 -32.44 13.73
C ILE H 85 -23.54 -33.74 12.95
N ALA I 3 17.85 59.62 54.79
CA ALA I 3 17.78 58.93 53.49
C ALA I 3 17.22 57.52 53.68
N LEU I 4 16.49 57.09 52.67
CA LEU I 4 15.89 55.76 52.53
C LEU I 4 16.94 54.82 51.94
N ALA I 5 17.01 53.59 52.44
CA ALA I 5 17.85 52.49 51.89
C ALA I 5 17.30 52.08 50.52
N LYS I 6 18.21 51.68 49.63
CA LYS I 6 17.86 51.05 48.34
C LYS I 6 17.21 49.70 48.61
N PRO I 7 15.95 49.56 48.17
CA PRO I 7 15.24 48.29 48.25
C PRO I 7 15.58 47.44 47.03
N GLN I 8 15.19 46.17 47.09
CA GLN I 8 15.17 45.27 45.93
C GLN I 8 14.17 45.86 44.93
N MET I 9 14.62 46.00 43.67
CA MET I 9 13.82 46.60 42.57
C MET I 9 13.67 45.65 41.39
N ARG I 10 14.40 44.52 41.35
CA ARG I 10 14.40 43.60 40.17
C ARG I 10 13.80 42.26 40.56
N GLY I 11 13.06 41.65 39.64
CA GLY I 11 12.56 40.27 39.78
C GLY I 11 11.54 40.12 40.88
N LEU I 12 10.77 41.15 41.19
CA LEU I 12 9.79 41.07 42.32
C LEU I 12 8.67 40.06 41.98
N LEU I 13 8.23 39.98 40.74
CA LEU I 13 7.14 39.03 40.36
C LEU I 13 7.67 37.59 40.47
N ALA I 14 8.88 37.32 39.96
CA ALA I 14 9.55 36.00 39.96
C ALA I 14 9.77 35.57 41.41
N ARG I 15 10.24 36.49 42.25
CA ARG I 15 10.46 36.24 43.70
C ARG I 15 9.11 35.83 44.31
N ARG I 16 8.05 36.59 44.07
CA ARG I 16 6.71 36.26 44.61
C ARG I 16 6.31 34.85 44.14
N LEU I 17 6.53 34.53 42.86
CA LEU I 17 6.09 33.24 42.29
C LEU I 17 6.84 32.12 43.00
N ARG I 18 8.17 32.26 43.09
CA ARG I 18 9.04 31.21 43.66
C ARG I 18 8.56 30.92 45.09
N PHE I 19 8.41 31.97 45.90
CA PHE I 19 7.92 31.85 47.29
C PHE I 19 6.60 31.07 47.32
N HIS I 20 5.63 31.43 46.49
CA HIS I 20 4.27 30.87 46.66
C HIS I 20 4.17 29.45 46.09
N ILE I 21 4.96 29.10 45.07
CA ILE I 21 4.89 27.74 44.51
C ILE I 21 5.44 26.77 45.55
N VAL I 22 6.51 27.16 46.26
CA VAL I 22 7.07 26.36 47.39
C VAL I 22 5.98 26.24 48.49
N GLY I 23 5.27 27.33 48.80
CA GLY I 23 4.15 27.33 49.75
C GLY I 23 3.05 26.37 49.27
N ALA I 24 2.78 26.36 47.98
CA ALA I 24 1.76 25.47 47.43
C ALA I 24 2.22 24.00 47.56
N PHE I 25 3.47 23.69 47.23
CA PHE I 25 4.01 22.32 47.42
C PHE I 25 3.83 21.91 48.89
N MET I 26 4.31 22.73 49.83
CA MET I 26 4.36 22.37 51.28
C MET I 26 2.93 22.07 51.75
N VAL I 27 1.94 22.84 51.28
CA VAL I 27 0.51 22.63 51.63
C VAL I 27 0.03 21.30 51.04
N SER I 28 0.36 21.03 49.77
CA SER I 28 0.00 19.77 49.08
C SER I 28 0.48 18.57 49.92
N LEU I 29 1.72 18.59 50.39
CA LEU I 29 2.26 17.55 51.31
C LEU I 29 1.49 17.52 52.63
N GLY I 30 1.06 18.66 53.19
CA GLY I 30 0.20 18.73 54.40
C GLY I 30 -1.16 18.08 54.15
N PHE I 31 -1.83 18.41 53.06
CA PHE I 31 -3.18 17.85 52.74
C PHE I 31 -3.11 16.32 52.53
N ALA I 32 -2.07 15.86 51.81
CA ALA I 32 -1.91 14.42 51.50
C ALA I 32 -1.73 13.68 52.83
N THR I 33 -0.91 14.19 53.75
CA THR I 33 -0.70 13.55 55.09
C THR I 33 -2.07 13.50 55.78
N PHE I 34 -2.77 14.64 55.87
CA PHE I 34 -4.13 14.70 56.45
C PHE I 34 -5.08 13.71 55.75
N TYR I 35 -4.99 13.58 54.42
CA TYR I 35 -6.06 12.86 53.66
C TYR I 35 -5.88 11.35 53.83
N LYS I 36 -4.61 10.94 53.81
CA LYS I 36 -4.10 9.59 54.14
C LYS I 36 -4.76 9.16 55.45
N PHE I 37 -4.67 10.05 56.44
CA PHE I 37 -5.08 9.87 57.86
C PHE I 37 -6.61 9.98 57.97
N ALA I 38 -7.26 11.02 57.44
CA ALA I 38 -8.71 11.26 57.68
C ALA I 38 -9.59 10.37 56.80
N VAL I 39 -9.11 9.88 55.65
CA VAL I 39 -10.00 9.18 54.68
C VAL I 39 -9.45 7.77 54.40
N ALA I 40 -8.27 7.68 53.81
CA ALA I 40 -7.72 6.44 53.22
C ALA I 40 -7.45 5.40 54.31
N GLU I 41 -6.68 5.76 55.33
CA GLU I 41 -6.29 4.88 56.47
C GLU I 41 -7.51 4.61 57.32
N LYS I 42 -8.32 5.64 57.61
CA LYS I 42 -9.61 5.45 58.32
C LYS I 42 -10.37 4.32 57.63
N ARG I 43 -10.42 4.33 56.31
CA ARG I 43 -11.20 3.28 55.58
C ARG I 43 -10.53 1.92 55.74
N LYS I 44 -9.21 1.80 55.56
CA LYS I 44 -8.51 0.50 55.73
C LYS I 44 -8.77 -0.03 57.16
N LYS I 45 -8.71 0.85 58.16
CA LYS I 45 -8.86 0.42 59.59
C LYS I 45 -10.32 0.00 59.85
N ALA I 46 -11.30 0.70 59.29
CA ALA I 46 -12.73 0.39 59.48
C ALA I 46 -13.02 -1.00 58.90
N TYR I 47 -12.58 -1.32 57.68
CA TYR I 47 -12.75 -2.67 57.07
C TYR I 47 -11.97 -3.73 57.90
N ALA I 48 -10.71 -3.46 58.23
CA ALA I 48 -9.88 -4.42 58.99
C ALA I 48 -10.56 -4.71 60.34
N ASP I 49 -11.02 -3.67 61.05
CA ASP I 49 -11.65 -3.82 62.38
C ASP I 49 -12.99 -4.55 62.24
N PHE I 50 -13.77 -4.23 61.21
CA PHE I 50 -15.08 -4.88 61.01
C PHE I 50 -14.85 -6.41 60.84
N TYR I 51 -13.92 -6.82 60.00
CA TYR I 51 -13.83 -8.25 59.62
C TYR I 51 -12.97 -9.06 60.61
N ARG I 52 -12.18 -8.43 61.48
CA ARG I 52 -11.18 -9.13 62.34
C ARG I 52 -11.84 -10.29 63.10
N ASN I 53 -12.97 -10.04 63.77
CA ASN I 53 -13.70 -11.10 64.52
C ASN I 53 -15.12 -11.25 63.98
N TYR I 54 -15.39 -10.80 62.76
CA TYR I 54 -16.72 -10.93 62.11
C TYR I 54 -17.17 -12.40 62.07
N ASP I 55 -18.40 -12.64 62.49
CA ASP I 55 -19.01 -13.98 62.44
C ASP I 55 -20.19 -13.91 61.45
N SER I 56 -19.99 -14.40 60.23
CA SER I 56 -20.99 -14.32 59.12
C SER I 56 -22.25 -15.12 59.49
N MET I 57 -22.09 -16.26 60.20
CA MET I 57 -23.23 -17.12 60.59
C MET I 57 -24.05 -16.39 61.65
N LYS I 58 -23.40 -15.76 62.61
CA LYS I 58 -24.13 -14.96 63.63
C LYS I 58 -24.84 -13.78 62.96
N ASP I 59 -24.19 -13.05 62.05
CA ASP I 59 -24.83 -12.00 61.23
C ASP I 59 -26.08 -12.58 60.54
N PHE I 60 -25.94 -13.70 59.85
CA PHE I 60 -27.08 -14.34 59.16
C PHE I 60 -28.23 -14.65 60.14
N GLU I 61 -27.91 -15.19 61.33
CA GLU I 61 -28.94 -15.62 62.33
C GLU I 61 -29.72 -14.38 62.78
N GLU I 62 -29.03 -13.28 63.03
CA GLU I 62 -29.66 -12.00 63.42
C GLU I 62 -30.60 -11.56 62.29
N MET I 63 -30.15 -11.59 61.05
CA MET I 63 -30.98 -11.18 59.89
C MET I 63 -32.21 -12.10 59.75
N ARG I 64 -32.00 -13.41 59.88
CA ARG I 64 -33.07 -14.43 59.73
C ARG I 64 -34.16 -14.15 60.77
N LYS I 65 -33.74 -13.96 62.03
CA LYS I 65 -34.67 -13.75 63.18
C LYS I 65 -35.39 -12.41 63.04
N ALA I 66 -34.81 -11.44 62.33
CA ALA I 66 -35.46 -10.15 62.06
C ALA I 66 -36.52 -10.30 60.94
N GLY I 67 -36.54 -11.44 60.22
CA GLY I 67 -37.53 -11.77 59.17
C GLY I 67 -37.16 -11.17 57.82
N ILE I 68 -35.89 -10.89 57.53
CA ILE I 68 -35.61 -10.14 56.27
C ILE I 68 -35.64 -11.06 55.04
N PHE I 69 -35.48 -12.38 55.17
CA PHE I 69 -35.20 -13.27 54.00
C PHE I 69 -36.44 -13.98 53.44
N GLN I 70 -36.49 -14.15 52.13
CA GLN I 70 -37.47 -15.05 51.44
C GLN I 70 -37.12 -16.50 51.70
N SER I 71 -35.82 -16.81 51.83
CA SER I 71 -35.31 -18.20 51.83
C SER I 71 -35.17 -18.80 53.23
N ALA I 72 -35.40 -18.06 54.32
CA ALA I 72 -35.12 -18.53 55.71
C ALA I 72 -36.13 -17.96 56.73
N PHE J 1 -16.29 19.42 -34.23
CA PHE J 1 -16.89 20.66 -33.63
C PHE J 1 -15.86 21.79 -33.73
N GLU J 2 -16.36 23.02 -33.57
CA GLU J 2 -15.53 24.25 -33.57
C GLU J 2 -15.42 24.82 -32.16
N ASN J 3 -14.33 25.49 -31.92
CA ASN J 3 -14.07 26.07 -30.58
C ASN J 3 -14.85 27.39 -30.48
N ARG J 4 -15.93 27.43 -29.71
CA ARG J 4 -16.76 28.64 -29.53
C ARG J 4 -16.58 29.21 -28.10
N VAL J 5 -15.50 28.88 -27.41
CA VAL J 5 -15.27 29.38 -26.03
C VAL J 5 -15.19 30.92 -26.02
N ALA J 6 -14.53 31.56 -27.01
CA ALA J 6 -14.36 33.05 -27.03
C ALA J 6 -15.76 33.70 -27.03
N GLU J 7 -16.73 33.14 -27.75
CA GLU J 7 -18.09 33.76 -27.81
C GLU J 7 -18.79 33.56 -26.44
N LYS J 8 -18.59 32.44 -25.74
CA LYS J 8 -19.12 32.26 -24.36
C LYS J 8 -18.40 33.16 -23.36
N GLN J 9 -17.10 33.40 -23.54
CA GLN J 9 -16.35 34.36 -22.65
C GLN J 9 -16.94 35.76 -22.83
N LYS J 10 -17.24 36.18 -24.06
CA LYS J 10 -17.79 37.53 -24.29
C LYS J 10 -19.15 37.61 -23.57
N LEU J 11 -20.00 36.58 -23.72
CA LEU J 11 -21.38 36.57 -23.13
C LEU J 11 -21.28 36.67 -21.60
N PHE J 12 -20.44 35.87 -20.95
CA PHE J 12 -20.40 35.79 -19.46
C PHE J 12 -19.59 36.95 -18.89
N GLN J 13 -18.88 37.74 -19.69
CA GLN J 13 -18.15 38.90 -19.10
C GLN J 13 -18.89 40.20 -19.45
N GLU J 14 -20.02 40.11 -20.15
CA GLU J 14 -20.80 41.32 -20.56
C GLU J 14 -21.15 42.12 -19.30
N ASP J 15 -20.95 43.43 -19.33
CA ASP J 15 -21.06 44.30 -18.14
C ASP J 15 -22.53 44.64 -17.86
N ASN J 16 -23.37 43.66 -17.50
CA ASN J 16 -24.84 43.85 -17.39
C ASN J 16 -25.28 43.66 -15.93
N GLY J 17 -24.37 43.53 -14.97
CA GLY J 17 -24.73 43.36 -13.54
C GLY J 17 -25.43 42.03 -13.23
N LEU J 18 -25.63 41.12 -14.16
CA LEU J 18 -26.37 39.88 -13.84
C LEU J 18 -25.47 38.94 -13.03
N PRO J 19 -26.02 38.22 -12.03
CA PRO J 19 -25.25 37.18 -11.36
C PRO J 19 -25.07 35.98 -12.30
N VAL J 20 -24.02 35.22 -12.03
CA VAL J 20 -23.54 34.18 -12.97
C VAL J 20 -24.66 33.17 -13.22
N HIS J 21 -25.53 32.93 -12.25
CA HIS J 21 -26.57 31.90 -12.40
C HIS J 21 -27.66 32.38 -13.36
N LEU J 22 -27.71 33.67 -13.72
CA LEU J 22 -28.75 34.20 -14.65
C LEU J 22 -28.14 34.78 -15.92
N LYS J 23 -26.82 34.70 -16.09
CA LYS J 23 -26.11 35.51 -17.12
C LYS J 23 -26.22 34.85 -18.52
N GLY J 24 -26.68 33.61 -18.59
CA GLY J 24 -26.87 32.89 -19.86
C GLY J 24 -28.07 33.42 -20.62
N GLY J 25 -29.00 34.11 -19.94
CA GLY J 25 -30.22 34.67 -20.55
C GLY J 25 -31.48 34.02 -20.00
N ALA J 26 -32.59 34.19 -20.72
CA ALA J 26 -33.97 33.90 -20.28
C ALA J 26 -34.11 32.44 -19.84
N THR J 27 -33.38 31.51 -20.47
CA THR J 27 -33.41 30.06 -20.10
C THR J 27 -32.97 29.90 -18.64
N ASP J 28 -31.99 30.67 -18.17
CA ASP J 28 -31.50 30.53 -16.77
C ASP J 28 -32.65 30.88 -15.81
N ASN J 29 -33.38 31.95 -16.11
CA ASN J 29 -34.48 32.46 -15.25
C ASN J 29 -35.53 31.37 -15.15
N ILE J 30 -35.88 30.74 -16.28
CA ILE J 30 -36.88 29.64 -16.31
C ILE J 30 -36.40 28.48 -15.43
N LEU J 31 -35.17 28.01 -15.65
CA LEU J 31 -34.71 26.82 -14.89
C LEU J 31 -34.62 27.17 -13.40
N TYR J 32 -34.22 28.41 -13.07
CA TYR J 32 -34.20 28.93 -11.67
C TYR J 32 -35.62 28.87 -11.08
N ARG J 33 -36.60 29.41 -11.80
CA ARG J 33 -37.99 29.47 -11.28
C ARG J 33 -38.53 28.05 -11.09
N VAL J 34 -38.25 27.12 -12.01
CA VAL J 34 -38.68 25.70 -11.91
C VAL J 34 -38.04 25.12 -10.63
N THR J 35 -36.76 25.36 -10.43
CA THR J 35 -36.00 24.77 -9.32
C THR J 35 -36.58 25.30 -8.00
N MET J 36 -36.69 26.61 -7.88
CA MET J 36 -37.10 27.21 -6.59
C MET J 36 -38.58 26.85 -6.32
N THR J 37 -39.43 26.82 -7.35
CA THR J 37 -40.86 26.44 -7.20
C THR J 37 -40.95 25.00 -6.65
N LEU J 38 -40.22 24.06 -7.26
CA LEU J 38 -40.21 22.64 -6.78
C LEU J 38 -39.66 22.59 -5.35
N CYS J 39 -38.60 23.31 -5.03
CA CYS J 39 -38.04 23.30 -3.66
C CYS J 39 -39.05 23.87 -2.65
N LEU J 40 -39.64 25.03 -2.92
CA LEU J 40 -40.48 25.73 -1.91
C LEU J 40 -41.79 24.96 -1.80
N GLY J 41 -42.35 24.57 -2.93
CA GLY J 41 -43.59 23.78 -2.95
C GLY J 41 -43.38 22.43 -2.29
N GLY J 42 -42.28 21.75 -2.63
CA GLY J 42 -41.92 20.47 -2.02
C GLY J 42 -41.81 20.63 -0.52
N THR J 43 -41.21 21.74 -0.08
CA THR J 43 -40.98 21.97 1.36
C THR J 43 -42.34 22.18 2.05
N LEU J 44 -43.25 22.96 1.45
CA LEU J 44 -44.60 23.15 2.04
C LEU J 44 -45.28 21.79 2.10
N TYR J 45 -45.10 20.93 1.09
CA TYR J 45 -45.77 19.60 1.09
C TYR J 45 -45.18 18.72 2.19
N SER J 46 -43.88 18.85 2.42
CA SER J 46 -43.23 18.05 3.49
C SER J 46 -43.79 18.51 4.85
N LEU J 47 -44.10 19.80 5.02
CA LEU J 47 -44.67 20.31 6.30
C LEU J 47 -46.11 19.79 6.45
N TYR J 48 -46.87 19.75 5.37
CA TYR J 48 -48.23 19.12 5.38
C TYR J 48 -48.10 17.65 5.82
N CYS J 49 -47.14 16.92 5.23
CA CYS J 49 -46.89 15.49 5.52
C CYS J 49 -46.56 15.33 7.01
N LEU J 50 -45.74 16.22 7.58
CA LEU J 50 -45.45 16.20 9.05
C LEU J 50 -46.75 16.41 9.86
N GLY J 51 -47.54 17.43 9.53
CA GLY J 51 -48.84 17.66 10.18
C GLY J 51 -49.66 16.39 10.17
N TRP J 52 -49.76 15.75 9.01
CA TRP J 52 -50.54 14.49 8.86
C TRP J 52 -49.93 13.42 9.78
N ALA J 53 -48.63 13.24 9.78
CA ALA J 53 -47.99 12.08 10.44
C ALA J 53 -47.87 12.29 11.95
N SER J 54 -48.12 13.52 12.40
CA SER J 54 -47.96 13.91 13.83
C SER J 54 -49.14 13.40 14.66
N PHE J 55 -50.22 12.95 14.01
CA PHE J 55 -51.47 12.43 14.65
C PHE J 55 -51.77 11.02 14.15
N PRO J 56 -52.39 10.14 14.98
CA PRO J 56 -52.67 8.73 14.62
C PRO J 56 -53.76 8.48 13.55
N ALA K 6 -17.48 62.50 38.91
CA ALA K 6 -18.83 62.58 39.61
C ALA K 6 -19.32 61.17 39.97
N PRO K 7 -20.17 61.01 41.02
CA PRO K 7 -20.60 59.67 41.45
C PRO K 7 -21.47 58.88 40.44
N ASP K 8 -21.18 57.61 40.27
CA ASP K 8 -21.83 56.76 39.25
C ASP K 8 -22.97 55.96 39.91
N PHE K 9 -23.61 55.09 39.13
CA PHE K 9 -24.70 54.20 39.59
C PHE K 9 -24.26 53.47 40.89
N HIS K 10 -23.05 52.95 40.91
CA HIS K 10 -22.52 52.07 42.00
C HIS K 10 -22.29 52.87 43.28
N ASP K 11 -21.77 54.09 43.15
CA ASP K 11 -21.61 55.04 44.28
C ASP K 11 -23.00 55.37 44.87
N LYS K 12 -24.01 55.61 44.03
CA LYS K 12 -25.35 56.00 44.51
C LYS K 12 -26.10 54.77 45.06
N TYR K 13 -26.09 53.63 44.39
CA TYR K 13 -27.09 52.57 44.66
C TYR K 13 -26.46 51.25 45.13
N GLY K 14 -25.15 51.11 45.01
CA GLY K 14 -24.43 49.86 45.29
C GLY K 14 -24.80 49.31 46.66
N ASN K 15 -24.71 50.15 47.71
CA ASN K 15 -24.96 49.69 49.10
C ASN K 15 -26.36 49.10 49.22
N ALA K 16 -27.34 49.82 48.67
CA ALA K 16 -28.77 49.41 48.73
C ALA K 16 -28.98 48.17 47.85
N VAL K 17 -28.29 48.06 46.72
CA VAL K 17 -28.48 46.88 45.84
C VAL K 17 -27.90 45.66 46.58
N LEU K 18 -26.74 45.84 47.22
CA LEU K 18 -26.11 44.71 47.94
C LEU K 18 -26.99 44.30 49.13
N ALA K 19 -27.40 45.23 50.00
CA ALA K 19 -28.18 44.90 51.23
C ALA K 19 -29.53 44.26 50.87
N SER K 20 -30.31 44.88 49.97
CA SER K 20 -31.66 44.41 49.52
C SER K 20 -31.57 43.04 48.83
N GLY K 21 -30.64 42.91 47.89
CA GLY K 21 -30.40 41.66 47.16
C GLY K 21 -30.13 40.51 48.13
N ALA K 22 -29.20 40.71 49.07
CA ALA K 22 -28.82 39.68 50.08
C ALA K 22 -30.04 39.34 50.94
N THR K 23 -30.74 40.35 51.47
CA THR K 23 -31.90 40.16 52.39
C THR K 23 -32.98 39.38 51.64
N PHE K 24 -33.31 39.82 50.45
CA PHE K 24 -34.34 39.16 49.64
C PHE K 24 -33.97 37.69 49.34
N CYS K 25 -32.73 37.46 48.92
CA CYS K 25 -32.27 36.11 48.49
C CYS K 25 -32.39 35.15 49.67
N VAL K 26 -31.88 35.52 50.82
CA VAL K 26 -31.93 34.68 52.04
C VAL K 26 -33.39 34.41 52.42
N ALA K 27 -34.19 35.46 52.51
CA ALA K 27 -35.59 35.35 52.96
C ALA K 27 -36.34 34.35 52.06
N VAL K 28 -36.20 34.48 50.74
CA VAL K 28 -37.07 33.69 49.82
C VAL K 28 -36.54 32.24 49.76
N TRP K 29 -35.22 32.03 49.82
CA TRP K 29 -34.67 30.65 49.82
C TRP K 29 -35.00 29.97 51.15
N VAL K 30 -34.96 30.69 52.27
CA VAL K 30 -35.35 30.12 53.59
C VAL K 30 -36.83 29.73 53.54
N TYR K 31 -37.70 30.59 53.03
CA TYR K 31 -39.14 30.27 52.91
C TYR K 31 -39.37 29.03 52.02
N MET K 32 -38.73 29.02 50.85
CA MET K 32 -38.85 27.90 49.89
C MET K 32 -38.43 26.59 50.57
N ALA K 33 -37.33 26.64 51.33
CA ALA K 33 -36.69 25.45 51.92
C ALA K 33 -37.51 24.90 53.08
N THR K 34 -38.28 25.72 53.80
CA THR K 34 -38.83 25.30 55.11
C THR K 34 -40.34 25.42 55.17
N GLN K 35 -41.02 26.13 54.28
CA GLN K 35 -42.43 26.52 54.54
C GLN K 35 -43.39 25.96 53.51
N ILE K 36 -42.94 25.25 52.47
CA ILE K 36 -43.90 24.92 51.37
C ILE K 36 -43.99 23.41 51.18
N GLY K 37 -43.52 22.59 52.11
CA GLY K 37 -43.73 21.13 52.08
C GLY K 37 -42.70 20.40 51.22
N ILE K 38 -41.55 20.99 50.90
CA ILE K 38 -40.47 20.24 50.19
C ILE K 38 -39.95 19.14 51.13
N GLU K 39 -39.82 17.94 50.60
CA GLU K 39 -39.28 16.77 51.33
C GLU K 39 -37.83 16.64 50.90
N TRP K 40 -36.91 17.03 51.76
CA TRP K 40 -35.45 16.97 51.48
C TRP K 40 -34.95 15.54 51.69
N ASN K 41 -35.68 14.76 52.49
CA ASN K 41 -35.34 13.36 52.83
C ASN K 41 -33.92 13.30 53.40
N PRO K 42 -33.66 13.97 54.55
CA PRO K 42 -32.34 13.90 55.18
C PRO K 42 -32.06 12.50 55.72
N SER K 43 -30.84 12.25 56.13
CA SER K 43 -30.41 11.02 56.83
C SER K 43 -31.30 10.79 58.05
N PRO K 44 -31.78 9.56 58.29
CA PRO K 44 -32.43 9.22 59.54
C PRO K 44 -31.46 9.15 60.73
N VAL K 45 -30.15 9.07 60.47
CA VAL K 45 -29.11 8.90 61.53
C VAL K 45 -29.27 10.03 62.55
N GLY K 46 -29.44 9.68 63.82
CA GLY K 46 -29.62 10.65 64.93
C GLY K 46 -30.94 11.39 64.86
N ARG K 47 -31.83 11.05 63.93
CA ARG K 47 -33.09 11.80 63.67
C ARG K 47 -34.29 10.86 63.91
N VAL K 48 -34.32 9.68 63.29
CA VAL K 48 -35.50 8.77 63.26
C VAL K 48 -35.34 7.69 64.32
N THR K 49 -36.40 7.45 65.10
CA THR K 49 -36.52 6.30 66.03
C THR K 49 -37.01 5.14 65.17
N PRO K 50 -36.20 4.08 64.95
CA PRO K 50 -36.64 2.96 64.14
C PRO K 50 -37.88 2.31 64.77
N LYS K 51 -38.78 1.81 63.92
CA LYS K 51 -40.04 1.19 64.39
C LYS K 51 -40.25 -0.18 63.74
N GLU K 52 -40.83 -1.12 64.50
CA GLU K 52 -41.15 -2.50 64.05
C GLU K 52 -41.89 -2.40 62.73
N TRP K 53 -41.47 -3.20 61.75
CA TRP K 53 -42.01 -3.20 60.37
C TRP K 53 -42.67 -4.55 60.08
N ARG K 54 -42.14 -5.64 60.64
CA ARG K 54 -42.68 -7.01 60.40
C ARG K 54 -43.99 -7.16 61.21
N TYR L 3 -25.00 46.92 -0.43
CA TYR L 3 -25.59 46.52 0.89
C TYR L 3 -25.20 47.57 1.94
N GLU L 4 -26.08 47.75 2.90
CA GLU L 4 -25.87 48.69 4.04
C GLU L 4 -24.76 48.07 4.90
N GLU L 5 -23.87 48.91 5.36
CA GLU L 5 -22.71 48.55 6.18
C GLU L 5 -22.86 49.31 7.51
N GLY L 6 -22.22 48.85 8.55
CA GLY L 6 -22.16 49.60 9.80
C GLY L 6 -23.11 49.03 10.85
N PRO L 7 -22.95 49.57 12.07
CA PRO L 7 -23.73 49.09 13.21
C PRO L 7 -25.24 49.05 12.91
N GLY L 8 -25.90 47.94 13.24
CA GLY L 8 -27.36 47.77 13.08
C GLY L 8 -27.79 47.46 11.64
N LYS L 9 -26.84 47.34 10.71
CA LYS L 9 -27.13 47.15 9.27
C LYS L 9 -26.58 45.80 8.73
N ASN L 10 -25.74 45.10 9.50
CA ASN L 10 -25.04 43.86 9.07
C ASN L 10 -25.75 42.64 9.68
N ILE L 11 -27.07 42.74 9.84
CA ILE L 11 -27.94 41.75 10.54
C ILE L 11 -29.24 41.63 9.76
N PRO L 12 -29.87 40.44 9.81
CA PRO L 12 -31.11 40.16 9.08
C PRO L 12 -32.37 40.69 9.78
N PHE L 13 -32.22 41.36 10.91
CA PHE L 13 -33.33 41.92 11.73
C PHE L 13 -33.06 43.41 11.93
N SER L 14 -34.12 44.18 12.07
CA SER L 14 -34.03 45.64 12.32
C SER L 14 -33.79 45.92 13.80
N VAL L 15 -32.93 46.89 14.09
CA VAL L 15 -32.75 47.47 15.45
C VAL L 15 -33.10 48.96 15.39
N GLU L 16 -33.91 49.39 14.40
CA GLU L 16 -34.29 50.82 14.25
C GLU L 16 -35.18 51.24 15.43
N ASN L 17 -36.04 50.34 15.91
CA ASN L 17 -36.97 50.61 17.04
C ASN L 17 -36.76 49.55 18.13
N LYS L 18 -36.36 49.95 19.34
CA LYS L 18 -35.98 48.99 20.40
C LYS L 18 -37.22 48.21 20.84
N TRP L 19 -38.43 48.75 20.64
CA TRP L 19 -39.67 48.09 21.12
C TRP L 19 -40.09 47.06 20.09
N ARG L 20 -40.02 47.37 18.80
CA ARG L 20 -40.27 46.33 17.76
C ARG L 20 -39.18 45.24 17.92
N LEU L 21 -37.95 45.64 18.24
CA LEU L 21 -36.86 44.65 18.40
C LEU L 21 -37.18 43.72 19.59
N LEU L 22 -37.65 44.29 20.70
CA LEU L 22 -38.04 43.48 21.89
C LEU L 22 -39.10 42.46 21.47
N ALA L 23 -40.15 42.88 20.74
CA ALA L 23 -41.20 41.98 20.22
C ALA L 23 -40.51 40.90 19.39
N MET L 24 -39.61 41.26 18.47
CA MET L 24 -39.02 40.24 17.54
C MET L 24 -38.17 39.27 18.37
N MET L 25 -37.39 39.77 19.33
CA MET L 25 -36.46 38.89 20.12
C MET L 25 -37.24 37.90 21.03
N THR L 26 -38.31 38.39 21.68
CA THR L 26 -39.40 37.70 22.42
C THR L 26 -39.91 36.51 21.62
N LEU L 27 -40.39 36.80 20.43
CA LEU L 27 -40.98 35.76 19.53
C LEU L 27 -39.89 34.76 19.17
N PHE L 28 -38.70 35.22 18.78
CA PHE L 28 -37.59 34.36 18.34
C PHE L 28 -37.16 33.42 19.48
N PHE L 29 -36.58 33.95 20.55
CA PHE L 29 -36.09 33.11 21.67
C PHE L 29 -37.27 32.43 22.36
N GLY L 30 -38.40 33.12 22.51
CA GLY L 30 -39.62 32.53 23.11
C GLY L 30 -40.12 31.29 22.37
N SER L 31 -40.10 31.31 21.04
CA SER L 31 -40.63 30.19 20.24
C SER L 31 -39.72 28.99 20.48
N GLY L 32 -38.39 29.20 20.50
CA GLY L 32 -37.40 28.12 20.76
C GLY L 32 -37.58 27.50 22.15
N PHE L 33 -37.70 28.33 23.18
CA PHE L 33 -37.88 27.83 24.56
C PHE L 33 -39.24 27.13 24.71
N ALA L 34 -40.31 27.66 24.10
CA ALA L 34 -41.67 27.08 24.23
C ALA L 34 -41.74 25.72 23.52
N ALA L 35 -41.04 25.54 22.40
CA ALA L 35 -41.30 24.36 21.53
C ALA L 35 -41.30 23.04 22.31
N PRO L 36 -40.29 22.71 23.13
CA PRO L 36 -40.27 21.44 23.84
C PRO L 36 -41.48 21.25 24.77
N PHE L 37 -41.95 22.32 25.42
CA PHE L 37 -43.14 22.20 26.31
C PHE L 37 -44.34 21.80 25.44
N PHE L 38 -44.41 22.35 24.22
CA PHE L 38 -45.59 22.07 23.36
C PHE L 38 -45.41 20.70 22.73
N ILE L 39 -44.17 20.24 22.59
CA ILE L 39 -43.94 18.86 22.09
C ILE L 39 -44.39 17.82 23.14
N VAL L 40 -44.06 18.05 24.39
CA VAL L 40 -44.49 17.17 25.49
C VAL L 40 -46.03 17.18 25.56
N ARG L 41 -46.63 18.35 25.53
CA ARG L 41 -48.10 18.47 25.57
C ARG L 41 -48.68 17.61 24.43
N HIS L 42 -48.13 17.76 23.25
CA HIS L 42 -48.58 17.00 22.02
C HIS L 42 -48.50 15.50 22.30
N GLN L 43 -47.39 15.04 22.84
CA GLN L 43 -47.18 13.59 23.04
C GLN L 43 -48.13 13.14 24.15
N LEU L 44 -48.36 13.97 25.18
CA LEU L 44 -49.28 13.57 26.28
C LEU L 44 -50.71 13.51 25.76
N LEU L 45 -51.10 14.42 24.88
CA LEU L 45 -52.50 14.44 24.40
C LEU L 45 -52.79 13.33 23.37
N LYS L 46 -51.84 12.66 22.76
CA LYS L 46 -52.18 11.58 21.78
C LYS L 46 -52.91 10.44 22.47
N ILE M 1 -11.94 48.61 26.07
CA ILE M 1 -12.65 49.15 24.87
C ILE M 1 -13.21 50.52 25.26
N THR M 2 -13.26 51.47 24.34
CA THR M 2 -14.00 52.73 24.55
C THR M 2 -15.14 52.75 23.53
N ALA M 3 -16.18 53.51 23.83
CA ALA M 3 -17.40 53.60 23.00
C ALA M 3 -18.03 54.96 23.21
N LYS M 4 -18.88 55.36 22.28
CA LYS M 4 -19.69 56.57 22.41
C LYS M 4 -20.75 56.30 23.47
N PRO M 5 -21.26 57.35 24.11
CA PRO M 5 -22.52 57.25 24.81
C PRO M 5 -23.60 56.75 23.85
N ALA M 6 -24.57 56.05 24.44
CA ALA M 6 -25.76 55.48 23.78
C ALA M 6 -26.41 56.51 22.86
N LYS M 7 -26.63 56.11 21.61
CA LYS M 7 -27.40 56.95 20.67
C LYS M 7 -28.88 56.98 21.06
N THR M 8 -29.40 55.93 21.69
CA THR M 8 -30.81 55.82 22.13
C THR M 8 -30.84 55.24 23.54
N PRO M 9 -30.44 56.04 24.55
CA PRO M 9 -30.29 55.55 25.92
C PRO M 9 -31.52 54.77 26.39
N THR M 10 -31.27 53.70 27.14
CA THR M 10 -32.32 52.83 27.73
C THR M 10 -32.35 53.15 29.22
N SER M 11 -33.27 54.00 29.66
CA SER M 11 -33.49 54.39 31.09
C SER M 11 -33.73 53.15 31.94
N PRO M 12 -33.49 53.25 33.26
CA PRO M 12 -33.88 52.20 34.21
C PRO M 12 -35.32 51.70 34.01
N LYS M 13 -36.29 52.60 33.79
CA LYS M 13 -37.69 52.18 33.57
C LYS M 13 -37.77 51.32 32.28
N GLU M 14 -37.11 51.75 31.23
CA GLU M 14 -37.10 51.02 29.94
C GLU M 14 -36.46 49.64 30.14
N GLN M 15 -35.39 49.58 30.92
CA GLN M 15 -34.70 48.30 31.23
C GLN M 15 -35.66 47.38 32.02
N ALA M 16 -36.42 47.89 33.00
CA ALA M 16 -37.38 47.08 33.79
C ALA M 16 -38.43 46.50 32.84
N ILE M 17 -38.89 47.28 31.86
CA ILE M 17 -39.88 46.80 30.85
C ILE M 17 -39.26 45.70 29.99
N GLY M 18 -38.06 45.91 29.47
CA GLY M 18 -37.38 44.91 28.61
C GLY M 18 -37.12 43.62 29.37
N LEU M 19 -36.63 43.75 30.60
CA LEU M 19 -36.32 42.59 31.46
C LEU M 19 -37.63 41.85 31.76
N SER M 20 -38.70 42.56 32.13
CA SER M 20 -40.02 41.97 32.46
C SER M 20 -40.57 41.24 31.24
N VAL M 21 -40.55 41.89 30.09
CA VAL M 21 -41.14 41.29 28.87
C VAL M 21 -40.30 40.07 28.49
N THR M 22 -38.98 40.17 28.59
CA THR M 22 -38.10 39.00 28.27
C THR M 22 -38.46 37.81 29.17
N PHE M 23 -38.49 38.02 30.49
CA PHE M 23 -38.77 36.94 31.47
C PHE M 23 -40.15 36.36 31.18
N LEU M 24 -41.16 37.20 30.95
CA LEU M 24 -42.52 36.69 30.71
C LEU M 24 -42.54 35.84 29.43
N SER M 25 -41.75 36.16 28.42
CA SER M 25 -41.81 35.43 27.13
C SER M 25 -41.30 34.01 27.32
N PHE M 26 -40.40 33.78 28.28
CA PHE M 26 -39.89 32.45 28.68
C PHE M 26 -40.86 31.76 29.63
N LEU M 27 -41.39 32.51 30.61
CA LEU M 27 -42.12 31.87 31.72
C LEU M 27 -43.59 31.60 31.39
N LEU M 28 -44.30 32.46 30.68
CA LEU M 28 -45.77 32.26 30.55
C LEU M 28 -46.11 31.00 29.78
N PRO M 29 -45.51 30.72 28.59
CA PRO M 29 -45.94 29.56 27.79
C PRO M 29 -45.57 28.26 28.51
N ALA M 30 -44.32 28.13 28.98
CA ALA M 30 -43.90 26.94 29.75
C ALA M 30 -44.80 26.80 31.00
N GLY M 31 -45.06 27.90 31.70
CA GLY M 31 -45.94 27.88 32.87
C GLY M 31 -47.33 27.37 32.50
N TRP M 32 -47.91 27.87 31.40
CA TRP M 32 -49.23 27.40 30.95
C TRP M 32 -49.20 25.86 30.80
N VAL M 33 -48.20 25.34 30.09
CA VAL M 33 -48.09 23.88 29.84
C VAL M 33 -47.97 23.11 31.15
N LEU M 34 -47.04 23.51 32.04
CA LEU M 34 -46.77 22.74 33.28
C LEU M 34 -48.00 22.81 34.19
N TYR M 35 -48.68 23.96 34.22
CA TYR M 35 -49.89 24.11 35.05
C TYR M 35 -50.96 23.15 34.57
N HIS M 36 -51.02 22.89 33.27
CA HIS M 36 -52.12 22.08 32.69
C HIS M 36 -51.72 20.61 32.52
N LEU M 37 -50.56 20.18 33.01
CA LEU M 37 -50.06 18.79 32.77
C LEU M 37 -51.12 17.75 33.15
N ASP M 38 -51.71 17.89 34.34
CA ASP M 38 -52.80 17.00 34.83
C ASP M 38 -53.86 16.85 33.72
N ASN M 39 -54.25 17.96 33.09
CA ASN M 39 -55.35 18.01 32.09
C ASN M 39 -54.93 17.20 30.87
N TYR M 40 -53.67 17.28 30.49
CA TYR M 40 -53.10 16.46 29.40
C TYR M 40 -53.01 15.04 29.93
N PHE N 2 49.31 -4.03 -19.82
CA PHE N 2 48.43 -5.15 -20.15
C PHE N 2 47.47 -5.43 -19.00
N ILE N 3 48.00 -5.40 -17.77
CA ILE N 3 47.20 -5.58 -16.53
C ILE N 3 46.18 -4.44 -16.47
N ASN N 4 46.61 -3.18 -16.63
CA ASN N 4 45.67 -2.02 -16.55
C ASN N 4 44.55 -2.24 -17.58
N ARG N 5 44.87 -2.63 -18.80
CA ARG N 5 43.83 -2.74 -19.86
C ARG N 5 42.89 -3.92 -19.62
N TRP N 6 43.40 -5.11 -19.26
CA TRP N 6 42.61 -6.37 -19.37
C TRP N 6 42.17 -6.90 -18.00
N LEU N 7 42.76 -6.41 -16.89
CA LEU N 7 42.35 -6.80 -15.52
C LEU N 7 41.62 -5.64 -14.81
N PHE N 8 41.95 -4.39 -15.16
CA PHE N 8 41.41 -3.16 -14.52
C PHE N 8 40.50 -2.41 -15.50
N SER N 9 39.95 -3.07 -16.51
CA SER N 9 39.17 -2.41 -17.58
C SER N 9 38.04 -1.55 -17.02
N THR N 10 37.77 -0.42 -17.66
CA THR N 10 36.50 0.33 -17.53
C THR N 10 35.94 0.63 -18.93
N ASN N 11 36.20 -0.27 -19.89
CA ASN N 11 35.86 -0.07 -21.32
C ASN N 11 34.83 -1.13 -21.76
N HIS N 12 33.70 -0.71 -22.33
CA HIS N 12 32.60 -1.64 -22.68
C HIS N 12 33.07 -2.64 -23.75
N LYS N 13 33.95 -2.25 -24.66
CA LYS N 13 34.38 -3.12 -25.79
C LYS N 13 35.33 -4.19 -25.24
N ASP N 14 36.33 -3.77 -24.45
CA ASP N 14 37.29 -4.74 -23.87
C ASP N 14 36.56 -5.73 -22.96
N ILE N 15 35.60 -5.26 -22.16
CA ILE N 15 34.83 -6.14 -21.25
C ILE N 15 33.98 -7.09 -22.11
N GLY N 16 33.36 -6.59 -23.18
CA GLY N 16 32.62 -7.45 -24.14
C GLY N 16 33.55 -8.53 -24.71
N THR N 17 34.76 -8.14 -25.06
CA THR N 17 35.77 -9.11 -25.59
C THR N 17 36.08 -10.15 -24.50
N LEU N 18 36.33 -9.74 -23.26
CA LEU N 18 36.61 -10.75 -22.17
C LEU N 18 35.43 -11.73 -22.09
N TYR N 19 34.20 -11.24 -22.07
CA TYR N 19 32.98 -12.07 -21.99
C TYR N 19 32.94 -13.03 -23.18
N LEU N 20 33.24 -12.56 -24.39
CA LEU N 20 33.19 -13.49 -25.56
C LEU N 20 34.26 -14.59 -25.40
N LEU N 21 35.45 -14.24 -24.91
CA LEU N 21 36.52 -15.23 -24.74
C LEU N 21 36.08 -16.23 -23.66
N PHE N 22 35.58 -15.73 -22.54
CA PHE N 22 35.10 -16.56 -21.41
C PHE N 22 34.02 -17.54 -21.93
N GLY N 23 33.04 -17.01 -22.65
CA GLY N 23 31.92 -17.82 -23.14
C GLY N 23 32.35 -18.87 -24.13
N ALA N 24 33.29 -18.55 -25.01
CA ALA N 24 33.79 -19.51 -26.02
C ALA N 24 34.49 -20.65 -25.28
N TRP N 25 35.30 -20.32 -24.26
CA TRP N 25 36.02 -21.33 -23.45
C TRP N 25 34.97 -22.21 -22.75
N ALA N 26 33.98 -21.60 -22.10
CA ALA N 26 32.90 -22.31 -21.40
C ALA N 26 32.20 -23.25 -22.39
N GLY N 27 31.90 -22.76 -23.58
CA GLY N 27 31.29 -23.57 -24.66
C GLY N 27 32.07 -24.86 -24.93
N MET N 28 33.42 -24.81 -24.90
CA MET N 28 34.25 -26.02 -25.09
C MET N 28 33.99 -26.98 -23.92
N VAL N 29 33.95 -26.45 -22.68
CA VAL N 29 33.69 -27.29 -21.49
C VAL N 29 32.30 -27.95 -21.62
N GLY N 30 31.30 -27.15 -21.94
CA GLY N 30 29.90 -27.60 -22.04
C GLY N 30 29.74 -28.63 -23.14
N THR N 31 30.46 -28.46 -24.23
CA THR N 31 30.42 -29.40 -25.38
C THR N 31 31.07 -30.73 -24.95
N ALA N 32 32.25 -30.68 -24.34
CA ALA N 32 32.93 -31.89 -23.82
C ALA N 32 31.95 -32.64 -22.90
N LEU N 33 31.30 -31.94 -21.97
CA LEU N 33 30.33 -32.63 -21.05
C LEU N 33 29.19 -33.30 -21.85
N SER N 34 28.66 -32.63 -22.88
CA SER N 34 27.56 -33.13 -23.75
C SER N 34 28.02 -34.41 -24.47
N LEU N 35 29.28 -34.47 -24.88
CA LEU N 35 29.80 -35.64 -25.64
C LEU N 35 29.95 -36.83 -24.69
N LEU N 36 30.34 -36.58 -23.43
CA LEU N 36 30.42 -37.62 -22.37
C LEU N 36 29.02 -38.18 -22.09
N ILE N 37 28.02 -37.31 -21.98
CA ILE N 37 26.60 -37.75 -21.87
C ILE N 37 26.29 -38.73 -23.03
N ARG N 38 26.50 -38.30 -24.26
CA ARG N 38 26.08 -39.10 -25.45
C ARG N 38 26.98 -40.35 -25.61
N ALA N 39 28.23 -40.31 -25.16
CA ALA N 39 29.10 -41.52 -25.14
C ALA N 39 28.51 -42.54 -24.15
N GLU N 40 28.06 -42.12 -22.98
CA GLU N 40 27.44 -43.08 -22.00
C GLU N 40 26.20 -43.76 -22.63
N LEU N 41 25.43 -42.99 -23.41
CA LEU N 41 24.14 -43.43 -23.99
C LEU N 41 24.29 -44.05 -25.38
N GLY N 42 25.49 -44.02 -25.98
CA GLY N 42 25.71 -44.36 -27.40
C GLY N 42 25.63 -45.86 -27.66
N GLN N 43 25.74 -46.67 -26.63
CA GLN N 43 25.39 -48.11 -26.72
C GLN N 43 24.82 -48.53 -25.36
N PRO N 44 23.99 -49.58 -25.35
CA PRO N 44 23.37 -50.07 -24.14
C PRO N 44 24.45 -50.59 -23.19
N GLY N 45 24.17 -50.54 -21.89
CA GLY N 45 25.12 -50.88 -20.83
C GLY N 45 25.79 -49.64 -20.26
N THR N 46 26.92 -49.83 -19.58
CA THR N 46 27.58 -48.73 -18.84
C THR N 46 28.90 -48.46 -19.56
N LEU N 47 29.25 -47.20 -19.71
CA LEU N 47 30.58 -46.77 -20.20
C LEU N 47 31.43 -46.32 -19.00
N LEU N 48 30.95 -45.38 -18.19
CA LEU N 48 31.81 -44.81 -17.13
C LEU N 48 31.86 -45.78 -15.95
N GLY N 49 30.88 -46.67 -15.84
CA GLY N 49 30.78 -47.64 -14.71
C GLY N 49 30.42 -46.94 -13.40
N ASP N 50 29.91 -45.72 -13.46
CA ASP N 50 29.71 -44.91 -12.24
C ASP N 50 28.61 -43.90 -12.53
N ASP N 51 27.38 -44.25 -12.15
CA ASP N 51 26.22 -43.43 -12.54
C ASP N 51 26.22 -42.14 -11.69
N GLN N 52 26.91 -42.10 -10.53
CA GLN N 52 27.03 -40.81 -9.80
C GLN N 52 27.80 -39.85 -10.71
N ILE N 53 28.87 -40.30 -11.36
CA ILE N 53 29.69 -39.42 -12.25
C ILE N 53 28.83 -39.02 -13.45
N TYR N 54 28.08 -39.96 -14.03
CA TYR N 54 27.16 -39.59 -15.14
C TYR N 54 26.27 -38.40 -14.69
N ASN N 55 25.65 -38.51 -13.51
CA ASN N 55 24.69 -37.47 -13.03
C ASN N 55 25.45 -36.15 -12.82
N VAL N 56 26.70 -36.23 -12.38
CA VAL N 56 27.55 -35.02 -12.17
C VAL N 56 27.80 -34.39 -13.54
N VAL N 57 28.08 -35.21 -14.56
CA VAL N 57 28.35 -34.71 -15.92
C VAL N 57 27.13 -33.98 -16.47
N VAL N 58 25.93 -34.55 -16.29
CA VAL N 58 24.68 -33.96 -16.85
C VAL N 58 24.44 -32.61 -16.15
N THR N 59 24.65 -32.58 -14.83
CA THR N 59 24.40 -31.39 -13.99
C THR N 59 25.36 -30.29 -14.44
N ALA N 60 26.67 -30.58 -14.52
CA ALA N 60 27.68 -29.58 -14.90
C ALA N 60 27.44 -29.12 -16.36
N HIS N 61 27.07 -30.04 -17.24
CA HIS N 61 26.74 -29.69 -18.65
C HIS N 61 25.76 -28.51 -18.66
N ALA N 62 24.67 -28.64 -17.94
CA ALA N 62 23.59 -27.62 -17.97
C ALA N 62 24.10 -26.29 -17.37
N PHE N 63 24.73 -26.34 -16.20
CA PHE N 63 25.21 -25.11 -15.54
C PHE N 63 26.20 -24.40 -16.47
N VAL N 64 27.11 -25.14 -17.10
CA VAL N 64 28.15 -24.49 -17.95
C VAL N 64 27.44 -23.85 -19.15
N MET N 65 26.57 -24.59 -19.81
CA MET N 65 25.96 -24.06 -21.06
C MET N 65 25.10 -22.82 -20.75
N ILE N 66 24.36 -22.82 -19.63
CA ILE N 66 23.44 -21.70 -19.31
C ILE N 66 24.22 -20.51 -18.74
N PHE N 67 24.96 -20.73 -17.66
CA PHE N 67 25.53 -19.64 -16.82
C PHE N 67 26.88 -19.17 -17.36
N PHE N 68 27.66 -20.02 -18.02
CA PHE N 68 29.03 -19.68 -18.46
C PHE N 68 29.14 -19.52 -19.98
N MET N 69 28.23 -20.08 -20.78
CA MET N 69 28.30 -19.96 -22.25
C MET N 69 27.21 -18.98 -22.74
N VAL N 70 25.94 -19.28 -22.61
CA VAL N 70 24.90 -18.42 -23.27
C VAL N 70 24.86 -17.03 -22.62
N MET N 71 24.65 -16.96 -21.32
CA MET N 71 24.43 -15.61 -20.71
C MET N 71 25.68 -14.74 -20.88
N PRO N 72 26.94 -15.21 -20.60
CA PRO N 72 28.13 -14.39 -20.83
C PRO N 72 28.25 -13.90 -22.30
N ILE N 73 27.94 -14.75 -23.27
CA ILE N 73 28.10 -14.39 -24.70
C ILE N 73 27.03 -13.36 -25.05
N MET N 74 25.80 -13.67 -24.72
CA MET N 74 24.68 -12.84 -25.24
C MET N 74 24.65 -11.48 -24.54
N ILE N 75 24.72 -11.48 -23.23
CA ILE N 75 24.49 -10.24 -22.43
C ILE N 75 25.84 -9.56 -22.19
N GLY N 76 26.79 -10.30 -21.64
CA GLY N 76 28.14 -9.77 -21.36
C GLY N 76 28.90 -9.40 -22.64
N GLY N 77 28.82 -10.23 -23.67
CA GLY N 77 29.64 -10.05 -24.87
C GLY N 77 28.95 -9.17 -25.89
N PHE N 78 27.94 -9.68 -26.58
CA PHE N 78 27.20 -8.84 -27.56
C PHE N 78 26.61 -7.62 -26.83
N GLY N 79 26.04 -7.81 -25.64
CA GLY N 79 25.43 -6.69 -24.90
C GLY N 79 26.41 -5.54 -24.67
N ASN N 80 27.56 -5.82 -24.06
CA ASN N 80 28.56 -4.77 -23.77
C ASN N 80 29.14 -4.20 -25.06
N TRP N 81 29.44 -5.03 -26.06
CA TRP N 81 29.97 -4.53 -27.36
C TRP N 81 28.96 -3.59 -28.04
N LEU N 82 27.72 -4.04 -28.21
CA LEU N 82 26.76 -3.38 -29.17
C LEU N 82 25.89 -2.32 -28.50
N VAL N 83 25.46 -2.50 -27.26
CA VAL N 83 24.41 -1.59 -26.72
C VAL N 83 24.90 -0.16 -26.72
N PRO N 84 26.08 0.16 -26.15
CA PRO N 84 26.52 1.54 -26.15
C PRO N 84 26.69 2.07 -27.58
N LEU N 85 27.21 1.24 -28.49
CA LEU N 85 27.42 1.69 -29.89
C LEU N 85 26.07 2.01 -30.53
N MET N 86 25.04 1.18 -30.27
CA MET N 86 23.72 1.31 -30.94
C MET N 86 22.94 2.52 -30.40
N ILE N 87 23.30 3.07 -29.25
CA ILE N 87 22.63 4.29 -28.76
C ILE N 87 23.63 5.47 -28.75
N GLY N 88 24.84 5.34 -29.33
CA GLY N 88 25.77 6.48 -29.43
C GLY N 88 26.34 6.90 -28.07
N ALA N 89 26.36 5.98 -27.10
CA ALA N 89 26.81 6.28 -25.72
C ALA N 89 28.31 6.04 -25.63
N PRO N 90 29.01 6.80 -24.78
CA PRO N 90 30.46 6.67 -24.64
C PRO N 90 30.94 5.41 -23.90
N ASP N 91 30.08 4.83 -23.07
CA ASP N 91 30.34 3.55 -22.37
C ASP N 91 29.02 3.14 -21.72
N MET N 92 29.09 2.17 -20.80
CA MET N 92 28.00 1.80 -19.86
C MET N 92 27.90 2.88 -18.74
N ALA N 93 26.77 2.93 -18.05
CA ALA N 93 26.55 3.87 -16.94
C ALA N 93 27.59 3.63 -15.85
N PHE N 94 27.89 2.36 -15.54
CA PHE N 94 28.75 1.98 -14.39
C PHE N 94 29.92 1.15 -14.92
N PRO N 95 30.90 1.84 -15.56
CA PRO N 95 31.89 1.14 -16.34
C PRO N 95 32.82 0.30 -15.48
N ARG N 96 32.98 0.68 -14.21
CA ARG N 96 33.85 -0.05 -13.24
C ARG N 96 33.04 -1.23 -12.68
N MET N 97 31.78 -1.02 -12.31
CA MET N 97 30.94 -2.14 -11.82
C MET N 97 30.83 -3.20 -12.93
N ASN N 98 30.79 -2.77 -14.19
CA ASN N 98 30.70 -3.66 -15.37
C ASN N 98 31.87 -4.66 -15.31
N ASN N 99 33.06 -4.18 -14.94
CA ASN N 99 34.28 -5.05 -14.87
C ASN N 99 34.11 -6.13 -13.78
N MET N 100 33.42 -5.81 -12.69
CA MET N 100 33.20 -6.79 -11.61
C MET N 100 32.18 -7.84 -12.04
N SER N 101 31.15 -7.49 -12.80
CA SER N 101 30.23 -8.49 -13.38
C SER N 101 31.10 -9.51 -14.14
N PHE N 102 32.08 -9.06 -14.90
CA PHE N 102 32.95 -9.98 -15.65
C PHE N 102 33.78 -10.81 -14.66
N TRP N 103 34.51 -10.16 -13.74
CA TRP N 103 35.52 -10.90 -12.97
C TRP N 103 34.86 -11.82 -11.94
N LEU N 104 33.57 -11.70 -11.70
CA LEU N 104 32.86 -12.69 -10.84
C LEU N 104 32.74 -14.05 -11.56
N LEU N 105 32.81 -14.10 -12.90
CA LEU N 105 32.48 -15.38 -13.56
C LEU N 105 33.64 -16.37 -13.46
N PRO N 106 34.93 -16.01 -13.66
CA PRO N 106 35.97 -17.04 -13.47
C PRO N 106 35.91 -17.67 -12.08
N PRO N 107 35.75 -16.91 -10.97
CA PRO N 107 35.55 -17.54 -9.66
C PRO N 107 34.30 -18.43 -9.55
N SER N 108 33.18 -17.96 -10.10
CA SER N 108 31.94 -18.77 -10.19
C SER N 108 32.25 -20.12 -10.88
N PHE N 109 32.91 -20.07 -12.02
CA PHE N 109 33.29 -21.28 -12.78
C PHE N 109 34.24 -22.16 -11.93
N LEU N 110 35.24 -21.54 -11.29
CA LEU N 110 36.18 -22.30 -10.41
C LEU N 110 35.35 -23.04 -9.34
N LEU N 111 34.36 -22.38 -8.74
CA LEU N 111 33.54 -23.05 -7.71
C LEU N 111 32.79 -24.27 -8.30
N LEU N 112 32.24 -24.15 -9.52
CA LEU N 112 31.56 -25.29 -10.17
C LEU N 112 32.59 -26.41 -10.42
N LEU N 113 33.77 -26.10 -10.95
N LEU N 113 33.80 -26.11 -10.99
CA LEU N 113 34.73 -27.18 -11.27
CA LEU N 113 34.90 -27.10 -11.17
C LEU N 113 35.28 -27.76 -9.93
C LEU N 113 35.09 -27.81 -9.84
N ALA N 114 35.31 -26.99 -8.82
CA ALA N 114 35.64 -27.51 -7.49
C ALA N 114 34.55 -28.48 -7.00
N SER N 115 33.27 -28.14 -7.22
N SER N 115 33.27 -28.13 -7.19
CA SER N 115 32.10 -29.02 -6.88
CA SER N 115 32.12 -29.01 -6.87
C SER N 115 32.31 -30.42 -7.46
C SER N 115 32.31 -30.42 -7.46
N SER N 116 32.79 -30.50 -8.70
CA SER N 116 32.91 -31.77 -9.46
C SER N 116 34.17 -32.55 -9.02
N MET N 117 35.14 -31.87 -8.41
N MET N 117 35.15 -31.88 -8.44
CA MET N 117 36.46 -32.46 -8.09
CA MET N 117 36.45 -32.51 -8.08
C MET N 117 36.50 -33.01 -6.65
C MET N 117 36.40 -33.12 -6.67
N VAL N 118 35.68 -32.46 -5.75
CA VAL N 118 35.63 -32.88 -4.32
C VAL N 118 34.54 -33.93 -4.17
N GLU N 119 34.73 -34.83 -3.19
CA GLU N 119 33.76 -35.90 -2.85
C GLU N 119 33.38 -36.62 -4.15
N ALA N 120 32.10 -36.82 -4.40
CA ALA N 120 31.59 -37.54 -5.59
C ALA N 120 30.82 -36.57 -6.50
N GLY N 121 31.07 -35.27 -6.34
CA GLY N 121 30.43 -34.21 -7.12
C GLY N 121 28.96 -34.00 -6.73
N ALA N 122 28.33 -33.04 -7.40
CA ALA N 122 26.89 -32.73 -7.27
C ALA N 122 26.13 -33.39 -8.43
N GLY N 123 25.66 -34.61 -8.20
CA GLY N 123 24.87 -35.39 -9.17
C GLY N 123 23.40 -35.16 -8.95
N THR N 124 22.95 -33.92 -9.09
CA THR N 124 21.64 -33.47 -8.57
C THR N 124 20.68 -33.15 -9.72
N GLY N 125 21.17 -32.97 -10.94
CA GLY N 125 20.40 -32.22 -11.95
C GLY N 125 20.60 -30.72 -11.71
N TRP N 126 20.47 -29.88 -12.73
CA TRP N 126 20.74 -28.43 -12.59
C TRP N 126 19.63 -27.76 -11.75
N THR N 127 18.55 -28.46 -11.48
CA THR N 127 17.44 -28.03 -10.59
C THR N 127 17.84 -28.13 -9.11
N VAL N 128 18.81 -28.98 -8.78
CA VAL N 128 19.34 -29.15 -7.39
C VAL N 128 18.18 -29.34 -6.39
N TYR N 129 17.15 -30.14 -6.70
CA TYR N 129 16.02 -30.42 -5.77
C TYR N 129 16.50 -31.14 -4.51
N PRO N 130 16.08 -30.67 -3.32
CA PRO N 130 16.13 -31.47 -2.10
C PRO N 130 14.98 -32.48 -2.15
N PRO N 131 15.05 -33.60 -1.39
CA PRO N 131 16.20 -33.92 -0.54
C PRO N 131 17.44 -34.56 -1.21
N LEU N 132 17.39 -34.89 -2.50
CA LEU N 132 18.62 -35.45 -3.15
C LEU N 132 19.82 -34.50 -2.94
N ALA N 133 19.60 -33.17 -3.03
CA ALA N 133 20.65 -32.14 -2.92
C ALA N 133 20.95 -31.80 -1.44
N GLY N 134 20.24 -32.44 -0.51
CA GLY N 134 20.39 -32.22 0.94
C GLY N 134 21.63 -32.88 1.52
N ASN N 135 21.86 -32.67 2.81
CA ASN N 135 23.11 -33.07 3.50
C ASN N 135 23.14 -34.56 3.88
N LEU N 136 22.08 -35.34 3.62
N LEU N 136 22.10 -35.36 3.60
CA LEU N 136 22.10 -36.81 3.81
CA LEU N 136 22.17 -36.82 3.84
C LEU N 136 22.38 -37.50 2.47
C LEU N 136 22.31 -37.57 2.50
N ALA N 137 21.62 -37.17 1.43
CA ALA N 137 21.74 -37.80 0.11
C ALA N 137 22.92 -37.22 -0.70
N HIS N 138 23.40 -36.01 -0.36
CA HIS N 138 24.61 -35.35 -0.95
C HIS N 138 25.46 -34.71 0.17
N ALA N 139 25.94 -35.53 1.09
CA ALA N 139 26.83 -35.14 2.21
C ALA N 139 28.12 -34.56 1.61
N GLY N 140 28.66 -33.53 2.21
CA GLY N 140 29.97 -33.01 1.76
C GLY N 140 29.82 -31.71 0.98
N ALA N 141 30.92 -31.18 0.49
CA ALA N 141 31.03 -29.78 0.00
C ALA N 141 30.46 -29.60 -1.42
N SER N 142 30.25 -30.65 -2.22
CA SER N 142 29.96 -30.49 -3.68
C SER N 142 28.74 -29.59 -3.86
N VAL N 143 27.63 -29.90 -3.21
CA VAL N 143 26.39 -29.11 -3.47
C VAL N 143 26.61 -27.68 -2.94
N ASP N 144 27.34 -27.51 -1.83
CA ASP N 144 27.57 -26.16 -1.28
C ASP N 144 28.41 -25.36 -2.27
N LEU N 145 29.39 -25.98 -2.91
CA LEU N 145 30.23 -25.28 -3.92
C LEU N 145 29.36 -24.93 -5.14
N THR N 146 28.42 -25.79 -5.53
CA THR N 146 27.46 -25.46 -6.62
C THR N 146 26.59 -24.25 -6.23
N ILE N 147 26.02 -24.26 -5.02
CA ILE N 147 25.21 -23.09 -4.52
C ILE N 147 26.07 -21.83 -4.61
N PHE N 148 27.34 -21.87 -4.15
CA PHE N 148 28.18 -20.66 -4.10
C PHE N 148 28.48 -20.19 -5.53
N SER N 149 28.67 -21.14 -6.45
CA SER N 149 28.86 -20.86 -7.90
C SER N 149 27.69 -20.02 -8.41
N LEU N 150 26.49 -20.48 -8.09
CA LEU N 150 25.23 -19.79 -8.50
C LEU N 150 25.11 -18.43 -7.80
N HIS N 151 25.51 -18.28 -6.53
CA HIS N 151 25.50 -16.95 -5.87
C HIS N 151 26.37 -15.96 -6.65
N LEU N 152 27.61 -16.34 -6.98
CA LEU N 152 28.52 -15.39 -7.68
C LEU N 152 27.94 -15.10 -9.07
N ALA N 153 27.51 -16.12 -9.79
CA ALA N 153 26.90 -15.88 -11.13
C ALA N 153 25.70 -14.93 -11.00
N GLY N 154 24.90 -15.15 -9.95
CA GLY N 154 23.71 -14.37 -9.62
C GLY N 154 24.07 -12.91 -9.39
N VAL N 155 25.07 -12.65 -8.56
CA VAL N 155 25.47 -11.24 -8.30
C VAL N 155 25.98 -10.63 -9.62
N SER N 156 26.80 -11.36 -10.38
CA SER N 156 27.33 -10.84 -11.66
C SER N 156 26.16 -10.35 -12.51
N SER N 157 25.13 -11.17 -12.69
CA SER N 157 23.98 -10.85 -13.60
C SER N 157 23.06 -9.78 -13.01
N ILE N 158 22.86 -9.75 -11.69
CA ILE N 158 22.02 -8.69 -11.07
C ILE N 158 22.71 -7.34 -11.29
N LEU N 159 24.00 -7.22 -10.98
CA LEU N 159 24.72 -5.93 -11.18
C LEU N 159 24.72 -5.62 -12.67
N GLY N 160 24.93 -6.62 -13.52
CA GLY N 160 24.93 -6.35 -14.96
C GLY N 160 23.54 -5.88 -15.43
N ALA N 161 22.47 -6.43 -14.86
CA ALA N 161 21.09 -5.98 -15.19
C ALA N 161 20.89 -4.51 -14.79
N ILE N 162 21.34 -4.13 -13.60
CA ILE N 162 21.27 -2.71 -13.14
C ILE N 162 22.02 -1.82 -14.14
N ASN N 163 23.18 -2.26 -14.57
CA ASN N 163 24.02 -1.52 -15.54
C ASN N 163 23.27 -1.37 -16.87
N PHE N 164 22.78 -2.47 -17.45
CA PHE N 164 22.10 -2.37 -18.76
C PHE N 164 20.84 -1.52 -18.67
N ILE N 165 19.98 -1.72 -17.67
CA ILE N 165 18.72 -0.90 -17.59
C ILE N 165 19.09 0.59 -17.46
N THR N 166 20.04 0.93 -16.56
CA THR N 166 20.43 2.33 -16.35
C THR N 166 21.00 2.91 -17.65
N THR N 167 21.89 2.18 -18.32
CA THR N 167 22.52 2.63 -19.59
C THR N 167 21.43 2.92 -20.64
N ILE N 168 20.51 1.99 -20.82
CA ILE N 168 19.53 2.05 -21.93
C ILE N 168 18.49 3.14 -21.63
N ILE N 169 18.15 3.37 -20.37
CA ILE N 169 17.15 4.42 -19.99
C ILE N 169 17.80 5.81 -20.01
N ASN N 170 19.05 5.93 -19.56
CA ASN N 170 19.65 7.23 -19.19
C ASN N 170 20.62 7.73 -20.23
N MET N 171 21.18 6.88 -21.08
CA MET N 171 22.35 7.32 -21.87
C MET N 171 22.06 7.34 -23.39
N LYS N 172 20.82 7.44 -23.82
CA LYS N 172 20.50 7.67 -25.25
C LYS N 172 20.71 9.14 -25.63
N PRO N 173 20.81 9.49 -26.93
CA PRO N 173 20.75 10.90 -27.30
C PRO N 173 19.45 11.52 -26.78
N PRO N 174 19.47 12.79 -26.32
CA PRO N 174 18.28 13.41 -25.72
C PRO N 174 17.06 13.41 -26.65
N ALA N 175 17.23 13.43 -27.97
CA ALA N 175 16.06 13.39 -28.88
C ALA N 175 15.53 11.96 -29.06
N MET N 176 16.31 10.94 -28.74
CA MET N 176 15.97 9.52 -29.00
C MET N 176 15.02 9.04 -27.92
N SER N 177 13.77 8.75 -28.25
CA SER N 177 12.86 8.07 -27.29
C SER N 177 13.15 6.55 -27.25
N GLN N 178 12.54 5.87 -26.30
CA GLN N 178 12.67 4.41 -26.24
C GLN N 178 12.14 3.79 -27.54
N TYR N 179 11.21 4.43 -28.23
CA TYR N 179 10.65 3.88 -29.48
C TYR N 179 11.54 4.26 -30.69
N GLN N 180 12.74 4.77 -30.47
CA GLN N 180 13.74 4.98 -31.54
C GLN N 180 15.03 4.21 -31.21
N THR N 181 14.98 3.22 -30.32
CA THR N 181 16.15 2.38 -30.04
C THR N 181 16.02 1.09 -30.82
N PRO N 182 17.16 0.52 -31.26
CA PRO N 182 17.10 -0.75 -31.98
C PRO N 182 16.57 -1.91 -31.14
N LEU N 183 15.97 -2.88 -31.82
CA LEU N 183 15.36 -4.07 -31.17
C LEU N 183 16.41 -4.82 -30.35
N PHE N 184 17.68 -4.86 -30.74
CA PHE N 184 18.65 -5.62 -29.90
C PHE N 184 18.73 -4.92 -28.54
N VAL N 185 18.69 -3.59 -28.55
CA VAL N 185 18.75 -2.79 -27.29
C VAL N 185 17.48 -3.06 -26.47
N TRP N 186 16.30 -3.08 -27.08
CA TRP N 186 15.06 -3.50 -26.36
C TRP N 186 15.26 -4.90 -25.74
N SER N 187 15.79 -5.84 -26.52
CA SER N 187 15.89 -7.26 -26.10
C SER N 187 16.77 -7.36 -24.84
N VAL N 188 17.84 -6.57 -24.75
CA VAL N 188 18.76 -6.56 -23.58
C VAL N 188 18.07 -5.88 -22.39
N MET N 189 17.38 -4.77 -22.60
CA MET N 189 16.67 -4.08 -21.48
C MET N 189 15.66 -5.05 -20.88
N ILE N 190 14.89 -5.73 -21.72
CA ILE N 190 13.85 -6.66 -21.21
C ILE N 190 14.51 -7.85 -20.50
N THR N 191 15.53 -8.45 -21.11
CA THR N 191 16.33 -9.50 -20.43
C THR N 191 16.81 -9.02 -19.05
N ALA N 192 17.35 -7.80 -18.97
CA ALA N 192 17.89 -7.22 -17.72
C ALA N 192 16.78 -7.10 -16.67
N VAL N 193 15.58 -6.64 -17.06
CA VAL N 193 14.45 -6.59 -16.09
C VAL N 193 14.14 -8.02 -15.59
N LEU N 194 14.07 -9.01 -16.47
CA LEU N 194 13.81 -10.40 -16.02
C LEU N 194 14.91 -10.87 -15.05
N LEU N 195 16.18 -10.58 -15.33
CA LEU N 195 17.29 -10.97 -14.43
C LEU N 195 17.10 -10.31 -13.04
N LEU N 196 16.85 -9.01 -13.03
CA LEU N 196 16.72 -8.19 -11.82
C LEU N 196 15.67 -8.79 -10.87
N LEU N 197 14.55 -9.27 -11.43
CA LEU N 197 13.39 -9.75 -10.64
C LEU N 197 13.52 -11.25 -10.30
N SER N 198 14.16 -12.07 -11.14
CA SER N 198 14.13 -13.55 -11.02
C SER N 198 15.34 -14.02 -10.18
N LEU N 199 16.52 -13.49 -10.43
CA LEU N 199 17.72 -14.01 -9.73
C LEU N 199 17.63 -13.89 -8.22
N PRO N 200 17.06 -12.80 -7.67
CA PRO N 200 16.94 -12.72 -6.20
C PRO N 200 16.08 -13.82 -5.56
N VAL N 201 15.09 -14.32 -6.30
CA VAL N 201 14.23 -15.42 -5.82
C VAL N 201 15.05 -16.70 -5.83
N LEU N 202 15.84 -16.93 -6.89
CA LEU N 202 16.74 -18.09 -6.91
C LEU N 202 17.71 -17.95 -5.74
N ALA N 203 18.24 -16.76 -5.53
CA ALA N 203 19.24 -16.55 -4.46
C ALA N 203 18.61 -16.88 -3.08
N ALA N 204 17.35 -16.50 -2.86
CA ALA N 204 16.61 -16.83 -1.62
C ALA N 204 16.49 -18.35 -1.52
N GLY N 205 16.02 -19.02 -2.57
CA GLY N 205 15.82 -20.48 -2.52
C GLY N 205 17.11 -21.27 -2.28
N ILE N 206 18.20 -20.95 -2.96
CA ILE N 206 19.45 -21.75 -2.80
C ILE N 206 20.11 -21.37 -1.46
N THR N 207 19.86 -20.18 -0.94
CA THR N 207 20.33 -19.81 0.43
C THR N 207 19.61 -20.68 1.49
N MET N 208 18.31 -20.85 1.35
N MET N 208 18.32 -20.90 1.31
CA MET N 208 17.52 -21.77 2.20
CA MET N 208 17.54 -21.76 2.22
C MET N 208 18.12 -23.20 2.09
C MET N 208 17.97 -23.23 2.06
N LEU N 209 18.44 -23.65 0.87
CA LEU N 209 19.04 -24.99 0.71
C LEU N 209 20.38 -25.04 1.47
N LEU N 210 21.18 -23.99 1.37
CA LEU N 210 22.49 -23.90 2.07
C LEU N 210 22.23 -24.01 3.57
N THR N 211 21.21 -23.34 4.06
CA THR N 211 20.95 -23.31 5.53
C THR N 211 20.38 -24.67 5.95
N ASP N 212 19.53 -25.30 5.13
CA ASP N 212 19.06 -26.68 5.47
C ASP N 212 20.28 -27.62 5.52
N ARG N 213 21.30 -27.38 4.69
CA ARG N 213 22.44 -28.31 4.60
C ARG N 213 23.42 -28.05 5.76
N ASN N 214 23.47 -26.84 6.32
CA ASN N 214 24.62 -26.43 7.18
C ASN N 214 24.21 -25.75 8.50
N LEU N 215 22.99 -25.24 8.65
CA LEU N 215 22.58 -24.48 9.86
C LEU N 215 21.36 -25.11 10.53
N ASN N 216 20.97 -26.31 10.09
CA ASN N 216 19.89 -27.10 10.73
C ASN N 216 18.54 -26.38 10.56
N THR N 217 18.39 -25.60 9.49
CA THR N 217 17.04 -25.14 9.06
C THR N 217 16.30 -26.32 8.44
N THR N 218 15.00 -26.16 8.26
CA THR N 218 14.13 -27.22 7.71
C THR N 218 13.11 -26.62 6.73
N PHE N 219 13.52 -25.66 5.90
CA PHE N 219 12.62 -25.07 4.87
C PHE N 219 12.07 -26.19 3.98
N PHE N 220 12.88 -27.20 3.65
CA PHE N 220 12.55 -28.20 2.60
C PHE N 220 12.42 -29.59 3.22
N ASP N 221 12.51 -29.65 4.56
CA ASP N 221 12.61 -30.93 5.32
C ASP N 221 11.31 -31.15 6.08
N PRO N 222 10.48 -32.14 5.66
CA PRO N 222 9.19 -32.42 6.32
C PRO N 222 9.32 -32.72 7.83
N ALA N 223 10.46 -33.23 8.28
CA ALA N 223 10.68 -33.49 9.72
C ALA N 223 10.53 -32.19 10.53
N GLY N 224 10.89 -31.02 9.99
CA GLY N 224 10.73 -29.73 10.66
C GLY N 224 9.47 -29.00 10.23
N GLY N 225 8.59 -29.62 9.43
CA GLY N 225 7.41 -28.94 8.88
C GLY N 225 7.66 -28.28 7.54
N GLY N 226 8.83 -28.54 6.92
CA GLY N 226 9.17 -27.99 5.60
C GLY N 226 8.60 -28.83 4.49
N ASP N 227 8.92 -28.44 3.26
CA ASP N 227 8.26 -28.98 2.05
C ASP N 227 9.25 -28.90 0.90
N PRO N 228 9.72 -30.05 0.37
CA PRO N 228 10.56 -30.07 -0.83
C PRO N 228 9.92 -29.29 -1.98
N ILE N 229 8.60 -29.27 -2.07
CA ILE N 229 7.88 -28.61 -3.20
C ILE N 229 8.07 -27.08 -3.12
N LEU N 230 8.25 -26.50 -1.92
CA LEU N 230 8.57 -25.05 -1.80
C LEU N 230 9.85 -24.73 -2.58
N TYR N 231 10.89 -25.54 -2.46
CA TYR N 231 12.13 -25.29 -3.23
C TYR N 231 11.80 -25.21 -4.73
N GLN N 232 10.96 -26.13 -5.21
CA GLN N 232 10.61 -26.23 -6.64
C GLN N 232 9.94 -24.93 -7.10
N HIS N 233 8.99 -24.42 -6.33
CA HIS N 233 8.32 -23.12 -6.62
C HIS N 233 9.37 -22.02 -6.72
N LEU N 234 10.27 -21.90 -5.74
CA LEU N 234 11.25 -20.79 -5.73
C LEU N 234 12.18 -20.95 -6.93
N PHE N 235 12.63 -22.19 -7.19
CA PHE N 235 13.56 -22.48 -8.30
C PHE N 235 12.89 -22.10 -9.62
N TRP N 236 11.68 -22.59 -9.85
CA TRP N 236 11.04 -22.41 -11.18
C TRP N 236 10.48 -20.99 -11.34
N PHE N 237 10.22 -20.28 -10.25
CA PHE N 237 9.81 -18.85 -10.31
C PHE N 237 10.94 -18.05 -10.98
N PHE N 238 12.19 -18.44 -10.71
CA PHE N 238 13.41 -17.97 -11.43
C PHE N 238 13.54 -18.68 -12.79
N GLY N 239 13.38 -19.99 -12.78
CA GLY N 239 13.75 -20.88 -13.91
C GLY N 239 12.96 -20.61 -15.18
N HIS N 240 11.67 -20.30 -15.08
CA HIS N 240 10.94 -19.96 -16.34
C HIS N 240 11.43 -18.60 -16.89
N PRO N 241 11.43 -17.48 -16.11
CA PRO N 241 12.06 -16.26 -16.60
C PRO N 241 13.44 -16.57 -17.20
N GLU N 242 14.22 -17.45 -16.54
CA GLU N 242 15.59 -17.76 -17.04
C GLU N 242 15.55 -18.28 -18.50
N VAL N 243 14.59 -19.12 -18.86
CA VAL N 243 14.61 -19.63 -20.26
C VAL N 243 14.30 -18.49 -21.25
N TYR N 244 13.49 -17.49 -20.87
CA TYR N 244 13.23 -16.29 -21.73
C TYR N 244 14.48 -15.39 -21.74
N ILE N 245 15.17 -15.25 -20.61
CA ILE N 245 16.49 -14.57 -20.52
C ILE N 245 17.45 -15.16 -21.54
N LEU N 246 17.45 -16.49 -21.70
CA LEU N 246 18.41 -17.18 -22.58
C LEU N 246 18.08 -16.89 -24.05
N ILE N 247 16.82 -16.64 -24.40
CA ILE N 247 16.44 -16.47 -25.82
C ILE N 247 16.26 -15.01 -26.23
N LEU N 248 15.86 -14.12 -25.34
CA LEU N 248 15.47 -12.73 -25.72
C LEU N 248 16.58 -11.98 -26.46
N PRO N 249 17.85 -11.96 -25.98
CA PRO N 249 18.92 -11.29 -26.71
C PRO N 249 19.11 -11.94 -28.10
N GLY N 250 18.84 -13.25 -28.16
CA GLY N 250 18.84 -14.03 -29.42
C GLY N 250 17.77 -13.48 -30.36
N PHE N 251 16.56 -13.26 -29.85
CA PHE N 251 15.49 -12.59 -30.65
C PHE N 251 15.99 -11.24 -31.17
N GLY N 252 16.64 -10.44 -30.32
CA GLY N 252 17.16 -9.15 -30.78
C GLY N 252 18.20 -9.28 -31.90
N MET N 253 19.17 -10.19 -31.74
CA MET N 253 20.22 -10.38 -32.78
C MET N 253 19.57 -10.86 -34.08
N ILE N 254 18.59 -11.74 -33.98
CA ILE N 254 17.88 -12.31 -35.17
C ILE N 254 17.17 -11.17 -35.91
N SER N 255 16.48 -10.28 -35.20
CA SER N 255 15.83 -9.11 -35.84
C SER N 255 16.88 -8.32 -36.64
N HIS N 256 18.06 -8.03 -36.09
CA HIS N 256 19.12 -7.25 -36.77
C HIS N 256 19.64 -8.03 -37.98
N ILE N 257 19.90 -9.32 -37.82
CA ILE N 257 20.50 -10.14 -38.90
C ILE N 257 19.53 -10.27 -40.09
N VAL N 258 18.28 -10.60 -39.82
CA VAL N 258 17.23 -10.77 -40.86
C VAL N 258 17.05 -9.44 -41.56
N THR N 259 17.01 -8.34 -40.82
CA THR N 259 16.82 -7.01 -41.42
C THR N 259 18.03 -6.73 -42.33
N TYR N 260 19.24 -6.94 -41.81
CA TYR N 260 20.49 -6.59 -42.52
C TYR N 260 20.60 -7.36 -43.86
N TYR N 261 20.46 -8.68 -43.81
CA TYR N 261 20.69 -9.55 -44.99
C TYR N 261 19.46 -9.61 -45.88
N SER N 262 18.35 -9.01 -45.48
CA SER N 262 17.18 -8.81 -46.39
C SER N 262 17.35 -7.49 -47.15
N GLY N 263 18.41 -6.73 -46.84
CA GLY N 263 18.67 -5.42 -47.44
C GLY N 263 17.63 -4.38 -47.05
N LYS N 264 17.03 -4.53 -45.86
CA LYS N 264 15.99 -3.60 -45.38
C LYS N 264 16.62 -2.57 -44.43
N LYS N 265 16.00 -1.42 -44.33
CA LYS N 265 16.42 -0.34 -43.43
C LYS N 265 15.88 -0.62 -42.02
N GLU N 266 14.91 -1.51 -41.91
CA GLU N 266 14.14 -1.70 -40.65
C GLU N 266 13.40 -3.04 -40.66
N PRO N 267 13.20 -3.60 -39.46
CA PRO N 267 12.42 -4.81 -39.29
C PRO N 267 10.95 -4.52 -39.53
N PHE N 268 10.21 -5.51 -39.98
CA PHE N 268 8.76 -5.39 -40.12
C PHE N 268 8.12 -5.20 -38.73
N GLY N 269 7.23 -4.22 -38.58
CA GLY N 269 6.35 -4.08 -37.40
C GLY N 269 7.17 -3.84 -36.13
N TYR N 270 8.03 -2.84 -36.13
CA TYR N 270 8.90 -2.51 -34.97
C TYR N 270 8.08 -2.50 -33.66
N MET N 271 6.94 -1.79 -33.61
CA MET N 271 6.25 -1.63 -32.31
C MET N 271 5.62 -2.97 -31.91
N GLY N 272 5.19 -3.78 -32.90
CA GLY N 272 4.77 -5.16 -32.59
C GLY N 272 5.91 -6.00 -32.01
N MET N 273 7.14 -5.82 -32.47
CA MET N 273 8.31 -6.58 -31.96
C MET N 273 8.58 -6.19 -30.50
N VAL N 274 8.49 -4.89 -30.19
CA VAL N 274 8.67 -4.39 -28.80
C VAL N 274 7.53 -4.95 -27.92
N TRP N 275 6.29 -4.84 -28.38
CA TRP N 275 5.11 -5.39 -27.67
C TRP N 275 5.34 -6.87 -27.39
N ALA N 276 5.74 -7.64 -28.40
CA ALA N 276 5.90 -9.10 -28.27
C ALA N 276 6.94 -9.41 -27.18
N MET N 277 8.09 -8.73 -27.20
CA MET N 277 9.17 -9.02 -26.22
C MET N 277 8.67 -8.64 -24.82
N MET N 278 7.97 -7.52 -24.68
N MET N 278 7.98 -7.51 -24.70
CA MET N 278 7.47 -7.11 -23.34
CA MET N 278 7.44 -7.08 -23.37
C MET N 278 6.39 -8.09 -22.87
C MET N 278 6.40 -8.10 -22.88
N SER N 279 5.51 -8.54 -23.77
CA SER N 279 4.47 -9.52 -23.42
C SER N 279 5.10 -10.84 -22.98
N ILE N 280 6.10 -11.32 -23.74
CA ILE N 280 6.79 -12.59 -23.41
C ILE N 280 7.45 -12.41 -22.02
N GLY N 281 8.09 -11.26 -21.77
CA GLY N 281 8.76 -11.03 -20.46
C GLY N 281 7.76 -11.06 -19.31
N PHE N 282 6.61 -10.43 -19.49
CA PHE N 282 5.54 -10.40 -18.45
C PHE N 282 4.95 -11.80 -18.24
N LEU N 283 4.45 -12.44 -19.30
CA LEU N 283 3.84 -13.78 -19.17
C LEU N 283 4.86 -14.78 -18.59
N GLY N 284 6.14 -14.56 -18.86
CA GLY N 284 7.23 -15.42 -18.37
C GLY N 284 7.28 -15.54 -16.85
N PHE N 285 6.61 -14.64 -16.11
CA PHE N 285 6.59 -14.64 -14.63
C PHE N 285 5.36 -15.39 -14.10
N ILE N 286 4.39 -15.82 -14.94
CA ILE N 286 3.12 -16.32 -14.36
C ILE N 286 2.83 -17.77 -14.83
N VAL N 287 3.86 -18.52 -15.22
CA VAL N 287 3.70 -19.83 -15.88
C VAL N 287 4.55 -20.94 -15.24
N TRP N 288 5.36 -20.60 -14.21
CA TRP N 288 6.49 -21.45 -13.74
C TRP N 288 5.99 -22.85 -13.39
N ALA N 289 4.77 -23.02 -12.87
CA ALA N 289 4.38 -24.34 -12.31
C ALA N 289 4.11 -25.38 -13.42
N HIS N 290 4.21 -25.04 -14.72
CA HIS N 290 4.23 -26.08 -15.78
C HIS N 290 5.50 -26.95 -15.68
N HIS N 291 6.48 -26.61 -14.83
CA HIS N 291 7.62 -27.51 -14.48
C HIS N 291 7.24 -28.46 -13.33
N MET N 292 5.98 -28.43 -12.85
CA MET N 292 5.53 -29.14 -11.63
C MET N 292 4.17 -29.84 -11.83
N PHE N 293 3.79 -30.20 -13.05
CA PHE N 293 2.47 -30.81 -13.32
C PHE N 293 2.34 -32.21 -12.72
N THR N 294 3.44 -32.85 -12.34
CA THR N 294 3.37 -34.20 -11.72
C THR N 294 3.60 -34.16 -10.20
N VAL N 295 3.70 -33.01 -9.52
CA VAL N 295 4.06 -33.02 -8.07
C VAL N 295 2.81 -33.19 -7.17
N GLY N 296 1.60 -33.19 -7.77
CA GLY N 296 0.34 -33.33 -7.02
C GLY N 296 -0.37 -32.01 -6.78
N MET N 297 -0.25 -30.96 -7.60
N MET N 297 -0.58 -31.35 -7.91
CA MET N 297 -1.02 -29.69 -7.33
CA MET N 297 -1.13 -30.01 -8.10
C MET N 297 -2.51 -29.93 -7.68
C MET N 297 -2.66 -30.12 -8.17
N ASP N 298 -3.37 -28.99 -7.28
N ASP N 298 -3.38 -29.33 -7.39
CA ASP N 298 -4.83 -29.01 -7.53
CA ASP N 298 -4.85 -29.27 -7.56
C ASP N 298 -5.14 -28.97 -9.05
C ASP N 298 -5.13 -29.03 -9.06
N VAL N 299 -6.24 -29.60 -9.49
CA VAL N 299 -6.67 -29.58 -10.90
C VAL N 299 -6.88 -28.13 -11.41
N ASP N 300 -7.49 -27.22 -10.64
CA ASP N 300 -7.74 -25.84 -11.12
C ASP N 300 -6.40 -25.13 -11.36
N THR N 301 -5.41 -25.35 -10.49
CA THR N 301 -4.06 -24.80 -10.64
C THR N 301 -3.46 -25.33 -11.95
N ARG N 302 -3.58 -26.62 -12.22
CA ARG N 302 -3.03 -27.18 -13.47
C ARG N 302 -3.73 -26.56 -14.66
N ALA N 303 -5.04 -26.30 -14.56
CA ALA N 303 -5.83 -25.72 -15.66
C ALA N 303 -5.31 -24.32 -15.95
N TYR N 304 -5.06 -23.57 -14.88
CA TYR N 304 -4.59 -22.17 -14.98
C TYR N 304 -3.22 -22.18 -15.65
N PHE N 305 -2.30 -23.02 -15.19
CA PHE N 305 -0.92 -22.99 -15.72
C PHE N 305 -0.91 -23.47 -17.17
N THR N 306 -1.76 -24.42 -17.54
CA THR N 306 -1.88 -24.85 -18.97
C THR N 306 -2.23 -23.63 -19.83
N SER N 307 -3.28 -22.91 -19.42
CA SER N 307 -3.90 -21.81 -20.18
C SER N 307 -2.91 -20.62 -20.33
N ALA N 308 -2.29 -20.21 -19.23
CA ALA N 308 -1.36 -19.06 -19.16
C ALA N 308 -0.17 -19.40 -20.05
N THR N 309 0.29 -20.64 -19.96
CA THR N 309 1.47 -21.05 -20.72
C THR N 309 1.16 -20.90 -22.21
N MET N 310 -0.02 -21.33 -22.65
CA MET N 310 -0.30 -21.32 -24.10
C MET N 310 -0.35 -19.90 -24.66
N ILE N 311 -0.70 -18.92 -23.82
N ILE N 311 -0.79 -18.90 -23.90
CA ILE N 311 -0.84 -17.49 -24.25
CA ILE N 311 -1.03 -17.56 -24.52
C ILE N 311 0.48 -17.00 -24.86
C ILE N 311 0.31 -16.94 -24.96
N ILE N 312 1.63 -17.47 -24.35
N ILE N 312 1.44 -17.44 -24.46
CA ILE N 312 2.95 -16.99 -24.81
CA ILE N 312 2.77 -16.88 -24.84
C ILE N 312 3.13 -17.24 -26.32
C ILE N 312 3.08 -17.20 -26.32
N ALA N 313 2.44 -18.22 -26.91
CA ALA N 313 2.51 -18.50 -28.37
C ALA N 313 2.06 -17.26 -29.17
N ILE N 314 1.15 -16.45 -28.64
CA ILE N 314 0.58 -15.35 -29.45
C ILE N 314 1.67 -14.29 -29.73
N PRO N 315 2.28 -13.64 -28.72
CA PRO N 315 3.35 -12.68 -29.00
C PRO N 315 4.50 -13.36 -29.74
N THR N 316 4.81 -14.62 -29.39
CA THR N 316 5.94 -15.31 -30.05
C THR N 316 5.67 -15.41 -31.56
N GLY N 317 4.44 -15.81 -31.91
CA GLY N 317 4.03 -15.92 -33.33
C GLY N 317 4.15 -14.60 -34.04
N VAL N 318 3.84 -13.49 -33.34
CA VAL N 318 4.02 -12.14 -33.94
C VAL N 318 5.48 -11.95 -34.34
N LYS N 319 6.43 -12.33 -33.49
CA LYS N 319 7.85 -12.15 -33.84
C LYS N 319 8.18 -13.04 -35.03
N VAL N 320 7.74 -14.29 -35.02
CA VAL N 320 8.14 -15.25 -36.07
C VAL N 320 7.61 -14.73 -37.41
N PHE N 321 6.35 -14.31 -37.42
CA PHE N 321 5.72 -13.81 -38.66
C PHE N 321 6.36 -12.47 -39.06
N SER N 322 6.80 -11.66 -38.10
CA SER N 322 7.47 -10.36 -38.41
C SER N 322 8.84 -10.62 -39.06
N TRP N 323 9.57 -11.65 -38.61
CA TRP N 323 10.85 -12.03 -39.25
C TRP N 323 10.55 -12.46 -40.69
N LEU N 324 9.52 -13.27 -40.89
CA LEU N 324 9.19 -13.68 -42.26
C LEU N 324 8.82 -12.46 -43.11
N ALA N 325 8.07 -11.51 -42.58
CA ALA N 325 7.64 -10.29 -43.31
C ALA N 325 8.84 -9.33 -43.50
N THR N 326 9.91 -9.46 -42.73
CA THR N 326 11.15 -8.67 -42.99
C THR N 326 11.85 -9.26 -44.23
N LEU N 327 11.88 -10.60 -44.37
CA LEU N 327 12.46 -11.28 -45.55
C LEU N 327 11.68 -10.86 -46.77
N HIS N 328 10.37 -10.75 -46.61
CA HIS N 328 9.42 -10.47 -47.72
C HIS N 328 9.87 -9.23 -48.53
N GLY N 329 10.11 -9.41 -49.83
CA GLY N 329 10.52 -8.31 -50.71
C GLY N 329 11.97 -7.91 -50.55
N GLY N 330 12.76 -8.68 -49.82
CA GLY N 330 14.18 -8.33 -49.64
C GLY N 330 14.99 -8.63 -50.86
N ASN N 331 16.09 -7.88 -51.05
CA ASN N 331 17.25 -8.30 -51.88
C ASN N 331 18.09 -9.20 -50.95
N ILE N 332 17.87 -10.51 -50.98
CA ILE N 332 18.43 -11.42 -49.95
C ILE N 332 19.92 -11.65 -50.20
N LYS N 333 20.75 -11.39 -49.21
CA LYS N 333 22.17 -11.75 -49.26
C LYS N 333 22.29 -13.07 -48.49
N TRP N 334 22.69 -14.14 -49.18
CA TRP N 334 22.83 -15.49 -48.55
C TRP N 334 24.18 -15.59 -47.83
N SER N 335 24.47 -14.66 -46.95
CA SER N 335 25.67 -14.72 -46.08
C SER N 335 25.56 -15.89 -45.09
N PRO N 336 26.67 -16.33 -44.47
CA PRO N 336 26.58 -17.33 -43.41
C PRO N 336 25.69 -16.89 -42.25
N ALA N 337 25.76 -15.61 -41.84
CA ALA N 337 24.91 -15.10 -40.74
C ALA N 337 23.41 -15.27 -41.10
N MET N 338 23.03 -14.99 -42.33
CA MET N 338 21.63 -15.17 -42.75
C MET N 338 21.24 -16.66 -42.62
N MET N 339 22.14 -17.58 -42.98
CA MET N 339 21.85 -19.02 -42.89
C MET N 339 21.58 -19.39 -41.41
N TRP N 340 22.41 -18.91 -40.48
CA TRP N 340 22.22 -19.10 -39.04
C TRP N 340 20.80 -18.64 -38.64
N ALA N 341 20.42 -17.44 -39.10
CA ALA N 341 19.18 -16.78 -38.70
C ALA N 341 18.01 -17.56 -39.30
N LEU N 342 18.13 -18.08 -40.53
CA LEU N 342 16.99 -18.84 -41.11
C LEU N 342 16.88 -20.18 -40.39
N GLY N 343 18.01 -20.83 -40.09
CA GLY N 343 18.02 -22.03 -39.25
C GLY N 343 17.33 -21.75 -37.93
N PHE N 344 17.69 -20.66 -37.27
CA PHE N 344 17.06 -20.23 -36.01
C PHE N 344 15.54 -20.23 -36.15
N ILE N 345 15.00 -19.49 -37.14
CA ILE N 345 13.54 -19.28 -37.22
C ILE N 345 12.86 -20.64 -37.25
N PHE N 346 13.35 -21.55 -38.09
CA PHE N 346 12.73 -22.89 -38.26
C PHE N 346 12.89 -23.73 -36.98
N LEU N 347 14.13 -23.86 -36.48
CA LEU N 347 14.41 -24.76 -35.31
C LEU N 347 13.75 -24.20 -34.04
N PHE N 348 13.78 -22.88 -33.86
CA PHE N 348 13.07 -22.25 -32.72
C PHE N 348 11.57 -22.53 -32.82
N THR N 349 10.98 -22.46 -34.02
CA THR N 349 9.53 -22.71 -34.19
C THR N 349 9.21 -24.16 -33.79
N VAL N 350 10.02 -25.13 -34.25
CA VAL N 350 9.82 -26.57 -33.91
C VAL N 350 9.85 -26.69 -32.39
N GLY N 351 10.87 -26.15 -31.74
CA GLY N 351 10.97 -26.30 -30.26
C GLY N 351 9.84 -25.58 -29.52
N GLY N 352 9.46 -24.42 -30.03
CA GLY N 352 8.33 -23.66 -29.44
C GLY N 352 7.06 -24.49 -29.49
N LEU N 353 6.85 -25.18 -30.61
CA LEU N 353 5.61 -25.97 -30.80
C LEU N 353 5.62 -27.17 -29.86
N THR N 354 6.74 -27.85 -29.65
CA THR N 354 6.78 -28.96 -28.66
C THR N 354 6.56 -28.38 -27.26
N GLY N 355 6.92 -27.12 -27.05
CA GLY N 355 6.58 -26.44 -25.77
C GLY N 355 5.07 -26.37 -25.59
N ILE N 356 4.34 -26.03 -26.64
CA ILE N 356 2.86 -25.94 -26.57
C ILE N 356 2.28 -27.34 -26.29
N VAL N 357 2.86 -28.40 -26.83
CA VAL N 357 2.43 -29.79 -26.50
C VAL N 357 2.56 -30.01 -24.99
N LEU N 358 3.74 -29.70 -24.43
CA LEU N 358 4.06 -29.90 -23.00
C LEU N 358 3.18 -29.05 -22.08
N ALA N 359 2.74 -27.88 -22.54
CA ALA N 359 1.91 -26.94 -21.74
C ALA N 359 0.62 -27.64 -21.30
N ASN N 360 0.17 -28.64 -22.08
CA ASN N 360 -1.05 -29.37 -21.73
C ASN N 360 -0.75 -30.31 -20.56
N SER N 361 -1.13 -29.93 -19.33
N SER N 361 -1.21 -29.93 -19.37
CA SER N 361 -0.82 -30.71 -18.10
CA SER N 361 -0.99 -30.65 -18.09
C SER N 361 -1.17 -32.20 -18.32
C SER N 361 -1.44 -32.12 -18.19
N SER N 362 -2.36 -32.50 -18.84
N SER N 362 -2.41 -32.45 -19.05
CA SER N 362 -2.82 -33.89 -19.09
CA SER N 362 -2.95 -33.82 -19.21
C SER N 362 -1.74 -34.66 -19.87
C SER N 362 -1.93 -34.70 -19.96
N LEU N 363 -1.34 -34.16 -21.04
CA LEU N 363 -0.30 -34.88 -21.82
C LEU N 363 1.04 -34.82 -21.07
N ASP N 364 1.31 -33.73 -20.37
CA ASP N 364 2.60 -33.58 -19.64
C ASP N 364 2.77 -34.73 -18.63
N ILE N 365 1.69 -35.33 -18.13
CA ILE N 365 1.83 -36.44 -17.15
C ILE N 365 2.74 -37.47 -17.82
N VAL N 366 2.47 -37.75 -19.09
CA VAL N 366 3.16 -38.84 -19.83
C VAL N 366 4.52 -38.34 -20.35
N LEU N 367 4.70 -37.06 -20.61
CA LEU N 367 5.94 -36.53 -21.28
C LEU N 367 6.95 -36.00 -20.24
N HIS N 368 6.46 -35.62 -19.06
CA HIS N 368 7.31 -35.04 -17.99
C HIS N 368 8.44 -36.00 -17.66
N ASP N 369 9.66 -35.50 -17.54
CA ASP N 369 10.82 -36.32 -17.10
C ASP N 369 11.07 -37.43 -18.13
N THR N 370 10.75 -37.16 -19.39
CA THR N 370 11.16 -37.99 -20.54
C THR N 370 12.06 -37.20 -21.48
N TYR N 371 12.64 -37.91 -22.47
CA TYR N 371 13.44 -37.30 -23.54
C TYR N 371 12.57 -36.37 -24.38
N TYR N 372 11.23 -36.37 -24.28
CA TYR N 372 10.43 -35.38 -25.05
C TYR N 372 10.79 -33.97 -24.56
N VAL N 373 10.92 -33.81 -23.26
CA VAL N 373 11.29 -32.48 -22.70
C VAL N 373 12.70 -32.13 -23.19
N VAL N 374 13.62 -33.09 -23.12
CA VAL N 374 15.03 -32.86 -23.56
C VAL N 374 15.04 -32.41 -25.04
N ALA N 375 14.21 -33.02 -25.89
CA ALA N 375 14.09 -32.68 -27.32
C ALA N 375 13.55 -31.25 -27.44
N HIS N 376 12.50 -30.97 -26.68
CA HIS N 376 11.89 -29.63 -26.68
C HIS N 376 12.99 -28.59 -26.40
N PHE N 377 13.72 -28.71 -25.30
CA PHE N 377 14.58 -27.56 -24.95
C PHE N 377 15.88 -27.54 -25.75
N HIS N 378 16.35 -28.67 -26.31
CA HIS N 378 17.55 -28.63 -27.18
C HIS N 378 17.18 -27.98 -28.53
N TYR N 379 15.91 -28.05 -28.96
CA TYR N 379 15.48 -27.30 -30.17
C TYR N 379 15.44 -25.81 -29.79
N VAL N 380 14.64 -25.46 -28.79
CA VAL N 380 14.23 -24.03 -28.60
C VAL N 380 15.40 -23.32 -27.90
N LEU N 381 16.05 -23.99 -26.99
CA LEU N 381 17.11 -23.32 -26.20
C LEU N 381 18.48 -23.62 -26.80
N SER N 382 18.81 -24.86 -26.91
CA SER N 382 20.17 -25.26 -27.36
C SER N 382 20.40 -24.79 -28.78
N MET N 383 19.58 -25.19 -29.78
CA MET N 383 19.69 -24.71 -31.19
C MET N 383 19.28 -23.22 -31.27
N GLY N 384 18.20 -22.76 -30.65
CA GLY N 384 17.83 -21.34 -30.75
C GLY N 384 18.94 -20.43 -30.27
N ALA N 385 19.44 -20.64 -29.04
CA ALA N 385 20.49 -19.77 -28.47
C ALA N 385 21.76 -19.90 -29.30
N VAL N 386 22.14 -21.14 -29.58
CA VAL N 386 23.43 -21.37 -30.30
C VAL N 386 23.34 -20.76 -31.72
N PHE N 387 22.23 -20.94 -32.43
CA PHE N 387 22.13 -20.46 -33.82
C PHE N 387 22.18 -18.92 -33.79
N ALA N 388 21.49 -18.30 -32.82
CA ALA N 388 21.48 -16.84 -32.69
C ALA N 388 22.91 -16.38 -32.36
N ILE N 389 23.59 -17.09 -31.48
CA ILE N 389 25.01 -16.73 -31.12
C ILE N 389 25.89 -16.86 -32.35
N MET N 390 25.74 -17.94 -33.11
CA MET N 390 26.63 -18.13 -34.27
C MET N 390 26.31 -17.07 -35.33
N GLY N 391 25.02 -16.75 -35.55
CA GLY N 391 24.65 -15.69 -36.51
C GLY N 391 25.25 -14.36 -36.12
N GLY N 392 25.10 -13.98 -34.86
CA GLY N 392 25.65 -12.74 -34.31
C GLY N 392 27.17 -12.74 -34.41
N PHE N 393 27.77 -13.88 -34.10
CA PHE N 393 29.24 -13.99 -34.11
C PHE N 393 29.77 -13.76 -35.53
N VAL N 394 29.23 -14.45 -36.54
N VAL N 394 29.20 -14.49 -36.51
CA VAL N 394 29.80 -14.31 -37.91
CA VAL N 394 29.62 -14.39 -37.93
C VAL N 394 29.42 -12.92 -38.46
C VAL N 394 29.41 -12.94 -38.39
N HIS N 395 28.24 -12.38 -38.08
CA HIS N 395 27.83 -11.03 -38.53
C HIS N 395 28.79 -9.97 -37.95
N TRP N 396 29.01 -9.99 -36.64
CA TRP N 396 29.74 -8.87 -35.97
C TRP N 396 31.23 -9.18 -35.77
N PHE N 397 31.71 -10.37 -36.06
CA PHE N 397 33.17 -10.65 -35.90
C PHE N 397 34.02 -9.57 -36.58
N PRO N 398 33.68 -9.14 -37.82
CA PRO N 398 34.48 -8.11 -38.50
C PRO N 398 34.44 -6.74 -37.78
N LEU N 399 33.33 -6.40 -37.15
CA LEU N 399 33.27 -5.17 -36.31
C LEU N 399 34.21 -5.34 -35.09
N PHE N 400 34.16 -6.47 -34.40
CA PHE N 400 34.91 -6.62 -33.14
C PHE N 400 36.42 -6.70 -33.42
N SER N 401 36.80 -7.39 -34.51
CA SER N 401 38.20 -7.78 -34.81
C SER N 401 38.86 -6.83 -35.81
N GLY N 402 38.10 -6.27 -36.73
CA GLY N 402 38.63 -5.59 -37.93
C GLY N 402 38.93 -6.53 -39.10
N TYR N 403 38.67 -7.84 -38.99
CA TYR N 403 39.08 -8.85 -39.99
C TYR N 403 37.85 -9.58 -40.53
N THR N 404 37.89 -10.03 -41.78
CA THR N 404 36.80 -10.83 -42.39
C THR N 404 37.04 -12.32 -42.17
N LEU N 405 35.94 -13.05 -42.00
CA LEU N 405 35.92 -14.53 -42.09
C LEU N 405 35.93 -14.96 -43.54
N ASN N 406 36.32 -16.22 -43.78
CA ASN N 406 36.14 -16.89 -45.06
C ASN N 406 34.67 -17.33 -45.14
N ASP N 407 33.87 -16.69 -46.01
CA ASP N 407 32.42 -16.98 -46.06
C ASP N 407 32.17 -18.45 -46.46
N THR N 408 32.97 -19.02 -47.36
CA THR N 408 32.74 -20.42 -47.77
C THR N 408 32.92 -21.35 -46.57
N TRP N 409 34.02 -21.18 -45.83
CA TRP N 409 34.24 -21.99 -44.60
C TRP N 409 33.06 -21.81 -43.64
N ALA N 410 32.61 -20.58 -43.44
CA ALA N 410 31.51 -20.32 -42.47
C ALA N 410 30.25 -21.04 -42.94
N LYS N 411 30.01 -21.09 -44.26
CA LYS N 411 28.83 -21.83 -44.79
C LYS N 411 28.99 -23.35 -44.54
N ILE N 412 30.19 -23.88 -44.72
CA ILE N 412 30.48 -25.32 -44.46
C ILE N 412 30.17 -25.60 -42.99
N HIS N 413 30.62 -24.73 -42.13
CA HIS N 413 30.44 -24.84 -40.67
C HIS N 413 28.93 -24.88 -40.37
N PHE N 414 28.16 -23.95 -40.90
CA PHE N 414 26.67 -23.95 -40.74
C PHE N 414 26.07 -25.31 -41.17
N ALA N 415 26.42 -25.79 -42.35
CA ALA N 415 25.87 -27.05 -42.93
C ALA N 415 26.15 -28.23 -41.99
N ILE N 416 27.38 -28.33 -41.48
CA ILE N 416 27.75 -29.47 -40.61
C ILE N 416 26.91 -29.39 -39.33
N MET N 417 26.84 -28.20 -38.74
N MET N 417 26.86 -28.22 -38.71
CA MET N 417 26.12 -27.99 -37.47
CA MET N 417 26.09 -28.05 -37.45
C MET N 417 24.61 -28.30 -37.63
C MET N 417 24.61 -28.40 -37.68
N PHE N 418 24.01 -27.91 -38.76
CA PHE N 418 22.56 -28.10 -39.01
C PHE N 418 22.28 -29.61 -39.02
N VAL N 419 23.14 -30.38 -39.69
CA VAL N 419 22.98 -31.86 -39.78
C VAL N 419 23.17 -32.45 -38.37
N GLY N 420 24.25 -32.06 -37.70
CA GLY N 420 24.57 -32.64 -36.39
C GLY N 420 23.45 -32.46 -35.37
N VAL N 421 22.98 -31.25 -35.18
CA VAL N 421 22.02 -31.00 -34.08
C VAL N 421 20.70 -31.71 -34.41
N ASN N 422 20.31 -31.77 -35.68
CA ASN N 422 19.04 -32.44 -36.03
C ASN N 422 19.19 -33.95 -35.81
N MET N 423 20.31 -34.55 -36.24
N MET N 423 20.30 -34.55 -36.24
CA MET N 423 20.54 -36.00 -36.05
CA MET N 423 20.51 -36.00 -36.04
C MET N 423 20.57 -36.31 -34.54
C MET N 423 20.55 -36.30 -34.54
N THR N 424 21.13 -35.39 -33.73
CA THR N 424 21.25 -35.58 -32.26
C THR N 424 19.86 -35.56 -31.64
N PHE N 425 19.05 -34.53 -31.92
CA PHE N 425 17.89 -34.24 -31.04
C PHE N 425 16.56 -34.69 -31.64
N PHE N 426 16.44 -34.75 -32.96
CA PHE N 426 15.12 -35.11 -33.55
C PHE N 426 14.68 -36.48 -33.02
N PRO N 427 15.54 -37.53 -33.00
CA PRO N 427 15.12 -38.83 -32.52
C PRO N 427 14.74 -38.85 -31.03
N GLN N 428 15.11 -37.82 -30.26
CA GLN N 428 14.80 -37.79 -28.81
C GLN N 428 13.29 -37.59 -28.63
N HIS N 429 12.60 -37.01 -29.61
CA HIS N 429 11.11 -36.99 -29.57
C HIS N 429 10.55 -38.42 -29.45
N PHE N 430 11.05 -39.36 -30.25
CA PHE N 430 10.54 -40.74 -30.33
C PHE N 430 10.80 -41.40 -28.97
N LEU N 431 12.01 -41.18 -28.45
CA LEU N 431 12.46 -41.76 -27.17
C LEU N 431 11.49 -41.28 -26.08
N GLY N 432 11.10 -40.00 -26.11
CA GLY N 432 10.20 -39.39 -25.13
C GLY N 432 8.78 -39.96 -25.26
N LEU N 433 8.22 -39.98 -26.46
CA LEU N 433 6.84 -40.48 -26.66
C LEU N 433 6.77 -41.94 -26.22
N SER N 434 7.81 -42.73 -26.51
CA SER N 434 7.87 -44.17 -26.18
C SER N 434 8.25 -44.40 -24.70
N GLY N 435 8.55 -43.34 -23.93
CA GLY N 435 8.61 -43.44 -22.45
C GLY N 435 10.03 -43.52 -21.87
N MET N 436 11.08 -43.21 -22.63
CA MET N 436 12.45 -43.20 -22.05
C MET N 436 12.59 -42.01 -21.11
N PRO N 437 12.88 -42.28 -19.81
CA PRO N 437 13.13 -41.19 -18.85
C PRO N 437 14.40 -40.41 -19.19
N ARG N 438 14.40 -39.12 -18.86
CA ARG N 438 15.62 -38.30 -18.84
C ARG N 438 16.41 -38.66 -17.58
N ARG N 439 17.63 -38.16 -17.55
CA ARG N 439 18.54 -38.31 -16.38
C ARG N 439 18.87 -39.77 -16.14
N TYR N 440 18.89 -40.60 -17.20
CA TYR N 440 19.24 -42.05 -17.17
C TYR N 440 20.64 -42.29 -17.78
N SER N 441 21.42 -43.17 -17.14
CA SER N 441 22.77 -43.61 -17.61
C SER N 441 22.65 -44.79 -18.59
N ASP N 442 21.49 -45.43 -18.62
CA ASP N 442 21.23 -46.66 -19.42
C ASP N 442 19.73 -46.79 -19.59
N TYR N 443 19.33 -47.59 -20.57
CA TYR N 443 17.93 -47.67 -21.04
C TYR N 443 17.58 -49.09 -21.39
N PRO N 444 16.30 -49.47 -21.17
CA PRO N 444 15.81 -50.74 -21.73
C PRO N 444 16.18 -50.86 -23.21
N ASP N 445 16.35 -52.10 -23.65
CA ASP N 445 16.98 -52.47 -24.95
C ASP N 445 16.18 -51.88 -26.11
N ALA N 446 14.87 -51.79 -26.00
CA ALA N 446 13.98 -51.20 -27.04
C ALA N 446 14.49 -49.82 -27.50
N TYR N 447 15.10 -49.01 -26.65
CA TYR N 447 15.42 -47.59 -26.97
C TYR N 447 16.80 -47.48 -27.65
N THR N 448 17.45 -48.60 -27.98
CA THR N 448 18.85 -48.63 -28.46
C THR N 448 19.00 -47.84 -29.79
N MET N 449 18.15 -48.08 -30.78
CA MET N 449 18.38 -47.51 -32.12
C MET N 449 18.42 -45.99 -32.06
N TRP N 450 17.45 -45.35 -31.40
CA TRP N 450 17.41 -43.86 -31.43
C TRP N 450 18.53 -43.29 -30.56
N ASN N 451 18.93 -43.97 -29.46
CA ASN N 451 20.07 -43.50 -28.64
C ASN N 451 21.34 -43.59 -29.47
N THR N 452 21.52 -44.65 -30.28
CA THR N 452 22.71 -44.85 -31.12
C THR N 452 22.79 -43.67 -32.10
N ILE N 453 21.69 -43.37 -32.77
CA ILE N 453 21.65 -42.33 -33.83
C ILE N 453 21.92 -40.98 -33.17
N SER N 454 21.28 -40.70 -32.05
CA SER N 454 21.49 -39.42 -31.31
C SER N 454 22.98 -39.25 -30.98
N SER N 455 23.62 -40.28 -30.47
CA SER N 455 25.05 -40.20 -30.10
C SER N 455 25.93 -40.00 -31.34
N MET N 456 25.59 -40.61 -32.46
CA MET N 456 26.34 -40.38 -33.73
C MET N 456 26.20 -38.90 -34.15
N GLY N 457 24.99 -38.35 -34.04
CA GLY N 457 24.74 -36.91 -34.25
C GLY N 457 25.66 -36.05 -33.42
N SER N 458 25.89 -36.38 -32.14
CA SER N 458 26.69 -35.50 -31.24
C SER N 458 28.11 -35.34 -31.80
N PHE N 459 28.66 -36.38 -32.45
CA PHE N 459 30.03 -36.31 -33.02
C PHE N 459 30.06 -35.36 -34.22
N ILE N 460 28.96 -35.27 -34.99
CA ILE N 460 28.92 -34.38 -36.18
C ILE N 460 29.03 -32.93 -35.69
N SER N 461 28.30 -32.61 -34.62
CA SER N 461 28.35 -31.26 -34.00
C SER N 461 29.76 -31.01 -33.44
N LEU N 462 30.42 -32.04 -32.89
CA LEU N 462 31.82 -31.85 -32.43
C LEU N 462 32.69 -31.43 -33.62
N THR N 463 32.52 -32.10 -34.76
CA THR N 463 33.31 -31.74 -35.97
C THR N 463 33.06 -30.27 -36.32
N ALA N 464 31.82 -29.80 -36.25
CA ALA N 464 31.49 -28.38 -36.52
C ALA N 464 32.21 -27.47 -35.51
N VAL N 465 32.24 -27.81 -34.24
CA VAL N 465 32.93 -26.95 -33.21
C VAL N 465 34.42 -26.84 -33.54
N MET N 466 35.04 -27.95 -33.89
CA MET N 466 36.50 -27.94 -34.18
C MET N 466 36.73 -27.06 -35.42
N LEU N 467 35.85 -27.16 -36.41
CA LEU N 467 35.99 -26.39 -37.66
C LEU N 467 35.87 -24.90 -37.29
N MET N 468 34.89 -24.55 -36.48
CA MET N 468 34.70 -23.15 -36.06
C MET N 468 36.01 -22.58 -35.51
N VAL N 469 36.74 -23.32 -34.66
CA VAL N 469 38.01 -22.78 -34.07
C VAL N 469 39.01 -22.55 -35.20
N PHE N 470 39.07 -23.46 -36.18
CA PHE N 470 39.97 -23.29 -37.35
C PHE N 470 39.59 -22.02 -38.13
N ILE N 471 38.28 -21.79 -38.27
CA ILE N 471 37.76 -20.67 -39.10
C ILE N 471 38.17 -19.36 -38.45
N ILE N 472 38.07 -19.28 -37.13
CA ILE N 472 38.48 -18.07 -36.38
C ILE N 472 39.99 -17.90 -36.54
N TRP N 473 40.73 -19.00 -36.41
CA TRP N 473 42.21 -18.93 -36.59
C TRP N 473 42.51 -18.39 -37.99
N GLU N 474 41.84 -18.94 -39.00
CA GLU N 474 42.18 -18.55 -40.39
C GLU N 474 41.99 -17.04 -40.57
N ALA N 475 40.97 -16.45 -39.96
CA ALA N 475 40.66 -15.01 -40.13
C ALA N 475 41.77 -14.19 -39.46
N PHE N 476 42.18 -14.54 -38.25
CA PHE N 476 43.28 -13.77 -37.59
C PHE N 476 44.63 -14.04 -38.28
N ALA N 477 44.78 -15.23 -38.87
CA ALA N 477 46.00 -15.66 -39.58
C ALA N 477 46.19 -14.87 -40.88
N SER N 478 45.10 -14.63 -41.62
CA SER N 478 45.14 -14.06 -42.98
C SER N 478 45.12 -12.52 -42.92
N LYS N 479 44.42 -11.92 -41.96
CA LYS N 479 44.41 -10.45 -41.73
C LYS N 479 43.88 -9.74 -42.98
N ARG N 480 42.65 -10.06 -43.37
CA ARG N 480 41.88 -9.27 -44.37
C ARG N 480 41.17 -8.14 -43.60
N GLU N 481 41.70 -6.91 -43.67
CA GLU N 481 41.17 -5.75 -42.90
C GLU N 481 39.95 -5.17 -43.60
N VAL N 482 38.88 -4.95 -42.85
CA VAL N 482 37.60 -4.44 -43.41
C VAL N 482 37.84 -3.04 -43.93
N LEU N 483 37.24 -2.70 -45.06
CA LEU N 483 37.13 -1.30 -45.53
C LEU N 483 35.74 -0.75 -45.22
N THR N 484 34.71 -1.23 -45.92
CA THR N 484 33.33 -0.74 -45.78
C THR N 484 32.33 -1.88 -45.57
N VAL N 485 31.19 -1.53 -44.97
CA VAL N 485 30.01 -2.42 -44.93
C VAL N 485 28.85 -1.58 -45.45
N ASP N 486 27.88 -2.25 -46.02
CA ASP N 486 26.64 -1.62 -46.49
C ASP N 486 25.68 -1.41 -45.28
N LEU N 487 24.68 -0.56 -45.50
CA LEU N 487 23.55 -0.27 -44.59
C LEU N 487 24.02 0.42 -43.31
N THR N 488 25.13 1.17 -43.34
CA THR N 488 25.52 1.90 -42.10
C THR N 488 24.43 2.90 -41.70
N THR N 489 23.61 3.41 -42.63
CA THR N 489 22.59 4.41 -42.24
C THR N 489 21.62 3.81 -41.19
N THR N 490 21.48 2.48 -41.11
CA THR N 490 20.54 1.86 -40.17
C THR N 490 21.26 0.84 -39.29
N ASN N 491 22.56 1.01 -39.10
CA ASN N 491 23.34 0.07 -38.27
C ASN N 491 24.52 0.87 -37.67
N LEU N 492 24.20 1.76 -36.73
CA LEU N 492 25.13 2.76 -36.16
C LEU N 492 26.39 2.09 -35.60
N GLU N 493 26.31 0.84 -35.16
CA GLU N 493 27.44 0.19 -34.47
C GLU N 493 28.66 0.07 -35.42
N TRP N 494 28.42 0.10 -36.74
CA TRP N 494 29.47 -0.03 -37.79
C TRP N 494 30.13 1.33 -38.10
N LEU N 495 29.53 2.46 -37.70
CA LEU N 495 29.87 3.78 -38.29
C LEU N 495 31.22 4.31 -37.75
N ASN N 496 31.85 3.69 -36.73
CA ASN N 496 33.18 4.14 -36.22
C ASN N 496 34.29 3.22 -36.75
N GLY N 497 33.97 2.39 -37.74
CA GLY N 497 34.93 1.49 -38.39
C GLY N 497 35.18 0.21 -37.60
N CYS N 498 36.17 -0.58 -38.06
CA CYS N 498 36.35 -1.98 -37.64
C CYS N 498 37.82 -2.21 -37.35
N PRO N 499 38.20 -2.42 -36.08
CA PRO N 499 37.30 -2.29 -34.94
C PRO N 499 37.16 -0.80 -34.64
N PRO N 500 36.13 -0.37 -33.89
CA PRO N 500 36.01 1.04 -33.52
C PRO N 500 37.11 1.41 -32.53
N PRO N 501 37.48 2.71 -32.43
CA PRO N 501 38.50 3.15 -31.47
C PRO N 501 38.10 2.82 -30.02
N TYR N 502 39.10 2.66 -29.15
CA TYR N 502 38.92 2.38 -27.70
C TYR N 502 37.79 3.27 -27.13
N HIS N 503 37.90 4.57 -27.36
CA HIS N 503 36.84 5.54 -27.02
C HIS N 503 36.03 5.88 -28.28
N THR N 504 34.74 5.68 -28.27
CA THR N 504 33.81 6.13 -29.35
C THR N 504 32.77 7.09 -28.75
N PHE N 505 32.24 7.96 -29.61
CA PHE N 505 31.17 8.95 -29.26
C PHE N 505 31.71 9.88 -28.15
N GLU N 506 33.02 10.22 -28.18
CA GLU N 506 33.55 11.28 -27.28
C GLU N 506 32.78 12.58 -27.56
N GLU N 507 32.60 12.83 -28.83
CA GLU N 507 31.60 13.80 -29.32
C GLU N 507 30.36 12.98 -29.64
N PRO N 508 29.25 13.21 -28.94
CA PRO N 508 28.05 12.43 -29.17
C PRO N 508 27.44 12.76 -30.54
N THR N 509 26.53 11.89 -30.96
CA THR N 509 25.75 12.09 -32.19
C THR N 509 24.91 13.36 -32.05
N TYR N 510 24.57 13.94 -33.18
CA TYR N 510 23.63 15.07 -33.29
C TYR N 510 22.31 14.49 -33.80
N VAL N 511 21.28 14.62 -32.95
CA VAL N 511 19.90 14.19 -33.30
C VAL N 511 18.96 15.31 -32.91
N ASN N 512 18.26 15.91 -33.88
CA ASN N 512 17.36 17.03 -33.53
C ASN N 512 15.92 16.50 -33.36
N LEU N 513 15.04 17.35 -32.81
CA LEU N 513 13.58 17.06 -32.74
C LEU N 513 12.84 17.83 -33.83
N ALA O 2 7.82 -50.31 -24.22
CA ALA O 2 8.24 -49.87 -25.54
C ALA O 2 8.82 -51.04 -26.34
N TYR O 3 8.84 -50.91 -27.66
CA TYR O 3 9.43 -51.93 -28.59
C TYR O 3 10.45 -51.21 -29.48
N PRO O 4 11.37 -51.97 -30.11
CA PRO O 4 12.39 -51.38 -30.97
C PRO O 4 11.78 -50.55 -32.11
N MET O 5 12.42 -49.41 -32.37
CA MET O 5 12.14 -48.46 -33.48
C MET O 5 10.80 -47.78 -33.27
N GLN O 6 10.31 -47.73 -32.05
CA GLN O 6 9.00 -47.10 -31.77
C GLN O 6 9.10 -45.58 -31.97
N LEU O 7 8.09 -44.99 -32.63
CA LEU O 7 8.03 -43.55 -32.93
C LEU O 7 7.15 -42.80 -31.92
N GLY O 8 6.03 -43.44 -31.51
CA GLY O 8 5.00 -42.76 -30.70
C GLY O 8 4.78 -43.37 -29.34
N PHE O 9 3.59 -43.17 -28.79
CA PHE O 9 3.24 -43.67 -27.45
C PHE O 9 3.08 -45.18 -27.47
N GLN O 10 3.39 -45.80 -26.34
CA GLN O 10 2.95 -47.19 -26.02
C GLN O 10 1.43 -47.30 -26.18
N ASP O 11 0.98 -48.44 -26.69
CA ASP O 11 -0.47 -48.72 -26.85
C ASP O 11 -1.17 -48.40 -25.52
N ALA O 12 -2.32 -47.72 -25.59
CA ALA O 12 -3.10 -47.34 -24.40
C ALA O 12 -3.66 -48.61 -23.76
N THR O 13 -3.50 -48.68 -22.45
CA THR O 13 -4.02 -49.77 -21.61
C THR O 13 -5.22 -49.28 -20.78
N SER O 14 -5.40 -47.97 -20.64
CA SER O 14 -6.45 -47.35 -19.79
C SER O 14 -7.25 -46.40 -20.66
N PRO O 15 -8.55 -46.17 -20.38
CA PRO O 15 -9.37 -45.20 -21.13
C PRO O 15 -8.72 -43.81 -21.17
N ILE O 16 -8.07 -43.35 -20.08
N ILE O 16 -8.11 -43.39 -20.04
CA ILE O 16 -7.47 -41.98 -20.08
CA ILE O 16 -7.39 -42.08 -19.92
C ILE O 16 -6.24 -41.97 -21.00
C ILE O 16 -6.33 -42.04 -21.05
N MET O 17 -5.49 -43.07 -21.13
CA MET O 17 -4.36 -43.08 -22.07
C MET O 17 -4.89 -43.07 -23.50
N GLU O 18 -6.01 -43.76 -23.76
N GLU O 18 -6.02 -43.72 -23.81
CA GLU O 18 -6.69 -43.71 -25.09
CA GLU O 18 -6.57 -43.65 -25.19
C GLU O 18 -6.99 -42.24 -25.42
C GLU O 18 -7.06 -42.22 -25.48
N GLU O 19 -7.66 -41.52 -24.50
CA GLU O 19 -7.99 -40.07 -24.67
C GLU O 19 -6.73 -39.25 -25.00
N LEU O 20 -5.66 -39.50 -24.26
CA LEU O 20 -4.38 -38.79 -24.48
C LEU O 20 -3.85 -39.11 -25.88
N LEU O 21 -3.98 -40.36 -26.35
CA LEU O 21 -3.52 -40.69 -27.72
C LEU O 21 -4.26 -39.83 -28.75
N HIS O 22 -5.59 -39.77 -28.65
N HIS O 22 -5.61 -39.76 -28.71
CA HIS O 22 -6.45 -39.01 -29.60
CA HIS O 22 -6.38 -38.96 -29.72
C HIS O 22 -6.10 -37.52 -29.51
C HIS O 22 -6.06 -37.48 -29.54
N PHE O 23 -5.90 -37.02 -28.29
CA PHE O 23 -5.54 -35.60 -28.03
C PHE O 23 -4.16 -35.32 -28.62
N HIS O 24 -3.17 -36.20 -28.42
CA HIS O 24 -1.84 -36.02 -29.07
C HIS O 24 -1.99 -36.03 -30.60
N ASP O 25 -2.77 -36.93 -31.19
CA ASP O 25 -2.94 -36.95 -32.67
C ASP O 25 -3.46 -35.58 -33.14
N HIS O 26 -4.42 -35.01 -32.43
CA HIS O 26 -5.02 -33.67 -32.72
C HIS O 26 -3.92 -32.61 -32.63
N THR O 27 -3.15 -32.61 -31.53
CA THR O 27 -2.17 -31.53 -31.32
C THR O 27 -1.04 -31.69 -32.33
N LEU O 28 -0.59 -32.91 -32.61
CA LEU O 28 0.57 -33.14 -33.52
C LEU O 28 0.17 -32.69 -34.92
N MET O 29 -1.09 -32.89 -35.33
CA MET O 29 -1.50 -32.40 -36.67
C MET O 29 -1.22 -30.90 -36.74
N ILE O 30 -1.63 -30.15 -35.72
CA ILE O 30 -1.42 -28.68 -35.67
C ILE O 30 0.08 -28.36 -35.68
N VAL O 31 0.86 -29.03 -34.84
CA VAL O 31 2.34 -28.82 -34.81
C VAL O 31 2.92 -28.99 -36.23
N PHE O 32 2.54 -30.08 -36.91
N PHE O 32 2.54 -30.04 -36.96
CA PHE O 32 3.08 -30.41 -38.26
CA PHE O 32 3.17 -30.34 -38.28
C PHE O 32 2.74 -29.23 -39.18
C PHE O 32 2.72 -29.30 -39.30
N LEU O 33 1.47 -28.86 -39.20
CA LEU O 33 0.90 -27.84 -40.11
C LEU O 33 1.65 -26.51 -39.90
N ILE O 34 1.82 -26.09 -38.65
CA ILE O 34 2.46 -24.77 -38.34
C ILE O 34 3.94 -24.84 -38.70
N SER O 35 4.64 -25.90 -38.27
CA SER O 35 6.05 -26.19 -38.65
C SER O 35 6.22 -26.07 -40.18
N SER O 36 5.30 -26.70 -40.91
CA SER O 36 5.35 -26.84 -42.39
C SER O 36 5.07 -25.48 -43.02
N LEU O 37 4.08 -24.76 -42.49
CA LEU O 37 3.76 -23.42 -43.02
C LEU O 37 4.97 -22.49 -42.82
N VAL O 38 5.63 -22.54 -41.67
CA VAL O 38 6.76 -21.61 -41.44
C VAL O 38 7.91 -21.98 -42.39
N LEU O 39 8.21 -23.26 -42.57
CA LEU O 39 9.26 -23.69 -43.53
C LEU O 39 8.86 -23.25 -44.94
N TYR O 40 7.59 -23.47 -45.32
CA TYR O 40 7.12 -23.14 -46.68
C TYR O 40 7.30 -21.63 -46.89
N ILE O 41 6.85 -20.84 -45.93
CA ILE O 41 6.86 -19.36 -46.08
C ILE O 41 8.30 -18.88 -46.15
N ILE O 42 9.19 -19.45 -45.34
CA ILE O 42 10.64 -19.11 -45.50
C ILE O 42 11.01 -19.36 -46.96
N SER O 43 10.69 -20.52 -47.51
CA SER O 43 11.15 -20.83 -48.88
C SER O 43 10.48 -19.86 -49.87
N LEU O 44 9.22 -19.48 -49.65
CA LEU O 44 8.51 -18.50 -50.51
C LEU O 44 9.17 -17.11 -50.44
N MET O 45 9.59 -16.65 -49.27
CA MET O 45 10.22 -15.31 -49.14
C MET O 45 11.58 -15.28 -49.87
N LEU O 46 12.23 -16.45 -50.01
CA LEU O 46 13.64 -16.51 -50.42
C LEU O 46 13.76 -16.84 -51.91
N THR O 47 12.64 -17.06 -52.61
CA THR O 47 12.70 -17.61 -53.99
C THR O 47 12.16 -16.61 -55.03
N THR O 48 12.26 -15.31 -54.81
CA THR O 48 11.86 -14.35 -55.87
C THR O 48 12.88 -13.21 -55.99
N LYS O 49 13.09 -12.78 -57.24
CA LYS O 49 13.92 -11.59 -57.60
C LYS O 49 13.08 -10.32 -57.38
N LEU O 50 11.77 -10.43 -57.22
CA LEU O 50 10.91 -9.25 -56.99
C LEU O 50 11.25 -8.65 -55.64
N THR O 51 11.25 -7.33 -55.56
CA THR O 51 11.58 -6.62 -54.31
C THR O 51 10.52 -5.58 -53.92
N HIS O 52 10.46 -5.33 -52.63
CA HIS O 52 9.69 -4.27 -51.94
C HIS O 52 10.43 -3.98 -50.63
N THR O 53 11.18 -2.89 -50.59
CA THR O 53 12.14 -2.57 -49.49
C THR O 53 11.72 -1.29 -48.75
N SER O 54 10.66 -0.62 -49.24
CA SER O 54 10.12 0.59 -48.58
C SER O 54 9.36 0.13 -47.34
N THR O 55 9.05 1.06 -46.44
CA THR O 55 8.33 0.76 -45.18
C THR O 55 7.03 0.02 -45.51
N MET O 56 6.73 -1.07 -44.83
CA MET O 56 5.45 -1.79 -44.98
C MET O 56 4.54 -1.50 -43.76
N ASP O 57 3.25 -1.30 -44.00
CA ASP O 57 2.24 -1.15 -42.90
C ASP O 57 1.90 -2.52 -42.30
N ALA O 58 1.98 -2.64 -40.96
CA ALA O 58 1.90 -3.93 -40.24
C ALA O 58 0.51 -4.19 -39.65
N GLN O 59 -0.39 -3.21 -39.62
CA GLN O 59 -1.57 -3.22 -38.69
C GLN O 59 -2.58 -4.30 -39.10
N GLU O 60 -2.91 -4.33 -40.37
CA GLU O 60 -3.90 -5.31 -40.93
C GLU O 60 -3.37 -6.74 -40.68
N VAL O 61 -2.10 -7.03 -41.04
CA VAL O 61 -1.62 -8.43 -40.98
C VAL O 61 -1.51 -8.84 -39.52
N GLU O 62 -1.26 -7.91 -38.59
CA GLU O 62 -1.06 -8.39 -37.19
C GLU O 62 -2.40 -8.84 -36.57
N THR O 63 -3.55 -8.38 -37.08
CA THR O 63 -4.86 -8.94 -36.65
C THR O 63 -4.89 -10.46 -36.97
N ILE O 64 -4.52 -10.84 -38.19
CA ILE O 64 -4.51 -12.26 -38.63
C ILE O 64 -3.54 -13.03 -37.73
N TRP O 65 -2.34 -12.49 -37.51
CA TRP O 65 -1.24 -13.15 -36.77
C TRP O 65 -1.55 -13.33 -35.29
N THR O 66 -2.56 -12.63 -34.75
CA THR O 66 -2.93 -12.77 -33.31
C THR O 66 -4.25 -13.55 -33.23
N ILE O 67 -5.24 -13.25 -34.07
CA ILE O 67 -6.57 -13.92 -34.01
C ILE O 67 -6.45 -15.41 -34.37
N LEU O 68 -5.74 -15.74 -35.45
CA LEU O 68 -5.69 -17.16 -35.92
C LEU O 68 -4.98 -18.00 -34.85
N PRO O 69 -3.77 -17.61 -34.37
CA PRO O 69 -3.14 -18.36 -33.28
C PRO O 69 -4.06 -18.47 -32.04
N ALA O 70 -4.76 -17.40 -31.66
CA ALA O 70 -5.62 -17.44 -30.46
C ALA O 70 -6.69 -18.52 -30.68
N ILE O 71 -7.28 -18.55 -31.88
CA ILE O 71 -8.29 -19.60 -32.19
C ILE O 71 -7.64 -20.99 -32.08
N ILE O 72 -6.45 -21.16 -32.65
CA ILE O 72 -5.78 -22.49 -32.62
C ILE O 72 -5.54 -22.90 -31.16
N LEU O 73 -5.06 -21.98 -30.33
CA LEU O 73 -4.78 -22.31 -28.92
C LEU O 73 -6.06 -22.74 -28.21
N ILE O 74 -7.19 -22.08 -28.46
CA ILE O 74 -8.50 -22.48 -27.84
C ILE O 74 -8.86 -23.90 -28.31
N LEU O 75 -8.63 -24.18 -29.59
CA LEU O 75 -8.96 -25.50 -30.18
C LEU O 75 -8.05 -26.60 -29.59
N ILE O 76 -6.88 -26.25 -29.04
CA ILE O 76 -6.02 -27.22 -28.30
C ILE O 76 -6.52 -27.31 -26.86
N ALA O 77 -6.69 -26.16 -26.22
CA ALA O 77 -7.04 -26.05 -24.79
C ALA O 77 -8.38 -26.74 -24.47
N LEU O 78 -9.41 -26.61 -25.30
CA LEU O 78 -10.76 -27.18 -25.01
C LEU O 78 -10.63 -28.68 -24.73
N PRO O 79 -10.13 -29.52 -25.67
CA PRO O 79 -9.98 -30.95 -25.39
C PRO O 79 -8.95 -31.24 -24.29
N SER O 80 -7.84 -30.46 -24.20
CA SER O 80 -6.81 -30.64 -23.16
C SER O 80 -7.46 -30.64 -21.77
N LEU O 81 -8.28 -29.61 -21.56
CA LEU O 81 -8.88 -29.33 -20.25
C LEU O 81 -10.02 -30.32 -20.00
N ARG O 82 -10.74 -30.76 -21.02
CA ARG O 82 -11.78 -31.80 -20.84
C ARG O 82 -11.10 -33.03 -20.26
N ILE O 83 -9.93 -33.40 -20.78
CA ILE O 83 -9.23 -34.63 -20.32
C ILE O 83 -8.71 -34.39 -18.91
N LEU O 84 -8.19 -33.20 -18.65
CA LEU O 84 -7.65 -32.85 -17.31
C LEU O 84 -8.73 -33.10 -16.25
N TYR O 85 -9.95 -32.64 -16.52
CA TYR O 85 -11.07 -32.73 -15.54
C TYR O 85 -11.58 -34.17 -15.49
N MET O 86 -11.58 -34.93 -16.60
CA MET O 86 -11.95 -36.36 -16.57
C MET O 86 -11.05 -37.15 -15.62
N MET O 87 -9.74 -36.86 -15.60
N MET O 87 -9.73 -36.98 -15.78
CA MET O 87 -8.72 -37.59 -14.77
CA MET O 87 -8.69 -37.47 -14.84
C MET O 87 -8.79 -37.15 -13.30
C MET O 87 -9.27 -37.28 -13.43
N ASP O 88 -9.46 -36.02 -13.03
CA ASP O 88 -9.76 -35.60 -11.64
C ASP O 88 -11.12 -36.10 -11.18
N GLU O 89 -12.09 -36.33 -12.09
CA GLU O 89 -13.50 -36.73 -11.77
C GLU O 89 -13.56 -37.76 -10.63
N ILE O 90 -14.42 -37.50 -9.63
CA ILE O 90 -14.76 -38.40 -8.48
C ILE O 90 -14.96 -39.81 -9.03
N ASN O 91 -14.13 -40.73 -8.53
CA ASN O 91 -14.20 -42.17 -8.81
C ASN O 91 -14.45 -42.81 -7.44
N ASN O 92 -15.24 -43.87 -7.42
CA ASN O 92 -15.38 -44.73 -6.22
C ASN O 92 -14.41 -45.88 -6.47
N PRO O 93 -13.15 -45.82 -5.96
CA PRO O 93 -12.24 -46.95 -6.11
C PRO O 93 -12.75 -48.13 -5.26
N SER O 94 -12.42 -49.36 -5.64
CA SER O 94 -12.73 -50.61 -4.91
C SER O 94 -11.51 -51.08 -4.09
N LEU O 95 -10.35 -50.49 -4.34
CA LEU O 95 -9.04 -50.91 -3.76
C LEU O 95 -8.13 -49.70 -3.60
N THR O 96 -7.40 -49.60 -2.49
CA THR O 96 -6.31 -48.64 -2.30
C THR O 96 -5.01 -49.41 -2.11
N VAL O 97 -3.98 -49.00 -2.85
CA VAL O 97 -2.60 -49.53 -2.73
C VAL O 97 -1.68 -48.31 -2.55
N LYS O 98 -0.74 -48.41 -1.61
CA LYS O 98 0.34 -47.42 -1.43
C LYS O 98 1.62 -47.96 -2.08
N THR O 99 2.41 -47.04 -2.61
CA THR O 99 3.81 -47.28 -3.01
C THR O 99 4.68 -46.23 -2.34
N MET O 100 5.78 -46.68 -1.76
CA MET O 100 6.81 -45.81 -1.18
C MET O 100 8.06 -45.98 -2.04
N GLY O 101 8.57 -44.86 -2.53
CA GLY O 101 9.89 -44.78 -3.15
C GLY O 101 11.00 -44.92 -2.11
N HIS O 102 12.10 -45.57 -2.50
CA HIS O 102 13.37 -45.68 -1.76
C HIS O 102 14.52 -45.61 -2.75
N GLN O 103 15.69 -45.26 -2.25
CA GLN O 103 16.98 -45.47 -2.95
C GLN O 103 17.39 -46.93 -2.79
N TRP O 104 17.23 -47.80 -3.81
CA TRP O 104 16.66 -47.61 -5.12
C TRP O 104 15.75 -48.82 -5.42
N TYR O 105 14.50 -48.72 -4.97
CA TYR O 105 13.47 -49.78 -5.10
C TYR O 105 12.13 -49.21 -4.66
N TRP O 106 11.06 -49.90 -4.97
CA TRP O 106 9.69 -49.50 -4.56
C TRP O 106 9.19 -50.51 -3.51
N SER O 107 8.48 -50.03 -2.51
CA SER O 107 7.68 -50.91 -1.65
C SER O 107 6.19 -50.64 -1.91
N TYR O 108 5.37 -51.67 -1.70
CA TYR O 108 3.92 -51.66 -1.91
C TYR O 108 3.23 -52.11 -0.62
N GLU O 109 2.11 -51.43 -0.31
CA GLU O 109 1.32 -51.69 0.90
C GLU O 109 -0.12 -51.89 0.47
N TYR O 110 -0.73 -53.02 0.83
CA TYR O 110 -2.16 -53.29 0.57
C TYR O 110 -2.80 -53.43 1.94
N THR O 111 -3.32 -52.34 2.51
CA THR O 111 -3.76 -52.33 3.94
C THR O 111 -5.26 -52.04 4.05
N ASP O 112 -6.05 -52.25 2.98
CA ASP O 112 -7.53 -52.15 3.09
C ASP O 112 -8.05 -53.16 4.12
N TYR O 113 -7.54 -54.39 4.17
CA TYR O 113 -8.08 -55.47 5.06
C TYR O 113 -6.95 -56.09 5.87
N GLU O 114 -5.98 -56.69 5.19
CA GLU O 114 -4.79 -57.32 5.79
C GLU O 114 -3.69 -56.26 5.83
N ASP O 115 -2.61 -56.49 6.57
CA ASP O 115 -1.42 -55.63 6.45
C ASP O 115 -0.47 -56.38 5.50
N LEU O 116 -0.68 -56.25 4.20
CA LEU O 116 0.25 -56.87 3.22
C LEU O 116 1.24 -55.82 2.74
N SER O 117 2.54 -56.13 2.75
CA SER O 117 3.51 -55.20 2.15
C SER O 117 4.73 -55.98 1.68
N PHE O 118 5.48 -55.45 0.70
CA PHE O 118 6.65 -56.14 0.12
C PHE O 118 7.46 -55.12 -0.65
N ASP O 119 8.71 -55.48 -0.87
CA ASP O 119 9.69 -54.66 -1.61
C ASP O 119 9.76 -55.19 -3.04
N SER O 120 10.13 -54.32 -3.99
CA SER O 120 10.11 -54.59 -5.44
C SER O 120 11.41 -54.05 -6.04
N TYR O 121 12.32 -54.96 -6.35
CA TYR O 121 13.71 -54.65 -6.79
C TYR O 121 13.89 -55.11 -8.23
N MET O 122 14.64 -54.30 -8.96
CA MET O 122 15.10 -54.62 -10.32
C MET O 122 15.78 -55.99 -10.30
N ILE O 123 15.48 -56.84 -11.26
CA ILE O 123 16.29 -58.07 -11.47
C ILE O 123 17.57 -57.64 -12.18
N PRO O 124 18.77 -57.85 -11.57
CA PRO O 124 20.04 -57.59 -12.24
C PRO O 124 20.18 -58.37 -13.54
N THR O 125 20.92 -57.81 -14.49
CA THR O 125 21.07 -58.37 -15.85
C THR O 125 21.62 -59.81 -15.76
N SER O 126 22.56 -60.02 -14.84
CA SER O 126 23.23 -61.31 -14.61
C SER O 126 22.24 -62.39 -14.09
N GLU O 127 21.07 -62.02 -13.54
CA GLU O 127 20.07 -62.95 -12.96
C GLU O 127 18.81 -63.04 -13.84
N LEU O 128 18.72 -62.32 -14.95
CA LEU O 128 17.49 -62.38 -15.78
C LEU O 128 17.32 -63.80 -16.28
N LYS O 129 16.09 -64.30 -16.24
CA LYS O 129 15.71 -65.59 -16.86
C LYS O 129 15.57 -65.38 -18.36
N PRO O 130 15.84 -66.41 -19.17
CA PRO O 130 15.78 -66.27 -20.63
C PRO O 130 14.49 -65.61 -21.14
N GLY O 131 14.63 -64.62 -22.03
CA GLY O 131 13.50 -63.85 -22.57
C GLY O 131 13.05 -62.70 -21.69
N GLU O 132 13.61 -62.51 -20.49
CA GLU O 132 13.24 -61.41 -19.57
C GLU O 132 13.96 -60.13 -20.00
N LEU O 133 13.40 -58.98 -19.62
CA LEU O 133 13.79 -57.66 -20.16
C LEU O 133 14.79 -56.95 -19.25
N ARG O 134 15.95 -56.63 -19.83
CA ARG O 134 17.02 -55.86 -19.14
C ARG O 134 16.44 -54.53 -18.59
N LEU O 135 16.68 -54.29 -17.31
CA LEU O 135 16.41 -53.03 -16.57
C LEU O 135 14.92 -52.88 -16.24
N LEU O 136 14.03 -53.80 -16.65
CA LEU O 136 12.56 -53.65 -16.50
C LEU O 136 11.95 -54.66 -15.51
N GLU O 137 12.50 -55.87 -15.37
CA GLU O 137 11.91 -56.90 -14.49
C GLU O 137 12.18 -56.57 -13.02
N VAL O 138 11.23 -56.95 -12.16
CA VAL O 138 11.36 -56.84 -10.69
C VAL O 138 11.08 -58.23 -10.11
N ASP O 139 11.53 -58.47 -8.88
CA ASP O 139 11.32 -59.75 -8.15
C ASP O 139 9.84 -59.88 -7.78
N ASN O 140 9.21 -58.81 -7.27
CA ASN O 140 7.81 -58.83 -6.78
C ASN O 140 6.99 -57.78 -7.54
N ARG O 141 6.09 -58.25 -8.41
CA ARG O 141 5.25 -57.36 -9.24
C ARG O 141 4.09 -56.81 -8.41
N VAL O 142 3.52 -55.69 -8.88
CA VAL O 142 2.32 -55.09 -8.25
C VAL O 142 1.09 -55.82 -8.82
N VAL O 143 0.60 -56.83 -8.10
CA VAL O 143 -0.59 -57.61 -8.52
C VAL O 143 -1.85 -56.76 -8.28
N LEU O 144 -2.66 -56.57 -9.34
CA LEU O 144 -3.84 -55.69 -9.32
C LEU O 144 -4.96 -56.36 -10.11
N PRO O 145 -6.22 -56.11 -9.70
CA PRO O 145 -7.36 -56.54 -10.48
C PRO O 145 -7.58 -55.64 -11.72
N MET O 146 -7.79 -56.30 -12.85
CA MET O 146 -8.17 -55.62 -14.10
C MET O 146 -9.63 -55.13 -14.03
N GLU O 147 -9.95 -54.16 -14.90
CA GLU O 147 -11.30 -53.63 -15.14
C GLU O 147 -11.86 -53.08 -13.82
N MET O 148 -11.02 -52.58 -12.94
CA MET O 148 -11.48 -51.98 -11.67
C MET O 148 -10.73 -50.69 -11.39
N THR O 149 -11.45 -49.72 -10.84
CA THR O 149 -10.89 -48.41 -10.44
C THR O 149 -10.06 -48.64 -9.18
N ILE O 150 -8.76 -48.35 -9.26
CA ILE O 150 -7.84 -48.52 -8.12
C ILE O 150 -7.30 -47.15 -7.76
N ARG O 151 -7.26 -46.87 -6.47
CA ARG O 151 -6.56 -45.69 -5.91
C ARG O 151 -5.12 -46.06 -5.59
N MET O 152 -4.14 -45.44 -6.24
CA MET O 152 -2.71 -45.55 -5.87
C MET O 152 -2.36 -44.31 -5.07
N LEU O 153 -1.74 -44.51 -3.92
CA LEU O 153 -1.14 -43.42 -3.12
C LEU O 153 0.38 -43.58 -3.19
N VAL O 154 1.09 -42.49 -3.44
CA VAL O 154 2.54 -42.48 -3.72
C VAL O 154 3.22 -41.55 -2.70
N SER O 155 4.27 -42.06 -2.05
CA SER O 155 5.15 -41.25 -1.18
C SER O 155 6.56 -41.83 -1.27
N SER O 156 7.47 -41.24 -0.48
CA SER O 156 8.88 -41.66 -0.42
C SER O 156 9.32 -41.73 1.04
N GLU O 157 10.24 -42.62 1.35
CA GLU O 157 10.90 -42.65 2.68
C GLU O 157 12.27 -42.02 2.58
N ASP O 158 12.68 -41.44 1.45
CA ASP O 158 14.00 -40.74 1.42
C ASP O 158 13.92 -39.52 0.50
N VAL O 159 14.45 -39.60 -0.72
CA VAL O 159 14.52 -38.43 -1.63
C VAL O 159 13.28 -38.46 -2.55
N LEU O 160 13.20 -37.54 -3.50
CA LEU O 160 12.08 -37.55 -4.47
C LEU O 160 12.27 -38.77 -5.36
N HIS O 161 11.18 -39.44 -5.67
CA HIS O 161 11.10 -40.40 -6.79
C HIS O 161 9.86 -40.02 -7.62
N SER O 162 9.55 -40.77 -8.66
CA SER O 162 8.29 -40.57 -9.39
C SER O 162 7.84 -41.91 -9.96
N TRP O 163 6.59 -42.26 -9.65
CA TRP O 163 5.98 -43.57 -9.98
C TRP O 163 5.26 -43.43 -11.33
N ALA O 164 5.79 -44.07 -12.38
CA ALA O 164 5.30 -43.88 -13.75
C ALA O 164 4.93 -45.23 -14.38
N VAL O 165 3.83 -45.26 -15.14
CA VAL O 165 3.44 -46.38 -16.02
C VAL O 165 2.86 -45.78 -17.30
N PRO O 166 3.70 -45.56 -18.32
CA PRO O 166 3.29 -44.86 -19.54
C PRO O 166 2.05 -45.46 -20.20
N SER O 167 1.95 -46.79 -20.27
CA SER O 167 0.83 -47.40 -21.00
C SER O 167 -0.49 -47.15 -20.26
N LEU O 168 -0.45 -46.79 -18.98
CA LEU O 168 -1.70 -46.38 -18.24
C LEU O 168 -1.83 -44.86 -18.15
N GLY O 169 -0.93 -44.07 -18.73
CA GLY O 169 -1.00 -42.60 -18.62
C GLY O 169 -0.65 -42.11 -17.23
N LEU O 170 0.17 -42.82 -16.47
CA LEU O 170 0.41 -42.48 -15.05
C LEU O 170 1.82 -41.95 -14.82
N LYS O 171 1.91 -40.90 -14.00
CA LYS O 171 3.18 -40.36 -13.47
C LYS O 171 2.85 -39.47 -12.28
N THR O 172 3.20 -39.92 -11.10
CA THR O 172 2.92 -39.22 -9.83
C THR O 172 4.22 -39.18 -9.01
N ASP O 173 4.68 -37.99 -8.70
CA ASP O 173 5.89 -37.80 -7.89
C ASP O 173 5.65 -38.36 -6.48
N ALA O 174 6.73 -38.95 -5.97
CA ALA O 174 6.86 -39.60 -4.67
C ALA O 174 7.71 -38.67 -3.79
N ILE O 175 7.03 -37.99 -2.87
CA ILE O 175 7.64 -36.88 -2.09
C ILE O 175 7.51 -37.24 -0.62
N PRO O 176 8.64 -37.25 0.13
CA PRO O 176 8.58 -37.59 1.55
C PRO O 176 7.70 -36.58 2.29
N GLY O 177 6.83 -37.11 3.14
CA GLY O 177 5.92 -36.29 3.97
C GLY O 177 4.65 -35.90 3.25
N ARG O 178 4.45 -36.42 2.04
CA ARG O 178 3.28 -36.11 1.20
C ARG O 178 2.70 -37.42 0.64
N LEU O 179 1.40 -37.49 0.58
CA LEU O 179 0.69 -38.68 0.07
C LEU O 179 -0.04 -38.22 -1.19
N ASN O 180 0.51 -38.53 -2.38
CA ASN O 180 -0.08 -38.11 -3.66
C ASN O 180 -0.97 -39.23 -4.19
N GLN O 181 -2.14 -38.87 -4.68
CA GLN O 181 -3.16 -39.85 -5.16
C GLN O 181 -3.24 -39.82 -6.69
N THR O 182 -3.36 -40.99 -7.30
CA THR O 182 -3.76 -41.14 -8.72
C THR O 182 -4.72 -42.33 -8.82
N THR O 183 -5.46 -42.42 -9.92
CA THR O 183 -6.39 -43.51 -10.25
C THR O 183 -5.79 -44.35 -11.36
N LEU O 184 -5.95 -45.64 -11.25
CA LEU O 184 -5.44 -46.69 -12.15
C LEU O 184 -6.66 -47.53 -12.56
N MET O 185 -6.86 -47.76 -13.85
CA MET O 185 -7.94 -48.65 -14.37
C MET O 185 -7.35 -49.32 -15.61
N SER O 186 -7.09 -50.62 -15.59
CA SER O 186 -6.60 -51.36 -16.80
C SER O 186 -7.77 -52.04 -17.51
N SER O 187 -7.89 -51.79 -18.82
CA SER O 187 -8.91 -52.43 -19.71
C SER O 187 -8.51 -53.88 -19.99
N ARG O 188 -7.30 -54.27 -19.61
CA ARG O 188 -6.71 -55.56 -20.05
C ARG O 188 -5.89 -56.20 -18.92
N PRO O 189 -5.82 -57.54 -18.92
CA PRO O 189 -4.81 -58.25 -18.16
C PRO O 189 -3.44 -58.01 -18.81
N GLY O 190 -2.39 -58.35 -18.06
CA GLY O 190 -1.04 -58.37 -18.62
C GLY O 190 -0.04 -57.81 -17.66
N LEU O 191 1.15 -57.51 -18.19
CA LEU O 191 2.30 -56.91 -17.46
C LEU O 191 2.49 -55.51 -18.03
N TYR O 192 2.49 -54.49 -17.16
CA TYR O 192 2.66 -53.10 -17.61
C TYR O 192 3.82 -52.49 -16.82
N TYR O 193 4.75 -51.91 -17.56
CA TYR O 193 6.10 -51.55 -17.08
C TYR O 193 6.20 -50.03 -17.05
N GLY O 194 6.97 -49.56 -16.09
CA GLY O 194 7.37 -48.15 -15.98
C GLY O 194 8.66 -48.03 -15.22
N GLN O 195 9.18 -46.81 -15.15
CA GLN O 195 10.52 -46.54 -14.56
C GLN O 195 10.49 -45.25 -13.70
N CYS O 196 11.36 -45.19 -12.69
CA CYS O 196 11.43 -44.05 -11.75
C CYS O 196 11.70 -42.78 -12.54
N SER O 197 10.88 -41.76 -12.31
CA SER O 197 10.80 -40.58 -13.20
C SER O 197 11.10 -39.27 -12.44
N GLU O 198 11.87 -39.37 -11.36
CA GLU O 198 12.54 -38.20 -10.72
C GLU O 198 13.92 -38.66 -10.20
N ILE O 199 14.87 -37.83 -10.68
CA ILE O 199 16.30 -38.12 -10.44
C ILE O 199 16.48 -38.24 -8.93
N CYS O 200 16.96 -39.39 -8.49
CA CYS O 200 17.01 -39.84 -7.07
C CYS O 200 18.41 -40.37 -6.70
N GLY O 201 19.41 -40.10 -7.55
CA GLY O 201 20.83 -40.42 -7.29
C GLY O 201 21.35 -41.51 -8.22
N SER O 202 22.34 -42.23 -7.77
CA SER O 202 23.16 -43.10 -8.64
C SER O 202 22.30 -44.19 -9.33
N ASN O 203 21.24 -44.72 -8.71
CA ASN O 203 20.52 -45.86 -9.32
C ASN O 203 19.11 -45.47 -9.77
N HIS O 204 18.90 -44.19 -10.13
CA HIS O 204 17.66 -43.65 -10.72
C HIS O 204 17.24 -44.49 -11.94
N SER O 205 18.20 -44.94 -12.75
CA SER O 205 17.93 -45.72 -14.01
C SER O 205 17.43 -47.14 -13.67
N PHE O 206 17.51 -47.58 -12.41
CA PHE O 206 17.49 -49.01 -12.05
C PHE O 206 16.48 -49.31 -10.95
N MET O 207 15.33 -48.64 -10.97
CA MET O 207 14.27 -48.99 -10.01
C MET O 207 12.90 -48.96 -10.67
N PRO O 208 12.62 -49.99 -11.51
CA PRO O 208 11.40 -50.02 -12.30
C PRO O 208 10.16 -50.49 -11.52
N ILE O 209 9.05 -50.35 -12.20
CA ILE O 209 7.67 -50.61 -11.74
C ILE O 209 7.12 -51.68 -12.70
N VAL O 210 6.56 -52.77 -12.15
CA VAL O 210 5.86 -53.77 -13.00
C VAL O 210 4.50 -54.05 -12.38
N LEU O 211 3.41 -53.76 -13.13
CA LEU O 211 2.04 -54.09 -12.71
C LEU O 211 1.70 -55.42 -13.36
N GLU O 212 1.06 -56.28 -12.59
CA GLU O 212 0.54 -57.57 -13.06
C GLU O 212 -0.98 -57.53 -12.89
N LEU O 213 -1.70 -57.40 -14.01
CA LEU O 213 -3.16 -57.19 -14.06
C LEU O 213 -3.82 -58.53 -14.36
N VAL O 214 -4.70 -58.95 -13.46
CA VAL O 214 -5.32 -60.30 -13.45
C VAL O 214 -6.79 -60.14 -13.08
N PRO O 215 -7.67 -61.11 -13.43
CA PRO O 215 -9.08 -61.02 -13.08
C PRO O 215 -9.25 -60.93 -11.54
N LEU O 216 -10.31 -60.28 -11.09
CA LEU O 216 -10.59 -60.09 -9.64
C LEU O 216 -10.44 -61.43 -8.87
N LYS O 217 -11.07 -62.50 -9.35
CA LYS O 217 -11.03 -63.83 -8.69
C LYS O 217 -9.55 -64.19 -8.43
N TYR O 218 -8.65 -63.95 -9.38
CA TYR O 218 -7.22 -64.32 -9.23
C TYR O 218 -6.51 -63.35 -8.28
N PHE O 219 -6.89 -62.08 -8.33
CA PHE O 219 -6.37 -61.07 -7.37
C PHE O 219 -6.74 -61.48 -5.94
N GLU O 220 -8.01 -61.88 -5.71
CA GLU O 220 -8.49 -62.35 -4.38
C GLU O 220 -7.74 -63.61 -3.95
N LYS O 221 -7.47 -64.56 -4.86
CA LYS O 221 -6.72 -65.80 -4.48
C LYS O 221 -5.31 -65.36 -4.09
N TRP O 222 -4.75 -64.42 -4.82
CA TRP O 222 -3.35 -63.98 -4.54
C TRP O 222 -3.30 -63.30 -3.17
N SER O 223 -4.26 -62.42 -2.85
CA SER O 223 -4.36 -61.72 -1.53
C SER O 223 -4.50 -62.76 -0.42
N ALA O 224 -5.41 -63.72 -0.59
CA ALA O 224 -5.63 -64.84 0.38
C ALA O 224 -4.34 -65.62 0.63
N SER O 225 -3.56 -65.90 -0.44
CA SER O 225 -2.32 -66.73 -0.40
C SER O 225 -1.22 -66.00 0.39
N MET O 226 -1.46 -64.76 0.76
CA MET O 226 -0.42 -63.84 1.29
C MET O 226 -0.49 -63.83 2.82
N LEU O 227 -1.49 -64.53 3.37
CA LEU O 227 -1.86 -64.55 4.82
C LEU O 227 -0.90 -65.47 5.58
N GLN P 4 36.07 15.14 -24.34
CA GLN P 4 34.61 14.69 -24.48
C GLN P 4 33.69 15.92 -24.58
N THR P 5 32.60 15.83 -25.32
CA THR P 5 31.54 16.86 -25.27
C THR P 5 30.20 16.20 -24.89
N HIS P 6 30.26 15.11 -24.13
CA HIS P 6 29.11 14.54 -23.38
C HIS P 6 29.36 14.78 -21.88
N ALA P 7 28.33 14.53 -21.06
CA ALA P 7 28.34 14.80 -19.61
C ALA P 7 28.62 13.51 -18.81
N TYR P 8 29.01 12.39 -19.43
CA TYR P 8 29.14 11.08 -18.73
C TYR P 8 30.57 10.89 -18.23
N HIS P 9 30.71 9.96 -17.29
CA HIS P 9 31.95 9.73 -16.50
C HIS P 9 32.70 8.52 -17.09
N MET P 10 33.84 8.80 -17.72
CA MET P 10 34.84 7.78 -18.11
C MET P 10 35.76 7.52 -16.90
N VAL P 11 35.61 6.34 -16.30
CA VAL P 11 36.22 5.99 -15.00
C VAL P 11 37.66 5.51 -15.22
N ASN P 12 38.58 5.95 -14.37
CA ASN P 12 39.98 5.49 -14.45
C ASN P 12 39.99 3.97 -14.27
N PRO P 13 40.84 3.29 -15.05
CA PRO P 13 41.09 1.87 -14.84
C PRO P 13 41.32 1.63 -13.33
N SER P 14 40.66 0.60 -12.80
CA SER P 14 40.47 0.34 -11.36
C SER P 14 40.71 -1.14 -11.02
N PRO P 15 41.47 -1.42 -9.93
CA PRO P 15 41.66 -2.77 -9.42
C PRO P 15 40.52 -3.35 -8.56
N TRP P 16 39.58 -2.50 -8.15
CA TRP P 16 38.58 -2.90 -7.13
C TRP P 16 37.59 -3.92 -7.69
N PRO P 17 37.14 -3.88 -8.97
CA PRO P 17 36.30 -4.97 -9.48
C PRO P 17 36.97 -6.34 -9.28
N LEU P 18 38.27 -6.45 -9.60
CA LEU P 18 39.03 -7.71 -9.46
C LEU P 18 39.18 -8.05 -7.98
N THR P 19 39.49 -7.09 -7.11
CA THR P 19 39.66 -7.41 -5.67
C THR P 19 38.30 -7.80 -5.10
N GLY P 20 37.24 -7.21 -5.61
CA GLY P 20 35.86 -7.55 -5.16
C GLY P 20 35.51 -8.97 -5.57
N ALA P 21 35.78 -9.31 -6.82
CA ALA P 21 35.47 -10.64 -7.37
C ALA P 21 36.29 -11.68 -6.59
N LEU P 22 37.55 -11.40 -6.34
CA LEU P 22 38.37 -12.36 -5.58
C LEU P 22 37.87 -12.47 -4.12
N SER P 23 37.42 -11.35 -3.52
N SER P 23 37.44 -11.36 -3.52
CA SER P 23 36.84 -11.35 -2.16
CA SER P 23 36.85 -11.36 -2.16
C SER P 23 35.62 -12.29 -2.14
C SER P 23 35.64 -12.32 -2.16
N ALA P 24 34.80 -12.26 -3.20
CA ALA P 24 33.63 -13.16 -3.29
C ALA P 24 34.11 -14.64 -3.30
N LEU P 25 35.17 -14.93 -4.06
CA LEU P 25 35.72 -16.31 -4.12
C LEU P 25 36.24 -16.71 -2.74
N LEU P 26 36.93 -15.80 -2.06
CA LEU P 26 37.53 -16.11 -0.74
C LEU P 26 36.40 -16.29 0.29
N MET P 27 35.35 -15.49 0.22
CA MET P 27 34.24 -15.61 1.23
C MET P 27 33.50 -16.92 1.02
N THR P 28 33.23 -17.30 -0.22
CA THR P 28 32.42 -18.51 -0.51
C THR P 28 33.25 -19.77 -0.26
N SER P 29 34.45 -19.83 -0.82
CA SER P 29 35.40 -20.92 -0.53
C SER P 29 35.65 -20.96 0.99
N GLY P 30 35.70 -19.78 1.64
CA GLY P 30 35.90 -19.71 3.09
C GLY P 30 34.71 -20.31 3.85
N LEU P 31 33.48 -20.00 3.43
CA LEU P 31 32.29 -20.60 4.06
C LEU P 31 32.36 -22.13 3.91
N THR P 32 32.74 -22.61 2.72
CA THR P 32 32.82 -24.06 2.44
C THR P 32 33.81 -24.67 3.44
N MET P 33 34.98 -24.02 3.58
N MET P 33 35.00 -24.07 3.55
CA MET P 33 36.10 -24.50 4.43
CA MET P 33 36.04 -24.54 4.48
C MET P 33 35.70 -24.43 5.92
C MET P 33 35.44 -24.62 5.89
N TRP P 34 34.77 -23.54 6.28
CA TRP P 34 34.22 -23.43 7.66
C TRP P 34 33.17 -24.52 7.91
N PHE P 35 32.25 -24.71 6.98
CA PHE P 35 31.17 -25.71 7.09
C PHE P 35 31.73 -27.15 7.03
N HIS P 36 32.83 -27.42 6.32
CA HIS P 36 33.21 -28.83 5.97
C HIS P 36 34.62 -29.27 6.42
N PHE P 37 35.51 -28.33 6.60
CA PHE P 37 36.95 -28.60 6.82
C PHE P 37 37.39 -27.84 8.08
N ASN P 38 36.43 -27.53 8.96
CA ASN P 38 36.63 -27.05 10.34
C ASN P 38 37.63 -25.88 10.44
N SER P 39 37.62 -24.92 9.51
CA SER P 39 38.61 -23.81 9.49
C SER P 39 38.00 -22.49 9.00
N MET P 40 38.37 -21.38 9.65
CA MET P 40 37.86 -20.01 9.40
C MET P 40 38.86 -19.14 8.62
N THR P 41 40.04 -19.66 8.32
CA THR P 41 41.11 -18.85 7.68
C THR P 41 40.70 -18.16 6.36
N LEU P 42 40.39 -18.93 5.31
CA LEU P 42 39.97 -18.34 4.02
C LEU P 42 38.84 -17.35 4.27
N LEU P 43 37.87 -17.73 5.08
CA LEU P 43 36.70 -16.84 5.31
C LEU P 43 37.12 -15.50 5.93
N MET P 44 38.05 -15.49 6.88
N MET P 44 38.01 -15.53 6.92
CA MET P 44 38.47 -14.20 7.49
CA MET P 44 38.58 -14.29 7.53
C MET P 44 39.30 -13.40 6.47
C MET P 44 39.21 -13.44 6.41
N ILE P 45 40.03 -14.06 5.56
CA ILE P 45 40.77 -13.33 4.49
C ILE P 45 39.73 -12.70 3.55
N GLY P 46 38.72 -13.45 3.16
CA GLY P 46 37.71 -12.92 2.23
C GLY P 46 36.93 -11.76 2.83
N LEU P 47 36.53 -11.87 4.10
CA LEU P 47 35.82 -10.75 4.78
C LEU P 47 36.74 -9.53 4.82
N THR P 48 38.03 -9.72 5.10
CA THR P 48 38.98 -8.59 5.16
C THR P 48 39.06 -7.94 3.78
N THR P 49 39.27 -8.72 2.74
CA THR P 49 39.47 -8.18 1.38
C THR P 49 38.15 -7.60 0.86
N ASN P 50 37.03 -8.13 1.28
CA ASN P 50 35.72 -7.53 0.92
C ASN P 50 35.60 -6.10 1.51
N MET P 51 35.93 -5.94 2.79
N MET P 51 35.94 -5.93 2.78
CA MET P 51 35.80 -4.63 3.47
CA MET P 51 35.80 -4.62 3.48
C MET P 51 36.81 -3.64 2.85
C MET P 51 36.82 -3.64 2.89
N LEU P 52 38.03 -4.11 2.57
CA LEU P 52 39.08 -3.27 1.92
C LEU P 52 38.57 -2.81 0.56
N THR P 53 37.96 -3.71 -0.18
CA THR P 53 37.45 -3.40 -1.54
C THR P 53 36.34 -2.33 -1.45
N MET P 54 35.35 -2.53 -0.59
N MET P 54 35.34 -2.54 -0.60
CA MET P 54 34.20 -1.59 -0.46
CA MET P 54 34.21 -1.59 -0.45
C MET P 54 34.73 -0.22 0.00
C MET P 54 34.77 -0.23 -0.04
N TYR P 55 35.66 -0.20 0.94
CA TYR P 55 36.22 1.07 1.47
C TYR P 55 36.84 1.84 0.30
N GLN P 56 37.77 1.20 -0.42
CA GLN P 56 38.56 1.91 -1.47
C GLN P 56 37.64 2.27 -2.65
N TRP P 57 36.73 1.40 -3.03
CA TRP P 57 35.82 1.66 -4.19
C TRP P 57 34.95 2.87 -3.89
N TRP P 58 34.30 2.93 -2.74
CA TRP P 58 33.38 4.06 -2.43
C TRP P 58 34.18 5.31 -2.05
N ARG P 59 35.37 5.16 -1.49
CA ARG P 59 36.32 6.29 -1.34
C ARG P 59 36.55 6.92 -2.73
N ASP P 60 36.82 6.09 -3.73
CA ASP P 60 37.16 6.58 -5.08
C ASP P 60 35.93 7.30 -5.63
N VAL P 61 34.74 6.82 -5.30
CA VAL P 61 33.49 7.45 -5.84
C VAL P 61 33.35 8.84 -5.22
N ILE P 62 33.70 8.94 -3.94
CA ILE P 62 33.74 10.26 -3.25
C ILE P 62 34.80 11.15 -3.92
N ARG P 63 35.98 10.60 -4.15
CA ARG P 63 37.05 11.38 -4.84
C ARG P 63 36.54 11.89 -6.21
N GLU P 64 35.89 11.02 -6.97
CA GLU P 64 35.42 11.36 -8.35
C GLU P 64 34.35 12.46 -8.34
N SER P 65 33.55 12.54 -7.30
CA SER P 65 32.34 13.41 -7.26
C SER P 65 32.65 14.68 -6.43
N THR P 66 32.82 14.56 -5.12
CA THR P 66 33.06 15.73 -4.26
C THR P 66 34.37 16.40 -4.70
N PHE P 67 35.43 15.64 -4.98
CA PHE P 67 36.78 16.24 -5.16
C PHE P 67 37.07 16.53 -6.64
N GLN P 68 36.53 15.77 -7.59
CA GLN P 68 36.91 15.90 -9.03
C GLN P 68 35.76 16.46 -9.89
N GLY P 69 34.51 16.47 -9.42
CA GLY P 69 33.39 17.13 -10.12
C GLY P 69 32.78 16.29 -11.26
N HIS P 70 32.96 14.97 -11.26
CA HIS P 70 32.47 14.12 -12.37
C HIS P 70 30.95 13.86 -12.33
N HIS P 71 30.25 14.14 -11.24
CA HIS P 71 28.80 13.84 -11.10
C HIS P 71 28.02 15.06 -11.60
N THR P 72 27.98 15.17 -12.90
CA THR P 72 27.03 16.01 -13.64
C THR P 72 25.61 15.52 -13.37
N PRO P 73 24.57 16.33 -13.69
CA PRO P 73 23.18 15.88 -13.55
C PRO P 73 22.90 14.55 -14.25
N ALA P 74 23.46 14.32 -15.43
CA ALA P 74 23.20 13.04 -16.14
C ALA P 74 23.80 11.86 -15.33
N VAL P 75 25.00 12.04 -14.80
CA VAL P 75 25.65 10.95 -14.00
C VAL P 75 24.80 10.70 -12.75
N GLN P 76 24.38 11.76 -12.07
CA GLN P 76 23.55 11.66 -10.85
C GLN P 76 22.23 10.91 -11.19
N LYS P 77 21.61 11.22 -12.32
CA LYS P 77 20.36 10.56 -12.71
C LYS P 77 20.62 9.06 -12.90
N GLY P 78 21.73 8.67 -13.52
CA GLY P 78 22.09 7.25 -13.64
C GLY P 78 22.20 6.59 -12.28
N LEU P 79 22.90 7.24 -11.35
CA LEU P 79 23.05 6.66 -9.99
C LEU P 79 21.68 6.53 -9.32
N ARG P 80 20.75 7.47 -9.56
CA ARG P 80 19.38 7.36 -9.01
C ARG P 80 18.78 6.04 -9.52
N TYR P 81 18.79 5.82 -10.83
CA TYR P 81 18.21 4.58 -11.38
C TYR P 81 18.92 3.37 -10.78
N GLY P 82 20.24 3.43 -10.69
CA GLY P 82 20.99 2.29 -10.16
C GLY P 82 20.54 1.91 -8.76
N MET P 83 20.39 2.89 -7.88
CA MET P 83 20.02 2.61 -6.48
C MET P 83 18.56 2.07 -6.43
N ILE P 84 17.65 2.66 -7.18
CA ILE P 84 16.26 2.14 -7.23
C ILE P 84 16.26 0.68 -7.69
N LEU P 85 16.99 0.36 -8.75
CA LEU P 85 17.01 -1.02 -9.29
C LEU P 85 17.65 -1.96 -8.27
N PHE P 86 18.69 -1.49 -7.59
CA PHE P 86 19.30 -2.30 -6.53
C PHE P 86 18.27 -2.62 -5.44
N ILE P 87 17.52 -1.61 -4.99
CA ILE P 87 16.48 -1.80 -3.94
C ILE P 87 15.42 -2.79 -4.45
N ILE P 88 15.01 -2.67 -5.70
CA ILE P 88 14.04 -3.63 -6.27
C ILE P 88 14.63 -5.04 -6.14
N SER P 89 15.90 -5.25 -6.50
CA SER P 89 16.44 -6.63 -6.44
C SER P 89 16.36 -7.11 -4.97
N GLU P 90 16.61 -6.21 -4.02
CA GLU P 90 16.58 -6.56 -2.59
C GLU P 90 15.14 -6.88 -2.15
N VAL P 91 14.15 -6.16 -2.69
CA VAL P 91 12.73 -6.49 -2.40
C VAL P 91 12.45 -7.94 -2.86
N LEU P 92 12.90 -8.33 -4.03
CA LEU P 92 12.61 -9.69 -4.57
C LEU P 92 13.35 -10.74 -3.75
N PHE P 93 14.53 -10.42 -3.24
CA PHE P 93 15.26 -11.35 -2.33
C PHE P 93 14.38 -11.65 -1.10
N PHE P 94 13.87 -10.62 -0.44
CA PHE P 94 12.97 -10.75 0.73
C PHE P 94 11.70 -11.50 0.33
N THR P 95 11.19 -11.23 -0.86
CA THR P 95 9.94 -11.87 -1.30
C THR P 95 10.09 -13.39 -1.20
N GLY P 96 11.24 -13.93 -1.60
CA GLY P 96 11.49 -15.37 -1.43
C GLY P 96 11.30 -15.86 0.00
N PHE P 97 11.81 -15.13 0.99
CA PHE P 97 11.71 -15.53 2.42
C PHE P 97 10.24 -15.41 2.86
N PHE P 98 9.52 -14.37 2.41
CA PHE P 98 8.09 -14.23 2.77
C PHE P 98 7.32 -15.39 2.16
N TRP P 99 7.67 -15.77 0.95
CA TRP P 99 6.96 -16.89 0.28
C TRP P 99 7.21 -18.16 1.12
N ALA P 100 8.44 -18.41 1.54
CA ALA P 100 8.75 -19.58 2.39
C ALA P 100 7.88 -19.52 3.66
N PHE P 101 7.82 -18.37 4.33
CA PHE P 101 7.03 -18.21 5.56
C PHE P 101 5.54 -18.54 5.32
N TYR P 102 4.94 -17.93 4.32
CA TYR P 102 3.49 -18.11 4.06
C TYR P 102 3.22 -19.56 3.63
N HIS P 103 4.12 -20.16 2.86
CA HIS P 103 3.98 -21.58 2.44
C HIS P 103 3.87 -22.51 3.66
N SER P 104 4.80 -22.37 4.62
CA SER P 104 4.91 -23.19 5.84
C SER P 104 3.72 -22.94 6.78
N SER P 105 3.40 -21.65 7.00
CA SER P 105 2.43 -21.21 8.04
C SER P 105 0.98 -21.38 7.56
N LEU P 106 0.71 -21.24 6.27
CA LEU P 106 -0.68 -21.40 5.79
C LEU P 106 -1.04 -22.87 5.68
N ALA P 107 -0.09 -23.79 5.53
CA ALA P 107 -0.44 -25.20 5.33
C ALA P 107 0.41 -26.03 6.28
N PRO P 108 0.25 -25.85 7.60
CA PRO P 108 1.15 -26.49 8.56
C PRO P 108 1.02 -28.02 8.48
N THR P 109 2.15 -28.71 8.39
CA THR P 109 2.17 -30.17 8.14
C THR P 109 1.94 -30.94 9.45
N PRO P 110 1.62 -32.24 9.35
CA PRO P 110 1.38 -33.06 10.55
C PRO P 110 2.56 -33.07 11.55
N GLU P 111 3.78 -32.91 11.06
CA GLU P 111 4.99 -32.94 11.92
C GLU P 111 4.93 -31.78 12.92
N LEU P 112 4.24 -30.69 12.55
CA LEU P 112 4.08 -29.45 13.38
C LEU P 112 2.95 -29.60 14.40
N GLY P 113 2.14 -30.65 14.30
CA GLY P 113 0.81 -30.77 14.96
C GLY P 113 -0.30 -30.30 14.04
N GLY P 114 0.02 -30.02 12.76
CA GLY P 114 -0.98 -29.55 11.79
C GLY P 114 -1.55 -28.20 12.19
N CYS P 115 -0.76 -27.37 12.87
CA CYS P 115 -1.19 -26.06 13.41
C CYS P 115 -0.01 -25.07 13.30
N TRP P 116 -0.33 -23.78 13.33
CA TRP P 116 0.65 -22.67 13.42
C TRP P 116 0.23 -21.71 14.51
N PRO P 117 1.13 -21.30 15.43
CA PRO P 117 2.50 -21.82 15.47
C PRO P 117 2.50 -23.31 15.77
N PRO P 118 3.60 -24.03 15.43
CA PRO P 118 3.69 -25.46 15.71
C PRO P 118 3.54 -25.79 17.20
N THR P 119 3.16 -27.02 17.50
CA THR P 119 3.19 -27.54 18.87
C THR P 119 4.61 -27.32 19.42
N GLY P 120 4.71 -26.79 20.63
CA GLY P 120 5.99 -26.62 21.33
C GLY P 120 6.68 -25.30 21.03
N ILE P 121 6.10 -24.47 20.17
CA ILE P 121 6.69 -23.13 19.86
C ILE P 121 5.91 -22.10 20.68
N HIS P 122 6.62 -21.28 21.45
CA HIS P 122 6.03 -20.20 22.27
C HIS P 122 6.50 -18.88 21.64
N PRO P 123 5.73 -18.31 20.71
CA PRO P 123 6.17 -17.06 20.06
C PRO P 123 6.42 -15.93 21.06
N LEU P 124 7.29 -15.01 20.67
CA LEU P 124 7.44 -13.71 21.35
C LEU P 124 6.09 -13.00 21.34
N ASN P 125 5.84 -12.23 22.38
CA ASN P 125 4.68 -11.31 22.44
C ASN P 125 4.93 -10.12 21.50
N PRO P 126 4.16 -9.99 20.41
CA PRO P 126 4.39 -8.91 19.45
C PRO P 126 4.14 -7.50 20.02
N LEU P 127 3.49 -7.42 21.18
CA LEU P 127 3.23 -6.12 21.82
C LEU P 127 4.39 -5.70 22.74
N GLU P 128 5.45 -6.51 22.89
CA GLU P 128 6.59 -6.14 23.79
C GLU P 128 7.72 -5.57 22.95
N VAL P 129 8.86 -6.25 22.89
CA VAL P 129 10.03 -5.66 22.19
C VAL P 129 9.73 -5.52 20.69
N PRO P 130 9.02 -6.44 20.01
CA PRO P 130 8.78 -6.24 18.58
C PRO P 130 8.02 -4.94 18.25
N LEU P 131 7.12 -4.53 19.15
CA LEU P 131 6.37 -3.27 18.99
C LEU P 131 7.31 -2.09 19.21
N LEU P 132 8.15 -2.15 20.26
CA LEU P 132 9.22 -1.14 20.50
C LEU P 132 10.09 -1.01 19.25
N ASN P 133 10.54 -2.12 18.69
CA ASN P 133 11.37 -2.13 17.45
C ASN P 133 10.62 -1.41 16.32
N THR P 134 9.31 -1.61 16.24
CA THR P 134 8.48 -0.95 15.19
C THR P 134 8.45 0.56 15.44
N SER P 135 8.24 0.99 16.69
CA SER P 135 8.23 2.44 17.02
C SER P 135 9.62 3.03 16.69
N VAL P 136 10.68 2.26 16.91
CA VAL P 136 12.07 2.74 16.72
C VAL P 136 12.33 3.00 15.23
N LEU P 137 12.04 2.02 14.37
CA LEU P 137 12.36 2.20 12.93
C LEU P 137 11.39 3.25 12.34
N LEU P 138 10.12 3.30 12.77
CA LEU P 138 9.19 4.35 12.26
C LEU P 138 9.72 5.72 12.68
N ALA P 139 10.16 5.84 13.93
CA ALA P 139 10.66 7.14 14.43
C ALA P 139 11.89 7.54 13.59
N SER P 140 12.71 6.56 13.20
CA SER P 140 13.97 6.81 12.44
C SER P 140 13.60 7.26 11.02
N GLY P 141 12.44 6.84 10.49
CA GLY P 141 11.98 7.35 9.17
C GLY P 141 11.60 8.82 9.29
N VAL P 142 11.06 9.24 10.44
CA VAL P 142 10.74 10.66 10.67
C VAL P 142 12.04 11.47 10.81
N SER P 143 12.98 11.01 11.64
CA SER P 143 14.20 11.77 11.89
C SER P 143 15.02 11.88 10.59
N ILE P 144 15.06 10.85 9.75
N ILE P 144 15.07 10.84 9.76
CA ILE P 144 15.89 10.95 8.51
CA ILE P 144 15.89 10.92 8.51
C ILE P 144 15.23 11.95 7.56
C ILE P 144 15.23 11.94 7.56
N THR P 145 13.91 12.11 7.64
CA THR P 145 13.22 13.10 6.78
C THR P 145 13.56 14.51 7.27
N TRP P 146 13.54 14.74 8.58
CA TRP P 146 14.03 16.00 9.16
C TRP P 146 15.47 16.26 8.66
N ALA P 147 16.37 15.27 8.73
CA ALA P 147 17.77 15.43 8.25
C ALA P 147 17.77 15.87 6.78
N HIS P 148 16.99 15.20 5.95
CA HIS P 148 16.91 15.51 4.51
C HIS P 148 16.52 17.00 4.34
N HIS P 149 15.45 17.43 4.97
CA HIS P 149 14.94 18.83 4.84
C HIS P 149 15.98 19.80 5.40
N SER P 150 16.63 19.46 6.52
CA SER P 150 17.66 20.37 7.09
C SER P 150 18.77 20.57 6.05
N LEU P 151 19.18 19.50 5.38
CA LEU P 151 20.26 19.59 4.37
C LEU P 151 19.80 20.47 3.20
N MET P 152 18.61 20.23 2.66
CA MET P 152 18.09 21.04 1.52
C MET P 152 17.97 22.49 1.95
N GLU P 153 17.70 22.78 3.21
CA GLU P 153 17.55 24.18 3.68
C GLU P 153 18.92 24.74 4.10
N GLY P 154 20.04 24.02 3.98
CA GLY P 154 21.36 24.62 4.27
C GLY P 154 21.69 24.62 5.77
N ASP P 155 21.06 23.79 6.57
CA ASP P 155 21.24 23.83 8.05
C ASP P 155 22.15 22.68 8.49
N ARG P 156 23.42 22.98 8.66
CA ARG P 156 24.43 21.95 8.99
C ARG P 156 24.10 21.35 10.37
N LYS P 157 23.90 22.19 11.37
CA LYS P 157 23.72 21.71 12.77
C LYS P 157 22.51 20.76 12.85
N HIS P 158 21.37 21.16 12.28
CA HIS P 158 20.13 20.37 12.45
C HIS P 158 20.23 19.10 11.56
N MET P 159 20.90 19.16 10.42
CA MET P 159 21.14 17.92 9.61
C MET P 159 21.92 16.92 10.47
N LEU P 160 23.03 17.37 11.10
CA LEU P 160 23.86 16.48 11.93
C LEU P 160 23.04 15.94 13.11
N GLN P 161 22.21 16.75 13.76
N GLN P 161 22.23 16.77 13.75
CA GLN P 161 21.44 16.25 14.93
CA GLN P 161 21.38 16.36 14.91
C GLN P 161 20.43 15.20 14.44
C GLN P 161 20.42 15.24 14.46
N ALA P 162 19.70 15.49 13.38
CA ALA P 162 18.65 14.56 12.89
C ALA P 162 19.27 13.23 12.46
N LEU P 163 20.42 13.29 11.79
CA LEU P 163 21.11 12.09 11.24
C LEU P 163 21.70 11.31 12.43
N PHE P 164 22.22 12.01 13.44
CA PHE P 164 22.73 11.34 14.66
C PHE P 164 21.57 10.58 15.35
N ILE P 165 20.42 11.20 15.47
CA ILE P 165 19.23 10.55 16.08
C ILE P 165 18.84 9.34 15.24
N THR P 166 18.81 9.47 13.92
CA THR P 166 18.45 8.33 13.02
C THR P 166 19.42 7.17 13.28
N ILE P 167 20.73 7.42 13.31
CA ILE P 167 21.74 6.36 13.54
C ILE P 167 21.51 5.72 14.92
N THR P 168 21.29 6.54 15.94
CA THR P 168 21.07 6.08 17.34
C THR P 168 19.89 5.10 17.34
N LEU P 169 18.83 5.44 16.60
CA LEU P 169 17.62 4.57 16.57
C LEU P 169 17.99 3.24 15.87
N GLY P 170 18.71 3.28 14.76
CA GLY P 170 19.26 2.08 14.10
C GLY P 170 20.01 1.19 15.06
N VAL P 171 20.94 1.75 15.83
CA VAL P 171 21.75 1.00 16.82
C VAL P 171 20.81 0.43 17.87
N TYR P 172 19.85 1.23 18.35
CA TYR P 172 18.89 0.78 19.39
C TYR P 172 18.15 -0.46 18.86
N PHE P 173 17.66 -0.38 17.62
CA PHE P 173 16.96 -1.54 17.01
C PHE P 173 17.88 -2.77 17.05
N THR P 174 19.12 -2.62 16.58
CA THR P 174 20.10 -3.72 16.49
C THR P 174 20.36 -4.27 17.90
N LEU P 175 20.56 -3.44 18.91
CA LEU P 175 20.81 -3.99 20.27
C LEU P 175 19.54 -4.68 20.77
N LEU P 176 18.37 -4.14 20.49
CA LEU P 176 17.09 -4.76 20.97
C LEU P 176 16.98 -6.13 20.31
N GLN P 177 17.27 -6.21 19.01
CA GLN P 177 17.10 -7.47 18.26
C GLN P 177 18.13 -8.49 18.74
N ALA P 178 19.37 -8.08 18.99
CA ALA P 178 20.43 -8.98 19.53
C ALA P 178 19.92 -9.56 20.85
N SER P 179 19.39 -8.69 21.71
CA SER P 179 18.84 -9.08 23.01
C SER P 179 17.67 -10.07 22.82
N GLU P 180 16.74 -9.76 21.90
N GLU P 180 16.72 -9.84 21.91
CA GLU P 180 15.58 -10.65 21.54
CA GLU P 180 15.57 -10.78 21.79
C GLU P 180 16.13 -12.04 21.18
C GLU P 180 16.04 -12.08 21.10
N TYR P 181 17.11 -12.06 20.27
CA TYR P 181 17.70 -13.32 19.74
C TYR P 181 18.20 -14.19 20.91
N TYR P 182 18.93 -13.59 21.82
CA TYR P 182 19.47 -14.29 23.00
C TYR P 182 18.30 -14.76 23.89
N GLU P 183 17.24 -13.97 24.11
CA GLU P 183 16.16 -14.34 25.05
C GLU P 183 15.19 -15.31 24.39
N ALA P 184 15.17 -15.44 23.07
CA ALA P 184 14.13 -16.25 22.41
C ALA P 184 14.25 -17.71 22.87
N PRO P 185 13.13 -18.33 23.32
CA PRO P 185 13.14 -19.71 23.77
C PRO P 185 13.21 -20.70 22.61
N PHE P 186 13.07 -20.22 21.40
CA PHE P 186 13.18 -21.03 20.17
C PHE P 186 14.44 -20.59 19.43
N THR P 187 14.96 -21.48 18.58
CA THR P 187 16.24 -21.33 17.83
C THR P 187 15.98 -21.57 16.34
N ILE P 188 17.01 -21.32 15.55
CA ILE P 188 16.96 -21.57 14.08
C ILE P 188 16.73 -23.06 13.81
N SER P 189 17.11 -23.94 14.73
CA SER P 189 16.93 -25.42 14.62
C SER P 189 15.52 -25.87 15.09
N ASP P 190 14.62 -24.93 15.44
CA ASP P 190 13.27 -25.31 15.90
C ASP P 190 12.33 -25.35 14.70
N GLY P 191 12.66 -26.23 13.76
CA GLY P 191 11.85 -26.51 12.58
C GLY P 191 11.69 -25.29 11.74
N VAL P 192 10.62 -25.32 10.96
CA VAL P 192 10.34 -24.30 9.93
C VAL P 192 9.95 -22.97 10.62
N TYR P 193 9.41 -23.02 11.85
CA TYR P 193 9.12 -21.79 12.63
C TYR P 193 10.43 -21.04 12.88
N GLY P 194 11.42 -21.72 13.47
CA GLY P 194 12.73 -21.10 13.74
C GLY P 194 13.46 -20.71 12.47
N SER P 195 13.35 -21.55 11.45
CA SER P 195 14.00 -21.37 10.14
C SER P 195 13.52 -20.03 9.57
N THR P 196 12.21 -19.88 9.40
CA THR P 196 11.62 -18.68 8.75
C THR P 196 11.91 -17.47 9.63
N PHE P 197 11.78 -17.62 10.95
CA PHE P 197 11.92 -16.49 11.88
C PHE P 197 13.35 -15.94 11.78
N PHE P 198 14.34 -16.82 11.97
CA PHE P 198 15.74 -16.37 12.11
C PHE P 198 16.31 -16.00 10.75
N VAL P 199 15.96 -16.70 9.69
CA VAL P 199 16.60 -16.35 8.39
C VAL P 199 16.00 -15.02 7.88
N ALA P 200 14.68 -14.84 7.97
CA ALA P 200 14.04 -13.60 7.48
C ALA P 200 14.43 -12.39 8.36
N THR P 201 14.30 -12.49 9.69
CA THR P 201 14.66 -11.37 10.59
C THR P 201 16.20 -11.18 10.57
N GLY P 202 16.96 -12.25 10.35
CA GLY P 202 18.44 -12.18 10.36
C GLY P 202 18.92 -11.40 9.14
N PHE P 203 18.41 -11.76 7.95
CA PHE P 203 18.72 -10.97 6.74
C PHE P 203 18.26 -9.52 6.97
N HIS P 204 17.09 -9.30 7.55
CA HIS P 204 16.64 -7.91 7.85
C HIS P 204 17.66 -7.23 8.78
N GLY P 205 18.05 -7.87 9.89
CA GLY P 205 19.05 -7.31 10.81
C GLY P 205 20.35 -6.94 10.09
N LEU P 206 20.81 -7.80 9.19
CA LEU P 206 22.01 -7.53 8.35
C LEU P 206 21.77 -6.21 7.57
N HIS P 207 20.59 -6.04 6.94
CA HIS P 207 20.28 -4.83 6.14
C HIS P 207 20.23 -3.61 7.07
N VAL P 208 19.73 -3.74 8.29
CA VAL P 208 19.74 -2.62 9.25
C VAL P 208 21.20 -2.23 9.55
N ILE P 209 22.09 -3.20 9.74
CA ILE P 209 23.51 -2.89 10.05
C ILE P 209 24.13 -2.22 8.80
N ILE P 210 23.84 -2.76 7.62
CA ILE P 210 24.31 -2.15 6.34
C ILE P 210 23.79 -0.71 6.26
N GLY P 211 22.48 -0.54 6.46
CA GLY P 211 21.87 0.80 6.41
C GLY P 211 22.48 1.77 7.40
N SER P 212 22.70 1.31 8.60
CA SER P 212 23.24 2.15 9.70
C SER P 212 24.65 2.56 9.29
N THR P 213 25.41 1.62 8.72
CA THR P 213 26.79 1.88 8.27
C THR P 213 26.76 2.98 7.19
N PHE P 214 25.87 2.86 6.21
CA PHE P 214 25.69 3.87 5.15
C PHE P 214 25.39 5.23 5.78
N LEU P 215 24.45 5.28 6.73
CA LEU P 215 24.11 6.56 7.41
C LEU P 215 25.35 7.11 8.13
N ILE P 216 26.15 6.24 8.76
CA ILE P 216 27.38 6.71 9.49
C ILE P 216 28.37 7.30 8.47
N VAL P 217 28.53 6.66 7.31
CA VAL P 217 29.32 7.25 6.20
C VAL P 217 28.77 8.63 5.88
N CYS P 218 27.46 8.78 5.66
CA CYS P 218 26.89 10.12 5.35
C CYS P 218 27.18 11.08 6.50
N PHE P 219 27.13 10.62 7.75
CA PHE P 219 27.34 11.50 8.93
C PHE P 219 28.76 12.10 8.83
N PHE P 220 29.76 11.25 8.58
CA PHE P 220 31.18 11.72 8.55
C PHE P 220 31.36 12.57 7.29
N ARG P 221 30.74 12.21 6.17
CA ARG P 221 30.88 13.09 4.98
C ARG P 221 30.26 14.46 5.28
N GLN P 222 29.13 14.50 5.98
CA GLN P 222 28.48 15.77 6.34
C GLN P 222 29.40 16.53 7.29
N LEU P 223 29.99 15.88 8.29
CA LEU P 223 30.96 16.58 9.19
C LEU P 223 32.07 17.24 8.34
N LYS P 224 32.52 16.60 7.26
CA LYS P 224 33.62 17.09 6.38
C LYS P 224 33.10 18.01 5.25
N PHE P 225 31.82 18.43 5.30
CA PHE P 225 31.18 19.44 4.40
C PHE P 225 31.09 18.91 2.95
N HIS P 226 31.05 17.60 2.73
CA HIS P 226 31.01 17.04 1.35
C HIS P 226 29.70 17.42 0.64
N PHE P 227 28.59 17.43 1.36
CA PHE P 227 27.26 17.63 0.73
C PHE P 227 26.98 19.13 0.54
N THR P 228 26.43 19.47 -0.63
CA THR P 228 25.80 20.79 -0.83
C THR P 228 24.29 20.62 -0.57
N SER P 229 23.60 21.76 -0.43
CA SER P 229 22.14 21.82 -0.17
C SER P 229 21.39 21.22 -1.36
N ASN P 230 22.04 21.13 -2.52
CA ASN P 230 21.44 20.63 -3.79
C ASN P 230 22.02 19.30 -4.28
N HIS P 231 23.22 18.93 -3.87
CA HIS P 231 23.93 17.76 -4.39
C HIS P 231 24.37 16.89 -3.21
N HIS P 232 23.72 15.74 -3.05
CA HIS P 232 23.90 14.87 -1.86
C HIS P 232 23.29 13.51 -2.15
N PHE P 233 23.67 12.91 -3.26
CA PHE P 233 23.03 11.63 -3.69
C PHE P 233 23.36 10.51 -2.70
N GLY P 234 24.58 10.46 -2.13
CA GLY P 234 24.87 9.40 -1.14
C GLY P 234 23.93 9.48 0.04
N PHE P 235 23.57 10.69 0.47
CA PHE P 235 22.52 10.89 1.51
C PHE P 235 21.15 10.40 0.99
N GLU P 236 20.76 10.79 -0.21
CA GLU P 236 19.45 10.32 -0.74
C GLU P 236 19.40 8.78 -0.83
N ALA P 237 20.44 8.16 -1.38
CA ALA P 237 20.51 6.71 -1.53
C ALA P 237 20.40 6.06 -0.16
N ALA P 238 21.10 6.58 0.84
CA ALA P 238 21.11 6.02 2.21
C ALA P 238 19.69 6.14 2.81
N ALA P 239 19.00 7.25 2.54
CA ALA P 239 17.60 7.48 3.00
C ALA P 239 16.68 6.51 2.29
N TRP P 240 16.83 6.30 0.98
CA TRP P 240 15.97 5.33 0.26
C TRP P 240 16.17 3.92 0.85
N TYR P 241 17.43 3.54 1.04
CA TYR P 241 17.78 2.23 1.61
C TYR P 241 17.17 2.10 3.01
N TRP P 242 17.23 3.18 3.78
CA TRP P 242 16.73 3.20 5.17
C TRP P 242 15.20 3.03 5.13
N HIS P 243 14.54 3.71 4.23
CA HIS P 243 13.07 3.51 4.13
C HIS P 243 12.76 2.07 3.70
N PHE P 244 13.55 1.49 2.81
CA PHE P 244 13.41 0.07 2.40
C PHE P 244 13.46 -0.82 3.65
N VAL P 245 14.48 -0.62 4.48
CA VAL P 245 14.70 -1.43 5.71
C VAL P 245 13.48 -1.31 6.63
N ASP P 246 12.90 -0.11 6.80
N ASP P 246 12.93 -0.10 6.72
CA ASP P 246 11.70 0.15 7.63
CA ASP P 246 11.82 0.31 7.60
C ASP P 246 10.55 -0.66 7.04
C ASP P 246 10.53 -0.40 7.07
N VAL P 247 10.34 -0.52 5.74
CA VAL P 247 9.15 -1.18 5.13
C VAL P 247 9.30 -2.71 5.24
N VAL P 248 10.50 -3.26 5.03
CA VAL P 248 10.66 -4.73 5.21
C VAL P 248 10.31 -5.10 6.66
N TRP P 249 10.72 -4.29 7.62
CA TRP P 249 10.40 -4.53 9.05
C TRP P 249 8.87 -4.57 9.25
N LEU P 250 8.16 -3.58 8.71
CA LEU P 250 6.67 -3.53 8.87
C LEU P 250 6.07 -4.82 8.31
N PHE P 251 6.53 -5.32 7.16
CA PHE P 251 6.04 -6.60 6.58
C PHE P 251 6.41 -7.76 7.52
N LEU P 252 7.63 -7.80 8.04
CA LEU P 252 8.01 -8.86 9.01
C LEU P 252 7.10 -8.81 10.23
N TYR P 253 6.90 -7.62 10.76
CA TYR P 253 6.15 -7.44 12.03
C TYR P 253 4.73 -7.97 11.83
N VAL P 254 4.07 -7.52 10.77
CA VAL P 254 2.69 -7.96 10.49
C VAL P 254 2.66 -9.46 10.18
N SER P 255 3.59 -9.97 9.37
CA SER P 255 3.52 -11.35 8.86
C SER P 255 3.97 -12.36 9.92
N ILE P 256 5.20 -12.21 10.41
CA ILE P 256 5.86 -13.23 11.25
C ILE P 256 5.51 -13.00 12.72
N TYR P 257 5.61 -11.78 13.22
CA TYR P 257 5.47 -11.53 14.67
C TYR P 257 4.00 -11.53 15.06
N TRP P 258 3.16 -10.92 14.23
CA TRP P 258 1.76 -10.68 14.62
C TRP P 258 0.86 -11.78 14.07
N TRP P 259 0.63 -11.78 12.76
CA TRP P 259 -0.23 -12.78 12.08
C TRP P 259 0.31 -14.18 12.40
N GLY P 260 1.64 -14.37 12.44
CA GLY P 260 2.22 -15.70 12.61
C GLY P 260 2.24 -16.17 14.05
N SER P 261 1.77 -15.37 15.01
CA SER P 261 1.86 -15.72 16.46
C SER P 261 0.62 -16.48 16.92
N ASP Q 10 37.76 6.70 -44.02
CA ASP Q 10 37.24 5.85 -45.14
C ASP Q 10 35.86 5.30 -44.74
N TYR Q 11 35.77 4.70 -43.56
CA TYR Q 11 34.49 4.32 -42.91
C TYR Q 11 33.61 5.57 -42.74
N ALA Q 12 34.18 6.77 -42.75
CA ALA Q 12 33.44 8.02 -42.51
C ALA Q 12 33.04 8.69 -43.84
N LEU Q 13 33.43 8.13 -44.99
CA LEU Q 13 33.15 8.75 -46.32
C LEU Q 13 32.15 7.89 -47.11
N PRO Q 14 31.33 8.54 -47.96
CA PRO Q 14 30.48 7.82 -48.92
C PRO Q 14 31.31 6.80 -49.70
N SER Q 15 30.73 5.64 -50.00
CA SER Q 15 31.42 4.50 -50.64
C SER Q 15 30.59 4.01 -51.81
N TYR Q 16 31.22 3.24 -52.68
CA TYR Q 16 30.63 2.58 -53.86
C TYR Q 16 30.05 1.24 -53.43
N VAL Q 17 28.89 0.86 -53.97
N VAL Q 17 28.87 0.89 -53.93
CA VAL Q 17 28.26 -0.47 -53.72
CA VAL Q 17 28.35 -0.50 -53.80
C VAL Q 17 27.49 -0.88 -54.97
C VAL Q 17 27.65 -0.85 -55.10
N ASP Q 18 27.64 -2.15 -55.40
CA ASP Q 18 26.84 -2.74 -56.49
C ASP Q 18 25.73 -3.51 -55.81
N ARG Q 19 24.54 -2.92 -55.77
CA ARG Q 19 23.32 -3.51 -55.17
C ARG Q 19 22.15 -3.21 -56.11
N ARG Q 20 21.41 -4.25 -56.50
CA ARG Q 20 20.28 -4.13 -57.46
C ARG Q 20 19.22 -3.17 -56.87
N ASP Q 21 19.10 -3.06 -55.54
CA ASP Q 21 18.09 -2.20 -54.85
C ASP Q 21 18.72 -0.82 -54.49
N TYR Q 22 19.95 -0.54 -54.92
CA TYR Q 22 20.62 0.79 -54.73
C TYR Q 22 21.36 1.10 -56.03
N PRO Q 23 20.62 1.22 -57.15
CA PRO Q 23 21.22 1.24 -58.48
C PRO Q 23 22.17 2.41 -58.76
N LEU Q 24 21.94 3.56 -58.11
CA LEU Q 24 22.79 4.77 -58.29
C LEU Q 24 23.56 5.08 -57.01
N PRO Q 25 24.77 4.47 -56.86
CA PRO Q 25 25.55 4.62 -55.65
C PRO Q 25 26.01 6.06 -55.43
N ASP Q 26 26.50 6.31 -54.20
CA ASP Q 26 26.82 7.67 -53.73
C ASP Q 26 28.04 8.26 -54.47
N VAL Q 27 28.95 7.44 -54.98
CA VAL Q 27 30.15 7.95 -55.71
C VAL Q 27 30.31 7.14 -57.00
N ALA Q 28 31.06 7.71 -57.94
CA ALA Q 28 31.54 7.08 -59.18
C ALA Q 28 32.47 5.92 -58.80
N HIS Q 29 32.43 4.80 -59.54
CA HIS Q 29 33.44 3.71 -59.41
C HIS Q 29 34.88 4.26 -59.53
N VAL Q 30 35.13 5.17 -60.49
CA VAL Q 30 36.47 5.75 -60.81
C VAL Q 30 36.43 7.22 -60.39
N LYS Q 31 37.10 7.52 -59.28
CA LYS Q 31 37.15 8.88 -58.68
C LYS Q 31 38.03 9.79 -59.55
N ASN Q 32 39.22 9.32 -59.94
CA ASN Q 32 40.28 10.16 -60.55
C ASN Q 32 40.48 9.75 -62.01
N LEU Q 33 40.16 10.66 -62.93
CA LEU Q 33 40.15 10.44 -64.40
C LEU Q 33 41.52 10.81 -65.00
N SER Q 34 42.03 9.95 -65.89
CA SER Q 34 43.10 10.27 -66.89
C SER Q 34 42.61 11.39 -67.79
N ALA Q 35 43.54 12.02 -68.52
CA ALA Q 35 43.29 13.15 -69.44
C ALA Q 35 42.32 12.69 -70.55
N SER Q 36 42.42 11.44 -71.01
CA SER Q 36 41.52 10.89 -72.07
C SER Q 36 40.11 10.64 -71.51
N GLN Q 37 40.00 10.17 -70.26
CA GLN Q 37 38.69 9.96 -69.57
C GLN Q 37 38.01 11.31 -69.34
N LYS Q 38 38.75 12.34 -68.92
CA LYS Q 38 38.25 13.73 -68.76
C LYS Q 38 37.69 14.25 -70.10
N ALA Q 39 38.36 13.98 -71.21
CA ALA Q 39 37.93 14.43 -72.57
C ALA Q 39 36.66 13.67 -72.96
N LEU Q 40 36.59 12.37 -72.67
CA LEU Q 40 35.38 11.57 -72.89
C LEU Q 40 34.21 12.15 -72.08
N LYS Q 41 34.42 12.63 -70.84
CA LYS Q 41 33.31 13.25 -70.04
C LYS Q 41 32.88 14.56 -70.69
N GLU Q 42 33.83 15.29 -71.28
CA GLU Q 42 33.54 16.54 -72.04
C GLU Q 42 32.68 16.18 -73.26
N LYS Q 43 33.07 15.13 -73.97
CA LYS Q 43 32.33 14.66 -75.15
C LYS Q 43 30.89 14.26 -74.73
N GLU Q 44 30.75 13.69 -73.54
CA GLU Q 44 29.44 13.28 -72.95
C GLU Q 44 28.46 14.47 -72.87
N LYS Q 45 28.94 15.72 -72.85
CA LYS Q 45 28.07 16.91 -72.75
C LYS Q 45 27.45 17.24 -74.10
N ALA Q 46 27.98 16.64 -75.18
CA ALA Q 46 27.43 16.73 -76.56
C ALA Q 46 26.43 15.57 -76.78
N SER Q 47 25.79 15.54 -77.95
CA SER Q 47 24.79 14.50 -78.32
C SER Q 47 25.37 13.10 -78.04
N TRP Q 48 24.60 12.22 -77.40
CA TRP Q 48 25.09 10.85 -77.10
C TRP Q 48 25.08 9.99 -78.37
N SER Q 49 24.35 10.41 -79.41
CA SER Q 49 24.38 9.79 -80.77
C SER Q 49 25.77 9.87 -81.39
N SER Q 50 26.56 10.89 -81.02
CA SER Q 50 27.95 11.09 -81.51
C SER Q 50 28.93 10.15 -80.79
N LEU Q 51 28.50 9.51 -79.69
CA LEU Q 51 29.33 8.56 -78.91
C LEU Q 51 29.31 7.22 -79.66
N SER Q 52 30.47 6.58 -79.80
CA SER Q 52 30.63 5.18 -80.28
C SER Q 52 30.11 4.22 -79.21
N ILE Q 53 29.91 2.96 -79.56
CA ILE Q 53 29.55 1.88 -78.59
C ILE Q 53 30.65 1.81 -77.52
N ASP Q 54 31.91 1.75 -77.96
CA ASP Q 54 33.09 1.58 -77.06
C ASP Q 54 33.14 2.74 -76.06
N GLU Q 55 32.75 3.94 -76.50
CA GLU Q 55 32.82 5.17 -75.67
C GLU Q 55 31.70 5.09 -74.61
N LYS Q 56 30.50 4.66 -75.03
CA LYS Q 56 29.32 4.45 -74.15
C LYS Q 56 29.66 3.46 -73.04
N VAL Q 57 30.26 2.31 -73.39
CA VAL Q 57 30.72 1.27 -72.42
C VAL Q 57 31.76 1.93 -71.51
N GLU Q 58 32.65 2.77 -72.06
CA GLU Q 58 33.74 3.37 -71.23
C GLU Q 58 33.10 4.31 -70.20
N LEU Q 59 32.11 5.11 -70.59
CA LEU Q 59 31.41 6.01 -69.64
C LEU Q 59 30.74 5.18 -68.54
N TYR Q 60 30.13 4.04 -68.91
CA TYR Q 60 29.43 3.14 -67.97
C TYR Q 60 30.44 2.65 -66.93
N ARG Q 61 31.61 2.23 -67.40
CA ARG Q 61 32.66 1.60 -66.56
C ARG Q 61 33.39 2.64 -65.70
N LEU Q 62 33.42 3.94 -66.06
CA LEU Q 62 33.91 5.00 -65.13
C LEU Q 62 32.97 5.12 -63.93
N LYS Q 63 31.67 4.99 -64.20
CA LYS Q 63 30.59 5.27 -63.22
C LYS Q 63 30.35 4.04 -62.34
N PHE Q 64 30.29 2.84 -62.94
CA PHE Q 64 29.90 1.59 -62.25
C PHE Q 64 31.02 0.56 -62.36
N LYS Q 65 31.13 -0.32 -61.37
CA LYS Q 65 32.06 -1.48 -61.36
C LYS Q 65 31.40 -2.60 -62.14
N GLU Q 66 30.36 -3.23 -61.58
CA GLU Q 66 29.66 -4.36 -62.24
C GLU Q 66 28.33 -3.87 -62.84
N SER Q 67 27.96 -4.45 -63.99
CA SER Q 67 26.60 -4.34 -64.54
C SER Q 67 25.66 -5.18 -63.67
N PHE Q 68 24.36 -5.03 -63.89
CA PHE Q 68 23.32 -5.87 -63.24
C PHE Q 68 23.56 -7.34 -63.57
N ALA Q 69 23.82 -7.67 -64.83
CA ALA Q 69 24.05 -9.08 -65.21
C ALA Q 69 25.26 -9.63 -64.42
N GLU Q 70 26.36 -8.88 -64.31
CA GLU Q 70 27.59 -9.32 -63.58
C GLU Q 70 27.28 -9.44 -62.09
N MET Q 71 26.63 -8.46 -61.49
CA MET Q 71 26.48 -8.51 -60.02
C MET Q 71 25.48 -9.60 -59.69
N ASN Q 72 24.64 -10.01 -60.64
CA ASN Q 72 23.57 -11.01 -60.37
C ASN Q 72 24.02 -12.44 -60.73
N ARG Q 73 25.26 -12.66 -61.16
CA ARG Q 73 25.65 -14.00 -61.68
C ARG Q 73 25.66 -15.03 -60.52
N SER Q 74 25.20 -16.25 -60.78
CA SER Q 74 25.27 -17.36 -59.79
C SER Q 74 26.66 -17.99 -59.85
N THR Q 75 27.04 -18.77 -58.87
CA THR Q 75 28.44 -19.25 -58.69
C THR Q 75 28.38 -20.75 -58.44
N ASN Q 76 29.54 -21.37 -58.44
CA ASN Q 76 29.72 -22.82 -58.18
C ASN Q 76 29.96 -23.04 -56.68
N GLU Q 77 29.83 -22.02 -55.86
CA GLU Q 77 30.20 -22.11 -54.41
C GLU Q 77 29.44 -23.27 -53.73
N TRP Q 78 28.17 -23.51 -54.12
CA TRP Q 78 27.32 -24.54 -53.49
C TRP Q 78 28.01 -25.91 -53.57
N LYS Q 79 28.75 -26.17 -54.65
CA LYS Q 79 29.43 -27.47 -54.85
C LYS Q 79 30.52 -27.61 -53.77
N THR Q 80 31.30 -26.56 -53.59
CA THR Q 80 32.37 -26.58 -52.58
C THR Q 80 31.74 -26.77 -51.19
N VAL Q 81 30.66 -26.05 -50.89
CA VAL Q 81 30.08 -26.05 -49.52
C VAL Q 81 29.50 -27.44 -49.24
N VAL Q 82 28.69 -27.96 -50.16
CA VAL Q 82 28.03 -29.26 -49.96
C VAL Q 82 29.07 -30.39 -49.94
N GLY Q 83 30.04 -30.35 -50.84
CA GLY Q 83 31.09 -31.37 -50.87
C GLY Q 83 31.94 -31.38 -49.61
N ALA Q 84 32.42 -30.21 -49.20
CA ALA Q 84 33.26 -30.07 -47.99
C ALA Q 84 32.47 -30.52 -46.74
N ALA Q 85 31.18 -30.14 -46.65
CA ALA Q 85 30.32 -30.55 -45.52
C ALA Q 85 30.24 -32.08 -45.50
N MET Q 86 30.06 -32.70 -46.66
CA MET Q 86 29.97 -34.18 -46.76
C MET Q 86 31.35 -34.75 -46.40
N PHE Q 87 32.44 -34.08 -46.76
CA PHE Q 87 33.78 -34.57 -46.37
C PHE Q 87 33.88 -34.60 -44.84
N PHE Q 88 33.46 -33.53 -44.18
CA PHE Q 88 33.60 -33.40 -42.69
C PHE Q 88 32.65 -34.35 -41.97
N ILE Q 89 31.47 -34.56 -42.52
CA ILE Q 89 30.52 -35.55 -41.97
C ILE Q 89 31.10 -36.97 -42.16
N GLY Q 90 31.76 -37.20 -43.29
CA GLY Q 90 32.51 -38.45 -43.49
C GLY Q 90 33.60 -38.63 -42.45
N PHE Q 91 34.38 -37.57 -42.21
CA PHE Q 91 35.48 -37.59 -41.22
C PHE Q 91 34.90 -37.99 -39.86
N THR Q 92 33.70 -37.54 -39.57
CA THR Q 92 33.07 -37.80 -38.25
C THR Q 92 32.90 -39.31 -38.07
N ALA Q 93 32.47 -40.03 -39.11
CA ALA Q 93 32.28 -41.48 -39.07
C ALA Q 93 33.63 -42.15 -38.79
N LEU Q 94 34.76 -41.58 -39.21
CA LEU Q 94 36.08 -42.14 -38.79
C LEU Q 94 36.19 -42.07 -37.27
N LEU Q 95 35.76 -40.96 -36.67
CA LEU Q 95 35.85 -40.80 -35.19
C LEU Q 95 34.95 -41.85 -34.52
N LEU Q 96 33.78 -42.12 -35.10
CA LEU Q 96 32.81 -43.10 -34.55
C LEU Q 96 33.37 -44.52 -34.69
N ILE Q 97 34.05 -44.84 -35.81
CA ILE Q 97 34.72 -46.16 -35.98
C ILE Q 97 35.79 -46.29 -34.89
N TRP Q 98 36.61 -45.25 -34.68
CA TRP Q 98 37.64 -45.23 -33.61
C TRP Q 98 36.98 -45.53 -32.26
N GLU Q 99 35.89 -44.82 -31.94
CA GLU Q 99 35.23 -44.96 -30.63
C GLU Q 99 34.75 -46.40 -30.44
N LYS Q 100 34.14 -46.97 -31.47
CA LYS Q 100 33.55 -48.33 -31.38
C LYS Q 100 34.67 -49.32 -31.09
N HIS Q 101 35.82 -49.20 -31.76
CA HIS Q 101 36.99 -50.12 -31.67
C HIS Q 101 37.67 -49.98 -30.31
N TYR Q 102 37.90 -48.75 -29.88
CA TYR Q 102 38.87 -48.48 -28.78
C TYR Q 102 38.17 -48.10 -27.46
N VAL Q 103 36.92 -47.68 -27.48
CA VAL Q 103 36.27 -47.15 -26.25
C VAL Q 103 35.18 -48.12 -25.81
N TYR Q 104 34.31 -48.51 -26.71
CA TYR Q 104 33.14 -49.34 -26.34
C TYR Q 104 33.57 -50.80 -26.18
N GLY Q 105 33.19 -51.43 -25.06
CA GLY Q 105 33.32 -52.87 -24.86
C GLY Q 105 32.05 -53.57 -25.31
N PRO Q 106 31.87 -54.85 -24.97
CA PRO Q 106 30.71 -55.62 -25.42
C PRO Q 106 29.42 -55.01 -24.87
N ILE Q 107 28.34 -55.15 -25.64
CA ILE Q 107 26.98 -54.80 -25.15
C ILE Q 107 26.42 -55.98 -24.37
N PRO Q 108 25.32 -55.81 -23.61
CA PRO Q 108 24.80 -56.90 -22.77
C PRO Q 108 24.35 -58.15 -23.53
N HIS Q 109 24.39 -59.30 -22.84
CA HIS Q 109 24.04 -60.62 -23.46
C HIS Q 109 22.57 -60.62 -23.94
N THR Q 110 21.76 -59.66 -23.52
CA THR Q 110 20.32 -59.61 -23.90
C THR Q 110 20.15 -59.26 -25.39
N PHE Q 111 21.21 -58.84 -26.09
CA PHE Q 111 21.20 -58.55 -27.56
C PHE Q 111 21.59 -59.77 -28.37
N GLU Q 112 21.95 -60.89 -27.76
CA GLU Q 112 22.26 -62.14 -28.52
C GLU Q 112 20.99 -62.64 -29.25
N GLU Q 113 21.19 -63.26 -30.40
CA GLU Q 113 20.11 -63.66 -31.34
C GLU Q 113 19.11 -64.55 -30.58
N GLU Q 114 19.62 -65.49 -29.77
CA GLU Q 114 18.78 -66.47 -29.03
C GLU Q 114 17.99 -65.74 -27.93
N TRP Q 115 18.63 -64.87 -27.18
CA TRP Q 115 17.89 -64.08 -26.16
C TRP Q 115 16.75 -63.30 -26.84
N VAL Q 116 17.05 -62.62 -27.95
CA VAL Q 116 16.06 -61.75 -28.64
C VAL Q 116 14.91 -62.63 -29.11
N ALA Q 117 15.17 -63.85 -29.60
CA ALA Q 117 14.10 -64.76 -30.10
C ALA Q 117 13.15 -65.12 -28.93
N LYS Q 118 13.70 -65.38 -27.74
CA LYS Q 118 12.95 -65.76 -26.52
C LYS Q 118 12.13 -64.57 -26.00
N GLN Q 119 12.78 -63.42 -25.89
CA GLN Q 119 12.20 -62.15 -25.42
C GLN Q 119 11.07 -61.76 -26.38
N THR Q 120 11.27 -61.86 -27.70
CA THR Q 120 10.18 -61.63 -28.69
C THR Q 120 8.97 -62.53 -28.39
N LYS Q 121 9.18 -63.82 -28.19
CA LYS Q 121 8.04 -64.73 -27.90
C LYS Q 121 7.34 -64.27 -26.62
N ARG Q 122 8.08 -63.98 -25.55
CA ARG Q 122 7.49 -63.57 -24.25
C ARG Q 122 6.68 -62.28 -24.43
N MET Q 123 7.16 -61.34 -25.26
CA MET Q 123 6.42 -60.09 -25.53
C MET Q 123 5.11 -60.42 -26.26
N LEU Q 124 5.13 -61.39 -27.19
CA LEU Q 124 3.91 -61.77 -27.93
C LEU Q 124 2.96 -62.50 -26.98
N ASP Q 125 3.52 -63.24 -26.02
CA ASP Q 125 2.77 -64.02 -24.99
C ASP Q 125 2.07 -63.09 -24.00
N MET Q 126 2.70 -61.97 -23.64
CA MET Q 126 2.05 -60.95 -22.79
C MET Q 126 1.38 -59.88 -23.67
N LYS Q 127 1.26 -60.08 -24.98
CA LYS Q 127 0.47 -59.22 -25.91
C LYS Q 127 0.92 -57.75 -25.74
N VAL Q 128 2.25 -57.50 -25.76
CA VAL Q 128 2.80 -56.13 -25.86
C VAL Q 128 2.21 -55.43 -27.09
N ALA Q 129 1.67 -54.23 -26.90
CA ALA Q 129 1.14 -53.33 -27.95
C ALA Q 129 0.26 -54.12 -28.92
N PRO Q 130 -0.88 -54.66 -28.40
CA PRO Q 130 -1.72 -55.57 -29.18
C PRO Q 130 -2.71 -54.85 -30.10
N ILE Q 131 -2.85 -53.52 -29.92
CA ILE Q 131 -3.83 -52.75 -30.72
C ILE Q 131 -3.13 -52.29 -31.99
N GLN Q 132 -1.89 -51.82 -31.93
CA GLN Q 132 -1.18 -51.26 -33.13
C GLN Q 132 0.30 -51.63 -33.16
N GLY Q 133 1.00 -51.56 -32.03
CA GLY Q 133 2.46 -51.35 -31.99
C GLY Q 133 3.28 -52.58 -32.32
N PHE Q 134 2.93 -53.77 -31.79
CA PHE Q 134 3.86 -54.92 -31.79
C PHE Q 134 3.07 -56.23 -32.02
N SER Q 135 2.33 -56.71 -31.02
CA SER Q 135 1.53 -57.95 -31.06
C SER Q 135 0.43 -57.84 -32.13
N ALA Q 136 0.00 -56.60 -32.40
CA ALA Q 136 -0.94 -56.28 -33.50
C ALA Q 136 -0.36 -56.84 -34.79
N LYS Q 137 0.96 -56.97 -34.89
CA LYS Q 137 1.61 -57.29 -36.17
C LYS Q 137 1.90 -58.79 -36.26
N TRP Q 138 1.55 -59.54 -35.21
CA TRP Q 138 1.69 -61.02 -35.14
C TRP Q 138 0.33 -61.68 -35.40
N ASP Q 139 0.33 -62.71 -36.26
CA ASP Q 139 -0.88 -63.54 -36.52
C ASP Q 139 -0.85 -64.68 -35.50
N TYR Q 140 -1.74 -64.67 -34.49
CA TYR Q 140 -1.78 -65.66 -33.37
C TYR Q 140 -2.48 -66.96 -33.79
N ASP Q 141 -3.24 -66.91 -34.89
CA ASP Q 141 -3.96 -68.07 -35.50
C ASP Q 141 -2.97 -68.91 -36.34
N LYS Q 142 -2.11 -68.26 -37.13
CA LYS Q 142 -1.13 -68.87 -38.07
C LYS Q 142 0.29 -68.95 -37.48
N ASN Q 143 0.59 -68.24 -36.36
CA ASN Q 143 1.91 -68.42 -35.69
C ASN Q 143 3.00 -67.84 -36.60
N GLU Q 144 2.72 -66.70 -37.26
CA GLU Q 144 3.73 -65.96 -38.06
C GLU Q 144 3.43 -64.44 -38.03
N TRP Q 145 4.38 -63.61 -38.45
CA TRP Q 145 4.17 -62.16 -38.66
C TRP Q 145 3.15 -61.95 -39.79
N LYS Q 146 2.22 -61.02 -39.64
CA LYS Q 146 1.24 -60.67 -40.72
C LYS Q 146 1.98 -60.20 -41.99
N THR R 7 -4.02 7.21 -55.86
CA THR R 7 -4.29 6.50 -57.17
C THR R 7 -3.01 6.40 -58.00
N ASP R 8 -2.99 5.41 -58.88
CA ASP R 8 -1.84 5.12 -59.78
C ASP R 8 -1.49 6.40 -60.54
N GLU R 9 -2.50 7.08 -61.08
CA GLU R 9 -2.33 8.28 -61.94
C GLU R 9 -1.59 9.38 -61.15
N GLU R 10 -1.94 9.56 -59.88
CA GLU R 10 -1.37 10.62 -58.99
C GLU R 10 0.08 10.30 -58.66
N PHE R 11 0.30 9.04 -58.27
CA PHE R 11 1.65 8.51 -57.99
C PHE R 11 2.55 8.79 -59.18
N ASP R 12 2.11 8.39 -60.38
CA ASP R 12 2.92 8.54 -61.60
C ASP R 12 3.16 10.02 -61.87
N ALA R 13 2.13 10.87 -61.75
CA ALA R 13 2.27 12.30 -62.05
C ALA R 13 3.33 12.94 -61.12
N ARG R 14 3.31 12.59 -59.83
CA ARG R 14 4.28 13.12 -58.81
C ARG R 14 5.71 12.76 -59.23
N TRP R 15 5.92 11.54 -59.69
CA TRP R 15 7.26 11.05 -60.08
C TRP R 15 7.70 11.67 -61.41
N VAL R 16 6.77 11.87 -62.35
CA VAL R 16 7.06 12.59 -63.62
C VAL R 16 7.50 14.01 -63.26
N THR R 17 6.75 14.70 -62.41
CA THR R 17 7.06 16.08 -61.98
C THR R 17 8.44 16.09 -61.30
N TYR R 18 8.71 15.11 -60.45
CA TYR R 18 10.00 15.00 -59.74
C TYR R 18 11.16 15.03 -60.76
N PHE R 19 11.12 14.16 -61.77
CA PHE R 19 12.27 13.99 -62.68
C PHE R 19 12.30 15.15 -63.68
N ASN R 20 11.15 15.81 -63.92
CA ASN R 20 11.03 16.87 -64.96
C ASN R 20 11.57 18.20 -64.42
N LYS R 21 11.90 18.32 -63.13
CA LYS R 21 12.38 19.63 -62.62
C LYS R 21 13.61 20.05 -63.44
N PRO R 22 13.58 21.20 -64.17
CA PRO R 22 14.70 21.56 -65.06
C PRO R 22 16.08 21.45 -64.39
N ASP R 23 16.23 22.02 -63.19
CA ASP R 23 17.54 22.08 -62.50
C ASP R 23 17.62 20.95 -61.46
N ILE R 24 16.94 19.82 -61.65
CA ILE R 24 17.22 18.64 -60.78
C ILE R 24 18.73 18.42 -60.70
N ASP R 25 19.27 18.12 -59.52
CA ASP R 25 20.73 17.92 -59.39
C ASP R 25 21.01 16.41 -59.29
N ALA R 26 22.29 16.04 -59.34
CA ALA R 26 22.78 14.65 -59.32
C ALA R 26 22.25 13.91 -58.09
N TRP R 27 22.35 14.52 -56.92
CA TRP R 27 21.84 13.94 -55.67
C TRP R 27 20.35 13.57 -55.83
N GLU R 28 19.53 14.48 -56.34
CA GLU R 28 18.05 14.28 -56.46
C GLU R 28 17.73 13.19 -57.47
N LEU R 29 18.52 13.07 -58.54
CA LEU R 29 18.33 11.99 -59.54
C LEU R 29 18.56 10.64 -58.86
N ARG R 30 19.67 10.51 -58.11
CA ARG R 30 20.07 9.26 -57.42
C ARG R 30 19.03 8.96 -56.34
N LYS R 31 18.69 9.95 -55.50
CA LYS R 31 17.65 9.81 -54.44
C LYS R 31 16.33 9.32 -55.06
N GLY R 32 15.91 9.96 -56.15
CA GLY R 32 14.67 9.59 -56.87
C GLY R 32 14.68 8.13 -57.32
N MET R 33 15.70 7.72 -58.07
CA MET R 33 15.74 6.34 -58.61
C MET R 33 15.88 5.36 -57.45
N ASN R 34 16.71 5.65 -56.45
CA ASN R 34 16.98 4.68 -55.36
C ASN R 34 15.71 4.51 -54.50
N THR R 35 14.92 5.55 -54.34
CA THR R 35 13.63 5.48 -53.62
C THR R 35 12.61 4.69 -54.47
N LEU R 36 12.47 5.05 -55.74
CA LEU R 36 11.42 4.48 -56.63
C LEU R 36 11.55 2.95 -56.70
N VAL R 37 12.77 2.39 -56.77
CA VAL R 37 12.96 0.92 -56.95
C VAL R 37 12.73 0.18 -55.63
N GLY R 38 12.51 0.90 -54.52
CA GLY R 38 12.00 0.32 -53.27
C GLY R 38 10.55 -0.15 -53.36
N TYR R 39 9.76 0.37 -54.29
CA TYR R 39 8.29 0.12 -54.32
C TYR R 39 8.00 -1.21 -55.04
N ASP R 40 6.84 -1.80 -54.75
CA ASP R 40 6.38 -3.03 -55.40
C ASP R 40 5.74 -2.63 -56.74
N LEU R 41 6.59 -2.19 -57.66
CA LEU R 41 6.15 -1.89 -59.04
C LEU R 41 7.38 -1.72 -59.94
N VAL R 42 7.16 -1.92 -61.22
CA VAL R 42 8.09 -1.45 -62.28
C VAL R 42 7.55 -0.08 -62.69
N PRO R 43 8.39 0.96 -62.65
CA PRO R 43 7.94 2.30 -62.99
C PRO R 43 7.37 2.34 -64.42
N GLU R 44 6.27 3.06 -64.58
CA GLU R 44 5.66 3.38 -65.92
C GLU R 44 6.69 4.03 -66.85
N PRO R 45 6.61 3.73 -68.15
CA PRO R 45 7.45 4.41 -69.14
C PRO R 45 7.50 5.95 -68.96
N LYS R 46 6.37 6.61 -68.65
CA LYS R 46 6.33 8.09 -68.54
C LYS R 46 7.29 8.53 -67.42
N ILE R 47 7.39 7.74 -66.35
CA ILE R 47 8.36 8.05 -65.25
C ILE R 47 9.79 7.83 -65.75
N ILE R 48 10.05 6.70 -66.41
CA ILE R 48 11.43 6.37 -66.89
C ILE R 48 11.83 7.44 -67.91
N ASP R 49 10.91 7.83 -68.79
CA ASP R 49 11.15 8.88 -69.82
C ASP R 49 11.69 10.13 -69.11
N ALA R 50 10.99 10.65 -68.11
CA ALA R 50 11.38 11.87 -67.37
C ALA R 50 12.74 11.64 -66.67
N ALA R 51 13.01 10.44 -66.16
CA ALA R 51 14.29 10.18 -65.45
C ALA R 51 15.43 10.15 -66.48
N LEU R 52 15.19 9.62 -67.69
CA LEU R 52 16.23 9.56 -68.75
C LEU R 52 16.54 10.99 -69.23
N ARG R 53 15.52 11.85 -69.33
CA ARG R 53 15.68 13.27 -69.74
C ARG R 53 16.45 14.00 -68.63
N ALA R 54 16.21 13.70 -67.36
CA ALA R 54 17.01 14.25 -66.25
C ALA R 54 18.50 13.88 -66.45
N CYS R 55 18.78 12.62 -66.79
CA CYS R 55 20.15 12.12 -67.02
C CYS R 55 20.76 13.00 -68.12
N ARG R 56 20.02 13.28 -69.19
CA ARG R 56 20.53 14.12 -70.30
C ARG R 56 20.90 15.51 -69.76
N ARG R 57 20.01 16.15 -68.98
CA ARG R 57 20.27 17.52 -68.45
C ARG R 57 21.48 17.48 -67.52
N LEU R 58 21.72 16.35 -66.87
CA LEU R 58 22.89 16.16 -65.96
C LEU R 58 24.09 15.56 -66.71
N ASN R 59 24.03 15.40 -68.05
CA ASN R 59 25.21 14.96 -68.85
C ASN R 59 25.71 13.62 -68.29
N ASP R 60 24.79 12.71 -67.95
CA ASP R 60 25.11 11.42 -67.26
C ASP R 60 24.55 10.27 -68.09
N PHE R 61 25.31 9.83 -69.10
CA PHE R 61 24.92 8.72 -70.01
C PHE R 61 24.82 7.41 -69.21
N ALA R 62 25.80 7.16 -68.34
CA ALA R 62 25.93 5.89 -67.60
C ALA R 62 24.68 5.67 -66.76
N SER R 63 24.22 6.70 -66.04
CA SER R 63 23.02 6.57 -65.17
C SER R 63 21.81 6.22 -66.04
N ALA R 64 21.72 6.72 -67.28
CA ALA R 64 20.60 6.39 -68.18
C ALA R 64 20.56 4.89 -68.42
N VAL R 65 21.73 4.30 -68.67
CA VAL R 65 21.85 2.85 -68.95
C VAL R 65 21.44 2.08 -67.69
N ARG R 66 21.96 2.50 -66.53
CA ARG R 66 21.72 1.86 -65.21
C ARG R 66 20.20 1.83 -64.95
N ILE R 67 19.51 2.93 -65.30
CA ILE R 67 18.04 3.05 -65.08
C ILE R 67 17.34 2.00 -65.94
N LEU R 68 17.74 1.84 -67.19
CA LEU R 68 17.17 0.74 -68.01
C LEU R 68 17.46 -0.61 -67.34
N GLU R 69 18.67 -0.84 -66.80
CA GLU R 69 18.99 -2.12 -66.14
C GLU R 69 18.03 -2.37 -64.98
N VAL R 70 17.76 -1.34 -64.18
CA VAL R 70 17.02 -1.58 -62.92
C VAL R 70 15.54 -1.74 -63.26
N VAL R 71 15.08 -1.16 -64.38
CA VAL R 71 13.69 -1.45 -64.86
C VAL R 71 13.59 -2.95 -65.20
N LYS R 72 14.54 -3.50 -65.94
CA LYS R 72 14.50 -4.95 -66.28
C LYS R 72 14.53 -5.70 -64.93
N ASP R 73 15.42 -5.32 -64.01
CA ASP R 73 15.63 -6.08 -62.76
C ASP R 73 14.34 -6.13 -61.94
N LYS R 74 13.62 -5.02 -61.84
CA LYS R 74 12.40 -4.89 -61.01
C LYS R 74 11.28 -5.80 -61.51
N ALA R 75 11.34 -6.21 -62.77
CA ALA R 75 10.30 -7.10 -63.36
C ALA R 75 10.52 -8.54 -62.91
N GLY R 76 11.69 -8.87 -62.38
CA GLY R 76 11.97 -10.24 -61.93
C GLY R 76 11.66 -11.23 -63.04
N PRO R 77 10.84 -12.28 -62.82
CA PRO R 77 10.60 -13.28 -63.87
C PRO R 77 9.57 -12.83 -64.92
N HIS R 78 8.99 -11.64 -64.80
CA HIS R 78 7.92 -11.13 -65.72
C HIS R 78 8.60 -10.54 -66.98
N LYS R 79 8.98 -11.45 -67.88
CA LYS R 79 9.80 -11.28 -69.11
C LYS R 79 9.19 -10.25 -70.04
N GLU R 80 7.86 -10.16 -70.07
CA GLU R 80 7.10 -9.34 -71.06
C GLU R 80 7.28 -7.85 -70.68
N ILE R 81 7.64 -7.54 -69.43
CA ILE R 81 7.61 -6.11 -68.99
C ILE R 81 8.70 -5.29 -69.70
N TYR R 82 9.95 -5.73 -69.71
CA TYR R 82 11.10 -4.92 -70.24
C TYR R 82 10.93 -4.68 -71.74
N PRO R 83 10.65 -5.69 -72.59
CA PRO R 83 10.45 -5.41 -74.02
C PRO R 83 9.34 -4.37 -74.24
N TYR R 84 8.27 -4.40 -73.43
CA TYR R 84 7.14 -3.39 -73.53
C TYR R 84 7.66 -2.00 -73.16
N VAL R 85 8.40 -1.90 -72.07
CA VAL R 85 8.97 -0.58 -71.67
C VAL R 85 9.88 -0.06 -72.77
N ILE R 86 10.77 -0.90 -73.31
CA ILE R 86 11.74 -0.47 -74.36
C ILE R 86 10.94 0.00 -75.59
N GLN R 87 9.89 -0.74 -75.94
CA GLN R 87 9.03 -0.34 -77.07
C GLN R 87 8.50 1.09 -76.81
N GLU R 88 8.01 1.35 -75.61
CA GLU R 88 7.37 2.65 -75.28
C GLU R 88 8.46 3.73 -75.22
N LEU R 89 9.71 3.38 -74.88
CA LEU R 89 10.79 4.38 -74.70
C LEU R 89 11.52 4.64 -76.03
N ARG R 90 11.23 3.84 -77.06
CA ARG R 90 12.06 3.84 -78.28
C ARG R 90 12.25 5.27 -78.82
N PRO R 91 11.20 6.11 -78.98
CA PRO R 91 11.37 7.47 -79.52
C PRO R 91 12.33 8.33 -78.67
N THR R 92 12.24 8.21 -77.35
CA THR R 92 13.15 8.92 -76.42
C THR R 92 14.59 8.38 -76.57
N LEU R 93 14.76 7.06 -76.63
CA LEU R 93 16.10 6.42 -76.74
C LEU R 93 16.78 6.92 -78.02
N ASN R 94 16.02 7.00 -79.12
CA ASN R 94 16.53 7.44 -80.44
C ASN R 94 16.88 8.93 -80.33
N GLU R 95 15.94 9.74 -79.87
CA GLU R 95 16.11 11.21 -79.71
C GLU R 95 17.37 11.53 -78.90
N LEU R 96 17.66 10.79 -77.82
CA LEU R 96 18.74 11.18 -76.86
C LEU R 96 20.02 10.39 -77.16
N GLY R 97 19.97 9.42 -78.06
CA GLY R 97 21.12 8.55 -78.37
C GLY R 97 21.46 7.63 -77.19
N ILE R 98 20.45 7.16 -76.46
CA ILE R 98 20.68 6.22 -75.33
C ILE R 98 20.72 4.80 -75.87
N SER R 99 21.86 4.11 -75.78
CA SER R 99 21.97 2.67 -76.07
C SER R 99 21.41 1.86 -74.89
N THR R 100 20.69 0.78 -75.18
CA THR R 100 20.19 -0.18 -74.16
C THR R 100 21.36 -0.99 -73.65
N PRO R 101 21.26 -1.54 -72.43
CA PRO R 101 22.26 -2.46 -71.90
C PRO R 101 22.60 -3.61 -72.88
N GLU R 102 21.58 -4.13 -73.56
CA GLU R 102 21.72 -5.23 -74.55
C GLU R 102 22.57 -4.71 -75.71
N GLU R 103 22.29 -3.50 -76.20
CA GLU R 103 23.03 -2.83 -77.29
C GLU R 103 24.49 -2.70 -76.88
N LEU R 104 24.79 -2.54 -75.58
CA LEU R 104 26.16 -2.30 -75.09
C LEU R 104 26.83 -3.62 -74.67
N GLY R 105 26.14 -4.76 -74.78
CA GLY R 105 26.63 -6.05 -74.27
C GLY R 105 26.70 -6.11 -72.74
N LEU R 106 26.05 -5.18 -72.04
CA LEU R 106 26.17 -5.13 -70.56
C LEU R 106 25.19 -6.12 -69.93
N ASP R 107 24.38 -6.84 -70.73
CA ASP R 107 23.50 -7.95 -70.25
C ASP R 107 24.29 -9.26 -70.19
N LYS R 108 25.58 -9.22 -70.57
CA LYS R 108 26.51 -10.37 -70.65
C LYS R 108 25.81 -11.54 -71.35
N GLY S 3 20.43 28.91 11.10
CA GLY S 3 21.59 28.14 11.01
C GLY S 3 21.80 27.80 9.54
N GLY S 4 23.02 28.14 9.07
CA GLY S 4 23.65 27.78 7.78
C GLY S 4 24.73 26.70 7.93
N GLY S 5 25.86 26.80 7.19
CA GLY S 5 27.05 25.92 7.28
C GLY S 5 27.05 24.84 6.19
N VAL S 6 26.04 24.77 5.33
CA VAL S 6 26.04 23.82 4.20
C VAL S 6 26.48 24.57 2.96
N PRO S 7 27.52 24.11 2.26
CA PRO S 7 27.96 24.77 1.04
C PRO S 7 26.89 24.65 -0.05
N THR S 8 26.90 25.60 -0.96
CA THR S 8 26.03 25.59 -2.18
C THR S 8 26.83 25.04 -3.36
N ASP S 9 26.14 24.60 -4.39
CA ASP S 9 26.81 24.22 -5.68
C ASP S 9 27.69 25.38 -6.18
N GLU S 10 27.17 26.60 -6.12
CA GLU S 10 27.86 27.80 -6.59
C GLU S 10 29.20 27.90 -5.85
N GLU S 11 29.24 27.60 -4.55
CA GLU S 11 30.48 27.71 -3.75
C GLU S 11 31.39 26.53 -4.06
N GLN S 12 30.85 25.33 -4.26
CA GLN S 12 31.71 24.13 -4.05
C GLN S 12 31.72 23.18 -5.27
N ALA S 13 30.80 23.28 -6.23
CA ALA S 13 30.85 22.39 -7.40
C ALA S 13 32.17 22.64 -8.14
N THR S 14 32.75 21.60 -8.75
CA THR S 14 34.07 21.68 -9.40
C THR S 14 34.02 20.87 -10.69
N GLY S 15 35.12 20.91 -11.45
CA GLY S 15 35.30 20.03 -12.62
C GLY S 15 34.12 20.16 -13.58
N LEU S 16 33.73 19.06 -14.20
CA LEU S 16 32.71 19.10 -15.29
C LEU S 16 31.35 19.50 -14.72
N GLU S 17 31.00 19.09 -13.51
CA GLU S 17 29.72 19.49 -12.89
C GLU S 17 29.63 21.03 -12.93
N ARG S 18 30.70 21.69 -12.48
CA ARG S 18 30.79 23.15 -12.46
C ARG S 18 30.64 23.71 -13.89
N GLU S 19 31.37 23.16 -14.87
CA GLU S 19 31.32 23.71 -16.25
C GLU S 19 29.87 23.61 -16.75
N VAL S 20 29.20 22.47 -16.49
CA VAL S 20 27.81 22.26 -16.97
C VAL S 20 26.90 23.32 -16.32
N MET S 21 27.08 23.55 -15.01
N MET S 21 27.02 23.56 -15.01
CA MET S 21 26.31 24.49 -14.15
CA MET S 21 26.18 24.55 -14.29
C MET S 21 26.47 25.93 -14.70
C MET S 21 26.44 25.95 -14.86
N LEU S 22 27.71 26.33 -15.04
CA LEU S 22 28.04 27.70 -15.52
C LEU S 22 27.52 27.86 -16.95
N ALA S 23 27.69 26.87 -17.80
CA ALA S 23 27.19 26.94 -19.20
C ALA S 23 25.64 27.03 -19.20
N ALA S 24 24.91 26.27 -18.35
CA ALA S 24 23.42 26.33 -18.25
C ALA S 24 22.96 27.75 -17.87
N ARG S 25 23.70 28.42 -17.00
CA ARG S 25 23.38 29.80 -16.52
C ARG S 25 23.42 30.77 -17.72
N LYS S 26 24.34 30.57 -18.69
CA LYS S 26 24.45 31.38 -19.93
C LYS S 26 23.55 30.84 -21.07
N GLY S 27 22.72 29.80 -20.87
CA GLY S 27 21.91 29.17 -21.95
C GLY S 27 22.78 28.49 -23.02
N GLN S 28 23.96 27.97 -22.67
CA GLN S 28 24.81 27.25 -23.64
C GLN S 28 24.71 25.77 -23.33
N ASP S 29 24.98 24.92 -24.32
CA ASP S 29 24.92 23.44 -24.15
C ASP S 29 26.17 22.79 -24.70
N PRO S 30 27.38 23.12 -24.20
CA PRO S 30 28.60 22.53 -24.74
C PRO S 30 28.65 21.01 -24.53
N TYR S 31 27.95 20.45 -23.53
CA TYR S 31 28.05 18.99 -23.22
C TYR S 31 26.80 18.26 -23.71
N ASN S 32 26.05 18.86 -24.64
CA ASN S 32 25.05 18.10 -25.43
C ASN S 32 24.02 17.41 -24.52
N ILE S 33 23.54 18.12 -23.51
CA ILE S 33 22.49 17.64 -22.56
C ILE S 33 21.10 17.80 -23.20
N LEU S 34 20.92 18.77 -24.10
CA LEU S 34 19.59 19.09 -24.68
C LEU S 34 19.51 18.61 -26.13
N ALA S 35 18.32 18.25 -26.56
CA ALA S 35 18.01 17.91 -27.97
C ALA S 35 17.96 19.21 -28.74
N PRO S 36 18.77 19.41 -29.81
CA PRO S 36 18.63 20.60 -30.63
C PRO S 36 17.29 20.61 -31.39
N LYS S 37 16.74 21.79 -31.57
CA LYS S 37 15.48 22.04 -32.31
C LYS S 37 15.83 22.20 -33.79
N ALA S 38 15.16 21.46 -34.68
CA ALA S 38 15.35 21.46 -36.15
C ALA S 38 15.01 22.85 -36.69
N THR S 39 15.71 23.30 -37.74
CA THR S 39 15.23 24.39 -38.63
C THR S 39 14.26 23.77 -39.64
N SER S 40 13.85 24.52 -40.65
CA SER S 40 13.07 23.99 -41.79
C SER S 40 13.93 23.01 -42.60
N GLY S 41 15.25 23.03 -42.46
CA GLY S 41 16.13 22.04 -43.11
C GLY S 41 16.25 22.22 -44.62
N THR S 42 15.93 23.38 -45.15
CA THR S 42 16.08 23.65 -46.61
C THR S 42 17.54 23.95 -46.87
N LYS S 43 17.90 24.04 -48.13
CA LYS S 43 19.27 24.45 -48.56
C LYS S 43 19.58 25.85 -48.02
N GLU S 44 18.57 26.73 -47.95
CA GLU S 44 18.74 28.14 -47.49
C GLU S 44 18.78 28.17 -45.96
N ASP S 45 18.17 27.18 -45.31
CA ASP S 45 18.03 27.17 -43.83
C ASP S 45 18.47 25.82 -43.28
N PRO S 46 19.73 25.40 -43.45
CA PRO S 46 20.13 24.05 -43.05
C PRO S 46 20.15 23.94 -41.52
N ASN S 47 20.04 22.71 -41.02
CA ASN S 47 20.21 22.45 -39.57
C ASN S 47 21.71 22.68 -39.32
N LEU S 48 22.05 23.44 -38.29
CA LEU S 48 23.46 23.79 -37.99
C LEU S 48 23.95 22.84 -36.91
N VAL S 49 24.91 21.99 -37.27
CA VAL S 49 25.46 20.93 -36.41
C VAL S 49 26.81 21.39 -35.87
N PRO S 50 26.91 21.77 -34.58
CA PRO S 50 28.21 22.11 -34.00
C PRO S 50 29.11 20.87 -33.94
N SER S 51 30.41 21.11 -34.06
CA SER S 51 31.41 20.05 -33.82
C SER S 51 32.70 20.68 -33.30
N ILE S 52 33.41 19.96 -32.45
CA ILE S 52 34.79 20.39 -32.11
C ILE S 52 35.79 19.95 -33.19
N THR S 53 35.35 19.16 -34.18
CA THR S 53 36.24 18.60 -35.24
C THR S 53 35.56 18.82 -36.61
N ASN S 54 36.04 18.10 -37.64
CA ASN S 54 35.67 18.34 -39.06
C ASN S 54 34.59 17.35 -39.53
N LYS S 55 34.07 16.51 -38.62
CA LYS S 55 32.94 15.65 -38.98
C LYS S 55 32.24 15.19 -37.69
N ARG S 56 30.95 14.90 -37.80
CA ARG S 56 30.14 14.46 -36.65
C ARG S 56 29.01 13.56 -37.18
N ILE S 57 28.68 12.53 -36.41
CA ILE S 57 27.59 11.62 -36.82
C ILE S 57 26.28 12.35 -36.52
N VAL S 58 25.43 12.38 -37.55
CA VAL S 58 24.03 12.85 -37.45
C VAL S 58 23.11 11.63 -37.47
N GLY S 59 22.13 11.61 -36.56
CA GLY S 59 20.96 10.73 -36.66
C GLY S 59 19.76 11.57 -37.05
N CYS S 60 19.09 11.19 -38.15
CA CYS S 60 17.89 11.92 -38.64
C CYS S 60 16.65 11.07 -38.37
N ILE S 61 15.74 11.59 -37.53
CA ILE S 61 14.37 11.08 -37.34
C ILE S 61 13.50 11.82 -38.36
N CYS S 62 13.35 11.27 -39.54
CA CYS S 62 12.85 12.01 -40.73
C CYS S 62 11.45 12.56 -40.45
N GLU S 63 10.62 11.74 -39.82
CA GLU S 63 9.24 12.09 -39.43
C GLU S 63 9.07 11.71 -37.97
N GLU S 64 8.34 12.56 -37.28
CA GLU S 64 7.97 12.39 -35.88
C GLU S 64 7.44 10.97 -35.71
N ASP S 65 7.94 10.32 -34.71
CA ASP S 65 7.48 8.95 -34.35
C ASP S 65 7.98 7.88 -35.31
N ASN S 66 8.77 8.19 -36.33
CA ASN S 66 9.60 7.13 -36.99
C ASN S 66 10.39 6.39 -35.89
N SER S 67 10.38 5.07 -35.91
CA SER S 67 11.25 4.27 -35.01
C SER S 67 12.65 4.16 -35.64
N THR S 68 12.75 4.29 -36.97
CA THR S 68 14.02 4.12 -37.68
C THR S 68 14.78 5.45 -37.70
N VAL S 69 15.98 5.49 -37.11
CA VAL S 69 16.88 6.66 -37.20
C VAL S 69 17.88 6.44 -38.34
N ILE S 70 18.12 7.48 -39.11
CA ILE S 70 19.07 7.40 -40.26
C ILE S 70 20.37 8.06 -39.81
N TRP S 71 21.47 7.30 -39.81
CA TRP S 71 22.79 7.74 -39.30
C TRP S 71 23.77 7.99 -40.45
N PHE S 72 24.51 9.08 -40.37
CA PHE S 72 25.60 9.33 -41.35
C PHE S 72 26.58 10.34 -40.76
N TRP S 73 27.80 10.27 -41.27
CA TRP S 73 28.82 11.29 -40.96
C TRP S 73 28.53 12.57 -41.76
N LEU S 74 28.41 13.67 -41.06
CA LEU S 74 28.33 15.05 -41.63
C LEU S 74 29.75 15.66 -41.64
N HIS S 75 30.23 16.03 -42.83
CA HIS S 75 31.61 16.56 -43.03
C HIS S 75 31.57 18.08 -43.15
N LYS S 76 32.60 18.74 -42.64
CA LYS S 76 32.86 20.18 -42.84
C LYS S 76 32.72 20.47 -44.34
N GLY S 77 32.10 21.60 -44.68
CA GLY S 77 32.02 22.09 -46.07
C GLY S 77 30.57 22.24 -46.48
N GLU S 78 30.29 21.97 -47.74
CA GLU S 78 28.93 22.10 -48.29
C GLU S 78 27.99 21.23 -47.46
N ALA S 79 26.79 21.75 -47.21
CA ALA S 79 25.67 21.08 -46.53
C ALA S 79 25.45 19.71 -47.18
N GLN S 80 25.10 18.72 -46.36
CA GLN S 80 24.77 17.34 -46.79
C GLN S 80 23.30 17.11 -46.47
N ARG S 81 22.70 16.14 -47.16
CA ARG S 81 21.26 15.82 -47.04
C ARG S 81 21.11 14.42 -46.46
N CYS S 82 20.12 14.26 -45.60
CA CYS S 82 19.71 12.96 -45.06
C CYS S 82 19.41 12.07 -46.26
N PRO S 83 20.02 10.89 -46.38
CA PRO S 83 19.79 10.07 -47.56
C PRO S 83 18.36 9.49 -47.60
N SER S 84 17.56 9.63 -46.53
CA SER S 84 16.17 9.15 -46.50
C SER S 84 15.19 10.29 -46.82
N CYS S 85 15.27 11.45 -46.16
CA CYS S 85 14.24 12.54 -46.35
C CYS S 85 14.80 13.77 -47.08
N GLY S 86 16.11 13.90 -47.27
CA GLY S 86 16.73 15.04 -47.97
C GLY S 86 16.91 16.30 -47.12
N THR S 87 16.57 16.24 -45.84
N THR S 87 16.52 16.29 -45.86
CA THR S 87 16.82 17.33 -44.86
CA THR S 87 16.70 17.52 -45.03
C THR S 87 18.29 17.76 -44.94
C THR S 87 18.21 17.79 -44.91
N HIS S 88 18.55 19.08 -44.96
CA HIS S 88 19.91 19.64 -45.07
C HIS S 88 20.53 19.84 -43.67
N TYR S 89 21.79 19.47 -43.55
CA TYR S 89 22.63 19.62 -42.34
C TYR S 89 23.94 20.25 -42.79
N LYS S 90 24.42 21.20 -41.99
CA LYS S 90 25.67 21.94 -42.24
C LYS S 90 26.48 21.92 -40.95
N LEU S 91 27.73 21.48 -41.04
CA LEU S 91 28.67 21.43 -39.90
C LEU S 91 29.22 22.83 -39.64
N VAL S 92 29.23 23.24 -38.37
CA VAL S 92 29.78 24.56 -37.96
C VAL S 92 30.84 24.21 -36.91
N PRO S 93 32.10 23.93 -37.29
CA PRO S 93 33.16 23.73 -36.29
C PRO S 93 33.11 24.94 -35.34
N GLY T 12 8.97 21.70 5.65
CA GLY T 12 10.10 22.22 6.05
C GLY T 12 10.71 21.23 7.03
N ALA T 13 11.95 21.52 7.29
CA ALA T 13 12.74 20.94 8.35
C ALA T 13 11.99 21.19 9.68
N ARG T 14 11.41 22.37 9.86
CA ARG T 14 10.78 22.72 11.14
C ARG T 14 9.64 21.73 11.46
N THR T 15 8.83 21.41 10.46
CA THR T 15 7.72 20.46 10.60
C THR T 15 8.27 19.07 10.96
N TRP T 16 9.28 18.59 10.23
CA TRP T 16 9.79 17.22 10.46
C TRP T 16 10.50 17.13 11.82
N ARG T 17 11.14 18.20 12.28
CA ARG T 17 11.68 18.22 13.65
C ARG T 17 10.53 18.17 14.65
N PHE T 18 9.47 18.93 14.41
CA PHE T 18 8.26 18.93 15.27
C PHE T 18 7.71 17.50 15.36
N LEU T 19 7.64 16.78 14.25
CA LEU T 19 7.14 15.37 14.27
C LEU T 19 8.15 14.48 15.01
N THR T 20 9.45 14.71 14.80
CA THR T 20 10.49 13.87 15.45
C THR T 20 10.34 13.96 16.99
N PHE T 21 10.31 15.17 17.54
CA PHE T 21 10.29 15.35 19.01
C PHE T 21 8.88 15.31 19.60
N GLY T 22 7.84 15.60 18.83
CA GLY T 22 6.47 15.80 19.33
C GLY T 22 5.66 14.51 19.19
N LEU T 23 6.05 13.61 18.28
CA LEU T 23 5.29 12.37 18.05
C LEU T 23 6.21 11.13 18.10
N ALA T 24 7.25 11.11 17.27
CA ALA T 24 8.06 9.89 17.02
C ALA T 24 8.83 9.53 18.30
N LEU T 25 9.59 10.44 18.88
CA LEU T 25 10.38 10.05 20.08
C LEU T 25 9.44 9.82 21.27
N PRO T 26 8.36 10.60 21.49
CA PRO T 26 7.40 10.24 22.52
C PRO T 26 6.85 8.81 22.32
N SER T 27 6.56 8.37 21.09
CA SER T 27 6.11 6.97 20.84
C SER T 27 7.16 5.98 21.31
N VAL T 28 8.41 6.23 20.97
CA VAL T 28 9.52 5.35 21.38
C VAL T 28 9.60 5.32 22.91
N ALA T 29 9.51 6.47 23.56
CA ALA T 29 9.56 6.56 25.05
C ALA T 29 8.43 5.70 25.63
N LEU T 30 7.21 5.83 25.09
CA LEU T 30 6.04 5.07 25.62
C LEU T 30 6.23 3.57 25.37
N CYS T 31 6.68 3.14 24.18
CA CYS T 31 6.93 1.69 23.89
C CYS T 31 8.09 1.17 24.77
N THR T 32 9.07 2.03 25.10
CA THR T 32 10.20 1.66 25.99
C THR T 32 9.64 1.38 27.39
N LEU T 33 8.75 2.25 27.89
CA LEU T 33 8.05 2.11 29.21
C LEU T 33 7.20 0.82 29.16
N ASN T 34 6.38 0.61 28.12
CA ASN T 34 5.58 -0.63 27.95
C ASN T 34 6.52 -1.84 28.06
N SER T 35 7.62 -1.83 27.31
CA SER T 35 8.55 -2.99 27.26
C SER T 35 9.14 -3.23 28.63
N TRP T 36 9.59 -2.18 29.32
CA TRP T 36 10.35 -2.26 30.60
C TRP T 36 9.39 -2.69 31.70
N LEU T 37 8.09 -2.75 31.41
CA LEU T 37 7.10 -3.17 32.44
C LEU T 37 6.75 -4.65 32.25
N HIS T 38 7.05 -5.22 31.09
CA HIS T 38 6.78 -6.64 30.75
C HIS T 38 8.11 -7.36 30.47
N SER T 39 9.19 -6.97 31.15
CA SER T 39 10.59 -7.45 30.90
C SER T 39 10.98 -8.61 31.84
N GLY T 40 10.18 -8.90 32.88
CA GLY T 40 10.43 -10.02 33.83
C GLY T 40 10.56 -11.37 33.12
N HIS T 41 11.42 -12.28 33.60
CA HIS T 41 11.66 -13.62 32.99
C HIS T 41 10.41 -14.49 33.17
N ARG T 42 9.88 -15.06 32.07
CA ARG T 42 8.75 -16.03 32.01
C ARG T 42 9.26 -17.41 32.46
N GLU T 43 8.47 -18.17 33.22
CA GLU T 43 8.90 -19.50 33.76
C GLU T 43 8.94 -20.52 32.61
N ARG T 44 10.08 -21.16 32.38
CA ARG T 44 10.26 -22.03 31.19
C ARG T 44 9.34 -23.25 31.26
N PRO T 45 8.84 -23.67 30.08
CA PRO T 45 7.93 -24.81 29.99
C PRO T 45 8.68 -26.13 30.14
N ALA T 46 7.98 -27.17 30.59
CA ALA T 46 8.47 -28.55 30.62
C ALA T 46 9.17 -28.82 29.27
N PHE T 47 10.33 -29.45 29.31
CA PHE T 47 10.99 -30.02 28.10
C PHE T 47 10.18 -31.21 27.59
N ILE T 48 9.87 -31.24 26.29
CA ILE T 48 9.30 -32.42 25.59
C ILE T 48 10.15 -32.62 24.33
N PRO T 49 10.76 -33.82 24.13
CA PRO T 49 11.70 -34.02 23.01
C PRO T 49 11.01 -34.18 21.64
N TYR T 50 10.21 -33.18 21.26
CA TYR T 50 9.51 -33.12 19.95
C TYR T 50 10.51 -33.26 18.80
N HIS T 51 10.16 -34.08 17.81
CA HIS T 51 11.05 -34.51 16.70
C HIS T 51 11.10 -33.38 15.68
N HIS T 52 10.17 -32.43 15.74
CA HIS T 52 10.14 -31.29 14.78
C HIS T 52 10.93 -30.11 15.32
N LEU T 53 11.52 -30.23 16.51
CA LEU T 53 12.31 -29.14 17.13
C LEU T 53 13.71 -29.63 17.46
N ARG T 54 14.62 -28.74 17.83
CA ARG T 54 16.02 -29.10 18.14
C ARG T 54 16.58 -30.00 17.03
N ILE T 55 16.36 -29.59 15.79
CA ILE T 55 16.82 -30.36 14.60
C ILE T 55 18.34 -30.42 14.59
N ARG T 56 18.88 -31.61 14.38
CA ARG T 56 20.33 -31.85 14.16
C ARG T 56 20.48 -32.79 12.97
N THR T 57 20.65 -32.26 11.77
CA THR T 57 20.99 -33.08 10.57
C THR T 57 22.50 -32.98 10.31
N LYS T 58 23.17 -31.96 10.79
CA LYS T 58 24.63 -31.82 10.66
C LYS T 58 25.11 -31.05 11.89
N PRO T 59 26.28 -31.36 12.49
CA PRO T 59 26.75 -30.57 13.64
C PRO T 59 27.00 -29.13 13.19
N PHE T 60 26.70 -28.16 14.05
CA PHE T 60 27.00 -26.74 13.80
C PHE T 60 28.50 -26.60 13.68
N SER T 61 28.98 -25.60 12.96
CA SER T 61 30.42 -25.41 12.66
C SER T 61 31.11 -24.60 13.76
N TRP T 62 30.64 -24.65 15.01
CA TRP T 62 31.26 -23.94 16.17
C TRP T 62 30.99 -24.76 17.43
N GLY T 63 31.65 -24.42 18.53
CA GLY T 63 31.51 -25.05 19.86
C GLY T 63 31.58 -26.56 19.75
N ASP T 64 30.69 -27.29 20.40
CA ASP T 64 30.67 -28.77 20.41
C ASP T 64 29.76 -29.27 19.26
N GLY T 65 29.31 -28.39 18.36
CA GLY T 65 28.42 -28.77 17.24
C GLY T 65 26.95 -28.96 17.63
N ASN T 66 26.60 -28.79 18.91
CA ASN T 66 25.24 -29.14 19.41
C ASN T 66 24.55 -27.91 20.01
N HIS T 67 25.21 -26.75 20.01
CA HIS T 67 24.68 -25.48 20.59
C HIS T 67 24.41 -24.49 19.46
N THR T 68 23.20 -23.95 19.43
CA THR T 68 22.83 -22.88 18.46
C THR T 68 23.64 -21.62 18.74
N PHE T 69 23.75 -20.77 17.75
CA PHE T 69 24.72 -19.65 17.75
C PHE T 69 24.49 -18.69 18.94
N PHE T 70 23.23 -18.40 19.28
N PHE T 70 23.22 -18.36 19.26
CA PHE T 70 22.88 -17.51 20.40
CA PHE T 70 22.81 -17.47 20.38
C PHE T 70 22.15 -18.35 21.44
C PHE T 70 22.23 -18.29 21.53
N HIS T 71 22.74 -19.51 21.73
CA HIS T 71 22.26 -20.44 22.77
C HIS T 71 22.11 -19.71 24.12
N ASN T 72 20.94 -19.84 24.74
CA ASN T 72 20.69 -19.30 26.09
C ASN T 72 20.37 -20.49 26.98
N PRO T 73 21.26 -20.87 27.92
CA PRO T 73 21.02 -22.06 28.75
C PRO T 73 19.68 -22.03 29.49
N ARG T 74 19.24 -20.85 29.91
CA ARG T 74 18.00 -20.74 30.71
C ARG T 74 16.79 -21.17 29.86
N VAL T 75 16.74 -20.89 28.56
CA VAL T 75 15.46 -21.07 27.80
C VAL T 75 15.62 -21.97 26.57
N ASN T 76 16.85 -22.33 26.19
CA ASN T 76 17.08 -23.15 24.97
C ASN T 76 17.57 -24.53 25.41
N PRO T 77 16.69 -25.55 25.45
CA PRO T 77 17.13 -26.92 25.70
C PRO T 77 17.88 -27.48 24.49
N LEU T 78 18.80 -28.41 24.76
CA LEU T 78 19.46 -29.28 23.77
C LEU T 78 18.47 -30.36 23.39
N PRO T 79 18.76 -31.16 22.32
CA PRO T 79 17.97 -32.34 21.98
C PRO T 79 17.66 -33.23 23.20
N THR T 80 18.60 -33.33 24.16
CA THR T 80 18.45 -34.22 25.34
C THR T 80 17.80 -33.44 26.50
N GLY T 81 17.58 -32.13 26.38
CA GLY T 81 16.88 -31.35 27.42
C GLY T 81 17.69 -30.16 27.93
N TYR T 82 17.20 -29.49 28.97
CA TYR T 82 17.84 -28.27 29.53
C TYR T 82 19.18 -28.69 30.12
N GLU T 83 20.18 -27.85 29.96
CA GLU T 83 21.52 -28.04 30.58
C GLU T 83 21.42 -28.03 32.12
N TYR U 11 -17.39 -52.62 3.69
CA TYR U 11 -16.16 -51.73 3.57
C TYR U 11 -15.18 -52.42 2.64
N GLN U 12 -14.89 -51.78 1.50
CA GLN U 12 -13.84 -52.21 0.55
C GLN U 12 -12.62 -51.32 0.78
N THR U 13 -12.77 -50.03 0.57
CA THR U 13 -11.67 -49.05 0.79
C THR U 13 -12.32 -47.74 1.18
N ALA U 14 -11.47 -46.79 1.55
CA ALA U 14 -11.90 -45.46 2.01
C ALA U 14 -12.61 -44.78 0.84
N PRO U 15 -13.83 -44.27 1.04
CA PRO U 15 -14.54 -43.58 -0.01
C PRO U 15 -14.00 -42.15 -0.25
N PHE U 16 -14.32 -41.62 -1.42
CA PHE U 16 -14.15 -40.18 -1.74
C PHE U 16 -14.64 -39.38 -0.54
N ASP U 17 -13.88 -38.37 -0.13
CA ASP U 17 -14.23 -37.50 1.01
C ASP U 17 -14.14 -36.07 0.49
N SER U 18 -15.25 -35.33 0.47
CA SER U 18 -15.32 -33.99 -0.18
C SER U 18 -14.41 -33.01 0.57
N ARG U 19 -14.00 -33.31 1.81
CA ARG U 19 -13.04 -32.45 2.54
C ARG U 19 -11.64 -32.53 1.93
N PHE U 20 -11.33 -33.62 1.23
CA PHE U 20 -9.97 -33.91 0.72
C PHE U 20 -10.11 -34.34 -0.74
N PRO U 21 -10.46 -33.40 -1.66
CA PRO U 21 -10.76 -33.78 -3.03
C PRO U 21 -9.59 -33.75 -4.01
N ASN U 22 -8.38 -33.42 -3.56
CA ASN U 22 -7.23 -33.12 -4.47
C ASN U 22 -6.21 -34.26 -4.42
N GLN U 23 -5.17 -34.17 -5.23
CA GLN U 23 -4.11 -35.22 -5.35
C GLN U 23 -3.38 -35.35 -4.00
N ASN U 24 -3.24 -34.27 -3.23
CA ASN U 24 -2.56 -34.33 -1.92
C ASN U 24 -3.54 -34.87 -0.88
N GLN U 25 -3.34 -36.11 -0.42
CA GLN U 25 -4.21 -36.82 0.53
C GLN U 25 -3.57 -36.86 1.92
N THR U 26 -2.47 -36.14 2.13
CA THR U 26 -1.75 -36.16 3.43
C THR U 26 -2.73 -35.93 4.58
N ARG U 27 -3.53 -34.88 4.48
CA ARG U 27 -4.39 -34.44 5.61
C ARG U 27 -5.54 -35.46 5.83
N ASN U 28 -5.99 -36.16 4.77
CA ASN U 28 -7.01 -37.24 4.87
C ASN U 28 -6.50 -38.36 5.80
N CYS U 29 -5.29 -38.86 5.54
CA CYS U 29 -4.60 -39.83 6.41
C CYS U 29 -4.50 -39.29 7.83
N TRP U 30 -4.01 -38.07 7.98
CA TRP U 30 -3.77 -37.42 9.29
C TRP U 30 -5.08 -37.30 10.08
N GLN U 31 -6.11 -36.76 9.46
CA GLN U 31 -7.39 -36.43 10.14
C GLN U 31 -8.01 -37.73 10.65
N ASN U 32 -8.00 -38.77 9.83
CA ASN U 32 -8.61 -40.09 10.19
C ASN U 32 -7.77 -40.75 11.29
N TYR U 33 -6.45 -40.61 11.27
CA TYR U 33 -5.59 -41.10 12.37
C TYR U 33 -5.98 -40.38 13.67
N LEU U 34 -6.06 -39.04 13.64
CA LEU U 34 -6.46 -38.22 14.83
C LEU U 34 -7.85 -38.67 15.33
N ASP U 35 -8.80 -38.77 14.39
CA ASP U 35 -10.22 -39.09 14.67
C ASP U 35 -10.27 -40.45 15.38
N PHE U 36 -9.59 -41.47 14.84
CA PHE U 36 -9.54 -42.79 15.49
C PHE U 36 -9.04 -42.63 16.93
N HIS U 37 -7.89 -42.00 17.14
CA HIS U 37 -7.23 -42.01 18.47
C HIS U 37 -8.01 -41.14 19.45
N ARG U 38 -8.68 -40.09 18.95
CA ARG U 38 -9.50 -39.21 19.83
C ARG U 38 -10.70 -40.01 20.28
N CYS U 39 -11.32 -40.73 19.33
CA CYS U 39 -12.50 -41.55 19.63
C CYS U 39 -12.09 -42.68 20.60
N GLU U 40 -10.95 -43.32 20.38
CA GLU U 40 -10.52 -44.47 21.22
C GLU U 40 -10.29 -43.94 22.63
N LYS U 41 -9.73 -42.73 22.78
CA LYS U 41 -9.54 -42.14 24.14
C LYS U 41 -10.90 -41.86 24.78
N ALA U 42 -11.85 -41.25 24.06
CA ALA U 42 -13.21 -40.95 24.59
C ALA U 42 -13.90 -42.25 25.02
N MET U 43 -13.77 -43.34 24.25
CA MET U 43 -14.48 -44.61 24.59
C MET U 43 -13.78 -45.33 25.75
N THR U 44 -12.47 -45.18 25.95
CA THR U 44 -11.75 -45.90 27.04
C THR U 44 -11.95 -45.11 28.34
N ALA U 45 -11.91 -43.77 28.24
CA ALA U 45 -11.94 -42.82 29.38
C ALA U 45 -13.28 -42.88 30.12
N LYS U 46 -14.30 -43.60 29.62
CA LYS U 46 -15.47 -44.04 30.44
C LYS U 46 -15.54 -45.58 30.56
N GLY U 47 -14.72 -46.30 29.79
CA GLY U 47 -14.84 -47.76 29.61
C GLY U 47 -15.95 -48.09 28.62
N GLY U 48 -16.29 -47.12 27.74
CA GLY U 48 -17.24 -47.25 26.60
C GLY U 48 -16.68 -48.19 25.55
N ASP U 49 -17.18 -48.21 24.30
CA ASP U 49 -16.80 -49.30 23.35
C ASP U 49 -16.12 -48.78 22.06
N VAL U 50 -14.91 -49.28 21.80
CA VAL U 50 -14.00 -48.79 20.73
C VAL U 50 -14.51 -49.24 19.34
N SER U 51 -15.48 -50.17 19.23
CA SER U 51 -16.15 -50.51 17.95
C SER U 51 -16.81 -49.26 17.33
N VAL U 52 -17.17 -48.30 18.19
CA VAL U 52 -17.72 -46.97 17.75
C VAL U 52 -16.68 -46.27 16.86
N CYS U 53 -15.39 -46.56 17.05
CA CYS U 53 -14.30 -45.81 16.39
C CYS U 53 -13.91 -46.49 15.06
N GLU U 54 -14.62 -47.56 14.65
CA GLU U 54 -14.12 -48.54 13.64
C GLU U 54 -13.94 -47.88 12.27
N TRP U 55 -14.89 -47.03 11.87
CA TRP U 55 -14.85 -46.35 10.57
C TRP U 55 -13.51 -45.64 10.41
N TYR U 56 -13.13 -44.84 11.43
CA TYR U 56 -11.86 -44.06 11.42
C TYR U 56 -10.66 -45.01 11.35
N ARG U 57 -10.74 -46.16 12.00
CA ARG U 57 -9.62 -47.13 12.00
C ARG U 57 -9.42 -47.68 10.57
N ARG U 58 -10.50 -48.13 9.91
CA ARG U 58 -10.44 -48.71 8.55
C ARG U 58 -9.92 -47.65 7.56
N VAL U 59 -10.37 -46.41 7.69
CA VAL U 59 -9.98 -45.35 6.73
C VAL U 59 -8.48 -45.05 6.87
N TYR U 60 -7.96 -44.83 8.08
CA TYR U 60 -6.53 -44.44 8.24
C TYR U 60 -5.66 -45.64 7.86
N LYS U 61 -6.08 -46.87 8.21
CA LYS U 61 -5.28 -48.09 7.89
C LYS U 61 -5.19 -48.20 6.36
N SER U 62 -6.28 -47.92 5.64
CA SER U 62 -6.38 -47.92 4.15
C SER U 62 -5.42 -46.87 3.54
N LEU U 63 -5.44 -45.63 4.04
CA LEU U 63 -4.78 -44.48 3.38
C LEU U 63 -3.32 -44.28 3.85
N CYS U 64 -3.02 -44.49 5.14
CA CYS U 64 -1.74 -44.01 5.77
C CYS U 64 -0.61 -45.01 5.51
N PRO U 65 0.56 -44.53 5.04
CA PRO U 65 1.74 -45.38 4.99
C PRO U 65 1.99 -46.04 6.34
N ILE U 66 2.36 -47.32 6.31
CA ILE U 66 2.70 -48.11 7.52
C ILE U 66 3.77 -47.34 8.32
N SER U 67 4.80 -46.77 7.68
CA SER U 67 5.91 -46.09 8.42
C SER U 67 5.36 -44.84 9.14
N TRP U 68 4.37 -44.16 8.58
CA TRP U 68 3.73 -42.96 9.21
C TRP U 68 2.99 -43.40 10.48
N VAL U 69 2.13 -44.41 10.35
CA VAL U 69 1.31 -44.95 11.46
C VAL U 69 2.27 -45.40 12.57
N SER U 70 3.31 -46.15 12.21
CA SER U 70 4.32 -46.68 13.18
C SER U 70 5.09 -45.52 13.87
N THR U 71 5.53 -44.51 13.14
CA THR U 71 6.18 -43.29 13.73
C THR U 71 5.23 -42.56 14.68
N TRP U 72 4.00 -42.32 14.26
CA TRP U 72 2.99 -41.62 15.09
C TRP U 72 2.69 -42.46 16.36
N ASP U 73 2.53 -43.79 16.21
CA ASP U 73 2.28 -44.70 17.36
C ASP U 73 3.42 -44.54 18.37
N ASP U 74 4.66 -44.57 17.90
CA ASP U 74 5.88 -44.50 18.76
C ASP U 74 5.90 -43.16 19.47
N ARG U 75 5.52 -42.09 18.75
CA ARG U 75 5.54 -40.72 19.33
C ARG U 75 4.43 -40.57 20.38
N ARG U 76 3.24 -41.15 20.14
CA ARG U 76 2.18 -41.17 21.18
C ARG U 76 2.75 -41.86 22.43
N ALA U 77 3.41 -43.00 22.30
CA ALA U 77 3.93 -43.76 23.49
C ALA U 77 5.05 -42.94 24.14
N GLU U 78 5.80 -42.18 23.38
CA GLU U 78 6.95 -41.38 23.89
C GLU U 78 6.47 -40.09 24.59
N GLY U 79 5.24 -39.63 24.32
CA GLY U 79 4.76 -38.29 24.72
C GLY U 79 5.24 -37.17 23.79
N THR U 80 5.65 -37.46 22.55
CA THR U 80 6.16 -36.47 21.57
C THR U 80 5.20 -36.33 20.37
N PHE U 81 4.01 -36.91 20.41
CA PHE U 81 3.04 -36.77 19.30
C PHE U 81 2.56 -35.32 19.28
N PRO U 82 2.73 -34.57 18.16
CA PRO U 82 2.42 -33.12 18.19
C PRO U 82 0.96 -32.71 17.95
N GLY U 83 0.13 -33.68 17.57
CA GLY U 83 -1.31 -33.46 17.41
C GLY U 83 -2.05 -33.59 18.72
N LYS U 84 -3.20 -32.96 18.81
CA LYS U 84 -4.01 -32.98 20.03
C LYS U 84 -4.90 -34.24 20.00
N ILE U 85 -4.75 -35.10 20.99
CA ILE U 85 -5.65 -36.28 21.19
C ILE U 85 -6.32 -36.15 22.55
N ALA V 3 2.84 -4.66 -82.06
CA ALA V 3 3.01 -3.85 -80.80
C ALA V 3 2.65 -4.74 -79.62
N LEU V 4 3.46 -4.65 -78.61
CA LEU V 4 3.27 -5.36 -77.33
C LEU V 4 2.21 -4.58 -76.54
N ALA V 5 1.24 -5.27 -75.95
CA ALA V 5 0.26 -4.68 -75.01
C ALA V 5 0.92 -4.52 -73.64
N LYS V 6 0.39 -3.59 -72.83
CA LYS V 6 0.91 -3.23 -71.50
C LYS V 6 0.70 -4.42 -70.55
N PRO V 7 1.76 -5.00 -69.96
CA PRO V 7 1.59 -6.05 -68.95
C PRO V 7 1.33 -5.38 -67.60
N GLN V 8 0.82 -6.13 -66.61
CA GLN V 8 0.67 -5.61 -65.21
C GLN V 8 2.06 -5.26 -64.74
N MET V 9 2.23 -4.08 -64.19
CA MET V 9 3.56 -3.62 -63.76
C MET V 9 3.58 -3.28 -62.25
N ARG V 10 2.44 -3.31 -61.58
CA ARG V 10 2.28 -2.89 -60.18
C ARG V 10 1.89 -4.10 -59.33
N GLY V 11 2.42 -4.16 -58.11
CA GLY V 11 1.98 -5.13 -57.09
C GLY V 11 2.40 -6.55 -57.45
N LEU V 12 3.47 -6.74 -58.20
CA LEU V 12 3.84 -8.10 -58.64
C LEU V 12 4.25 -8.95 -57.41
N LEU V 13 4.90 -8.36 -56.42
CA LEU V 13 5.29 -9.15 -55.22
C LEU V 13 4.00 -9.52 -54.45
N ALA V 14 3.09 -8.58 -54.27
CA ALA V 14 1.83 -8.77 -53.51
C ALA V 14 1.01 -9.83 -54.24
N ARG V 15 0.99 -9.81 -55.57
CA ARG V 15 0.17 -10.77 -56.34
C ARG V 15 0.76 -12.16 -56.15
N ARG V 16 2.09 -12.29 -56.16
CA ARG V 16 2.75 -13.60 -55.94
C ARG V 16 2.44 -14.08 -54.51
N LEU V 17 2.48 -13.17 -53.53
CA LEU V 17 2.26 -13.62 -52.13
C LEU V 17 0.83 -14.17 -51.98
N ARG V 18 -0.13 -13.38 -52.45
CA ARG V 18 -1.57 -13.73 -52.40
C ARG V 18 -1.80 -15.12 -53.01
N PHE V 19 -1.27 -15.35 -54.19
CA PHE V 19 -1.43 -16.64 -54.91
C PHE V 19 -0.88 -17.78 -54.05
N HIS V 20 0.32 -17.62 -53.50
CA HIS V 20 0.99 -18.73 -52.77
C HIS V 20 0.42 -18.92 -51.35
N ILE V 21 -0.09 -17.88 -50.70
CA ILE V 21 -0.71 -18.04 -49.34
C ILE V 21 -2.01 -18.83 -49.51
N VAL V 22 -2.79 -18.54 -50.56
CA VAL V 22 -4.03 -19.30 -50.89
C VAL V 22 -3.66 -20.75 -51.22
N GLY V 23 -2.61 -20.96 -52.02
CA GLY V 23 -2.04 -22.30 -52.30
C GLY V 23 -1.72 -22.99 -50.99
N ALA V 24 -1.03 -22.30 -50.07
CA ALA V 24 -0.60 -22.92 -48.80
C ALA V 24 -1.84 -23.35 -48.00
N PHE V 25 -2.84 -22.49 -47.91
CA PHE V 25 -4.09 -22.80 -47.17
C PHE V 25 -4.72 -24.07 -47.78
N MET V 26 -4.79 -24.18 -49.12
CA MET V 26 -5.40 -25.35 -49.83
C MET V 26 -4.58 -26.60 -49.49
N VAL V 27 -3.25 -26.52 -49.53
CA VAL V 27 -2.38 -27.68 -49.17
C VAL V 27 -2.71 -28.09 -47.73
N SER V 28 -2.86 -27.12 -46.82
CA SER V 28 -3.14 -27.35 -45.38
C SER V 28 -4.43 -28.16 -45.21
N LEU V 29 -5.49 -27.74 -45.91
CA LEU V 29 -6.80 -28.42 -45.91
C LEU V 29 -6.62 -29.89 -46.34
N GLY V 30 -5.87 -30.11 -47.42
CA GLY V 30 -5.57 -31.43 -47.99
C GLY V 30 -4.78 -32.26 -46.99
N PHE V 31 -3.75 -31.68 -46.39
CA PHE V 31 -2.97 -32.42 -45.37
C PHE V 31 -3.90 -32.79 -44.20
N ALA V 32 -4.71 -31.84 -43.73
CA ALA V 32 -5.64 -32.06 -42.58
C ALA V 32 -6.54 -33.26 -42.87
N THR V 33 -7.03 -33.38 -44.11
CA THR V 33 -7.91 -34.50 -44.59
C THR V 33 -7.12 -35.82 -44.62
N PHE V 34 -5.92 -35.82 -45.22
CA PHE V 34 -4.98 -36.97 -45.26
C PHE V 34 -4.70 -37.43 -43.82
N TYR V 35 -4.44 -36.49 -42.94
CA TYR V 35 -3.89 -36.84 -41.62
C TYR V 35 -4.97 -37.45 -40.73
N LYS V 36 -6.15 -36.85 -40.79
CA LYS V 36 -7.34 -37.26 -40.04
C LYS V 36 -7.72 -38.67 -40.51
N PHE V 37 -7.58 -38.98 -41.81
CA PHE V 37 -7.86 -40.32 -42.40
C PHE V 37 -6.74 -41.31 -42.02
N ALA V 38 -5.46 -41.01 -42.31
CA ALA V 38 -4.32 -41.94 -42.19
C ALA V 38 -3.81 -42.08 -40.76
N VAL V 39 -4.16 -41.17 -39.86
CA VAL V 39 -3.60 -41.20 -38.48
C VAL V 39 -4.75 -41.25 -37.49
N ALA V 40 -5.50 -40.15 -37.36
CA ALA V 40 -6.45 -39.92 -36.26
C ALA V 40 -7.64 -40.89 -36.36
N GLU V 41 -8.31 -41.00 -37.51
CA GLU V 41 -9.47 -41.93 -37.67
C GLU V 41 -8.99 -43.39 -37.64
N LYS V 42 -7.88 -43.68 -38.33
CA LYS V 42 -7.23 -45.01 -38.32
C LYS V 42 -7.07 -45.47 -36.87
N ARG V 43 -6.58 -44.57 -36.03
CA ARG V 43 -6.33 -44.88 -34.61
C ARG V 43 -7.66 -45.12 -33.88
N LYS V 44 -8.68 -44.26 -34.07
CA LYS V 44 -10.01 -44.42 -33.42
C LYS V 44 -10.54 -45.78 -33.81
N LYS V 45 -10.41 -46.12 -35.09
CA LYS V 45 -10.98 -47.36 -35.67
C LYS V 45 -10.19 -48.56 -35.15
N ALA V 46 -8.87 -48.47 -34.97
CA ALA V 46 -8.06 -49.60 -34.46
C ALA V 46 -8.52 -49.95 -33.06
N TYR V 47 -8.74 -48.96 -32.20
CA TYR V 47 -9.08 -49.18 -30.78
C TYR V 47 -10.52 -49.72 -30.69
N ALA V 48 -11.45 -49.12 -31.44
CA ALA V 48 -12.88 -49.52 -31.47
C ALA V 48 -12.98 -50.96 -31.97
N ASP V 49 -12.24 -51.29 -33.06
CA ASP V 49 -12.22 -52.66 -33.64
C ASP V 49 -11.63 -53.64 -32.63
N PHE V 50 -10.52 -53.28 -31.98
CA PHE V 50 -9.86 -54.19 -31.02
C PHE V 50 -10.86 -54.57 -29.91
N TYR V 51 -11.61 -53.58 -29.40
CA TYR V 51 -12.42 -53.76 -28.17
C TYR V 51 -13.82 -54.25 -28.54
N ARG V 52 -14.29 -54.10 -29.77
CA ARG V 52 -15.72 -54.41 -30.09
C ARG V 52 -16.04 -55.85 -29.64
N ASN V 53 -15.21 -56.86 -29.92
CA ASN V 53 -15.52 -58.24 -29.48
C ASN V 53 -14.42 -58.78 -28.57
N TYR V 54 -13.72 -57.91 -27.86
CA TYR V 54 -12.63 -58.27 -26.93
C TYR V 54 -13.17 -59.04 -25.71
N ASP V 55 -12.52 -60.15 -25.43
CA ASP V 55 -12.85 -61.08 -24.32
C ASP V 55 -11.65 -61.04 -23.37
N SER V 56 -11.71 -60.21 -22.32
CA SER V 56 -10.58 -60.01 -21.36
C SER V 56 -10.23 -61.32 -20.62
N MET V 57 -11.22 -62.16 -20.27
CA MET V 57 -10.98 -63.45 -19.57
C MET V 57 -10.21 -64.40 -20.50
N LYS V 58 -10.62 -64.46 -21.77
CA LYS V 58 -9.92 -65.29 -22.79
C LYS V 58 -8.49 -64.79 -22.97
N ASP V 59 -8.28 -63.46 -23.00
CA ASP V 59 -6.93 -62.86 -23.12
C ASP V 59 -6.09 -63.30 -21.93
N PHE V 60 -6.64 -63.19 -20.73
CA PHE V 60 -5.92 -63.56 -19.48
C PHE V 60 -5.54 -65.05 -19.48
N GLU V 61 -6.47 -65.90 -19.85
CA GLU V 61 -6.30 -67.38 -19.85
C GLU V 61 -5.19 -67.74 -20.85
N GLU V 62 -5.14 -67.09 -22.02
CA GLU V 62 -4.03 -67.27 -22.98
C GLU V 62 -2.71 -66.87 -22.30
N MET V 63 -2.66 -65.72 -21.64
CA MET V 63 -1.40 -65.25 -21.02
C MET V 63 -1.00 -66.21 -19.89
N ARG V 64 -1.95 -66.59 -19.05
CA ARG V 64 -1.70 -67.53 -17.93
C ARG V 64 -1.10 -68.83 -18.49
N LYS V 65 -1.73 -69.41 -19.52
CA LYS V 65 -1.32 -70.72 -20.14
C LYS V 65 0.11 -70.57 -20.70
N ALA V 66 0.52 -69.40 -21.17
CA ALA V 66 1.90 -69.15 -21.67
C ALA V 66 2.89 -68.91 -20.52
N GLY V 67 2.42 -68.84 -19.28
CA GLY V 67 3.28 -68.76 -18.07
C GLY V 67 3.72 -67.34 -17.73
N ILE V 68 3.03 -66.28 -18.16
CA ILE V 68 3.64 -64.92 -17.99
C ILE V 68 3.51 -64.43 -16.54
N PHE V 69 2.54 -64.92 -15.77
CA PHE V 69 2.18 -64.34 -14.45
C PHE V 69 2.91 -64.96 -13.26
N GLN V 70 3.33 -64.10 -12.35
CA GLN V 70 3.78 -64.49 -10.99
C GLN V 70 2.61 -65.05 -10.18
N SER V 71 1.43 -64.44 -10.22
CA SER V 71 0.34 -64.71 -9.24
C SER V 71 -0.60 -65.84 -9.69
N ALA V 72 -0.49 -66.34 -10.91
CA ALA V 72 -1.37 -67.41 -11.40
C ALA V 72 -0.55 -68.56 -11.96
N PHE W 1 34.42 21.67 13.02
CA PHE W 1 35.44 21.36 11.98
C PHE W 1 35.32 22.46 10.92
N GLU W 2 36.33 22.60 10.05
CA GLU W 2 36.34 23.65 8.99
C GLU W 2 36.17 22.97 7.63
N ASN W 3 35.69 23.74 6.66
CA ASN W 3 35.41 23.20 5.32
C ASN W 3 36.72 23.17 4.51
N ARG W 4 37.34 22.00 4.39
CA ARG W 4 38.63 21.79 3.67
C ARG W 4 38.42 21.05 2.34
N VAL W 5 37.21 21.09 1.79
CA VAL W 5 36.93 20.46 0.47
C VAL W 5 37.81 21.06 -0.67
N ALA W 6 38.02 22.38 -0.74
CA ALA W 6 38.78 23.08 -1.83
C ALA W 6 40.20 22.52 -1.86
N GLU W 7 40.76 22.21 -0.69
CA GLU W 7 42.14 21.69 -0.61
C GLU W 7 42.16 20.23 -1.13
N LYS W 8 41.12 19.43 -0.87
CA LYS W 8 40.97 18.06 -1.44
C LYS W 8 40.70 18.13 -2.95
N GLN W 9 39.94 19.12 -3.38
CA GLN W 9 39.70 19.32 -4.84
C GLN W 9 41.05 19.62 -5.50
N LYS W 10 41.88 20.48 -4.91
CA LYS W 10 43.18 20.80 -5.52
C LYS W 10 44.02 19.51 -5.62
N LEU W 11 44.09 18.72 -4.54
CA LEU W 11 44.91 17.48 -4.50
C LEU W 11 44.45 16.52 -5.60
N PHE W 12 43.15 16.27 -5.71
CA PHE W 12 42.63 15.18 -6.57
C PHE W 12 42.50 15.66 -8.01
N GLN W 13 42.73 16.96 -8.26
CA GLN W 13 42.76 17.49 -9.64
C GLN W 13 44.20 17.77 -10.05
N GLU W 14 45.20 17.53 -9.23
CA GLU W 14 46.61 17.79 -9.63
C GLU W 14 46.93 16.96 -10.90
N ASP W 15 47.56 17.57 -11.89
CA ASP W 15 47.86 16.95 -13.22
C ASP W 15 49.11 16.05 -13.07
N ASN W 16 49.04 14.93 -12.38
CA ASN W 16 50.23 14.10 -12.07
C ASN W 16 50.07 12.72 -12.72
N GLY W 17 49.05 12.51 -13.55
CA GLY W 17 48.82 11.25 -14.27
C GLY W 17 48.40 10.10 -13.36
N LEU W 18 48.26 10.26 -12.05
CA LEU W 18 47.87 9.11 -11.21
C LEU W 18 46.40 8.78 -11.44
N PRO W 19 46.03 7.49 -11.46
CA PRO W 19 44.63 7.09 -11.38
C PRO W 19 44.04 7.43 -9.99
N VAL W 20 42.73 7.60 -9.95
CA VAL W 20 42.04 8.14 -8.74
C VAL W 20 42.33 7.24 -7.52
N HIS W 21 42.53 5.93 -7.69
CA HIS W 21 42.75 5.00 -6.55
C HIS W 21 44.12 5.21 -5.90
N LEU W 22 45.03 5.92 -6.55
CA LEU W 22 46.43 6.16 -6.07
C LEU W 22 46.67 7.65 -5.82
N LYS W 23 45.70 8.49 -6.12
CA LYS W 23 45.96 9.95 -6.18
C LYS W 23 46.06 10.61 -4.80
N GLY W 24 45.67 9.92 -3.73
CA GLY W 24 45.82 10.46 -2.37
C GLY W 24 47.27 10.45 -1.89
N GLY W 25 48.16 9.65 -2.48
CA GLY W 25 49.58 9.58 -2.08
C GLY W 25 49.97 8.21 -1.57
N ALA W 26 51.12 8.16 -0.88
CA ALA W 26 51.84 6.93 -0.49
C ALA W 26 50.89 5.96 0.23
N THR W 27 49.94 6.45 1.02
CA THR W 27 49.00 5.59 1.78
C THR W 27 48.13 4.76 0.80
N ASP W 28 47.70 5.35 -0.29
CA ASP W 28 46.88 4.62 -1.31
C ASP W 28 47.67 3.42 -1.80
N ASN W 29 48.96 3.60 -2.05
CA ASN W 29 49.84 2.52 -2.56
C ASN W 29 49.88 1.40 -1.53
N ILE W 30 50.05 1.74 -0.26
CA ILE W 30 50.18 0.72 0.81
C ILE W 30 48.88 -0.06 0.88
N LEU W 31 47.74 0.63 0.91
CA LEU W 31 46.44 -0.05 1.09
C LEU W 31 46.17 -0.92 -0.15
N TYR W 32 46.50 -0.42 -1.34
CA TYR W 32 46.37 -1.21 -2.61
C TYR W 32 47.26 -2.48 -2.50
N ARG W 33 48.54 -2.34 -2.14
CA ARG W 33 49.41 -3.54 -2.07
C ARG W 33 48.87 -4.52 -1.01
N VAL W 34 48.37 -4.03 0.11
CA VAL W 34 47.82 -4.94 1.16
C VAL W 34 46.65 -5.71 0.57
N THR W 35 45.75 -4.98 -0.07
CA THR W 35 44.50 -5.57 -0.62
C THR W 35 44.87 -6.62 -1.66
N MET W 36 45.70 -6.22 -2.62
CA MET W 36 46.01 -7.12 -3.75
C MET W 36 46.81 -8.33 -3.22
N THR W 37 47.75 -8.14 -2.28
CA THR W 37 48.51 -9.27 -1.72
C THR W 37 47.53 -10.23 -1.05
N LEU W 38 46.60 -9.74 -0.22
CA LEU W 38 45.64 -10.64 0.47
C LEU W 38 44.79 -11.36 -0.59
N CYS W 39 44.33 -10.67 -1.63
CA CYS W 39 43.46 -11.28 -2.67
C CYS W 39 44.20 -12.40 -3.42
N LEU W 40 45.41 -12.11 -3.89
CA LEU W 40 46.19 -13.05 -4.73
C LEU W 40 46.68 -14.22 -3.87
N GLY W 41 47.23 -13.92 -2.70
CA GLY W 41 47.69 -14.95 -1.75
C GLY W 41 46.53 -15.84 -1.32
N GLY W 42 45.38 -15.21 -1.03
CA GLY W 42 44.19 -15.95 -0.60
C GLY W 42 43.69 -16.84 -1.71
N THR W 43 43.76 -16.33 -2.94
CA THR W 43 43.33 -17.11 -4.10
C THR W 43 44.29 -18.28 -4.26
N LEU W 44 45.60 -18.05 -4.15
CA LEU W 44 46.56 -19.19 -4.24
C LEU W 44 46.23 -20.19 -3.10
N TYR W 45 45.90 -19.71 -1.91
CA TYR W 45 45.59 -20.59 -0.76
C TYR W 45 44.32 -21.40 -1.06
N SER W 46 43.36 -20.78 -1.72
CA SER W 46 42.07 -21.46 -2.04
C SER W 46 42.36 -22.59 -3.05
N LEU W 47 43.27 -22.38 -4.00
CA LEU W 47 43.65 -23.43 -4.98
C LEU W 47 44.31 -24.60 -4.23
N TYR W 48 45.23 -24.32 -3.33
CA TYR W 48 45.87 -25.36 -2.48
C TYR W 48 44.78 -26.18 -1.76
N CYS W 49 43.83 -25.48 -1.14
CA CYS W 49 42.70 -26.05 -0.38
C CYS W 49 41.91 -26.97 -1.30
N LEU W 50 41.66 -26.54 -2.54
CA LEU W 50 40.97 -27.35 -3.60
C LEU W 50 41.80 -28.62 -3.87
N GLY W 51 43.11 -28.49 -4.07
CA GLY W 51 43.99 -29.64 -4.29
C GLY W 51 43.87 -30.64 -3.15
N TRP W 52 43.91 -30.14 -1.92
CA TRP W 52 43.76 -30.99 -0.70
C TRP W 52 42.38 -31.66 -0.71
N ALA W 53 41.30 -30.91 -0.92
CA ALA W 53 39.92 -31.42 -0.79
C ALA W 53 39.57 -32.39 -1.91
N SER W 54 40.35 -32.40 -3.00
CA SER W 54 40.04 -33.16 -4.24
C SER W 54 40.39 -34.64 -4.08
N PHE W 55 41.09 -35.01 -2.99
CA PHE W 55 41.54 -36.40 -2.73
C PHE W 55 41.07 -36.79 -1.33
N PRO W 56 40.74 -38.08 -1.06
CA PRO W 56 40.34 -38.51 0.28
C PRO W 56 41.34 -38.14 1.40
N ALA X 6 37.47 -14.46 -64.98
CA ALA X 6 38.50 -15.05 -64.04
C ALA X 6 37.91 -16.22 -63.26
N PRO X 7 38.18 -17.50 -63.67
CA PRO X 7 37.70 -18.66 -62.92
C PRO X 7 38.24 -18.74 -61.47
N ASP X 8 37.33 -18.97 -60.51
CA ASP X 8 37.62 -18.94 -59.06
C ASP X 8 37.85 -20.38 -58.55
N PHE X 9 38.07 -20.52 -57.25
CA PHE X 9 38.34 -21.83 -56.60
C PHE X 9 37.20 -22.80 -56.91
N HIS X 10 35.96 -22.29 -56.94
CA HIS X 10 34.75 -23.12 -57.09
C HIS X 10 34.65 -23.65 -58.52
N ASP X 11 34.99 -22.80 -59.49
CA ASP X 11 35.00 -23.15 -60.93
C ASP X 11 36.02 -24.26 -61.16
N LYS X 12 37.21 -24.15 -60.54
CA LYS X 12 38.34 -25.09 -60.74
C LYS X 12 38.08 -26.39 -59.98
N TYR X 13 37.63 -26.34 -58.73
CA TYR X 13 37.65 -27.53 -57.84
C TYR X 13 36.24 -27.98 -57.44
N GLY X 14 35.20 -27.16 -57.56
CA GLY X 14 33.86 -27.46 -57.03
C GLY X 14 33.36 -28.85 -57.39
N ASN X 15 33.45 -29.24 -58.66
CA ASN X 15 32.92 -30.55 -59.13
C ASN X 15 33.64 -31.67 -58.38
N ALA X 16 34.96 -31.57 -58.26
CA ALA X 16 35.83 -32.60 -57.62
C ALA X 16 35.51 -32.66 -56.12
N VAL X 17 35.38 -31.51 -55.46
CA VAL X 17 35.06 -31.46 -54.00
C VAL X 17 33.70 -32.14 -53.75
N LEU X 18 32.69 -31.82 -54.55
CA LEU X 18 31.33 -32.40 -54.39
C LEU X 18 31.35 -33.92 -54.65
N ALA X 19 31.98 -34.38 -55.74
CA ALA X 19 31.96 -35.81 -56.11
C ALA X 19 32.76 -36.59 -55.06
N SER X 20 33.96 -36.10 -54.70
CA SER X 20 34.85 -36.75 -53.69
C SER X 20 34.22 -36.70 -52.31
N GLY X 21 33.71 -35.56 -51.89
CA GLY X 21 33.12 -35.44 -50.57
C GLY X 21 31.97 -36.43 -50.41
N ALA X 22 31.09 -36.49 -51.40
CA ALA X 22 29.87 -37.33 -51.38
C ALA X 22 30.26 -38.81 -51.39
N THR X 23 31.22 -39.18 -52.23
CA THR X 23 31.68 -40.59 -52.33
C THR X 23 32.30 -41.00 -51.00
N PHE X 24 33.18 -40.17 -50.43
CA PHE X 24 33.85 -40.52 -49.15
C PHE X 24 32.80 -40.67 -48.03
N CYS X 25 31.87 -39.71 -47.97
CA CYS X 25 30.84 -39.66 -46.91
C CYS X 25 29.98 -40.93 -46.93
N VAL X 26 29.43 -41.27 -48.09
CA VAL X 26 28.60 -42.50 -48.19
C VAL X 26 29.48 -43.71 -47.80
N ALA X 27 30.67 -43.84 -48.38
CA ALA X 27 31.49 -45.07 -48.19
C ALA X 27 31.80 -45.23 -46.71
N VAL X 28 32.19 -44.17 -46.01
CA VAL X 28 32.66 -44.33 -44.60
C VAL X 28 31.47 -44.57 -43.66
N TRP X 29 30.32 -43.94 -43.90
CA TRP X 29 29.11 -44.14 -43.05
C TRP X 29 28.56 -45.54 -43.28
N VAL X 30 28.56 -46.04 -44.52
CA VAL X 30 28.06 -47.41 -44.83
C VAL X 30 28.96 -48.40 -44.10
N TYR X 31 30.28 -48.16 -44.15
CA TYR X 31 31.27 -49.03 -43.50
C TYR X 31 30.96 -49.04 -41.99
N MET X 32 30.85 -47.87 -41.41
CA MET X 32 30.58 -47.75 -39.95
C MET X 32 29.29 -48.49 -39.56
N ALA X 33 28.25 -48.35 -40.38
CA ALA X 33 26.89 -48.84 -40.07
C ALA X 33 26.81 -50.36 -40.21
N THR X 34 27.64 -51.01 -41.05
CA THR X 34 27.44 -52.43 -41.45
C THR X 34 28.64 -53.34 -41.15
N GLN X 35 29.83 -52.82 -40.82
CA GLN X 35 31.06 -53.65 -40.83
C GLN X 35 31.77 -53.68 -39.48
N ILE X 36 31.35 -52.97 -38.44
CA ILE X 36 32.20 -52.91 -37.20
C ILE X 36 31.45 -53.43 -35.96
N GLY X 37 30.29 -54.08 -36.16
CA GLY X 37 29.52 -54.80 -35.12
C GLY X 37 28.61 -53.88 -34.31
N ILE X 38 28.29 -52.71 -34.80
CA ILE X 38 27.30 -51.84 -34.09
C ILE X 38 25.97 -52.61 -34.07
N GLU X 39 25.34 -52.72 -32.90
CA GLU X 39 24.00 -53.33 -32.75
C GLU X 39 22.94 -52.22 -32.83
N TRP X 40 22.19 -52.18 -33.93
CA TRP X 40 21.13 -51.18 -34.19
C TRP X 40 19.86 -51.57 -33.45
N ASN X 41 19.68 -52.87 -33.20
CA ASN X 41 18.50 -53.44 -32.51
C ASN X 41 17.24 -53.06 -33.29
N PRO X 42 17.12 -53.48 -34.55
CA PRO X 42 15.92 -53.16 -35.34
C PRO X 42 14.72 -53.95 -34.81
N SER X 43 13.52 -53.62 -35.28
CA SER X 43 12.29 -54.34 -34.89
C SER X 43 12.45 -55.83 -35.18
N PRO X 44 12.00 -56.74 -34.30
CA PRO X 44 11.90 -58.15 -34.65
C PRO X 44 10.77 -58.44 -35.64
N VAL X 45 9.88 -57.46 -35.87
CA VAL X 45 8.70 -57.70 -36.73
C VAL X 45 9.17 -58.08 -38.14
N GLY X 46 8.78 -59.26 -38.62
CA GLY X 46 9.07 -59.73 -39.98
C GLY X 46 10.53 -60.20 -40.14
N ARG X 47 11.26 -60.39 -39.04
CA ARG X 47 12.72 -60.70 -39.01
C ARG X 47 13.02 -61.86 -38.03
N VAL X 48 12.45 -61.85 -36.83
CA VAL X 48 12.84 -62.79 -35.75
C VAL X 48 11.80 -63.92 -35.67
N THR X 49 12.28 -65.14 -35.56
CA THR X 49 11.44 -66.33 -35.24
C THR X 49 11.38 -66.49 -33.72
N PRO X 50 10.16 -66.29 -33.14
CA PRO X 50 9.97 -66.38 -31.71
C PRO X 50 10.36 -67.79 -31.24
N LYS X 51 11.04 -67.87 -30.10
CA LYS X 51 11.58 -69.14 -29.56
C LYS X 51 11.02 -69.33 -28.15
N GLU X 52 10.58 -70.56 -27.83
CA GLU X 52 10.13 -70.99 -26.47
C GLU X 52 11.13 -70.47 -25.41
N TRP X 53 10.62 -69.88 -24.32
CA TRP X 53 11.44 -69.26 -23.24
C TRP X 53 11.10 -69.93 -21.91
N ARG X 54 9.86 -70.43 -21.76
CA ARG X 54 9.25 -70.75 -20.44
C ARG X 54 9.89 -72.01 -19.86
N TYR Y 3 46.80 3.30 -24.99
CA TYR Y 3 46.58 1.87 -25.53
C TYR Y 3 46.61 1.84 -27.06
N GLU Y 4 47.03 0.72 -27.59
CA GLU Y 4 47.14 0.45 -29.05
C GLU Y 4 45.74 0.20 -29.63
N GLU Y 5 45.55 0.65 -30.84
CA GLU Y 5 44.22 0.69 -31.49
C GLU Y 5 44.34 -0.05 -32.82
N GLY Y 6 43.24 -0.58 -33.32
CA GLY Y 6 43.23 -1.12 -34.69
C GLY Y 6 43.23 -2.65 -34.69
N PRO Y 7 43.05 -3.22 -35.88
CA PRO Y 7 42.94 -4.66 -36.02
C PRO Y 7 44.16 -5.35 -35.38
N GLY Y 8 43.89 -6.41 -34.60
CA GLY Y 8 44.90 -7.24 -33.92
C GLY Y 8 45.50 -6.55 -32.70
N LYS Y 9 45.03 -5.34 -32.37
CA LYS Y 9 45.59 -4.53 -31.22
C LYS Y 9 44.56 -4.36 -30.10
N ASN Y 10 43.31 -4.81 -30.29
CA ASN Y 10 42.22 -4.58 -29.32
C ASN Y 10 41.87 -5.91 -28.62
N ILE Y 11 42.86 -6.78 -28.43
CA ILE Y 11 42.67 -8.17 -27.92
C ILE Y 11 43.79 -8.47 -26.94
N PRO Y 12 43.53 -9.32 -25.92
CA PRO Y 12 44.55 -9.66 -24.94
C PRO Y 12 45.52 -10.75 -25.43
N PHE Y 13 45.44 -11.12 -26.71
CA PHE Y 13 46.37 -12.12 -27.30
C PHE Y 13 46.97 -11.51 -28.57
N SER Y 14 48.19 -11.91 -28.90
CA SER Y 14 48.94 -11.47 -30.11
C SER Y 14 48.46 -12.25 -31.34
N VAL Y 15 48.33 -11.55 -32.45
CA VAL Y 15 48.11 -12.17 -33.80
C VAL Y 15 49.28 -11.80 -34.73
N GLU Y 16 50.41 -11.39 -34.15
CA GLU Y 16 51.63 -10.98 -34.90
C GLU Y 16 52.13 -12.14 -35.75
N ASN Y 17 52.12 -13.35 -35.17
CA ASN Y 17 52.60 -14.61 -35.79
C ASN Y 17 51.47 -15.64 -35.79
N LYS Y 18 51.04 -16.07 -36.97
CA LYS Y 18 49.88 -16.99 -37.09
C LYS Y 18 50.20 -18.35 -36.42
N TRP Y 19 51.46 -18.78 -36.34
CA TRP Y 19 51.77 -20.13 -35.79
C TRP Y 19 51.81 -20.06 -34.26
N ARG Y 20 52.35 -18.97 -33.70
CA ARG Y 20 52.25 -18.70 -32.25
C ARG Y 20 50.76 -18.60 -31.89
N LEU Y 21 49.98 -17.92 -32.72
CA LEU Y 21 48.52 -17.80 -32.48
C LEU Y 21 47.91 -19.19 -32.45
N LEU Y 22 48.27 -20.04 -33.39
CA LEU Y 22 47.68 -21.41 -33.48
C LEU Y 22 48.01 -22.16 -32.18
N ALA Y 23 49.24 -22.06 -31.67
CA ALA Y 23 49.64 -22.65 -30.37
C ALA Y 23 48.71 -22.12 -29.26
N MET Y 24 48.55 -20.80 -29.16
CA MET Y 24 47.76 -20.16 -28.06
C MET Y 24 46.30 -20.58 -28.21
N MET Y 25 45.75 -20.62 -29.42
CA MET Y 25 44.32 -20.96 -29.59
C MET Y 25 44.07 -22.42 -29.23
N THR Y 26 45.00 -23.30 -29.63
CA THR Y 26 45.05 -24.75 -29.35
C THR Y 26 45.05 -24.96 -27.82
N LEU Y 27 45.95 -24.29 -27.11
CA LEU Y 27 46.07 -24.42 -25.63
C LEU Y 27 44.76 -23.91 -25.00
N PHE Y 28 44.23 -22.79 -25.51
CA PHE Y 28 43.05 -22.12 -24.93
C PHE Y 28 41.81 -23.03 -25.07
N PHE Y 29 41.36 -23.30 -26.29
CA PHE Y 29 40.13 -24.12 -26.52
C PHE Y 29 40.37 -25.58 -26.13
N GLY Y 30 41.58 -26.09 -26.36
CA GLY Y 30 41.93 -27.47 -26.01
C GLY Y 30 41.89 -27.68 -24.51
N SER Y 31 42.37 -26.70 -23.70
CA SER Y 31 42.31 -26.82 -22.22
C SER Y 31 40.84 -26.97 -21.79
N GLY Y 32 39.95 -26.15 -22.34
CA GLY Y 32 38.50 -26.16 -22.01
C GLY Y 32 37.87 -27.48 -22.41
N PHE Y 33 38.14 -27.94 -23.63
CA PHE Y 33 37.56 -29.19 -24.11
C PHE Y 33 38.12 -30.37 -23.29
N ALA Y 34 39.41 -30.37 -22.90
CA ALA Y 34 40.01 -31.51 -22.18
C ALA Y 34 39.46 -31.61 -20.75
N ALA Y 35 39.20 -30.47 -20.09
CA ALA Y 35 38.97 -30.41 -18.63
C ALA Y 35 37.96 -31.47 -18.20
N PRO Y 36 36.76 -31.59 -18.82
CA PRO Y 36 35.79 -32.59 -18.36
C PRO Y 36 36.27 -34.04 -18.47
N PHE Y 37 37.08 -34.36 -19.49
CA PHE Y 37 37.61 -35.73 -19.62
C PHE Y 37 38.52 -35.98 -18.42
N PHE Y 38 39.30 -35.00 -18.00
CA PHE Y 38 40.26 -35.19 -16.87
C PHE Y 38 39.51 -35.20 -15.53
N ILE Y 39 38.40 -34.48 -15.41
CA ILE Y 39 37.59 -34.52 -14.16
C ILE Y 39 36.97 -35.91 -14.03
N VAL Y 40 36.41 -36.44 -15.10
CA VAL Y 40 35.84 -37.82 -15.07
C VAL Y 40 36.95 -38.80 -14.69
N ARG Y 41 38.14 -38.70 -15.30
CA ARG Y 41 39.28 -39.60 -14.97
C ARG Y 41 39.57 -39.48 -13.49
N HIS Y 42 39.60 -38.24 -12.99
CA HIS Y 42 39.87 -37.94 -11.56
C HIS Y 42 38.84 -38.67 -10.69
N GLN Y 43 37.55 -38.56 -11.01
CA GLN Y 43 36.50 -39.18 -10.17
C GLN Y 43 36.59 -40.71 -10.27
N LEU Y 44 36.94 -41.27 -11.43
CA LEU Y 44 37.03 -42.74 -11.61
C LEU Y 44 38.23 -43.27 -10.80
N LEU Y 45 39.33 -42.51 -10.68
CA LEU Y 45 40.57 -42.97 -10.01
C LEU Y 45 40.44 -42.89 -8.48
N LYS Y 46 39.55 -42.08 -7.93
CA LYS Y 46 39.01 -42.32 -6.58
C LYS Y 46 38.30 -43.68 -6.58
N ILE Z 1 30.32 -6.89 -47.36
CA ILE Z 1 31.45 -6.24 -46.70
C ILE Z 1 32.60 -6.20 -47.71
N THR Z 2 33.42 -5.15 -47.74
CA THR Z 2 34.65 -5.13 -48.58
C THR Z 2 35.86 -5.04 -47.66
N ALA Z 3 36.94 -5.69 -48.09
CA ALA Z 3 38.15 -5.86 -47.29
C ALA Z 3 39.36 -5.66 -48.20
N LYS Z 4 40.46 -5.18 -47.60
CA LYS Z 4 41.79 -5.19 -48.22
C LYS Z 4 42.18 -6.65 -48.48
N PRO Z 5 43.04 -6.90 -49.50
CA PRO Z 5 43.72 -8.19 -49.61
C PRO Z 5 44.43 -8.53 -48.27
N ALA Z 6 44.46 -9.82 -47.96
CA ALA Z 6 45.09 -10.40 -46.75
C ALA Z 6 46.50 -9.85 -46.59
N LYS Z 7 46.82 -9.36 -45.41
CA LYS Z 7 48.20 -8.89 -45.17
C LYS Z 7 49.09 -10.11 -45.20
N THR Z 8 48.63 -11.27 -44.75
CA THR Z 8 49.48 -12.48 -44.52
C THR Z 8 48.71 -13.68 -45.02
N PRO Z 9 48.51 -13.82 -46.35
CA PRO Z 9 47.59 -14.84 -46.86
C PRO Z 9 47.91 -16.24 -46.34
N THR Z 10 46.88 -17.04 -46.11
CA THR Z 10 47.03 -18.41 -45.59
C THR Z 10 46.74 -19.36 -46.76
N SER Z 11 47.79 -19.93 -47.33
CA SER Z 11 47.73 -20.89 -48.47
C SER Z 11 46.96 -22.15 -48.09
N PRO Z 12 46.43 -22.92 -49.08
CA PRO Z 12 45.83 -24.23 -48.82
C PRO Z 12 46.68 -25.12 -47.89
N LYS Z 13 47.99 -25.12 -48.08
CA LYS Z 13 48.88 -25.99 -47.28
C LYS Z 13 48.86 -25.48 -45.84
N GLU Z 14 48.94 -24.16 -45.68
CA GLU Z 14 48.88 -23.52 -44.33
C GLU Z 14 47.54 -23.86 -43.67
N GLN Z 15 46.45 -23.83 -44.42
CA GLN Z 15 45.11 -24.17 -43.88
C GLN Z 15 45.06 -25.64 -43.44
N ALA Z 16 45.63 -26.58 -44.22
CA ALA Z 16 45.66 -28.02 -43.86
C ALA Z 16 46.40 -28.15 -42.52
N ILE Z 17 47.48 -27.39 -42.35
CA ILE Z 17 48.25 -27.47 -41.07
C ILE Z 17 47.38 -26.94 -39.92
N GLY Z 18 46.81 -25.75 -40.07
CA GLY Z 18 46.01 -25.13 -39.00
C GLY Z 18 44.81 -26.00 -38.62
N LEU Z 19 44.14 -26.59 -39.62
CA LEU Z 19 42.97 -27.47 -39.43
C LEU Z 19 43.39 -28.76 -38.72
N SER Z 20 44.46 -29.42 -39.20
CA SER Z 20 44.98 -30.67 -38.57
C SER Z 20 45.32 -30.41 -37.10
N VAL Z 21 46.05 -29.34 -36.83
CA VAL Z 21 46.55 -29.03 -35.46
C VAL Z 21 45.32 -28.74 -34.57
N THR Z 22 44.34 -28.05 -35.11
CA THR Z 22 43.11 -27.69 -34.37
C THR Z 22 42.41 -29.00 -33.97
N PHE Z 23 42.15 -29.88 -34.95
CA PHE Z 23 41.40 -31.13 -34.71
C PHE Z 23 42.18 -31.96 -33.70
N LEU Z 24 43.51 -32.03 -33.85
CA LEU Z 24 44.35 -32.85 -32.94
C LEU Z 24 44.27 -32.34 -31.50
N SER Z 25 44.18 -31.02 -31.28
CA SER Z 25 44.22 -30.42 -29.92
C SER Z 25 42.94 -30.82 -29.17
N PHE Z 26 41.85 -31.05 -29.91
CA PHE Z 26 40.55 -31.55 -29.37
C PHE Z 26 40.58 -33.08 -29.18
N LEU Z 27 41.14 -33.81 -30.15
CA LEU Z 27 40.90 -35.27 -30.25
C LEU Z 27 41.90 -36.03 -29.38
N LEU Z 28 43.15 -35.59 -29.30
CA LEU Z 28 44.22 -36.43 -28.70
C LEU Z 28 43.97 -36.57 -27.20
N PRO Z 29 43.71 -35.47 -26.44
CA PRO Z 29 43.57 -35.59 -24.97
C PRO Z 29 42.32 -36.41 -24.59
N ALA Z 30 41.17 -36.02 -25.14
CA ALA Z 30 39.91 -36.78 -24.96
C ALA Z 30 40.15 -38.24 -25.39
N GLY Z 31 40.79 -38.49 -26.53
CA GLY Z 31 41.06 -39.86 -26.96
C GLY Z 31 41.90 -40.63 -25.95
N TRP Z 32 42.96 -40.02 -25.43
CA TRP Z 32 43.82 -40.65 -24.42
C TRP Z 32 42.94 -41.10 -23.23
N VAL Z 33 42.12 -40.21 -22.71
CA VAL Z 33 41.26 -40.54 -21.51
C VAL Z 33 40.31 -41.68 -21.89
N LEU Z 34 39.63 -41.58 -23.04
CA LEU Z 34 38.57 -42.55 -23.40
C LEU Z 34 39.21 -43.91 -23.66
N TYR Z 35 40.39 -43.94 -24.26
CA TYR Z 35 41.11 -45.20 -24.56
C TYR Z 35 41.47 -45.92 -23.24
N HIS Z 36 41.79 -45.13 -22.21
CA HIS Z 36 42.29 -45.65 -20.92
C HIS Z 36 41.19 -45.83 -19.88
N LEU Z 37 39.90 -45.69 -20.24
CA LEU Z 37 38.78 -45.76 -19.26
C LEU Z 37 38.89 -47.06 -18.50
N ASP Z 38 39.20 -48.17 -19.20
CA ASP Z 38 39.34 -49.48 -18.53
C ASP Z 38 40.33 -49.37 -17.37
N ASN Z 39 41.47 -48.72 -17.60
CA ASN Z 39 42.57 -48.58 -16.60
C ASN Z 39 42.05 -47.86 -15.36
N TYR Z 40 41.12 -46.90 -15.55
CA TYR Z 40 40.42 -46.15 -14.48
C TYR Z 40 39.34 -47.06 -13.89
#